data_6R8N
#
_entry.id   6R8N
#
_cell.length_a   1.0
_cell.length_b   1.0
_cell.length_c   1.0
_cell.angle_alpha   90.00
_cell.angle_beta   90.00
_cell.angle_gamma   90.00
#
_symmetry.space_group_name_H-M   'P 1'
#
loop_
_entity.id
_entity.type
_entity.pdbx_description
1 polymer 'Tetrahedral aminopeptidase'
2 non-polymer 'ZINC ION'
#
_entity_poly.entity_id   1
_entity_poly.type   'polypeptide(L)'
_entity_poly.pdbx_seq_one_letter_code
;MEVRNMVDYELLKKVVEAPGVSGYEFLGIRDVVIEEIKDYVDEVKVDKLGNVIAHKKGEGPKVMIAAHMDQIGLMVTHIE
KNGFLRVAPIGGVDPKTLIAQRFKVWIDKGKFIYGVGASVPPHIQKPEDRKKAPDWDQIFIDIGAESKEEAEDMGVKIGT
VITWDGRLERLGKHRFVSIAFDDRIAVYTILEVAKQLKDAKADVYFVATVQEEVGLRGARTSAFGIEPDYGFAIDVTIAA
DIPGTPEHKQVTHLGKGTAIKIMDRSVICHPTIVRWLEELAKKHEIPYQLEILLGGGTDAGAIHLTKAGVPTGALSVPAR
YIHSNTEVVDERDVDATVELMTKALENIHELKI
;
_entity_poly.pdbx_strand_id   A,B,C,D,E,F,G,H,I,J,K,L
#
loop_
_chem_comp.id
_chem_comp.type
_chem_comp.name
_chem_comp.formula
ZN non-polymer 'ZINC ION' 'Zn 2'
#
# COMPACT_ATOMS: atom_id res chain seq x y z
N MET A 1 26.13 -37.98 34.90
CA MET A 1 26.19 -39.45 34.61
C MET A 1 27.03 -39.82 33.38
N GLU A 2 28.35 -39.67 33.50
CA GLU A 2 29.21 -39.80 32.33
C GLU A 2 29.32 -41.30 32.02
N VAL A 3 28.31 -41.81 31.31
CA VAL A 3 28.28 -43.20 30.91
C VAL A 3 29.46 -43.52 29.98
N ARG A 4 29.84 -42.55 29.14
CA ARG A 4 30.92 -42.68 28.18
C ARG A 4 32.18 -41.92 28.57
N ASN A 5 32.07 -40.86 29.39
CA ASN A 5 33.16 -39.96 29.72
C ASN A 5 33.73 -39.28 28.49
N MET A 6 32.91 -39.06 27.46
CA MET A 6 33.38 -38.43 26.23
C MET A 6 33.46 -36.92 26.39
N VAL A 7 32.50 -36.33 27.10
CA VAL A 7 32.44 -34.89 27.31
C VAL A 7 32.21 -34.65 28.80
N ASP A 8 33.18 -34.00 29.44
CA ASP A 8 33.12 -33.82 30.89
C ASP A 8 32.11 -32.75 31.26
N TYR A 9 31.04 -33.18 31.91
CA TYR A 9 29.95 -32.27 32.27
C TYR A 9 30.41 -31.21 33.26
N GLU A 10 31.38 -31.54 34.11
CA GLU A 10 31.89 -30.56 35.07
C GLU A 10 32.66 -29.46 34.37
N LEU A 11 33.53 -29.83 33.42
CA LEU A 11 34.43 -28.87 32.81
C LEU A 11 33.66 -27.82 32.03
N LEU A 12 32.65 -28.24 31.29
CA LEU A 12 31.87 -27.30 30.47
C LEU A 12 31.19 -26.27 31.34
N LYS A 13 30.82 -26.65 32.57
CA LYS A 13 30.16 -25.71 33.47
C LYS A 13 31.05 -24.51 33.74
N LYS A 14 32.32 -24.76 34.05
CA LYS A 14 33.24 -23.70 34.45
C LYS A 14 33.36 -22.64 33.36
N VAL A 15 33.47 -23.06 32.11
CA VAL A 15 33.78 -22.10 31.06
C VAL A 15 32.56 -21.30 30.67
N VAL A 16 31.39 -21.95 30.61
CA VAL A 16 30.28 -21.34 29.89
C VAL A 16 29.50 -20.41 30.81
N GLU A 17 29.43 -20.71 32.11
CA GLU A 17 28.79 -19.80 33.04
C GLU A 17 29.56 -18.50 33.14
N ALA A 18 30.85 -18.53 32.87
CA ALA A 18 31.68 -17.35 33.04
C ALA A 18 31.27 -16.29 32.02
N PRO A 19 31.60 -15.02 32.26
CA PRO A 19 31.08 -13.95 31.41
C PRO A 19 31.93 -13.75 30.17
N GLY A 20 31.26 -13.41 29.08
CA GLY A 20 31.78 -13.59 27.74
C GLY A 20 32.25 -12.34 27.01
N VAL A 21 32.86 -11.42 27.75
CA VAL A 21 33.72 -10.43 27.11
C VAL A 21 34.84 -10.12 28.09
N SER A 22 36.08 -10.36 27.68
CA SER A 22 37.19 -10.38 28.61
C SER A 22 37.89 -9.04 28.64
N GLY A 23 38.81 -8.88 29.60
CA GLY A 23 39.53 -7.64 29.80
C GLY A 23 38.78 -6.64 30.63
N TYR A 24 37.45 -6.61 30.53
CA TYR A 24 36.59 -5.81 31.37
C TYR A 24 36.73 -6.26 32.81
N GLU A 25 35.95 -5.61 33.68
CA GLU A 25 35.82 -6.08 35.04
C GLU A 25 35.30 -7.53 35.15
N PHE A 26 34.78 -8.13 34.06
CA PHE A 26 34.31 -9.50 34.12
C PHE A 26 35.39 -10.53 33.83
N LEU A 27 36.66 -10.16 33.73
CA LEU A 27 37.63 -10.91 32.94
C LEU A 27 37.92 -12.33 33.43
N GLY A 28 37.15 -12.88 34.39
CA GLY A 28 37.48 -14.15 35.01
C GLY A 28 37.72 -15.32 34.07
N ILE A 29 37.11 -15.29 32.87
CA ILE A 29 37.28 -16.40 31.93
C ILE A 29 38.76 -16.58 31.59
N ARG A 30 39.49 -15.48 31.50
CA ARG A 30 40.92 -15.55 31.21
C ARG A 30 41.62 -16.46 32.20
N ASP A 31 41.40 -16.19 33.49
CA ASP A 31 41.97 -17.03 34.53
C ASP A 31 41.55 -18.48 34.36
N VAL A 32 40.28 -18.70 33.99
CA VAL A 32 39.76 -20.07 33.90
C VAL A 32 40.51 -20.85 32.84
N VAL A 33 40.64 -20.28 31.64
CA VAL A 33 41.25 -21.02 30.55
C VAL A 33 42.71 -21.32 30.88
N ILE A 34 43.41 -20.36 31.48
CA ILE A 34 44.80 -20.63 31.82
C ILE A 34 44.91 -21.53 33.04
N GLU A 35 43.93 -21.49 33.94
CA GLU A 35 43.96 -22.34 35.13
C GLU A 35 43.92 -23.81 34.74
N GLU A 36 43.26 -24.13 33.64
CA GLU A 36 43.17 -25.49 33.14
C GLU A 36 44.35 -25.84 32.23
N ILE A 37 44.53 -25.05 31.17
CA ILE A 37 45.39 -25.45 30.08
C ILE A 37 46.84 -25.59 30.53
N LYS A 38 47.26 -24.84 31.55
CA LYS A 38 48.68 -24.65 31.78
C LYS A 38 49.36 -25.92 32.28
N ASP A 39 48.62 -26.80 32.93
CA ASP A 39 49.27 -27.99 33.46
C ASP A 39 49.70 -28.94 32.36
N TYR A 40 49.07 -28.87 31.19
CA TYR A 40 49.34 -29.78 30.08
C TYR A 40 50.22 -29.17 29.00
N VAL A 41 50.52 -27.88 29.08
CA VAL A 41 51.29 -27.18 28.05
C VAL A 41 52.56 -26.65 28.68
N ASP A 42 53.59 -26.51 27.85
CA ASP A 42 54.90 -26.09 28.34
C ASP A 42 54.87 -24.66 28.86
N GLU A 43 54.20 -23.76 28.16
CA GLU A 43 54.23 -22.35 28.53
C GLU A 43 53.00 -21.68 27.94
N VAL A 44 52.65 -20.54 28.54
CA VAL A 44 51.44 -19.82 28.20
C VAL A 44 51.67 -18.34 28.42
N LYS A 45 51.04 -17.50 27.62
CA LYS A 45 51.22 -16.06 27.70
C LYS A 45 49.94 -15.34 27.31
N VAL A 46 49.85 -14.10 27.76
CA VAL A 46 48.71 -13.22 27.48
C VAL A 46 49.23 -12.05 26.69
N ASP A 47 48.57 -11.75 25.57
CA ASP A 47 48.95 -10.61 24.77
C ASP A 47 48.34 -9.36 25.38
N LYS A 48 48.53 -8.24 24.70
CA LYS A 48 48.05 -6.98 25.24
C LYS A 48 46.54 -6.86 25.12
N LEU A 49 45.99 -7.40 24.03
CA LEU A 49 44.59 -7.24 23.66
C LEU A 49 43.66 -8.20 24.35
N GLY A 50 44.11 -8.94 25.36
CA GLY A 50 43.30 -9.93 26.02
C GLY A 50 43.34 -11.30 25.39
N ASN A 51 44.01 -11.45 24.25
CA ASN A 51 44.22 -12.76 23.68
C ASN A 51 45.04 -13.62 24.63
N VAL A 52 44.81 -14.93 24.55
CA VAL A 52 45.56 -15.91 25.32
C VAL A 52 46.39 -16.73 24.34
N ILE A 53 47.62 -17.05 24.73
CA ILE A 53 48.59 -17.70 23.88
C ILE A 53 49.14 -18.88 24.66
N ALA A 54 48.89 -20.08 24.16
CA ALA A 54 49.45 -21.29 24.73
C ALA A 54 50.35 -21.97 23.71
N HIS A 55 51.62 -22.12 24.07
CA HIS A 55 52.66 -22.60 23.17
C HIS A 55 53.15 -23.94 23.69
N LYS A 56 52.66 -25.02 23.09
CA LYS A 56 53.29 -26.32 23.23
C LYS A 56 54.45 -26.35 22.26
N LYS A 57 55.53 -27.02 22.64
CA LYS A 57 56.74 -27.04 21.85
C LYS A 57 56.89 -28.39 21.15
N GLY A 58 57.61 -28.39 20.04
CA GLY A 58 57.82 -29.62 19.31
C GLY A 58 58.77 -29.40 18.15
N GLU A 59 58.71 -30.34 17.20
CA GLU A 59 59.53 -30.33 16.00
C GLU A 59 58.62 -30.34 14.78
N GLY A 60 58.49 -29.20 14.11
CA GLY A 60 57.66 -29.12 12.95
C GLY A 60 57.17 -27.72 12.64
N PRO A 61 56.20 -27.62 11.72
CA PRO A 61 55.65 -26.30 11.38
C PRO A 61 54.80 -25.73 12.50
N LYS A 62 54.53 -24.44 12.39
CA LYS A 62 53.78 -23.71 13.40
C LYS A 62 52.31 -23.73 13.05
N VAL A 63 51.52 -24.44 13.86
CA VAL A 63 50.09 -24.58 13.67
C VAL A 63 49.37 -23.70 14.67
N MET A 64 48.33 -23.02 14.19
CA MET A 64 47.57 -22.06 14.97
C MET A 64 46.13 -22.53 15.08
N ILE A 65 45.65 -22.67 16.31
CA ILE A 65 44.31 -23.20 16.60
C ILE A 65 43.51 -22.09 17.26
N ALA A 66 42.47 -21.63 16.58
CA ALA A 66 41.75 -20.42 16.96
C ALA A 66 40.33 -20.73 17.37
N ALA A 67 39.97 -20.31 18.57
CA ALA A 67 38.60 -20.28 19.03
C ALA A 67 38.31 -18.89 19.58
N HIS A 68 37.03 -18.52 19.57
CA HIS A 68 36.61 -17.23 20.12
C HIS A 68 35.91 -17.44 21.46
N MET A 69 36.09 -16.47 22.33
CA MET A 69 35.53 -16.50 23.68
C MET A 69 34.78 -15.19 23.95
N ASP A 70 34.37 -14.49 22.89
CA ASP A 70 33.61 -13.26 23.03
C ASP A 70 32.11 -13.49 22.88
N GLN A 71 31.51 -14.19 23.83
CA GLN A 71 30.07 -14.44 23.82
C GLN A 71 29.34 -13.11 23.74
N ILE A 72 28.21 -13.11 23.03
CA ILE A 72 27.41 -11.92 22.81
C ILE A 72 26.96 -11.36 24.15
N GLY A 73 26.81 -10.04 24.20
CA GLY A 73 26.25 -9.39 25.36
C GLY A 73 25.64 -8.06 24.99
N LEU A 74 25.18 -7.36 26.01
CA LEU A 74 24.59 -6.04 25.82
C LEU A 74 25.30 -5.03 26.70
N MET A 75 25.12 -3.76 26.35
CA MET A 75 25.80 -2.63 26.97
C MET A 75 24.78 -1.59 27.40
N VAL A 76 24.90 -1.14 28.63
CA VAL A 76 24.15 0.02 29.08
C VAL A 76 24.79 1.28 28.48
N THR A 77 23.95 2.19 28.01
CA THR A 77 24.41 3.45 27.44
C THR A 77 23.99 4.66 28.26
N HIS A 78 22.87 4.59 28.96
CA HIS A 78 22.42 5.70 29.80
C HIS A 78 21.41 5.15 30.80
N ILE A 79 21.00 6.02 31.71
CA ILE A 79 20.11 5.68 32.81
C ILE A 79 18.93 6.64 32.79
N GLU A 80 17.76 6.14 32.42
CA GLU A 80 16.56 6.95 32.50
C GLU A 80 16.28 7.31 33.96
N LYS A 81 15.38 8.26 34.15
CA LYS A 81 15.21 8.84 35.48
C LYS A 81 14.47 7.90 36.43
N ASN A 82 13.63 7.02 35.92
CA ASN A 82 12.85 6.14 36.77
C ASN A 82 13.65 4.96 37.30
N GLY A 83 14.97 4.93 37.10
CA GLY A 83 15.78 3.83 37.54
C GLY A 83 15.79 2.63 36.61
N PHE A 84 15.29 2.78 35.39
CA PHE A 84 15.27 1.71 34.40
C PHE A 84 16.29 1.98 33.31
N LEU A 85 16.89 0.91 32.81
CA LEU A 85 18.00 0.98 31.88
C LEU A 85 17.56 0.86 30.43
N ARG A 86 18.23 1.61 29.57
CA ARG A 86 18.28 1.34 28.15
C ARG A 86 19.58 0.60 27.87
N VAL A 87 19.75 0.17 26.62
CA VAL A 87 20.85 -0.71 26.27
C VAL A 87 21.23 -0.48 24.83
N ALA A 88 22.42 -0.96 24.48
CA ALA A 88 22.90 -1.01 23.11
C ALA A 88 23.59 -2.33 22.84
N PRO A 89 23.25 -3.04 21.77
CA PRO A 89 23.76 -4.39 21.62
C PRO A 89 25.17 -4.42 21.09
N ILE A 90 25.81 -5.55 21.33
CA ILE A 90 27.04 -5.94 20.68
C ILE A 90 26.67 -6.68 19.40
N GLY A 91 27.53 -6.59 18.41
CA GLY A 91 27.23 -7.01 17.05
C GLY A 91 26.88 -8.48 16.98
N GLY A 92 25.90 -8.79 16.14
CA GLY A 92 25.49 -10.14 15.89
C GLY A 92 24.14 -10.51 16.46
N VAL A 93 23.68 -9.83 17.49
CA VAL A 93 22.50 -10.26 18.24
C VAL A 93 21.25 -9.86 17.48
N ASP A 94 20.18 -10.62 17.69
CA ASP A 94 18.87 -10.34 17.14
C ASP A 94 17.96 -9.92 18.29
N PRO A 95 17.21 -8.81 18.19
CA PRO A 95 16.51 -8.30 19.37
C PRO A 95 15.20 -9.01 19.69
N LYS A 96 14.72 -9.89 18.81
CA LYS A 96 13.51 -10.66 19.13
C LYS A 96 13.74 -11.60 20.31
N THR A 97 15.00 -11.83 20.67
CA THR A 97 15.38 -12.66 21.80
C THR A 97 15.47 -11.88 23.09
N LEU A 98 14.60 -10.89 23.27
CA LEU A 98 14.62 -9.95 24.37
C LEU A 98 14.91 -10.60 25.72
N ILE A 99 13.98 -11.42 26.20
CA ILE A 99 14.18 -12.21 27.41
C ILE A 99 13.01 -13.16 27.59
N ALA A 100 13.27 -14.23 28.32
CA ALA A 100 12.27 -15.04 29.00
C ALA A 100 12.56 -15.13 30.49
N GLN A 101 13.80 -14.86 30.89
CA GLN A 101 14.20 -14.86 32.28
C GLN A 101 15.59 -14.26 32.38
N ARG A 102 15.78 -13.48 33.45
CA ARG A 102 17.08 -13.31 34.09
C ARG A 102 18.20 -12.84 33.17
N PHE A 103 18.23 -11.56 32.78
CA PHE A 103 19.46 -10.97 32.28
C PHE A 103 20.36 -10.59 33.45
N LYS A 104 21.63 -10.93 33.33
CA LYS A 104 22.60 -10.77 34.41
C LYS A 104 23.47 -9.55 34.14
N VAL A 105 23.77 -8.80 35.18
CA VAL A 105 24.57 -7.58 35.11
C VAL A 105 25.83 -7.79 35.93
N TRP A 106 26.98 -7.88 35.25
CA TRP A 106 28.26 -8.06 35.92
C TRP A 106 28.88 -6.71 36.25
N ILE A 107 28.47 -6.12 37.38
CA ILE A 107 29.14 -4.93 37.88
C ILE A 107 30.63 -5.17 37.98
N ASP A 108 31.02 -6.23 38.68
CA ASP A 108 32.43 -6.58 38.80
C ASP A 108 32.53 -8.08 39.02
N LYS A 109 33.77 -8.55 39.10
CA LYS A 109 34.06 -9.97 39.26
C LYS A 109 33.41 -10.50 40.53
N GLY A 110 32.62 -11.56 40.38
CA GLY A 110 31.94 -12.17 41.49
C GLY A 110 30.78 -11.37 42.05
N LYS A 111 30.34 -10.33 41.37
CA LYS A 111 29.19 -9.52 41.78
C LYS A 111 28.23 -9.40 40.61
N PHE A 112 27.06 -9.99 40.76
CA PHE A 112 26.05 -10.00 39.72
C PHE A 112 24.68 -9.77 40.35
N ILE A 113 23.86 -9.01 39.63
CA ILE A 113 22.46 -8.82 40.00
C ILE A 113 21.60 -9.08 38.78
N TYR A 114 20.46 -9.70 39.02
CA TYR A 114 19.61 -10.16 37.95
C TYR A 114 18.80 -9.01 37.38
N GLY A 115 18.50 -9.11 36.10
CA GLY A 115 17.79 -8.05 35.41
C GLY A 115 16.92 -8.62 34.32
N VAL A 116 15.90 -7.85 33.95
CA VAL A 116 14.93 -8.26 32.95
C VAL A 116 14.82 -7.17 31.91
N GLY A 117 14.42 -7.56 30.70
CA GLY A 117 14.50 -6.70 29.54
C GLY A 117 13.36 -6.84 28.58
N ALA A 118 12.17 -7.10 29.08
CA ALA A 118 11.15 -7.73 28.24
C ALA A 118 10.66 -6.86 27.09
N SER A 119 10.31 -5.60 27.32
CA SER A 119 9.38 -4.91 26.44
C SER A 119 9.72 -3.44 26.26
N VAL A 120 9.95 -3.05 25.01
CA VAL A 120 9.84 -1.65 24.62
C VAL A 120 8.36 -1.51 24.28
N PRO A 121 7.68 -0.45 24.70
CA PRO A 121 6.25 -0.35 24.39
C PRO A 121 6.03 -0.16 22.90
N PRO A 122 5.26 -1.03 22.23
CA PRO A 122 5.02 -0.81 20.81
C PRO A 122 4.25 0.48 20.58
N HIS A 123 4.50 1.11 19.44
CA HIS A 123 3.86 2.37 19.11
C HIS A 123 2.35 2.17 19.01
N ILE A 124 1.63 3.29 19.02
CA ILE A 124 0.18 3.29 19.03
C ILE A 124 -0.31 3.27 17.59
N GLN A 125 -0.53 2.07 17.05
CA GLN A 125 -1.22 1.95 15.77
C GLN A 125 -1.68 0.52 15.55
N LYS A 126 -2.64 0.35 14.63
CA LYS A 126 -3.36 -0.90 14.42
C LYS A 126 -2.57 -1.91 13.59
N PRO A 127 -1.89 -1.53 12.48
CA PRO A 127 -0.99 -2.50 11.85
C PRO A 127 0.19 -2.86 12.75
N GLU A 128 0.54 -1.95 13.67
CA GLU A 128 1.68 -2.17 14.56
C GLU A 128 1.31 -3.02 15.77
N ASP A 129 0.03 -3.00 16.17
CA ASP A 129 -0.44 -3.97 17.16
C ASP A 129 -0.23 -5.39 16.64
N ARG A 130 -0.33 -5.56 15.32
CA ARG A 130 0.02 -6.82 14.69
C ARG A 130 1.53 -7.03 14.63
N LYS A 131 2.31 -5.96 14.39
CA LYS A 131 3.76 -6.08 14.43
C LYS A 131 4.22 -6.08 15.86
N LYS A 132 4.32 -7.26 16.45
CA LYS A 132 4.85 -7.37 17.80
C LYS A 132 6.36 -7.50 17.81
N ALA A 133 7.02 -7.20 16.70
CA ALA A 133 8.47 -7.14 16.68
C ALA A 133 8.91 -5.91 17.45
N PRO A 134 10.00 -5.96 18.22
CA PRO A 134 10.43 -4.76 18.92
C PRO A 134 10.93 -3.68 17.97
N ASP A 135 10.81 -2.45 18.43
CA ASP A 135 11.31 -1.32 17.67
C ASP A 135 12.83 -1.42 17.60
N TRP A 136 13.41 -0.83 16.55
CA TRP A 136 14.84 -0.95 16.31
C TRP A 136 15.65 -0.03 17.21
N ASP A 137 15.00 0.92 17.90
CA ASP A 137 15.74 1.90 18.71
C ASP A 137 16.65 1.22 19.72
N GLN A 138 16.08 0.53 20.69
CA GLN A 138 16.46 -0.81 21.14
C GLN A 138 15.57 -1.04 22.36
N ILE A 139 15.60 -2.23 22.94
CA ILE A 139 14.80 -2.60 24.09
C ILE A 139 15.40 -1.96 25.34
N PHE A 140 14.65 -2.00 26.43
CA PHE A 140 15.07 -1.50 27.73
C PHE A 140 15.19 -2.63 28.73
N ILE A 141 15.91 -2.36 29.81
CA ILE A 141 16.21 -3.32 30.86
C ILE A 141 15.75 -2.75 32.19
N ASP A 142 15.31 -3.62 33.09
CA ASP A 142 14.93 -3.27 34.44
C ASP A 142 15.82 -4.02 35.43
N ILE A 143 16.30 -3.29 36.44
CA ILE A 143 16.93 -3.88 37.61
C ILE A 143 16.18 -3.53 38.88
N GLY A 144 15.02 -2.89 38.78
CA GLY A 144 14.16 -2.65 39.92
C GLY A 144 14.46 -1.40 40.69
N ALA A 145 15.54 -0.69 40.38
CA ALA A 145 15.82 0.56 41.06
C ALA A 145 14.80 1.61 40.66
N GLU A 146 14.44 2.46 41.63
CA GLU A 146 13.48 3.51 41.38
C GLU A 146 14.08 4.76 40.76
N SER A 147 15.39 4.96 40.88
CA SER A 147 16.01 6.20 40.43
C SER A 147 17.43 5.97 39.99
N LYS A 148 17.93 6.95 39.23
CA LYS A 148 19.30 6.95 38.77
C LYS A 148 20.28 6.88 39.93
N GLU A 149 20.00 7.61 41.00
CA GLU A 149 20.89 7.62 42.16
C GLU A 149 21.02 6.23 42.75
N GLU A 150 19.89 5.55 42.94
CA GLU A 150 19.93 4.20 43.50
C GLU A 150 20.72 3.27 42.61
N ALA A 151 20.64 3.46 41.29
CA ALA A 151 21.28 2.54 40.37
C ALA A 151 22.80 2.65 40.48
N GLU A 152 23.31 3.87 40.61
CA GLU A 152 24.76 4.02 40.68
C GLU A 152 25.30 3.59 42.03
N ASP A 153 24.44 3.60 43.06
CA ASP A 153 24.89 3.14 44.37
C ASP A 153 25.08 1.64 44.37
N MET A 154 24.30 0.92 43.55
CA MET A 154 24.55 -0.49 43.34
C MET A 154 25.93 -0.75 42.77
N GLY A 155 26.35 0.08 41.83
CA GLY A 155 27.57 -0.12 41.07
C GLY A 155 27.41 -0.04 39.59
N VAL A 156 26.17 0.01 39.09
CA VAL A 156 25.94 0.13 37.65
C VAL A 156 26.51 1.45 37.17
N LYS A 157 27.24 1.39 36.07
CA LYS A 157 27.77 2.57 35.40
C LYS A 157 27.68 2.33 33.92
N ILE A 158 28.03 3.35 33.15
CA ILE A 158 28.09 3.16 31.72
C ILE A 158 29.27 2.27 31.41
N GLY A 159 29.12 1.47 30.37
CA GLY A 159 30.13 0.50 30.00
C GLY A 159 29.45 -0.69 29.36
N THR A 160 30.26 -1.56 28.77
CA THR A 160 29.80 -2.88 28.39
C THR A 160 29.80 -3.75 29.64
N VAL A 161 28.61 -4.17 30.10
CA VAL A 161 28.49 -4.75 31.43
C VAL A 161 27.70 -6.06 31.48
N ILE A 162 26.87 -6.33 30.46
CA ILE A 162 25.76 -7.28 30.60
C ILE A 162 25.99 -8.55 29.78
N THR A 163 25.36 -9.65 30.19
CA THR A 163 25.32 -10.90 29.44
C THR A 163 23.97 -11.59 29.64
N TRP A 164 23.90 -12.87 29.26
CA TRP A 164 22.61 -13.50 28.99
C TRP A 164 22.13 -14.39 30.13
N ASP A 165 23.01 -14.79 31.03
CA ASP A 165 22.66 -15.68 32.14
C ASP A 165 22.20 -17.04 31.65
N GLY A 166 23.09 -17.75 30.98
CA GLY A 166 22.81 -19.13 30.63
C GLY A 166 23.24 -20.05 31.74
N ARG A 167 22.65 -21.23 31.73
CA ARG A 167 23.06 -22.33 32.59
C ARG A 167 22.93 -23.60 31.79
N LEU A 168 23.81 -24.54 32.09
CA LEU A 168 23.99 -25.70 31.26
C LEU A 168 23.15 -26.86 31.78
N GLU A 169 22.21 -27.32 30.96
CA GLU A 169 21.36 -28.44 31.29
C GLU A 169 21.36 -29.45 30.15
N ARG A 170 20.98 -30.67 30.51
CA ARG A 170 21.04 -31.81 29.62
C ARG A 170 19.65 -32.12 29.08
N LEU A 171 19.48 -32.01 27.76
CA LEU A 171 18.29 -32.51 27.10
C LEU A 171 18.64 -33.69 26.22
N GLY A 172 17.67 -34.58 26.04
CA GLY A 172 17.91 -35.84 25.40
C GLY A 172 18.99 -36.59 26.17
N LYS A 173 18.66 -37.01 27.38
CA LYS A 173 19.64 -37.65 28.28
C LYS A 173 20.38 -38.80 27.63
N HIS A 174 19.82 -39.40 26.58
CA HIS A 174 20.66 -40.13 25.64
C HIS A 174 21.81 -39.26 25.13
N ARG A 175 21.52 -38.16 24.43
CA ARG A 175 22.57 -37.23 24.05
C ARG A 175 22.01 -35.93 23.47
N PHE A 176 22.36 -34.80 24.11
CA PHE A 176 22.38 -33.45 23.57
C PHE A 176 22.74 -32.53 24.75
N VAL A 177 23.04 -31.26 24.49
CA VAL A 177 23.35 -30.30 25.55
C VAL A 177 22.80 -28.93 25.14
N SER A 178 22.34 -28.16 26.13
CA SER A 178 21.51 -26.97 25.88
C SER A 178 22.25 -25.73 25.42
N ILE A 179 23.12 -25.15 26.25
CA ILE A 179 23.73 -23.84 25.97
C ILE A 179 25.25 -23.94 25.82
N ALA A 180 25.77 -25.13 25.48
CA ALA A 180 27.21 -25.35 25.52
C ALA A 180 27.96 -24.83 24.30
N PHE A 181 27.26 -24.23 23.34
CA PHE A 181 27.84 -24.04 22.00
C PHE A 181 28.68 -22.78 21.93
N ASP A 182 28.06 -21.61 22.05
CA ASP A 182 28.62 -20.43 21.43
C ASP A 182 29.73 -19.85 22.29
N ASP A 183 30.87 -19.65 21.64
CA ASP A 183 32.05 -19.01 22.19
C ASP A 183 32.74 -19.85 23.26
N ARG A 184 32.17 -20.98 23.66
CA ARG A 184 32.93 -22.05 24.25
C ARG A 184 32.24 -23.39 24.04
N ILE A 185 32.49 -23.94 22.88
CA ILE A 185 32.51 -25.38 22.67
C ILE A 185 33.87 -25.66 22.06
N ALA A 186 34.27 -24.78 21.13
CA ALA A 186 35.61 -24.82 20.54
C ALA A 186 36.68 -24.89 21.61
N VAL A 187 36.56 -24.12 22.69
CA VAL A 187 37.59 -24.15 23.72
C VAL A 187 37.63 -25.51 24.38
N TYR A 188 36.46 -26.14 24.57
CA TYR A 188 36.46 -27.47 25.16
C TYR A 188 37.19 -28.45 24.26
N THR A 189 37.01 -28.33 22.95
CA THR A 189 37.81 -29.13 22.04
C THR A 189 39.29 -28.85 22.24
N ILE A 190 39.66 -27.58 22.28
CA ILE A 190 41.04 -27.19 22.50
C ILE A 190 41.57 -27.81 23.79
N LEU A 191 40.83 -27.64 24.88
CA LEU A 191 41.29 -28.18 26.15
C LEU A 191 41.35 -29.70 26.10
N GLU A 192 40.34 -30.34 25.51
CA GLU A 192 40.38 -31.79 25.38
C GLU A 192 41.52 -32.20 24.47
N VAL A 193 41.80 -31.40 23.45
CA VAL A 193 42.91 -31.69 22.55
C VAL A 193 44.22 -31.68 23.33
N ALA A 194 44.40 -30.69 24.19
CA ALA A 194 45.65 -30.57 24.92
C ALA A 194 45.87 -31.76 25.84
N LYS A 195 44.78 -32.31 26.39
CA LYS A 195 44.90 -33.50 27.22
C LYS A 195 45.22 -34.71 26.37
N GLN A 196 44.63 -34.80 25.18
CA GLN A 196 44.77 -35.95 24.31
C GLN A 196 46.08 -35.94 23.55
N LEU A 197 46.64 -34.76 23.30
CA LEU A 197 47.90 -34.65 22.57
C LEU A 197 49.06 -34.94 23.51
N LYS A 198 49.88 -35.94 23.16
CA LYS A 198 51.07 -36.28 23.94
C LYS A 198 52.31 -35.96 23.13
N ASP A 199 52.43 -36.54 21.95
CA ASP A 199 53.63 -36.46 21.14
C ASP A 199 53.49 -35.37 20.09
N ALA A 200 54.15 -34.25 20.32
CA ALA A 200 54.01 -33.06 19.49
C ALA A 200 54.82 -33.25 18.21
N LYS A 201 54.18 -33.79 17.17
CA LYS A 201 54.85 -33.92 15.89
C LYS A 201 54.94 -32.60 15.15
N ALA A 202 54.18 -31.60 15.59
CA ALA A 202 54.29 -30.24 15.08
C ALA A 202 54.05 -29.27 16.21
N ASP A 203 54.81 -28.18 16.21
CA ASP A 203 54.75 -27.25 17.31
C ASP A 203 53.51 -26.38 17.14
N VAL A 204 52.57 -26.54 18.06
CA VAL A 204 51.24 -25.95 17.94
C VAL A 204 51.17 -24.75 18.87
N TYR A 205 50.34 -23.79 18.49
CA TYR A 205 50.04 -22.64 19.32
C TYR A 205 48.54 -22.47 19.44
N PHE A 206 48.00 -22.81 20.60
CA PHE A 206 46.58 -22.65 20.87
C PHE A 206 46.32 -21.21 21.28
N VAL A 207 45.40 -20.56 20.58
CA VAL A 207 44.95 -19.22 20.93
C VAL A 207 43.46 -19.25 21.21
N ALA A 208 43.03 -18.36 22.08
CA ALA A 208 41.62 -18.12 22.35
C ALA A 208 41.37 -16.62 22.22
N THR A 209 40.87 -16.21 21.06
CA THR A 209 40.87 -14.81 20.69
C THR A 209 39.66 -14.09 21.24
N VAL A 210 39.78 -12.77 21.31
CA VAL A 210 38.72 -11.89 21.80
C VAL A 210 38.32 -10.96 20.66
N GLN A 211 37.19 -10.30 20.87
CA GLN A 211 36.63 -9.38 19.90
C GLN A 211 36.42 -10.04 18.55
N GLU A 212 35.94 -11.30 18.57
CA GLU A 212 35.63 -11.98 17.33
C GLU A 212 34.29 -11.50 16.77
N GLU A 213 33.27 -11.47 17.61
CA GLU A 213 31.93 -11.16 17.12
C GLU A 213 31.83 -9.71 16.68
N VAL A 214 32.73 -8.85 17.15
CA VAL A 214 32.83 -7.47 16.70
C VAL A 214 34.28 -7.17 16.36
N GLY A 215 34.54 -6.78 15.13
CA GLY A 215 35.90 -6.59 14.70
C GLY A 215 36.66 -7.90 14.71
N LEU A 216 36.22 -8.87 13.91
CA LEU A 216 36.84 -10.20 13.81
C LEU A 216 38.34 -10.16 13.67
N ARG A 217 38.88 -9.05 13.14
CA ARG A 217 40.33 -8.86 13.09
C ARG A 217 40.95 -8.77 14.49
N GLY A 218 40.13 -8.79 15.56
CA GLY A 218 40.68 -8.96 16.88
C GLY A 218 41.61 -10.16 16.97
N ALA A 219 41.22 -11.25 16.31
CA ALA A 219 42.03 -12.46 16.30
C ALA A 219 43.35 -12.23 15.58
N ARG A 220 43.32 -11.43 14.51
CA ARG A 220 44.49 -11.23 13.67
C ARG A 220 45.71 -10.79 14.47
N THR A 221 45.51 -9.98 15.50
CA THR A 221 46.63 -9.41 16.22
C THR A 221 47.51 -10.52 16.78
N SER A 222 46.88 -11.52 17.41
CA SER A 222 47.63 -12.67 17.89
C SER A 222 48.38 -13.36 16.77
N ALA A 223 47.80 -13.39 15.57
CA ALA A 223 48.32 -14.21 14.48
C ALA A 223 49.78 -13.93 14.18
N PHE A 224 50.15 -12.66 14.02
CA PHE A 224 51.45 -12.36 13.44
C PHE A 224 52.59 -12.84 14.32
N GLY A 225 52.40 -12.80 15.64
CA GLY A 225 53.46 -13.25 16.51
C GLY A 225 53.65 -14.75 16.45
N ILE A 226 52.65 -15.46 15.91
CA ILE A 226 52.49 -16.87 16.20
C ILE A 226 52.38 -17.71 14.93
N GLU A 227 51.58 -17.25 13.97
CA GLU A 227 51.01 -18.10 12.92
C GLU A 227 51.97 -18.91 12.04
N PRO A 228 53.05 -18.31 11.52
CA PRO A 228 53.41 -18.51 10.11
C PRO A 228 53.33 -19.94 9.60
N ASP A 229 52.91 -20.06 8.34
CA ASP A 229 53.08 -21.24 7.49
C ASP A 229 51.96 -22.27 7.66
N TYR A 230 51.04 -22.03 8.61
CA TYR A 230 49.80 -22.82 8.64
C TYR A 230 48.77 -22.20 9.55
N GLY A 231 47.54 -22.71 9.53
CA GLY A 231 46.46 -22.12 10.31
C GLY A 231 45.23 -22.99 10.32
N PHE A 232 44.46 -22.86 11.40
CA PHE A 232 43.21 -23.57 11.61
C PHE A 232 42.25 -22.66 12.36
N ALA A 233 41.00 -23.09 12.46
CA ALA A 233 40.00 -22.33 13.19
C ALA A 233 38.88 -23.24 13.63
N ILE A 234 38.28 -22.89 14.77
CA ILE A 234 37.07 -23.54 15.27
C ILE A 234 36.11 -22.46 15.70
N ASP A 235 35.27 -22.03 14.77
CA ASP A 235 34.19 -21.11 15.01
C ASP A 235 32.97 -21.65 14.29
N VAL A 236 31.82 -21.02 14.52
CA VAL A 236 30.57 -21.53 14.02
C VAL A 236 29.57 -20.41 13.72
N THR A 237 28.72 -20.65 12.72
CA THR A 237 27.51 -19.88 12.51
C THR A 237 26.63 -20.66 11.54
N ILE A 238 25.41 -20.96 11.97
CA ILE A 238 24.59 -22.02 11.38
C ILE A 238 23.14 -21.58 11.45
N ALA A 239 22.34 -22.08 10.50
CA ALA A 239 20.89 -22.15 10.63
C ALA A 239 20.50 -23.61 10.43
N ALA A 240 20.17 -24.29 11.52
CA ALA A 240 20.27 -25.75 11.60
C ALA A 240 18.92 -26.43 11.76
N ASP A 241 18.49 -27.13 10.70
CA ASP A 241 17.49 -28.21 10.77
C ASP A 241 16.20 -27.78 11.46
N ILE A 242 15.83 -26.53 11.24
CA ILE A 242 14.64 -26.00 11.90
C ILE A 242 13.47 -26.57 11.11
N PRO A 243 12.47 -27.21 11.73
CA PRO A 243 11.36 -27.75 10.95
C PRO A 243 10.61 -26.68 10.17
N GLY A 244 9.80 -27.14 9.22
CA GLY A 244 9.13 -26.25 8.31
C GLY A 244 9.99 -25.68 7.21
N THR A 245 11.31 -25.95 7.23
CA THR A 245 12.21 -25.49 6.19
C THR A 245 12.36 -26.54 5.10
N PRO A 246 12.88 -26.18 3.94
CA PRO A 246 13.22 -27.20 2.94
C PRO A 246 14.42 -28.03 3.35
N GLU A 247 14.86 -28.87 2.42
CA GLU A 247 16.02 -29.73 2.66
C GLU A 247 17.33 -28.98 2.46
N HIS A 248 17.29 -27.77 1.90
CA HIS A 248 18.53 -27.10 1.53
C HIS A 248 19.33 -26.64 2.74
N LYS A 249 18.71 -26.53 3.90
CA LYS A 249 19.42 -26.30 5.15
C LYS A 249 19.65 -27.55 5.96
N GLN A 250 18.94 -28.64 5.64
CA GLN A 250 18.99 -29.83 6.48
C GLN A 250 20.38 -30.43 6.50
N VAL A 251 21.09 -30.43 5.37
CA VAL A 251 22.43 -31.03 5.36
C VAL A 251 23.43 -30.23 6.20
N THR A 252 23.16 -28.93 6.46
CA THR A 252 24.00 -28.15 7.35
C THR A 252 24.08 -28.80 8.74
N HIS A 253 23.02 -29.48 9.16
CA HIS A 253 23.02 -30.22 10.41
C HIS A 253 21.88 -31.21 10.44
N LEU A 254 22.21 -32.44 10.82
CA LEU A 254 21.23 -33.50 11.00
C LEU A 254 21.40 -34.22 12.33
N GLY A 255 22.40 -33.84 13.13
CA GLY A 255 22.74 -34.44 14.41
C GLY A 255 23.82 -35.48 14.26
N LYS A 256 24.76 -35.24 13.35
CA LYS A 256 25.69 -36.25 12.91
C LYS A 256 26.95 -35.57 12.44
N GLY A 257 28.07 -36.04 12.96
CA GLY A 257 29.36 -35.66 12.45
C GLY A 257 29.65 -34.18 12.62
N THR A 258 30.89 -33.82 12.27
CA THR A 258 31.38 -32.47 12.40
C THR A 258 31.28 -31.78 11.05
N ALA A 259 31.60 -30.51 11.04
CA ALA A 259 31.35 -29.63 9.91
C ALA A 259 32.64 -28.95 9.50
N ILE A 260 33.04 -29.18 8.26
CA ILE A 260 34.19 -28.53 7.67
C ILE A 260 33.69 -27.37 6.83
N LYS A 261 34.41 -26.25 6.89
CA LYS A 261 34.00 -25.04 6.17
C LYS A 261 34.80 -24.95 4.89
N ILE A 262 34.07 -24.89 3.78
CA ILE A 262 34.69 -24.66 2.48
C ILE A 262 34.65 -23.19 2.14
N MET A 263 33.52 -22.56 2.44
CA MET A 263 33.27 -21.18 2.07
C MET A 263 32.50 -20.48 3.17
N ASP A 264 32.76 -19.20 3.32
CA ASP A 264 31.94 -18.30 4.09
C ASP A 264 31.85 -16.98 3.34
N ARG A 265 31.30 -15.97 4.01
CA ARG A 265 31.47 -14.60 3.56
C ARG A 265 32.95 -14.27 3.41
N SER A 266 33.70 -14.45 4.49
CA SER A 266 35.04 -13.91 4.59
C SER A 266 36.10 -14.79 3.97
N VAL A 267 36.08 -16.10 4.26
CA VAL A 267 37.22 -16.96 4.02
C VAL A 267 36.86 -17.99 2.97
N ILE A 268 37.83 -18.33 2.13
CA ILE A 268 37.74 -19.42 1.18
C ILE A 268 38.88 -20.37 1.51
N CYS A 269 38.56 -21.48 2.16
CA CYS A 269 39.59 -22.36 2.68
C CYS A 269 40.40 -22.99 1.57
N HIS A 270 41.71 -23.01 1.77
CA HIS A 270 42.63 -23.63 0.84
C HIS A 270 42.24 -25.09 0.65
N PRO A 271 41.70 -25.49 -0.50
CA PRO A 271 40.93 -26.73 -0.57
C PRO A 271 41.73 -27.99 -0.35
N THR A 272 43.05 -27.93 -0.52
CA THR A 272 43.88 -29.11 -0.24
C THR A 272 43.65 -29.60 1.17
N ILE A 273 43.58 -28.66 2.13
CA ILE A 273 43.27 -29.00 3.51
C ILE A 273 41.95 -29.76 3.57
N VAL A 274 40.92 -29.22 2.90
CA VAL A 274 39.60 -29.83 2.95
C VAL A 274 39.64 -31.26 2.43
N ARG A 275 40.20 -31.47 1.24
CA ARG A 275 40.27 -32.81 0.69
C ARG A 275 41.08 -33.72 1.61
N TRP A 276 42.07 -33.16 2.29
CA TRP A 276 42.87 -33.94 3.21
C TRP A 276 42.06 -34.38 4.41
N LEU A 277 41.34 -33.45 5.02
CA LEU A 277 40.49 -33.82 6.15
C LEU A 277 39.42 -34.80 5.73
N GLU A 278 38.87 -34.61 4.54
CA GLU A 278 37.93 -35.57 3.98
C GLU A 278 38.58 -36.94 3.92
N GLU A 279 39.80 -37.01 3.39
CA GLU A 279 40.54 -38.27 3.37
C GLU A 279 40.75 -38.79 4.78
N LEU A 280 41.05 -37.88 5.72
CA LEU A 280 41.44 -38.31 7.06
C LEU A 280 40.26 -38.95 7.78
N ALA A 281 39.09 -38.32 7.69
CA ALA A 281 37.95 -38.81 8.44
C ALA A 281 37.54 -40.20 7.96
N LYS A 282 37.74 -40.47 6.67
CA LYS A 282 37.40 -41.79 6.15
C LYS A 282 38.39 -42.84 6.64
N LYS A 283 39.65 -42.45 6.84
CA LYS A 283 40.66 -43.44 7.20
C LYS A 283 40.45 -43.94 8.62
N HIS A 284 40.03 -43.06 9.53
CA HIS A 284 39.76 -43.42 10.92
C HIS A 284 38.27 -43.55 11.23
N GLU A 285 37.41 -43.65 10.21
CA GLU A 285 35.98 -43.93 10.40
C GLU A 285 35.29 -42.81 11.16
N ILE A 286 35.75 -41.59 10.98
CA ILE A 286 35.20 -40.42 11.66
C ILE A 286 34.05 -39.88 10.83
N PRO A 287 32.98 -39.38 11.46
CA PRO A 287 31.91 -38.76 10.67
C PRO A 287 32.23 -37.32 10.32
N TYR A 288 31.74 -36.87 9.18
CA TYR A 288 31.99 -35.50 8.73
C TYR A 288 30.90 -35.07 7.77
N GLN A 289 30.61 -33.78 7.81
CA GLN A 289 29.78 -33.12 6.82
C GLN A 289 30.66 -32.14 6.07
N LEU A 290 30.07 -31.53 5.05
CA LEU A 290 30.67 -30.38 4.39
C LEU A 290 29.65 -29.26 4.38
N GLU A 291 29.96 -28.20 5.11
CA GLU A 291 29.03 -27.11 5.34
C GLU A 291 29.57 -25.84 4.70
N ILE A 292 28.66 -25.03 4.19
CA ILE A 292 28.97 -23.71 3.67
C ILE A 292 27.85 -22.78 4.08
N LEU A 293 28.14 -21.49 4.12
CA LEU A 293 27.16 -20.47 4.42
C LEU A 293 27.11 -19.44 3.29
N LEU A 294 26.09 -18.60 3.35
CA LEU A 294 26.05 -17.38 2.57
C LEU A 294 26.56 -16.18 3.36
N GLY A 295 26.60 -16.28 4.69
CA GLY A 295 26.99 -15.17 5.54
C GLY A 295 27.72 -15.65 6.76
N GLY A 296 28.04 -14.70 7.63
CA GLY A 296 28.77 -14.97 8.85
C GLY A 296 30.23 -14.61 8.75
N GLY A 297 30.81 -14.13 9.85
CA GLY A 297 32.21 -13.75 9.89
C GLY A 297 32.94 -14.54 10.96
N THR A 298 33.94 -15.30 10.53
CA THR A 298 34.66 -16.22 11.38
C THR A 298 36.08 -15.74 11.63
N ASP A 299 36.76 -16.45 12.53
CA ASP A 299 38.15 -16.16 12.82
C ASP A 299 39.04 -16.42 11.61
N ALA A 300 38.68 -17.43 10.81
CA ALA A 300 39.54 -17.87 9.72
C ALA A 300 39.84 -16.76 8.74
N GLY A 301 38.85 -15.90 8.49
CA GLY A 301 39.03 -14.82 7.53
C GLY A 301 40.19 -13.92 7.91
N ALA A 302 40.30 -13.60 9.20
CA ALA A 302 41.39 -12.75 9.65
C ALA A 302 42.73 -13.44 9.51
N ILE A 303 42.74 -14.77 9.57
CA ILE A 303 44.00 -15.50 9.48
C ILE A 303 44.56 -15.41 8.07
N HIS A 304 43.68 -15.39 7.07
CA HIS A 304 44.09 -15.43 5.68
C HIS A 304 44.88 -14.21 5.24
N LEU A 305 44.85 -13.14 6.03
CA LEU A 305 45.33 -11.84 5.60
C LEU A 305 46.69 -11.47 6.15
N THR A 306 47.21 -12.25 7.10
CA THR A 306 48.57 -12.05 7.55
C THR A 306 49.55 -12.18 6.39
N LYS A 307 50.73 -11.58 6.57
CA LYS A 307 51.59 -11.26 5.43
C LYS A 307 52.05 -12.47 4.65
N ALA A 308 52.18 -13.63 5.30
CA ALA A 308 52.65 -14.81 4.59
C ALA A 308 51.65 -15.26 3.55
N GLY A 309 50.37 -14.94 3.75
CA GLY A 309 49.34 -15.49 2.91
C GLY A 309 48.97 -16.92 3.25
N VAL A 310 48.42 -17.14 4.44
CA VAL A 310 48.36 -18.47 5.02
C VAL A 310 47.21 -19.27 4.44
N PRO A 311 47.39 -20.57 4.15
CA PRO A 311 46.24 -21.41 3.82
C PRO A 311 45.59 -21.92 5.10
N THR A 312 44.26 -21.96 5.07
CA THR A 312 43.49 -22.21 6.27
C THR A 312 42.31 -23.13 5.99
N GLY A 313 42.14 -24.08 6.89
CA GLY A 313 40.91 -24.85 7.00
C GLY A 313 40.24 -24.52 8.32
N ALA A 314 38.96 -24.86 8.38
CA ALA A 314 38.16 -24.54 9.55
C ALA A 314 37.18 -25.66 9.83
N LEU A 315 37.08 -26.00 11.11
CA LEU A 315 36.13 -26.96 11.62
C LEU A 315 35.01 -26.22 12.32
N SER A 316 33.84 -26.85 12.35
CA SER A 316 32.66 -26.27 12.94
C SER A 316 31.92 -27.35 13.72
N VAL A 317 31.52 -26.99 14.93
CA VAL A 317 30.74 -27.87 15.81
C VAL A 317 29.29 -27.42 15.70
N PRO A 318 28.42 -28.21 15.08
CA PRO A 318 27.22 -27.65 14.47
C PRO A 318 26.07 -27.46 15.46
N ALA A 319 24.90 -27.18 14.88
CA ALA A 319 23.59 -27.33 15.49
C ALA A 319 23.19 -26.22 16.44
N ARG A 320 23.58 -25.01 16.13
CA ARG A 320 23.20 -23.85 16.92
C ARG A 320 21.74 -23.48 16.63
N TYR A 321 21.14 -22.78 17.59
CA TYR A 321 19.94 -21.98 17.38
C TYR A 321 20.33 -20.53 17.56
N ILE A 322 19.46 -19.61 17.14
CA ILE A 322 19.77 -18.20 16.91
C ILE A 322 20.51 -17.67 18.13
N HIS A 323 21.79 -17.33 17.92
CA HIS A 323 22.84 -17.61 18.92
C HIS A 323 22.63 -16.93 20.26
N SER A 324 21.66 -16.05 20.38
CA SER A 324 21.41 -15.37 21.63
C SER A 324 21.10 -16.32 22.77
N ASN A 325 20.04 -17.11 22.65
CA ASN A 325 19.33 -17.58 23.82
C ASN A 325 19.64 -19.02 24.22
N THR A 326 19.45 -19.98 23.32
CA THR A 326 19.82 -21.35 23.58
C THR A 326 20.54 -21.86 22.35
N GLU A 327 21.42 -22.80 22.62
CA GLU A 327 22.56 -23.03 21.76
C GLU A 327 22.85 -24.52 21.66
N VAL A 328 21.83 -25.29 21.31
CA VAL A 328 21.90 -26.75 21.35
C VAL A 328 23.13 -27.28 20.61
N VAL A 329 23.64 -28.43 21.07
CA VAL A 329 24.75 -29.12 20.45
C VAL A 329 24.48 -30.62 20.47
N ASP A 330 25.43 -31.36 19.91
CA ASP A 330 25.40 -32.81 19.84
C ASP A 330 26.67 -33.36 20.45
N GLU A 331 26.51 -34.15 21.51
CA GLU A 331 27.65 -34.77 22.19
C GLU A 331 28.52 -35.56 21.22
N ARG A 332 27.91 -36.13 20.19
CA ARG A 332 28.66 -36.97 19.28
C ARG A 332 29.64 -36.13 18.47
N ASP A 333 29.16 -34.99 17.97
CA ASP A 333 29.96 -34.19 17.05
C ASP A 333 31.19 -33.64 17.73
N VAL A 334 31.00 -33.10 18.94
CA VAL A 334 32.10 -32.41 19.60
C VAL A 334 33.24 -33.38 19.90
N ASP A 335 32.92 -34.61 20.34
CA ASP A 335 33.99 -35.56 20.60
C ASP A 335 34.60 -36.02 19.29
N ALA A 336 33.78 -36.14 18.24
CA ALA A 336 34.32 -36.49 16.94
C ALA A 336 35.23 -35.41 16.42
N THR A 337 34.83 -34.15 16.63
CA THR A 337 35.67 -33.03 16.22
C THR A 337 37.04 -33.12 16.86
N VAL A 338 37.08 -33.44 18.16
CA VAL A 338 38.35 -33.55 18.86
C VAL A 338 39.22 -34.61 18.21
N GLU A 339 38.65 -35.79 17.98
CA GLU A 339 39.39 -36.87 17.36
C GLU A 339 40.00 -36.42 16.03
N LEU A 340 39.20 -35.76 15.22
CA LEU A 340 39.65 -35.35 13.90
C LEU A 340 40.84 -34.42 13.99
N MET A 341 40.72 -33.33 14.74
CA MET A 341 41.82 -32.37 14.86
C MET A 341 43.04 -33.06 15.47
N THR A 342 42.83 -33.92 16.46
CA THR A 342 43.95 -34.57 17.12
C THR A 342 44.80 -35.32 16.13
N LYS A 343 44.16 -36.05 15.23
CA LYS A 343 44.89 -36.83 14.24
C LYS A 343 45.48 -35.92 13.18
N ALA A 344 44.75 -34.88 12.78
CA ALA A 344 45.23 -33.97 11.76
C ALA A 344 46.51 -33.29 12.19
N LEU A 345 46.57 -32.86 13.45
CA LEU A 345 47.76 -32.19 13.94
C LEU A 345 48.99 -33.07 13.81
N GLU A 346 48.88 -34.30 14.30
CA GLU A 346 50.03 -35.20 14.24
C GLU A 346 50.37 -35.53 12.79
N ASN A 347 49.35 -35.72 11.95
CA ASN A 347 49.63 -36.07 10.56
C ASN A 347 49.90 -34.85 9.69
N ILE A 348 49.95 -33.63 10.27
CA ILE A 348 50.21 -32.45 9.45
C ILE A 348 51.60 -32.50 8.85
N HIS A 349 52.52 -33.25 9.47
CA HIS A 349 53.89 -33.24 8.99
C HIS A 349 54.00 -33.82 7.59
N GLU A 350 53.06 -34.70 7.22
CA GLU A 350 53.05 -35.26 5.87
C GLU A 350 52.29 -34.36 4.91
N LEU A 351 51.45 -33.46 5.43
CA LEU A 351 50.58 -32.65 4.59
C LEU A 351 51.36 -31.62 3.78
N LYS A 352 52.50 -31.16 4.29
CA LYS A 352 53.27 -30.02 3.77
C LYS A 352 53.38 -29.94 2.24
N ILE A 353 53.32 -31.06 1.52
CA ILE A 353 53.53 -31.12 0.06
C ILE A 353 55.02 -31.04 -0.21
N MET B 1 -8.19 24.20 -51.81
CA MET B 1 -7.07 24.77 -52.63
C MET B 1 -6.09 23.72 -53.14
N GLU B 2 -6.52 22.90 -54.10
CA GLU B 2 -5.73 21.74 -54.52
C GLU B 2 -4.59 22.27 -55.39
N VAL B 3 -3.54 22.74 -54.72
CA VAL B 3 -2.36 23.25 -55.41
C VAL B 3 -1.70 22.15 -56.23
N ARG B 4 -1.75 20.90 -55.71
CA ARG B 4 -1.14 19.74 -56.35
C ARG B 4 -2.16 18.80 -56.97
N ASN B 5 -3.41 18.80 -56.49
CA ASN B 5 -4.45 17.85 -56.89
C ASN B 5 -4.04 16.41 -56.59
N MET B 6 -3.23 16.21 -55.54
CA MET B 6 -2.79 14.86 -55.20
C MET B 6 -3.87 14.12 -54.42
N VAL B 7 -4.58 14.81 -53.53
CA VAL B 7 -5.62 14.23 -52.70
C VAL B 7 -6.84 15.12 -52.81
N ASP B 8 -7.93 14.56 -53.33
CA ASP B 8 -9.13 15.36 -53.58
C ASP B 8 -9.88 15.64 -52.30
N TYR B 9 -9.88 16.91 -51.90
CA TYR B 9 -10.51 17.32 -50.65
C TYR B 9 -12.01 17.06 -50.65
N GLU B 10 -12.64 17.15 -51.82
CA GLU B 10 -14.07 16.89 -51.90
C GLU B 10 -14.37 15.42 -51.64
N LEU B 11 -13.60 14.52 -52.26
CA LEU B 11 -13.92 13.10 -52.21
C LEU B 11 -13.83 12.57 -50.80
N LEU B 12 -12.80 12.97 -50.07
CA LEU B 12 -12.61 12.48 -48.71
C LEU B 12 -13.77 12.88 -47.81
N LYS B 13 -14.39 14.02 -48.10
CA LYS B 13 -15.51 14.47 -47.30
C LYS B 13 -16.65 13.46 -47.35
N LYS B 14 -16.97 12.98 -48.55
CA LYS B 14 -18.13 12.10 -48.74
C LYS B 14 -17.99 10.84 -47.90
N VAL B 15 -16.80 10.24 -47.88
CA VAL B 15 -16.65 8.92 -47.28
C VAL B 15 -16.62 9.05 -45.76
N VAL B 16 -15.92 10.06 -45.24
CA VAL B 16 -15.55 10.01 -43.83
C VAL B 16 -16.66 10.53 -42.95
N GLU B 17 -17.43 11.50 -43.44
CA GLU B 17 -18.58 11.97 -42.67
C GLU B 17 -19.62 10.88 -42.52
N ALA B 18 -19.65 9.93 -43.45
CA ALA B 18 -20.68 8.91 -43.43
C ALA B 18 -20.49 8.01 -42.21
N PRO B 19 -21.52 7.29 -41.80
CA PRO B 19 -21.43 6.54 -40.54
C PRO B 19 -20.78 5.18 -40.72
N GLY B 20 -20.04 4.78 -39.71
CA GLY B 20 -19.02 3.76 -39.85
C GLY B 20 -19.33 2.39 -39.27
N VAL B 21 -20.58 1.97 -39.41
CA VAL B 21 -20.88 0.55 -39.30
C VAL B 21 -22.05 0.27 -40.24
N SER B 22 -21.83 -0.60 -41.21
CA SER B 22 -22.75 -0.73 -42.33
C SER B 22 -23.74 -1.85 -42.08
N GLY B 23 -24.75 -1.93 -42.96
CA GLY B 23 -25.82 -2.90 -42.83
C GLY B 23 -26.92 -2.48 -41.90
N TYR B 24 -26.59 -1.74 -40.85
CA TYR B 24 -27.56 -1.12 -39.95
C TYR B 24 -28.40 -0.12 -40.72
N GLU B 25 -29.30 0.52 -40.00
CA GLU B 25 -30.02 1.67 -40.54
C GLU B 25 -29.10 2.79 -41.02
N PHE B 26 -27.80 2.79 -40.68
CA PHE B 26 -26.89 3.84 -41.14
C PHE B 26 -26.25 3.52 -42.49
N LEU B 27 -26.67 2.49 -43.21
CA LEU B 27 -25.79 1.82 -44.17
C LEU B 27 -25.35 2.68 -45.37
N GLY B 28 -25.58 4.00 -45.36
CA GLY B 28 -25.33 4.84 -46.52
C GLY B 28 -23.94 4.74 -47.13
N ILE B 29 -22.92 4.40 -46.32
CA ILE B 29 -21.56 4.31 -46.85
C ILE B 29 -21.48 3.30 -47.97
N ARG B 30 -22.24 2.22 -47.87
CA ARG B 30 -22.27 1.20 -48.92
C ARG B 30 -22.60 1.83 -50.25
N ASP B 31 -23.69 2.59 -50.29
CA ASP B 31 -24.08 3.31 -51.50
C ASP B 31 -22.96 4.20 -51.99
N VAL B 32 -22.29 4.89 -51.04
CA VAL B 32 -21.28 5.86 -51.42
C VAL B 32 -20.13 5.19 -52.16
N VAL B 33 -19.61 4.10 -51.59
CA VAL B 33 -18.45 3.47 -52.19
C VAL B 33 -18.80 2.92 -53.56
N ILE B 34 -20.00 2.34 -53.71
CA ILE B 34 -20.36 1.83 -55.02
C ILE B 34 -20.74 2.95 -55.97
N GLU B 35 -21.27 4.07 -55.44
CA GLU B 35 -21.65 5.19 -56.30
C GLU B 35 -20.43 5.76 -57.02
N GLU B 36 -19.26 5.68 -56.39
CA GLU B 36 -18.02 6.15 -56.98
C GLU B 36 -17.36 5.07 -57.83
N ILE B 37 -17.08 3.92 -57.22
CA ILE B 37 -16.17 2.95 -57.82
C ILE B 37 -16.72 2.40 -59.13
N LYS B 38 -18.04 2.35 -59.28
CA LYS B 38 -18.62 1.51 -60.32
C LYS B 38 -18.36 2.05 -61.71
N ASP B 39 -18.15 3.35 -61.86
CA ASP B 39 -17.95 3.90 -63.19
C ASP B 39 -16.61 3.47 -63.77
N TYR B 40 -15.64 3.13 -62.92
CA TYR B 40 -14.29 2.79 -63.35
C TYR B 40 -14.02 1.30 -63.37
N VAL B 41 -14.94 0.47 -62.87
CA VAL B 41 -14.75 -0.96 -62.76
C VAL B 41 -15.82 -1.67 -63.59
N ASP B 42 -15.47 -2.86 -64.06
CA ASP B 42 -16.37 -3.60 -64.94
C ASP B 42 -17.65 -4.01 -64.23
N GLU B 43 -17.53 -4.48 -63.00
CA GLU B 43 -18.69 -5.02 -62.30
C GLU B 43 -18.42 -4.96 -60.80
N VAL B 44 -19.51 -4.98 -60.04
CA VAL B 44 -19.45 -4.81 -58.60
C VAL B 44 -20.60 -5.60 -57.98
N LYS B 45 -20.37 -6.13 -56.77
CA LYS B 45 -21.37 -6.93 -56.09
C LYS B 45 -21.26 -6.76 -54.59
N VAL B 46 -22.34 -7.09 -53.91
CA VAL B 46 -22.45 -7.00 -52.46
C VAL B 46 -22.68 -8.41 -51.94
N ASP B 47 -21.87 -8.81 -50.96
CA ASP B 47 -22.05 -10.11 -50.36
C ASP B 47 -23.17 -10.03 -49.33
N LYS B 48 -23.39 -11.15 -48.62
CA LYS B 48 -24.49 -11.19 -47.67
C LYS B 48 -24.16 -10.39 -46.42
N LEU B 49 -22.89 -10.40 -46.03
CA LEU B 49 -22.44 -9.86 -44.76
C LEU B 49 -22.17 -8.37 -44.80
N GLY B 50 -22.58 -7.67 -45.86
CA GLY B 50 -22.29 -6.25 -45.99
C GLY B 50 -20.97 -5.94 -46.66
N ASN B 51 -20.15 -6.95 -46.95
CA ASN B 51 -18.95 -6.73 -47.72
C ASN B 51 -19.30 -6.23 -49.11
N VAL B 52 -18.38 -5.46 -49.68
CA VAL B 52 -18.50 -4.94 -51.04
C VAL B 52 -17.43 -5.61 -51.87
N ILE B 53 -17.78 -5.96 -53.10
CA ILE B 53 -16.91 -6.72 -53.99
C ILE B 53 -16.89 -5.99 -55.31
N ALA B 54 -15.71 -5.50 -55.70
CA ALA B 54 -15.51 -4.87 -57.00
C ALA B 54 -14.50 -5.67 -57.79
N HIS B 55 -14.93 -6.17 -58.94
CA HIS B 55 -14.16 -7.07 -59.77
C HIS B 55 -13.82 -6.38 -61.07
N LYS B 56 -12.61 -5.87 -61.16
CA LYS B 56 -12.02 -5.49 -62.44
C LYS B 56 -11.51 -6.78 -63.07
N LYS B 57 -11.59 -6.86 -64.39
CA LYS B 57 -11.23 -8.06 -65.12
C LYS B 57 -9.90 -7.85 -65.82
N GLY B 58 -9.20 -8.96 -66.06
CA GLY B 58 -7.91 -8.87 -66.73
C GLY B 58 -7.37 -10.25 -67.02
N GLU B 59 -6.05 -10.29 -67.27
CA GLU B 59 -5.31 -11.51 -67.55
C GLU B 59 -4.20 -11.66 -66.52
N GLY B 60 -4.38 -12.57 -65.57
CA GLY B 60 -3.37 -12.79 -64.56
C GLY B 60 -3.90 -13.40 -63.27
N PRO B 61 -3.08 -13.40 -62.23
CA PRO B 61 -3.52 -13.95 -60.95
C PRO B 61 -4.56 -13.07 -60.28
N LYS B 62 -5.22 -13.64 -59.28
CA LYS B 62 -6.29 -12.96 -58.57
C LYS B 62 -5.71 -12.24 -57.36
N VAL B 63 -5.72 -10.92 -57.41
CA VAL B 63 -5.20 -10.08 -56.34
C VAL B 63 -6.37 -9.50 -55.55
N MET B 64 -6.22 -9.49 -54.24
CA MET B 64 -7.26 -9.07 -53.30
C MET B 64 -6.75 -7.87 -52.52
N ILE B 65 -7.50 -6.77 -52.57
CA ILE B 65 -7.13 -5.51 -51.94
C ILE B 65 -8.15 -5.20 -50.86
N ALA B 66 -7.71 -5.21 -49.61
CA ALA B 66 -8.61 -5.18 -48.47
C ALA B 66 -8.44 -3.90 -47.67
N ALA B 67 -9.54 -3.19 -47.49
CA ALA B 67 -9.64 -2.09 -46.55
C ALA B 67 -10.85 -2.30 -45.68
N HIS B 68 -10.82 -1.72 -44.48
CA HIS B 68 -11.93 -1.80 -43.56
C HIS B 68 -12.68 -0.48 -43.51
N MET B 69 -14.00 -0.58 -43.32
CA MET B 69 -14.89 0.57 -43.28
C MET B 69 -15.75 0.52 -42.02
N ASP B 70 -15.29 -0.22 -41.01
CA ASP B 70 -16.00 -0.31 -39.75
C ASP B 70 -15.45 0.63 -38.70
N GLN B 71 -15.63 1.93 -38.90
CA GLN B 71 -15.16 2.95 -37.96
C GLN B 71 -15.78 2.65 -36.60
N ILE B 72 -15.02 2.92 -35.55
CA ILE B 72 -15.42 2.66 -34.17
C ILE B 72 -16.70 3.44 -33.88
N GLY B 73 -17.52 2.88 -32.99
CA GLY B 73 -18.69 3.57 -32.52
C GLY B 73 -19.11 3.03 -31.16
N LEU B 74 -20.23 3.54 -30.68
CA LEU B 74 -20.79 3.12 -29.41
C LEU B 74 -22.23 2.66 -29.60
N MET B 75 -22.71 1.90 -28.63
CA MET B 75 -24.01 1.26 -28.66
C MET B 75 -24.79 1.60 -27.39
N VAL B 76 -26.02 2.02 -27.55
CA VAL B 76 -26.94 2.13 -26.43
C VAL B 76 -27.38 0.75 -26.02
N THR B 77 -27.42 0.50 -24.71
CA THR B 77 -27.87 -0.78 -24.16
C THR B 77 -29.15 -0.66 -23.37
N HIS B 78 -29.41 0.47 -22.75
CA HIS B 78 -30.64 0.67 -21.99
C HIS B 78 -30.87 2.16 -21.82
N ILE B 79 -32.01 2.50 -21.25
CA ILE B 79 -32.45 3.87 -21.07
C ILE B 79 -32.80 4.08 -19.60
N GLU B 80 -31.97 4.84 -18.90
CA GLU B 80 -32.29 5.22 -17.54
C GLU B 80 -33.56 6.06 -17.52
N LYS B 81 -34.11 6.23 -16.32
CA LYS B 81 -35.45 6.81 -16.22
C LYS B 81 -35.44 8.31 -16.47
N ASN B 82 -34.34 9.00 -16.20
CA ASN B 82 -34.28 10.45 -16.37
C ASN B 82 -34.11 10.88 -17.82
N GLY B 83 -34.21 9.96 -18.77
CA GLY B 83 -34.01 10.29 -20.16
C GLY B 83 -32.58 10.37 -20.61
N PHE B 84 -31.64 9.87 -19.80
CA PHE B 84 -30.22 9.87 -20.15
C PHE B 84 -29.77 8.45 -20.46
N LEU B 85 -28.85 8.35 -21.41
CA LEU B 85 -28.41 7.08 -21.96
C LEU B 85 -27.15 6.55 -21.30
N ARG B 86 -27.09 5.25 -21.12
CA ARG B 86 -25.86 4.51 -20.93
C ARG B 86 -25.45 3.93 -22.27
N VAL B 87 -24.27 3.33 -22.31
CA VAL B 87 -23.68 2.90 -23.57
C VAL B 87 -22.80 1.68 -23.32
N ALA B 88 -22.47 1.00 -24.41
CA ALA B 88 -21.51 -0.08 -24.42
C ALA B 88 -20.63 0.03 -25.66
N PRO B 89 -19.31 -0.01 -25.51
CA PRO B 89 -18.46 0.29 -26.66
C PRO B 89 -18.33 -0.89 -27.60
N ILE B 90 -17.92 -0.53 -28.82
CA ILE B 90 -17.44 -1.48 -29.81
C ILE B 90 -15.93 -1.62 -29.60
N GLY B 91 -15.42 -2.79 -29.92
CA GLY B 91 -14.07 -3.18 -29.57
C GLY B 91 -13.04 -2.23 -30.15
N GLY B 92 -12.01 -1.97 -29.35
CA GLY B 92 -10.89 -1.15 -29.76
C GLY B 92 -10.82 0.20 -29.10
N VAL B 93 -11.94 0.75 -28.63
CA VAL B 93 -12.01 2.13 -28.19
C VAL B 93 -11.42 2.24 -26.80
N ASP B 94 -10.89 3.42 -26.49
CA ASP B 94 -10.40 3.76 -25.17
C ASP B 94 -11.34 4.77 -24.54
N PRO B 95 -11.80 4.60 -23.31
CA PRO B 95 -12.87 5.47 -22.80
C PRO B 95 -12.40 6.82 -22.31
N LYS B 96 -11.10 7.06 -22.21
CA LYS B 96 -10.61 8.40 -21.84
C LYS B 96 -10.98 9.44 -22.88
N THR B 97 -11.37 9.00 -24.08
CA THR B 97 -11.78 9.87 -25.15
C THR B 97 -13.26 10.17 -25.14
N LEU B 98 -13.84 10.29 -23.94
CA LEU B 98 -15.27 10.44 -23.72
C LEU B 98 -15.93 11.40 -24.68
N ILE B 99 -15.61 12.68 -24.60
CA ILE B 99 -16.08 13.69 -25.53
C ILE B 99 -15.39 15.01 -25.25
N ALA B 100 -15.32 15.83 -26.29
CA ALA B 100 -15.15 17.27 -26.18
C ALA B 100 -16.27 18.02 -26.87
N GLN B 101 -16.99 17.35 -27.77
CA GLN B 101 -18.13 17.92 -28.45
C GLN B 101 -18.87 16.82 -29.18
N ARG B 102 -20.19 16.92 -29.17
CA ARG B 102 -21.05 16.41 -30.24
C ARG B 102 -20.87 14.93 -30.56
N PHE B 103 -21.37 14.02 -29.73
CA PHE B 103 -21.60 12.65 -30.18
C PHE B 103 -22.90 12.59 -30.97
N LYS B 104 -22.86 11.92 -32.11
CA LYS B 104 -23.97 11.87 -33.05
C LYS B 104 -24.69 10.54 -32.91
N VAL B 105 -26.02 10.58 -32.99
CA VAL B 105 -26.88 9.41 -32.87
C VAL B 105 -27.63 9.22 -34.19
N TRP B 106 -27.28 8.17 -34.91
CA TRP B 106 -27.93 7.86 -36.18
C TRP B 106 -29.15 6.97 -35.96
N ILE B 107 -30.28 7.58 -35.61
CA ILE B 107 -31.54 6.85 -35.57
C ILE B 107 -31.77 6.11 -36.87
N ASP B 108 -31.72 6.84 -37.98
CA ASP B 108 -31.88 6.23 -39.29
C ASP B 108 -31.14 7.07 -40.31
N LYS B 109 -31.16 6.60 -41.55
CA LYS B 109 -30.46 7.26 -42.64
C LYS B 109 -30.95 8.68 -42.81
N GLY B 110 -30.02 9.64 -42.80
CA GLY B 110 -30.36 11.03 -42.94
C GLY B 110 -31.04 11.66 -41.74
N LYS B 111 -31.07 10.98 -40.61
CA LYS B 111 -31.66 11.52 -39.38
C LYS B 111 -30.66 11.35 -38.25
N PHE B 112 -30.17 12.48 -37.74
CA PHE B 112 -29.17 12.49 -36.69
C PHE B 112 -29.51 13.57 -35.68
N ILE B 113 -29.28 13.27 -34.42
CA ILE B 113 -29.39 14.24 -33.34
C ILE B 113 -28.13 14.19 -32.50
N TYR B 114 -27.71 15.35 -32.06
CA TYR B 114 -26.43 15.49 -31.39
C TYR B 114 -26.56 15.05 -29.94
N GLY B 115 -25.46 14.53 -29.40
CA GLY B 115 -25.45 14.01 -28.06
C GLY B 115 -24.10 14.20 -27.43
N VAL B 116 -24.08 14.20 -26.10
CA VAL B 116 -22.88 14.43 -25.32
C VAL B 116 -22.75 13.30 -24.31
N GLY B 117 -21.51 13.04 -23.91
CA GLY B 117 -21.17 11.86 -23.15
C GLY B 117 -20.12 12.07 -22.09
N ALA B 118 -20.10 13.24 -21.47
CA ALA B 118 -18.87 13.69 -20.83
C ALA B 118 -18.45 12.86 -19.63
N SER B 119 -19.32 12.56 -18.69
CA SER B 119 -18.90 12.25 -17.33
C SER B 119 -19.74 11.17 -16.68
N VAL B 120 -19.08 10.09 -16.28
CA VAL B 120 -19.63 9.18 -15.27
C VAL B 120 -19.17 9.83 -13.97
N PRO B 121 -20.00 9.94 -12.94
CA PRO B 121 -19.54 10.60 -11.72
C PRO B 121 -18.48 9.74 -11.02
N PRO B 122 -17.29 10.27 -10.76
CA PRO B 122 -16.29 9.47 -10.05
C PRO B 122 -16.77 9.13 -8.65
N HIS B 123 -16.33 7.99 -8.16
CA HIS B 123 -16.73 7.53 -6.84
C HIS B 123 -16.24 8.50 -5.78
N ILE B 124 -16.79 8.36 -4.58
CA ILE B 124 -16.51 9.27 -3.47
C ILE B 124 -15.31 8.72 -2.71
N GLN B 125 -14.11 9.17 -3.09
CA GLN B 125 -12.92 8.89 -2.30
C GLN B 125 -11.77 9.80 -2.72
N LYS B 126 -10.78 9.93 -1.84
CA LYS B 126 -9.70 10.91 -1.96
C LYS B 126 -8.60 10.47 -2.93
N PRO B 127 -8.13 9.19 -2.92
CA PRO B 127 -7.23 8.77 -4.00
C PRO B 127 -7.94 8.77 -5.34
N GLU B 128 -9.27 8.62 -5.34
CA GLU B 128 -10.03 8.55 -6.58
C GLU B 128 -10.36 9.94 -7.12
N ASP B 129 -10.41 10.95 -6.25
CA ASP B 129 -10.46 12.33 -6.74
C ASP B 129 -9.23 12.63 -7.59
N ARG B 130 -8.11 12.00 -7.24
CA ARG B 130 -6.92 12.08 -8.08
C ARG B 130 -7.04 11.22 -9.34
N LYS B 131 -7.67 10.04 -9.23
CA LYS B 131 -7.93 9.24 -10.42
C LYS B 131 -9.11 9.80 -11.17
N LYS B 132 -8.84 10.71 -12.10
CA LYS B 132 -9.90 11.23 -12.94
C LYS B 132 -10.14 10.37 -14.17
N ALA B 133 -9.61 9.15 -14.19
CA ALA B 133 -9.94 8.22 -15.25
C ALA B 133 -11.38 7.77 -15.08
N PRO B 134 -12.14 7.57 -16.14
CA PRO B 134 -13.50 7.08 -15.96
C PRO B 134 -13.54 5.66 -15.46
N ASP B 135 -14.64 5.36 -14.78
CA ASP B 135 -14.87 4.02 -14.28
C ASP B 135 -15.05 3.09 -15.48
N TRP B 136 -14.73 1.81 -15.28
CA TRP B 136 -14.77 0.85 -16.38
C TRP B 136 -16.18 0.40 -16.70
N ASP B 137 -17.17 0.70 -15.84
CA ASP B 137 -18.52 0.22 -16.05
C ASP B 137 -19.06 0.61 -17.42
N GLN B 138 -19.25 1.90 -17.67
CA GLN B 138 -18.84 2.62 -18.86
C GLN B 138 -19.45 4.02 -18.66
N ILE B 139 -19.15 4.96 -19.53
CA ILE B 139 -19.63 6.33 -19.46
C ILE B 139 -21.10 6.35 -19.89
N PHE B 140 -21.76 7.49 -19.64
CA PHE B 140 -23.14 7.72 -20.03
C PHE B 140 -23.22 8.83 -21.06
N ILE B 141 -24.35 8.88 -21.76
CA ILE B 141 -24.61 9.83 -22.83
C ILE B 141 -25.89 10.58 -22.51
N ASP B 142 -25.93 11.85 -22.94
CA ASP B 142 -27.10 12.70 -22.82
C ASP B 142 -27.57 13.12 -24.20
N ILE B 143 -28.88 13.03 -24.42
CA ILE B 143 -29.53 13.66 -25.57
C ILE B 143 -30.57 14.69 -25.15
N GLY B 144 -30.65 15.00 -23.86
CA GLY B 144 -31.48 16.07 -23.38
C GLY B 144 -32.92 15.69 -23.09
N ALA B 145 -33.32 14.48 -23.42
CA ALA B 145 -34.67 14.06 -23.08
C ALA B 145 -34.82 13.90 -21.58
N GLU B 146 -36.00 14.24 -21.08
CA GLU B 146 -36.28 14.15 -19.65
C GLU B 146 -36.70 12.75 -19.22
N SER B 147 -37.18 11.91 -20.12
CA SER B 147 -37.73 10.62 -19.74
C SER B 147 -37.54 9.60 -20.85
N LYS B 148 -37.68 8.34 -20.44
CA LYS B 148 -37.60 7.22 -21.35
C LYS B 148 -38.63 7.34 -22.47
N GLU B 149 -39.85 7.76 -22.12
CA GLU B 149 -40.90 7.89 -23.11
C GLU B 149 -40.52 8.89 -24.19
N GLU B 150 -40.01 10.05 -23.78
CA GLU B 150 -39.61 11.06 -24.75
C GLU B 150 -38.51 10.54 -25.66
N ALA B 151 -37.62 9.72 -25.12
CA ALA B 151 -36.48 9.25 -25.89
C ALA B 151 -36.93 8.33 -27.01
N GLU B 152 -37.88 7.45 -26.73
CA GLU B 152 -38.33 6.51 -27.76
C GLU B 152 -39.20 7.21 -28.79
N ASP B 153 -39.81 8.33 -28.42
CA ASP B 153 -40.61 9.08 -29.39
C ASP B 153 -39.72 9.75 -30.42
N MET B 154 -38.50 10.11 -30.02
CA MET B 154 -37.51 10.58 -30.98
C MET B 154 -37.19 9.52 -32.02
N GLY B 155 -37.08 8.27 -31.59
CA GLY B 155 -36.63 7.19 -32.43
C GLY B 155 -35.51 6.37 -31.85
N VAL B 156 -34.92 6.80 -30.74
CA VAL B 156 -33.86 6.04 -30.10
C VAL B 156 -34.43 4.71 -29.63
N LYS B 157 -33.70 3.65 -29.91
CA LYS B 157 -34.03 2.32 -29.45
C LYS B 157 -32.74 1.62 -29.10
N ILE B 158 -32.86 0.40 -28.56
CA ILE B 158 -31.67 -0.37 -28.32
C ILE B 158 -31.11 -0.81 -29.66
N GLY B 159 -29.80 -0.91 -29.73
CA GLY B 159 -29.12 -1.24 -30.96
C GLY B 159 -27.77 -0.59 -30.96
N THR B 160 -26.94 -0.98 -31.92
CA THR B 160 -25.74 -0.23 -32.25
C THR B 160 -26.16 0.97 -33.09
N VAL B 161 -26.00 2.18 -32.56
CA VAL B 161 -26.64 3.35 -33.18
C VAL B 161 -25.69 4.55 -33.35
N ILE B 162 -24.59 4.60 -32.61
CA ILE B 162 -23.88 5.87 -32.36
C ILE B 162 -22.51 5.89 -33.05
N THR B 163 -22.02 7.10 -33.32
CA THR B 163 -20.67 7.34 -33.82
C THR B 163 -20.12 8.66 -33.25
N TRP B 164 -19.02 9.13 -33.84
CA TRP B 164 -18.16 10.10 -33.16
C TRP B 164 -18.39 11.53 -33.62
N ASP B 165 -19.01 11.73 -34.78
CA ASP B 165 -19.22 13.07 -35.33
C ASP B 165 -17.91 13.77 -35.65
N GLY B 166 -17.14 13.20 -36.57
CA GLY B 166 -15.97 13.88 -37.06
C GLY B 166 -16.32 14.75 -38.23
N ARG B 167 -15.46 15.73 -38.47
CA ARG B 167 -15.52 16.55 -39.66
C ARG B 167 -14.10 16.83 -40.09
N LEU B 168 -13.93 16.96 -41.39
CA LEU B 168 -12.61 16.96 -41.98
C LEU B 168 -12.11 18.39 -42.16
N GLU B 169 -11.03 18.72 -41.48
CA GLU B 169 -10.40 20.04 -41.58
C GLU B 169 -8.92 19.88 -41.86
N ARG B 170 -8.35 20.96 -42.38
CA ARG B 170 -6.98 21.00 -42.86
C ARG B 170 -6.11 21.68 -41.83
N LEU B 171 -5.14 20.97 -41.27
CA LEU B 171 -4.09 21.56 -40.47
C LEU B 171 -2.76 21.45 -41.20
N GLY B 172 -1.88 22.41 -40.91
CA GLY B 172 -0.66 22.54 -41.67
C GLY B 172 -0.99 22.72 -43.14
N LYS B 173 -1.58 23.87 -43.48
CA LYS B 173 -2.08 24.13 -44.83
C LYS B 173 -1.01 23.88 -45.89
N HIS B 174 0.27 23.91 -45.53
CA HIS B 174 1.26 23.23 -46.34
C HIS B 174 0.88 21.77 -46.57
N ARG B 175 0.80 20.96 -45.51
CA ARG B 175 0.29 19.60 -45.65
C ARG B 175 0.04 18.93 -44.31
N PHE B 176 -1.21 18.50 -44.09
CA PHE B 176 -1.66 17.46 -43.16
C PHE B 176 -3.18 17.45 -43.23
N VAL B 177 -3.85 16.45 -42.64
CA VAL B 177 -5.30 16.39 -42.61
C VAL B 177 -5.73 15.77 -41.27
N SER B 178 -6.87 16.24 -40.74
CA SER B 178 -7.24 15.98 -39.35
C SER B 178 -7.82 14.60 -39.05
N ILE B 179 -8.98 14.24 -39.62
CA ILE B 179 -9.71 13.03 -39.23
C ILE B 179 -9.82 12.05 -40.40
N ALA B 180 -8.94 12.15 -41.40
CA ALA B 180 -9.12 11.41 -42.63
C ALA B 180 -8.68 9.95 -42.56
N PHE B 181 -8.16 9.50 -41.41
CA PHE B 181 -7.39 8.26 -41.38
C PHE B 181 -8.29 7.04 -41.27
N ASP B 182 -8.98 6.89 -40.13
CA ASP B 182 -9.35 5.56 -39.70
C ASP B 182 -10.58 5.09 -40.44
N ASP B 183 -10.45 3.89 -41.01
CA ASP B 183 -11.51 3.15 -41.69
C ASP B 183 -11.93 3.79 -43.02
N ARG B 184 -11.42 4.96 -43.34
CA ARG B 184 -11.35 5.41 -44.71
C ARG B 184 -10.22 6.41 -44.91
N ILE B 185 -9.05 5.86 -45.11
CA ILE B 185 -8.01 6.48 -45.91
C ILE B 185 -7.64 5.42 -46.94
N ALA B 186 -7.56 4.17 -46.48
CA ALA B 186 -7.36 3.02 -47.35
C ALA B 186 -8.34 3.03 -48.51
N VAL B 187 -9.62 3.35 -48.26
CA VAL B 187 -10.58 3.33 -49.34
C VAL B 187 -10.26 4.41 -50.36
N TYR B 188 -9.77 5.56 -49.89
CA TYR B 188 -9.40 6.60 -50.83
C TYR B 188 -8.26 6.15 -51.71
N THR B 189 -7.30 5.41 -51.14
CA THR B 189 -6.27 4.79 -51.97
C THR B 189 -6.89 3.87 -52.99
N ILE B 190 -7.78 2.99 -52.53
CA ILE B 190 -8.48 2.07 -53.42
C ILE B 190 -9.17 2.83 -54.53
N LEU B 191 -9.95 3.84 -54.18
CA LEU B 191 -10.68 4.60 -55.19
C LEU B 191 -9.71 5.31 -56.12
N GLU B 192 -8.67 5.92 -55.56
CA GLU B 192 -7.67 6.58 -56.40
C GLU B 192 -6.96 5.56 -57.27
N VAL B 193 -6.73 4.36 -56.72
CA VAL B 193 -6.09 3.30 -57.49
C VAL B 193 -6.95 2.95 -58.70
N ALA B 194 -8.26 2.82 -58.50
CA ALA B 194 -9.13 2.43 -59.59
C ALA B 194 -9.14 3.46 -60.70
N LYS B 195 -9.01 4.74 -60.34
CA LYS B 195 -8.92 5.78 -61.36
C LYS B 195 -7.58 5.70 -62.08
N GLN B 196 -6.51 5.41 -61.35
CA GLN B 196 -5.17 5.42 -61.90
C GLN B 196 -4.85 4.16 -62.67
N LEU B 197 -5.51 3.04 -62.35
CA LEU B 197 -5.28 1.79 -63.03
C LEU B 197 -6.05 1.79 -64.35
N LYS B 198 -5.33 1.59 -65.46
CA LYS B 198 -5.95 1.49 -66.78
C LYS B 198 -5.79 0.08 -67.32
N ASP B 199 -4.54 -0.38 -67.42
CA ASP B 199 -4.23 -1.64 -68.07
C ASP B 199 -4.08 -2.74 -67.02
N ALA B 200 -5.08 -3.60 -66.93
CA ALA B 200 -5.15 -4.62 -65.91
C ALA B 200 -4.23 -5.79 -66.28
N LYS B 201 -2.98 -5.72 -65.81
CA LYS B 201 -2.05 -6.82 -66.06
C LYS B 201 -2.35 -8.00 -65.14
N ALA B 202 -3.14 -7.79 -64.10
CA ALA B 202 -3.62 -8.87 -63.25
C ALA B 202 -5.03 -8.56 -62.81
N ASP B 203 -5.85 -9.60 -62.75
CA ASP B 203 -7.26 -9.40 -62.46
C ASP B 203 -7.42 -9.19 -60.96
N VAL B 204 -7.81 -7.98 -60.59
CA VAL B 204 -7.83 -7.55 -59.20
C VAL B 204 -9.26 -7.59 -58.70
N TYR B 205 -9.41 -7.80 -57.40
CA TYR B 205 -10.69 -7.73 -56.73
C TYR B 205 -10.58 -6.81 -55.53
N PHE B 206 -11.15 -5.61 -55.62
CA PHE B 206 -11.17 -4.67 -54.53
C PHE B 206 -12.31 -5.02 -53.60
N VAL B 207 -12.00 -5.20 -52.33
CA VAL B 207 -13.01 -5.43 -51.29
C VAL B 207 -12.90 -4.33 -50.25
N ALA B 208 -14.03 -4.01 -49.63
CA ALA B 208 -14.09 -3.12 -48.49
C ALA B 208 -14.87 -3.83 -47.41
N THR B 209 -14.15 -4.41 -46.46
CA THR B 209 -14.73 -5.37 -45.54
C THR B 209 -15.35 -4.65 -44.34
N VAL B 210 -16.24 -5.38 -43.68
CA VAL B 210 -16.94 -4.91 -42.50
C VAL B 210 -16.58 -5.81 -41.33
N GLN B 211 -16.92 -5.34 -40.14
CA GLN B 211 -16.65 -6.06 -38.91
C GLN B 211 -15.16 -6.37 -38.76
N GLU B 212 -14.31 -5.42 -39.14
CA GLU B 212 -12.88 -5.59 -38.95
C GLU B 212 -12.49 -5.35 -37.50
N GLU B 213 -12.94 -4.24 -36.94
CA GLU B 213 -12.49 -3.87 -35.60
C GLU B 213 -13.04 -4.82 -34.55
N VAL B 214 -14.11 -5.55 -34.87
CA VAL B 214 -14.64 -6.59 -34.01
C VAL B 214 -14.86 -7.84 -34.84
N GLY B 215 -14.21 -8.93 -34.46
CA GLY B 215 -14.28 -10.12 -35.28
C GLY B 215 -13.63 -9.91 -36.63
N LEU B 216 -12.33 -9.60 -36.64
CA LEU B 216 -11.56 -9.34 -37.86
C LEU B 216 -11.79 -10.37 -38.94
N ARG B 217 -12.17 -11.60 -38.56
CA ARG B 217 -12.55 -12.62 -39.54
C ARG B 217 -13.80 -12.22 -40.34
N GLY B 218 -14.43 -11.09 -40.02
CA GLY B 218 -15.44 -10.55 -40.91
C GLY B 218 -14.95 -10.44 -42.34
N ALA B 219 -13.69 -10.02 -42.51
CA ALA B 219 -13.09 -9.89 -43.83
C ALA B 219 -12.96 -11.25 -44.51
N ARG B 220 -12.63 -12.28 -43.71
CA ARG B 220 -12.36 -13.61 -44.25
C ARG B 220 -13.48 -14.10 -45.14
N THR B 221 -14.72 -13.79 -44.80
CA THR B 221 -15.85 -14.35 -45.54
C THR B 221 -15.77 -13.99 -47.00
N SER B 222 -15.49 -12.72 -47.28
CA SER B 222 -15.29 -12.29 -48.67
C SER B 222 -14.17 -13.06 -49.32
N ALA B 223 -13.12 -13.39 -48.56
CA ALA B 223 -11.89 -13.91 -49.14
C ALA B 223 -12.14 -15.14 -50.01
N PHE B 224 -12.87 -16.13 -49.51
CA PHE B 224 -12.88 -17.43 -50.16
C PHE B 224 -13.49 -17.36 -51.55
N GLY B 225 -14.46 -16.49 -51.75
CA GLY B 225 -15.06 -16.40 -53.06
C GLY B 225 -14.12 -15.76 -54.06
N ILE B 226 -13.08 -15.09 -53.57
CA ILE B 226 -12.39 -14.07 -54.35
C ILE B 226 -10.88 -14.33 -54.41
N GLU B 227 -10.28 -14.64 -53.27
CA GLU B 227 -8.84 -14.47 -53.04
C GLU B 227 -7.87 -15.16 -54.00
N PRO B 228 -8.07 -16.44 -54.33
CA PRO B 228 -6.94 -17.39 -54.34
C PRO B 228 -5.65 -16.89 -54.97
N ASP B 229 -4.54 -17.32 -54.37
CA ASP B 229 -3.19 -17.30 -54.95
C ASP B 229 -2.46 -15.98 -54.75
N TYR B 230 -3.14 -14.98 -54.18
CA TYR B 230 -2.43 -13.78 -53.70
C TYR B 230 -3.30 -12.93 -52.80
N GLY B 231 -2.71 -11.92 -52.16
CA GLY B 231 -3.45 -11.11 -51.21
C GLY B 231 -2.67 -9.88 -50.77
N PHE B 232 -3.43 -8.85 -50.43
CA PHE B 232 -2.89 -7.59 -49.93
C PHE B 232 -3.83 -7.03 -48.88
N ALA B 233 -3.38 -5.97 -48.21
CA ALA B 233 -4.21 -5.32 -47.20
C ALA B 233 -3.76 -3.88 -47.00
N ILE B 234 -4.72 -3.04 -46.65
CA ILE B 234 -4.44 -1.66 -46.26
C ILE B 234 -5.24 -1.38 -45.00
N ASP B 235 -4.63 -1.63 -43.86
CA ASP B 235 -5.18 -1.30 -42.56
C ASP B 235 -4.05 -0.69 -41.75
N VAL B 236 -4.39 -0.19 -40.57
CA VAL B 236 -3.43 0.56 -39.78
C VAL B 236 -3.71 0.41 -38.28
N THR B 237 -2.62 0.48 -37.50
CA THR B 237 -2.70 0.68 -36.07
C THR B 237 -1.30 1.06 -35.58
N ILE B 238 -1.21 2.23 -34.96
CA ILE B 238 0.06 2.93 -34.78
C ILE B 238 0.04 3.64 -33.44
N ALA B 239 1.22 3.83 -32.86
CA ALA B 239 1.46 4.84 -31.83
C ALA B 239 2.60 5.72 -32.34
N ALA B 240 2.27 6.93 -32.78
CA ALA B 240 3.08 7.67 -33.74
C ALA B 240 3.66 8.96 -33.15
N ASP B 241 4.97 8.97 -32.94
CA ASP B 241 5.80 10.18 -32.83
C ASP B 241 5.27 11.16 -31.78
N ILE B 242 4.74 10.60 -30.71
CA ILE B 242 4.15 11.44 -29.68
C ILE B 242 5.33 12.00 -28.90
N PRO B 243 5.46 13.32 -28.68
CA PRO B 243 6.62 13.82 -27.94
C PRO B 243 6.69 13.28 -26.53
N GLY B 244 7.85 13.44 -25.91
CA GLY B 244 8.13 12.85 -24.63
C GLY B 244 8.44 11.37 -24.66
N THR B 245 8.32 10.72 -25.82
CA THR B 245 8.65 9.31 -25.95
C THR B 245 10.09 9.13 -26.38
N PRO B 246 10.65 7.93 -26.24
CA PRO B 246 11.97 7.67 -26.81
C PRO B 246 11.93 7.60 -28.33
N GLU B 247 13.07 7.22 -28.90
CA GLU B 247 13.18 7.10 -30.35
C GLU B 247 12.61 5.78 -30.86
N HIS B 248 12.29 4.84 -29.97
CA HIS B 248 11.91 3.52 -30.42
C HIS B 248 10.55 3.49 -31.09
N LYS B 249 9.72 4.51 -30.88
CA LYS B 249 8.49 4.68 -31.62
C LYS B 249 8.60 5.68 -32.75
N GLN B 250 9.66 6.49 -32.76
CA GLN B 250 9.76 7.57 -33.73
C GLN B 250 9.83 7.04 -35.16
N VAL B 251 10.54 5.93 -35.38
CA VAL B 251 10.65 5.42 -36.75
C VAL B 251 9.32 4.88 -37.26
N THR B 252 8.38 4.54 -36.37
CA THR B 252 7.04 4.13 -36.81
C THR B 252 6.38 5.23 -37.64
N HIS B 253 6.69 6.49 -37.35
CA HIS B 253 6.20 7.63 -38.12
C HIS B 253 7.04 8.86 -37.84
N LEU B 254 7.43 9.52 -38.91
CA LEU B 254 8.14 10.78 -38.84
C LEU B 254 7.55 11.83 -39.77
N GLY B 255 6.50 11.50 -40.52
CA GLY B 255 5.84 12.35 -41.49
C GLY B 255 6.39 12.14 -42.87
N LYS B 256 6.74 10.91 -43.19
CA LYS B 256 7.51 10.60 -44.38
C LYS B 256 7.18 9.18 -44.81
N GLY B 257 6.86 9.05 -46.09
CA GLY B 257 6.75 7.75 -46.70
C GLY B 257 5.64 6.90 -46.11
N THR B 258 5.45 5.76 -46.74
CA THR B 258 4.41 4.81 -46.36
C THR B 258 5.03 3.73 -45.51
N ALA B 259 4.17 2.85 -45.00
CA ALA B 259 4.55 1.88 -43.98
C ALA B 259 4.17 0.50 -44.45
N ILE B 260 5.18 -0.37 -44.56
CA ILE B 260 4.98 -1.77 -44.88
C ILE B 260 5.00 -2.55 -43.59
N LYS B 261 4.12 -3.54 -43.49
CA LYS B 261 4.00 -4.34 -42.29
C LYS B 261 4.77 -5.64 -42.48
N ILE B 262 5.71 -5.89 -41.58
CA ILE B 262 6.42 -7.16 -41.56
C ILE B 262 5.78 -8.10 -40.57
N MET B 263 5.38 -7.56 -39.42
CA MET B 263 4.87 -8.34 -38.33
C MET B 263 3.76 -7.57 -37.64
N ASP B 264 2.79 -8.32 -37.12
CA ASP B 264 1.82 -7.83 -36.19
C ASP B 264 1.58 -8.91 -35.14
N ARG B 265 0.56 -8.70 -34.31
CA ARG B 265 0.03 -9.80 -33.52
C ARG B 265 -0.36 -10.96 -34.41
N SER B 266 -1.22 -10.69 -35.39
CA SER B 266 -1.91 -11.74 -36.11
C SER B 266 -1.11 -12.29 -37.27
N VAL B 267 -0.51 -11.44 -38.09
CA VAL B 267 -0.02 -11.83 -39.41
C VAL B 267 1.49 -11.68 -39.44
N ILE B 268 2.14 -12.60 -40.15
CA ILE B 268 3.55 -12.53 -40.45
C ILE B 268 3.66 -12.54 -41.97
N CYS B 269 3.92 -11.39 -42.56
CA CYS B 269 3.86 -11.25 -44.00
C CYS B 269 4.93 -12.08 -44.68
N HIS B 270 4.53 -12.75 -45.74
CA HIS B 270 5.44 -13.55 -46.55
C HIS B 270 6.56 -12.64 -47.06
N PRO B 271 7.79 -12.80 -46.56
CA PRO B 271 8.77 -11.71 -46.68
C PRO B 271 9.23 -11.42 -48.09
N THR B 272 9.05 -12.36 -49.02
CA THR B 272 9.40 -12.09 -50.41
C THR B 272 8.68 -10.86 -50.92
N ILE B 273 7.39 -10.75 -50.58
CA ILE B 273 6.61 -9.56 -50.93
C ILE B 273 7.30 -8.32 -50.38
N VAL B 274 7.69 -8.36 -49.10
CA VAL B 274 8.29 -7.20 -48.45
C VAL B 274 9.56 -6.78 -49.19
N ARG B 275 10.47 -7.72 -49.40
CA ARG B 275 11.71 -7.38 -50.10
C ARG B 275 11.41 -6.87 -51.49
N TRP B 276 10.34 -7.37 -52.11
CA TRP B 276 9.98 -6.91 -53.43
C TRP B 276 9.51 -5.47 -53.40
N LEU B 277 8.60 -5.15 -52.47
CA LEU B 277 8.15 -3.77 -52.36
C LEU B 277 9.29 -2.85 -52.00
N GLU B 278 10.18 -3.32 -51.14
CA GLU B 278 11.39 -2.56 -50.83
C GLU B 278 12.16 -2.28 -52.12
N GLU B 279 12.36 -3.30 -52.94
CA GLU B 279 13.00 -3.12 -54.23
C GLU B 279 12.21 -2.14 -55.09
N LEU B 280 10.89 -2.25 -55.05
CA LEU B 280 10.06 -1.47 -55.96
C LEU B 280 10.14 0.00 -55.64
N ALA B 281 10.06 0.34 -54.35
CA ALA B 281 10.03 1.75 -53.98
C ALA B 281 11.32 2.44 -54.35
N LYS B 282 12.43 1.70 -54.31
CA LYS B 282 13.71 2.30 -54.68
C LYS B 282 13.80 2.52 -56.18
N LYS B 283 13.15 1.67 -56.97
CA LYS B 283 13.28 1.77 -58.42
C LYS B 283 12.56 3.01 -58.93
N HIS B 284 11.41 3.33 -58.36
CA HIS B 284 10.63 4.50 -58.74
C HIS B 284 10.77 5.67 -57.78
N GLU B 285 11.78 5.65 -56.90
CA GLU B 285 12.10 6.79 -56.02
C GLU B 285 10.97 7.08 -55.05
N ILE B 286 10.25 6.04 -54.64
CA ILE B 286 9.12 6.17 -53.73
C ILE B 286 9.65 6.12 -52.29
N PRO B 287 9.08 6.88 -51.36
CA PRO B 287 9.52 6.75 -49.97
C PRO B 287 8.81 5.60 -49.27
N TYR B 288 9.51 4.99 -48.31
CA TYR B 288 8.95 3.87 -47.58
C TYR B 288 9.62 3.75 -46.24
N GLN B 289 8.85 3.27 -45.27
CA GLN B 289 9.37 2.86 -43.98
C GLN B 289 9.15 1.36 -43.86
N LEU B 290 9.66 0.79 -42.78
CA LEU B 290 9.33 -0.56 -42.39
C LEU B 290 8.84 -0.53 -40.94
N GLU B 291 7.57 -0.84 -40.75
CA GLU B 291 6.91 -0.70 -39.47
C GLU B 291 6.50 -2.07 -38.96
N ILE B 292 6.57 -2.24 -37.65
CA ILE B 292 6.09 -3.42 -36.97
C ILE B 292 5.43 -2.98 -35.69
N LEU B 293 4.53 -3.81 -35.17
CA LEU B 293 3.86 -3.56 -33.90
C LEU B 293 4.09 -4.73 -32.96
N LEU B 294 3.74 -4.51 -31.71
CA LEU B 294 3.58 -5.58 -30.74
C LEU B 294 2.14 -6.05 -30.64
N GLY B 295 1.19 -5.25 -31.10
CA GLY B 295 -0.22 -5.57 -30.98
C GLY B 295 -1.00 -5.05 -32.16
N GLY B 296 -2.31 -5.22 -32.08
CA GLY B 296 -3.22 -4.81 -33.14
C GLY B 296 -3.67 -5.96 -34.01
N GLY B 297 -4.91 -5.91 -34.48
CA GLY B 297 -5.46 -6.95 -35.33
C GLY B 297 -5.93 -6.35 -36.64
N THR B 298 -5.32 -6.83 -37.73
CA THR B 298 -5.56 -6.29 -39.06
C THR B 298 -6.33 -7.28 -39.93
N ASP B 299 -6.70 -6.79 -41.11
CA ASP B 299 -7.38 -7.62 -42.08
C ASP B 299 -6.48 -8.74 -42.58
N ALA B 300 -5.18 -8.48 -42.67
CA ALA B 300 -4.25 -9.42 -43.29
C ALA B 300 -4.25 -10.76 -42.58
N GLY B 301 -4.41 -10.74 -41.26
CA GLY B 301 -4.38 -11.99 -40.51
C GLY B 301 -5.46 -12.94 -40.96
N ALA B 302 -6.65 -12.42 -41.22
CA ALA B 302 -7.74 -13.27 -41.67
C ALA B 302 -7.48 -13.82 -43.07
N ILE B 303 -6.70 -13.09 -43.86
CA ILE B 303 -6.43 -13.54 -45.23
C ILE B 303 -5.53 -14.76 -45.21
N HIS B 304 -4.61 -14.82 -44.26
CA HIS B 304 -3.60 -15.87 -44.21
C HIS B 304 -4.20 -17.25 -43.96
N LEU B 305 -5.45 -17.33 -43.54
CA LEU B 305 -6.02 -18.56 -43.02
C LEU B 305 -6.95 -19.26 -44.00
N THR B 306 -7.29 -18.62 -45.11
CA THR B 306 -8.03 -19.29 -46.16
C THR B 306 -7.27 -20.52 -46.65
N LYS B 307 -8.00 -21.45 -47.25
CA LYS B 307 -7.52 -22.81 -47.40
C LYS B 307 -6.27 -22.92 -48.25
N ALA B 308 -6.07 -22.02 -49.20
CA ALA B 308 -4.90 -22.11 -50.06
C ALA B 308 -3.62 -21.87 -49.28
N GLY B 309 -3.71 -21.13 -48.17
CA GLY B 309 -2.53 -20.71 -47.46
C GLY B 309 -1.83 -19.53 -48.11
N VAL B 310 -2.48 -18.38 -48.16
CA VAL B 310 -2.09 -17.30 -49.05
C VAL B 310 -0.91 -16.52 -48.48
N PRO B 311 0.06 -16.12 -49.31
CA PRO B 311 1.07 -15.17 -48.83
C PRO B 311 0.55 -13.75 -48.98
N THR B 312 0.87 -12.92 -47.99
CA THR B 312 0.26 -11.62 -47.89
C THR B 312 1.28 -10.58 -47.45
N GLY B 313 1.22 -9.43 -48.12
CA GLY B 313 1.87 -8.22 -47.66
C GLY B 313 0.80 -7.19 -47.32
N ALA B 314 1.21 -6.19 -46.56
CA ALA B 314 0.29 -5.18 -46.09
C ALA B 314 0.97 -3.82 -46.08
N LEU B 315 0.22 -2.84 -46.56
CA LEU B 315 0.63 -1.45 -46.54
C LEU B 315 -0.13 -0.73 -45.44
N SER B 316 0.47 0.33 -44.93
CA SER B 316 -0.10 1.12 -43.85
C SER B 316 0.13 2.59 -44.13
N VAL B 317 -0.94 3.36 -43.96
CA VAL B 317 -0.91 4.82 -44.11
C VAL B 317 -0.80 5.42 -42.73
N PRO B 318 0.33 5.99 -42.34
CA PRO B 318 0.69 6.09 -40.94
C PRO B 318 0.05 7.28 -40.23
N ALA B 319 0.55 7.50 -39.02
CA ALA B 319 0.45 8.75 -38.27
C ALA B 319 -0.88 8.99 -37.57
N ARG B 320 -1.48 7.92 -37.07
CA ARG B 320 -2.71 8.02 -36.33
C ARG B 320 -2.44 8.55 -34.92
N TYR B 321 -3.48 9.13 -34.31
CA TYR B 321 -3.58 9.33 -32.87
C TYR B 321 -4.69 8.42 -32.38
N ILE B 322 -4.75 8.24 -31.05
CA ILE B 322 -5.52 7.17 -30.40
C ILE B 322 -6.93 7.16 -30.99
N HIS B 323 -7.24 6.07 -31.71
CA HIS B 323 -8.02 6.16 -32.95
C HIS B 323 -9.43 6.73 -32.77
N SER B 324 -9.87 6.93 -31.54
CA SER B 324 -11.19 7.47 -31.29
C SER B 324 -11.41 8.83 -31.94
N ASN B 325 -10.60 9.81 -31.56
CA ASN B 325 -11.05 11.20 -31.62
C ASN B 325 -10.53 12.00 -32.80
N THR B 326 -9.22 12.08 -32.97
CA THR B 326 -8.64 12.72 -34.13
C THR B 326 -7.54 11.83 -34.64
N GLU B 327 -7.34 11.92 -35.93
CA GLU B 327 -6.77 10.83 -36.69
C GLU B 327 -5.84 11.38 -37.76
N VAL B 328 -4.88 12.21 -37.34
CA VAL B 328 -4.02 12.94 -38.26
C VAL B 328 -3.38 12.03 -39.31
N VAL B 329 -3.13 12.58 -40.49
CA VAL B 329 -2.44 11.90 -41.58
C VAL B 329 -1.48 12.86 -42.25
N ASP B 330 -0.79 12.33 -43.25
CA ASP B 330 0.17 13.07 -44.05
C ASP B 330 -0.20 12.94 -45.52
N GLU B 331 -0.49 14.06 -46.16
CA GLU B 331 -0.85 14.10 -47.57
C GLU B 331 0.20 13.40 -48.43
N ARG B 332 1.46 13.46 -48.01
CA ARG B 332 2.53 12.89 -48.83
C ARG B 332 2.42 11.39 -48.85
N ASP B 333 2.19 10.79 -47.68
CA ASP B 333 2.24 9.34 -47.57
C ASP B 333 1.12 8.69 -48.37
N VAL B 334 -0.09 9.24 -48.26
CA VAL B 334 -1.25 8.60 -48.87
C VAL B 334 -1.09 8.58 -50.38
N ASP B 335 -0.60 9.67 -50.98
CA ASP B 335 -0.42 9.67 -52.42
C ASP B 335 0.74 8.75 -52.80
N ALA B 336 1.76 8.70 -51.96
CA ALA B 336 2.86 7.79 -52.21
C ALA B 336 2.40 6.36 -52.12
N THR B 337 1.55 6.06 -51.14
CA THR B 337 0.99 4.72 -51.01
C THR B 337 0.28 4.30 -52.28
N VAL B 338 -0.50 5.21 -52.86
CA VAL B 338 -1.23 4.91 -54.08
C VAL B 338 -0.26 4.54 -55.19
N GLU B 339 0.77 5.37 -55.38
CA GLU B 339 1.77 5.11 -56.42
C GLU B 339 2.37 3.72 -56.26
N LEU B 340 2.75 3.39 -55.02
CA LEU B 340 3.40 2.12 -54.76
C LEU B 340 2.50 0.95 -55.15
N MET B 341 1.29 0.90 -54.62
CA MET B 341 0.39 -0.20 -54.94
C MET B 341 0.10 -0.25 -56.43
N THR B 342 -0.08 0.92 -57.05
CA THR B 342 -0.41 0.96 -58.47
C THR B 342 0.64 0.24 -59.28
N LYS B 343 1.92 0.49 -58.96
CA LYS B 343 2.99 -0.14 -59.72
C LYS B 343 3.11 -1.61 -59.34
N ALA B 344 2.92 -1.92 -58.05
CA ALA B 344 3.04 -3.30 -57.61
C ALA B 344 2.03 -4.20 -58.31
N LEU B 345 0.80 -3.71 -58.45
CA LEU B 345 -0.23 -4.51 -59.10
C LEU B 345 0.16 -4.88 -60.51
N GLU B 346 0.58 -3.88 -61.29
CA GLU B 346 0.96 -4.16 -62.67
C GLU B 346 2.19 -5.04 -62.73
N ASN B 347 3.15 -4.82 -61.83
CA ASN B 347 4.36 -5.63 -61.87
C ASN B 347 4.21 -6.94 -61.11
N ILE B 348 3.00 -7.26 -60.60
CA ILE B 348 2.85 -8.52 -59.88
C ILE B 348 3.05 -9.71 -60.80
N HIS B 349 2.85 -9.52 -62.11
CA HIS B 349 2.93 -10.65 -63.02
C HIS B 349 4.34 -11.24 -63.04
N GLU B 350 5.35 -10.43 -62.75
CA GLU B 350 6.73 -10.92 -62.69
C GLU B 350 7.06 -11.48 -61.31
N LEU B 351 6.27 -11.13 -60.30
CA LEU B 351 6.58 -11.52 -58.93
C LEU B 351 6.40 -13.01 -58.70
N LYS B 352 5.49 -13.65 -59.44
CA LYS B 352 5.03 -15.03 -59.21
C LYS B 352 6.11 -16.05 -58.83
N ILE B 353 7.37 -15.85 -59.23
CA ILE B 353 8.49 -16.80 -59.04
C ILE B 353 8.33 -17.92 -60.04
N MET C 1 18.10 -13.09 53.27
CA MET C 1 18.40 -12.05 54.31
C MET C 1 17.19 -11.25 54.78
N GLU C 2 16.31 -11.90 55.55
CA GLU C 2 15.02 -11.30 55.88
C GLU C 2 15.29 -10.25 56.96
N VAL C 3 15.72 -9.07 56.51
CA VAL C 3 16.00 -7.96 57.41
C VAL C 3 14.72 -7.54 58.13
N ARG C 4 13.58 -7.63 57.45
CA ARG C 4 12.28 -7.25 57.98
C ARG C 4 11.39 -8.43 58.32
N ASN C 5 11.60 -9.60 57.70
CA ASN C 5 10.73 -10.77 57.82
C ASN C 5 9.32 -10.46 57.36
N MET C 6 9.15 -9.54 56.41
CA MET C 6 7.82 -9.20 55.92
C MET C 6 7.31 -10.22 54.92
N VAL C 7 8.20 -10.72 54.06
CA VAL C 7 7.86 -11.69 53.03
C VAL C 7 8.87 -12.82 53.11
N ASP C 8 8.39 -14.02 53.40
CA ASP C 8 9.27 -15.15 53.61
C ASP C 8 9.80 -15.67 52.29
N TYR C 9 11.11 -15.50 52.09
CA TYR C 9 11.75 -15.90 50.85
C TYR C 9 11.67 -17.40 50.62
N GLU C 10 11.68 -18.18 51.70
CA GLU C 10 11.58 -19.63 51.56
C GLU C 10 10.20 -20.04 51.05
N LEU C 11 9.15 -19.46 51.63
CA LEU C 11 7.79 -19.91 51.33
C LEU C 11 7.44 -19.67 49.88
N LEU C 12 7.81 -18.51 49.34
CA LEU C 12 7.48 -18.18 47.97
C LEU C 12 8.13 -19.15 46.99
N LYS C 13 9.29 -19.69 47.37
CA LYS C 13 9.98 -20.64 46.50
C LYS C 13 9.11 -21.87 46.27
N LYS C 14 8.53 -22.41 47.34
CA LYS C 14 7.76 -23.66 47.24
C LYS C 14 6.61 -23.53 46.26
N VAL C 15 5.89 -22.41 46.31
CA VAL C 15 4.66 -22.31 45.53
C VAL C 15 4.97 -22.05 44.07
N VAL C 16 5.95 -21.20 43.80
CA VAL C 16 6.04 -20.63 42.46
C VAL C 16 6.80 -21.54 41.52
N GLU C 17 7.79 -22.27 42.05
CA GLU C 17 8.48 -23.25 41.21
C GLU C 17 7.55 -24.37 40.78
N ALA C 18 6.51 -24.63 41.55
CA ALA C 18 5.63 -25.74 41.25
C ALA C 18 4.88 -25.46 39.95
N PRO C 19 4.34 -26.49 39.30
CA PRO C 19 3.76 -26.30 37.98
C PRO C 19 2.32 -25.82 38.04
N GLY C 20 1.96 -24.98 37.08
CA GLY C 20 0.82 -24.11 37.19
C GLY C 20 -0.41 -24.46 36.39
N VAL C 21 -0.69 -25.75 36.30
CA VAL C 21 -2.04 -26.19 35.95
C VAL C 21 -2.30 -27.49 36.69
N SER C 22 -3.32 -27.51 37.54
CA SER C 22 -3.48 -28.58 38.50
C SER C 22 -4.43 -29.64 37.96
N GLY C 23 -4.50 -30.76 38.69
CA GLY C 23 -5.32 -31.90 38.29
C GLY C 23 -4.64 -32.81 37.30
N TYR C 24 -3.82 -32.26 36.42
CA TYR C 24 -2.99 -33.01 35.51
C TYR C 24 -2.00 -33.86 36.30
N GLU C 25 -1.16 -34.58 35.57
CA GLU C 25 -0.02 -35.25 36.18
C GLU C 25 0.92 -34.30 36.93
N PHE C 26 0.80 -32.97 36.75
CA PHE C 26 1.66 -32.03 37.48
C PHE C 26 1.11 -31.63 38.84
N LEU C 27 0.04 -32.24 39.33
CA LEU C 27 -0.84 -31.58 40.29
C LEU C 27 -0.21 -31.24 41.65
N GLY C 28 1.12 -31.33 41.80
CA GLY C 28 1.76 -31.16 43.10
C GLY C 28 1.42 -29.88 43.86
N ILE C 29 1.06 -28.81 43.15
CA ILE C 29 0.75 -27.55 43.82
C ILE C 29 -0.40 -27.72 44.80
N ARG C 30 -1.36 -28.57 44.43
CA ARG C 30 -2.49 -28.85 45.30
C ARG C 30 -2.01 -29.31 46.67
N ASP C 31 -1.14 -30.31 46.68
CA ASP C 31 -0.56 -30.79 47.92
C ASP C 31 0.14 -29.67 48.66
N VAL C 32 0.85 -28.81 47.93
CA VAL C 32 1.65 -27.76 48.57
C VAL C 32 0.76 -26.81 49.33
N VAL C 33 -0.31 -26.32 48.69
CA VAL C 33 -1.14 -25.32 49.33
C VAL C 33 -1.83 -25.92 50.56
N ILE C 34 -2.26 -27.17 50.47
CA ILE C 34 -2.90 -27.78 51.63
C ILE C 34 -1.87 -28.17 52.67
N GLU C 35 -0.65 -28.50 52.26
CA GLU C 35 0.38 -28.88 53.22
C GLU C 35 0.71 -27.74 54.16
N GLU C 36 0.58 -26.50 53.68
CA GLU C 36 0.81 -25.31 54.48
C GLU C 36 -0.43 -24.88 55.24
N ILE C 37 -1.52 -24.65 54.52
CA ILE C 37 -2.66 -23.93 55.07
C ILE C 37 -3.31 -24.71 56.20
N LYS C 38 -3.22 -26.04 56.18
CA LYS C 38 -4.11 -26.84 57.00
C LYS C 38 -3.80 -26.72 58.49
N ASP C 39 -2.55 -26.41 58.84
CA ASP C 39 -2.23 -26.35 60.26
C ASP C 39 -2.87 -25.15 60.93
N TYR C 40 -3.21 -24.12 60.17
CA TYR C 40 -3.77 -22.88 60.71
C TYR C 40 -5.28 -22.76 60.55
N VAL C 41 -5.91 -23.69 59.81
CA VAL C 41 -7.33 -23.62 59.53
C VAL C 41 -8.00 -24.86 60.10
N ASP C 42 -9.28 -24.72 60.43
CA ASP C 42 -10.01 -25.78 61.09
C ASP C 42 -10.18 -26.99 60.16
N GLU C 43 -10.49 -26.75 58.90
CA GLU C 43 -10.80 -27.85 57.99
C GLU C 43 -10.57 -27.36 56.57
N VAL C 44 -10.37 -28.32 55.67
CA VAL C 44 -10.01 -28.04 54.29
C VAL C 44 -10.57 -29.16 53.42
N LYS C 45 -10.96 -28.82 52.20
CA LYS C 45 -11.55 -29.80 51.28
C LYS C 45 -11.19 -29.44 49.84
N VAL C 46 -11.29 -30.46 48.99
CA VAL C 46 -11.01 -30.35 47.57
C VAL C 46 -12.30 -30.64 46.82
N ASP C 47 -12.66 -29.76 45.91
CA ASP C 47 -13.85 -29.97 45.11
C ASP C 47 -13.50 -30.92 43.96
N LYS C 48 -14.47 -31.15 43.08
CA LYS C 48 -14.26 -32.09 42.00
C LYS C 48 -13.36 -31.51 40.93
N LEU C 49 -13.47 -30.21 40.70
CA LEU C 49 -12.82 -29.53 39.60
C LEU C 49 -11.38 -29.12 39.89
N GLY C 50 -10.78 -29.60 40.98
CA GLY C 50 -9.44 -29.20 41.35
C GLY C 50 -9.39 -27.97 42.22
N ASN C 51 -10.51 -27.30 42.45
CA ASN C 51 -10.54 -26.20 43.40
C ASN C 51 -10.18 -26.69 44.79
N VAL C 52 -9.60 -25.80 45.58
CA VAL C 52 -9.26 -26.05 46.97
C VAL C 52 -10.16 -25.18 47.82
N ILE C 53 -10.62 -25.73 48.94
CA ILE C 53 -11.59 -25.08 49.81
C ILE C 53 -11.05 -25.18 51.22
N ALA C 54 -10.74 -24.02 51.82
CA ALA C 54 -10.33 -23.95 53.20
C ALA C 54 -11.34 -23.14 54.00
N HIS C 55 -11.93 -23.78 55.00
CA HIS C 55 -13.02 -23.22 55.78
C HIS C 55 -12.55 -23.01 57.19
N LYS C 56 -12.21 -21.77 57.52
CA LYS C 56 -12.07 -21.34 58.90
C LYS C 56 -13.47 -21.05 59.40
N LYS C 57 -13.71 -21.34 60.67
CA LYS C 57 -15.04 -21.20 61.25
C LYS C 57 -15.09 -19.97 62.14
N GLY C 58 -16.29 -19.42 62.30
CA GLY C 58 -16.45 -18.25 63.14
C GLY C 58 -17.91 -17.88 63.28
N GLU C 59 -18.13 -16.63 63.69
CA GLU C 59 -19.45 -16.06 63.88
C GLU C 59 -19.59 -14.84 62.99
N GLY C 60 -20.36 -14.96 61.91
CA GLY C 60 -20.55 -13.85 61.02
C GLY C 60 -20.92 -14.25 59.60
N PRO C 61 -20.89 -13.30 58.68
CA PRO C 61 -21.21 -13.61 57.28
C PRO C 61 -20.13 -14.43 56.62
N LYS C 62 -20.49 -15.01 55.48
CA LYS C 62 -19.60 -15.90 54.74
C LYS C 62 -18.80 -15.08 53.73
N VAL C 63 -17.49 -14.97 53.97
CA VAL C 63 -16.59 -14.22 53.11
C VAL C 63 -15.79 -15.21 52.27
N MET C 64 -15.62 -14.87 51.00
CA MET C 64 -14.96 -15.71 50.02
C MET C 64 -13.74 -14.98 49.48
N ILE C 65 -12.58 -15.62 49.59
CA ILE C 65 -11.29 -15.04 49.21
C ILE C 65 -10.73 -15.86 48.07
N ALA C 66 -10.62 -15.25 46.90
CA ALA C 66 -10.33 -15.96 45.66
C ALA C 66 -8.99 -15.56 45.09
N ALA C 67 -8.14 -16.54 44.88
CA ALA C 67 -6.92 -16.40 44.11
C ALA C 67 -6.87 -17.50 43.06
N HIS C 68 -6.15 -17.23 41.98
CA HIS C 68 -5.98 -18.22 40.91
C HIS C 68 -4.58 -18.81 40.97
N MET C 69 -4.49 -20.08 40.60
CA MET C 69 -3.25 -20.85 40.62
C MET C 69 -3.04 -21.52 39.27
N ASP C 70 -3.68 -21.00 38.23
CA ASP C 70 -3.53 -21.53 36.88
C ASP C 70 -2.52 -20.74 36.06
N GLN C 71 -1.26 -20.81 36.44
CA GLN C 71 -0.19 -20.12 35.72
C GLN C 71 -0.22 -20.57 34.25
N ILE C 72 0.09 -19.64 33.35
CA ILE C 72 0.06 -19.86 31.92
C ILE C 72 1.01 -21.00 31.58
N GLY C 73 0.67 -21.74 30.53
CA GLY C 73 1.56 -22.76 30.01
C GLY C 73 1.25 -23.04 28.56
N LEU C 74 1.96 -24.03 28.02
CA LEU C 74 1.77 -24.44 26.64
C LEU C 74 1.47 -25.92 26.57
N MET C 75 0.90 -26.34 25.44
CA MET C 75 0.43 -27.69 25.22
C MET C 75 1.02 -28.23 23.93
N VAL C 76 1.55 -29.43 23.99
CA VAL C 76 1.91 -30.16 22.79
C VAL C 76 0.65 -30.68 22.13
N THR C 77 0.59 -30.56 20.79
CA THR C 77 -0.53 -31.04 20.02
C THR C 77 -0.18 -32.19 19.09
N HIS C 78 1.06 -32.24 18.63
CA HIS C 78 1.49 -33.33 17.75
C HIS C 78 3.01 -33.38 17.77
N ILE C 79 3.56 -34.39 17.11
CA ILE C 79 4.98 -34.66 17.09
C ILE C 79 5.42 -34.77 15.63
N GLU C 80 6.16 -33.78 15.16
CA GLU C 80 6.75 -33.87 13.84
C GLU C 80 7.74 -35.03 13.78
N LYS C 81 8.12 -35.39 12.55
CA LYS C 81 8.87 -36.63 12.38
C LYS C 81 10.31 -36.52 12.84
N ASN C 82 10.89 -35.32 12.82
CA ASN C 82 12.28 -35.14 13.20
C ASN C 82 12.50 -35.13 14.70
N GLY C 83 11.49 -35.46 15.50
CA GLY C 83 11.62 -35.43 16.94
C GLY C 83 11.45 -34.07 17.57
N PHE C 84 10.97 -33.08 16.83
CA PHE C 84 10.74 -31.74 17.34
C PHE C 84 9.25 -31.48 17.49
N LEU C 85 8.91 -30.71 18.53
CA LEU C 85 7.54 -30.48 18.93
C LEU C 85 6.97 -29.20 18.37
N ARG C 86 5.69 -29.26 18.01
CA ARG C 86 4.86 -28.08 17.87
C ARG C 86 4.06 -27.93 19.16
N VAL C 87 3.32 -26.83 19.26
CA VAL C 87 2.66 -26.47 20.51
C VAL C 87 1.39 -25.70 20.19
N ALA C 88 0.53 -25.60 21.22
CA ALA C 88 -0.64 -24.75 21.18
C ALA C 88 -0.79 -24.05 22.53
N PRO C 89 -0.98 -22.73 22.54
CA PRO C 89 -0.93 -22.03 23.81
C PRO C 89 -2.22 -22.15 24.59
N ILE C 90 -2.10 -21.90 25.88
CA ILE C 90 -3.21 -21.65 26.77
C ILE C 90 -3.49 -20.15 26.74
N GLY C 91 -4.75 -19.81 26.96
CA GLY C 91 -5.25 -18.47 26.73
C GLY C 91 -4.53 -17.43 27.56
N GLY C 92 -4.28 -16.29 26.95
CA GLY C 92 -3.67 -15.16 27.60
C GLY C 92 -2.25 -14.86 27.16
N VAL C 93 -1.52 -15.85 26.65
CA VAL C 93 -0.09 -15.71 26.41
C VAL C 93 0.14 -14.92 25.13
N ASP C 94 1.27 -14.24 25.06
CA ASP C 94 1.72 -13.52 23.89
C ASP C 94 2.91 -14.28 23.30
N PRO C 95 2.96 -14.56 21.99
CA PRO C 95 4.01 -15.46 21.49
C PRO C 95 5.35 -14.80 21.26
N LYS C 96 5.44 -13.47 21.37
CA LYS C 96 6.75 -12.82 21.25
C LYS C 96 7.68 -13.22 22.39
N THR C 97 7.14 -13.81 23.45
CA THR C 97 7.90 -14.28 24.59
C THR C 97 8.37 -15.70 24.42
N LEU C 98 8.72 -16.10 23.19
CA LEU C 98 9.06 -17.46 22.81
C LEU C 98 9.96 -18.16 23.82
N ILE C 99 11.20 -17.69 23.95
CA ILE C 99 12.12 -18.20 24.97
C ILE C 99 13.37 -17.33 24.97
N ALA C 100 14.04 -17.34 26.11
CA ALA C 100 15.45 -17.00 26.23
C ALA C 100 16.24 -18.13 26.89
N GLN C 101 15.54 -19.03 27.58
CA GLN C 101 16.15 -20.20 28.19
C GLN C 101 15.05 -21.14 28.65
N ARG C 102 15.31 -22.44 28.48
CA ARG C 102 14.78 -23.48 29.35
C ARG C 102 13.26 -23.50 29.48
N PHE C 103 12.53 -23.96 28.46
CA PHE C 103 11.15 -24.39 28.68
C PHE C 103 11.15 -25.78 29.27
N LYS C 104 10.33 -25.97 30.30
CA LYS C 104 10.28 -27.21 31.08
C LYS C 104 9.08 -28.03 30.66
N VAL C 105 9.27 -29.35 30.58
CA VAL C 105 8.22 -30.30 30.17
C VAL C 105 7.96 -31.23 31.33
N TRP C 106 6.79 -31.11 31.95
CA TRP C 106 6.40 -31.95 33.06
C TRP C 106 5.69 -33.20 32.56
N ILE C 107 6.48 -34.22 32.16
CA ILE C 107 5.91 -35.53 31.86
C ILE C 107 5.03 -36.01 33.00
N ASP C 108 5.60 -36.04 34.20
CA ASP C 108 4.85 -36.45 35.39
C ASP C 108 5.47 -35.77 36.60
N LYS C 109 4.84 -36.01 37.74
CA LYS C 109 5.26 -35.42 39.00
C LYS C 109 6.71 -35.78 39.30
N GLY C 110 7.53 -34.78 39.55
CA GLY C 110 8.93 -34.99 39.86
C GLY C 110 9.78 -35.43 38.69
N LYS C 111 9.27 -35.37 37.46
CA LYS C 111 10.02 -35.71 36.26
C LYS C 111 9.89 -34.58 35.26
N PHE C 112 11.00 -33.92 34.98
CA PHE C 112 11.03 -32.79 34.08
C PHE C 112 12.27 -32.87 33.21
N ILE C 113 12.11 -32.49 31.95
CA ILE C 113 13.22 -32.36 31.03
C ILE C 113 13.13 -31.00 30.35
N TYR C 114 14.29 -30.39 30.14
CA TYR C 114 14.35 -29.04 29.67
C TYR C 114 14.13 -28.99 28.16
N GLY C 115 13.56 -27.90 27.70
CA GLY C 115 13.21 -27.75 26.31
C GLY C 115 13.33 -26.31 25.89
N VAL C 116 13.50 -26.10 24.59
CA VAL C 116 13.68 -24.78 24.01
C VAL C 116 12.69 -24.62 22.87
N GLY C 117 12.35 -23.37 22.59
CA GLY C 117 11.24 -23.05 21.72
C GLY C 117 11.46 -21.84 20.84
N ALA C 118 12.69 -21.62 20.40
CA ALA C 118 13.06 -20.27 20.00
C ALA C 118 12.35 -19.76 18.76
N SER C 119 12.28 -20.53 17.68
CA SER C 119 12.12 -19.95 16.35
C SER C 119 11.24 -20.79 15.45
N VAL C 120 10.15 -20.19 14.99
CA VAL C 120 9.45 -20.67 13.80
C VAL C 120 10.21 -19.98 12.67
N PRO C 121 10.54 -20.64 11.56
CA PRO C 121 11.29 -19.95 10.52
C PRO C 121 10.42 -18.89 9.85
N PRO C 122 10.84 -17.63 9.82
CA PRO C 122 10.02 -16.62 9.13
C PRO C 122 9.93 -16.93 7.65
N HIS C 123 8.81 -16.54 7.05
CA HIS C 123 8.58 -16.80 5.64
C HIS C 123 9.62 -16.06 4.80
N ILE C 124 9.70 -16.45 3.54
CA ILE C 124 10.71 -15.93 2.63
C ILE C 124 10.13 -14.69 1.95
N GLN C 125 10.38 -13.52 2.54
CA GLN C 125 10.07 -12.26 1.87
C GLN C 125 10.76 -11.10 2.56
N LYS C 126 10.89 -9.98 1.83
CA LYS C 126 11.71 -8.84 2.24
C LYS C 126 11.02 -7.95 3.26
N PRO C 127 9.71 -7.60 3.12
CA PRO C 127 9.05 -6.91 4.24
C PRO C 127 8.95 -7.79 5.47
N GLU C 128 8.97 -9.13 5.28
CA GLU C 128 8.83 -10.06 6.38
C GLU C 128 10.16 -10.31 7.08
N ASP C 129 11.28 -10.15 6.36
CA ASP C 129 12.57 -10.13 7.05
C ASP C 129 12.61 -9.01 8.07
N ARG C 130 11.90 -7.92 7.78
CA ARG C 130 11.74 -6.85 8.76
C ARG C 130 10.74 -7.24 9.86
N LYS C 131 9.67 -7.96 9.50
CA LYS C 131 8.75 -8.46 10.51
C LYS C 131 9.35 -9.67 11.18
N LYS C 132 10.08 -9.46 12.26
CA LYS C 132 10.61 -10.56 13.03
C LYS C 132 9.63 -11.05 14.08
N ALA C 133 8.37 -10.66 14.00
CA ALA C 133 7.35 -11.23 14.86
C ALA C 133 7.10 -12.67 14.43
N PRO C 134 6.86 -13.58 15.36
CA PRO C 134 6.57 -14.95 14.94
C PRO C 134 5.24 -15.07 14.23
N ASP C 135 5.15 -16.08 13.38
CA ASP C 135 3.93 -16.36 12.66
C ASP C 135 2.88 -16.80 13.68
N TRP C 136 1.61 -16.59 13.35
CA TRP C 136 0.52 -16.87 14.28
C TRP C 136 0.21 -18.36 14.36
N ASP C 137 0.74 -19.18 13.43
CA ASP C 137 0.40 -20.60 13.39
C ASP C 137 0.67 -21.28 14.72
N GLN C 138 1.92 -21.38 15.13
CA GLN C 138 2.44 -21.07 16.46
C GLN C 138 3.90 -21.50 16.38
N ILE C 139 4.67 -21.23 17.43
CA ILE C 139 6.08 -21.57 17.49
C ILE C 139 6.23 -23.06 17.72
N PHE C 140 7.46 -23.56 17.57
CA PHE C 140 7.81 -24.95 17.79
C PHE C 140 8.77 -25.06 18.97
N ILE C 141 8.87 -26.28 19.51
CA ILE C 141 9.69 -26.59 20.67
C ILE C 141 10.62 -27.73 20.31
N ASP C 142 11.82 -27.71 20.91
CA ASP C 142 12.80 -28.76 20.76
C ASP C 142 13.10 -29.37 22.11
N ILE C 143 13.15 -30.71 22.17
CA ILE C 143 13.68 -31.44 23.31
C ILE C 143 14.88 -32.30 22.90
N GLY C 144 15.37 -32.17 21.68
CA GLY C 144 16.58 -32.81 21.25
C GLY C 144 16.41 -34.22 20.73
N ALA C 145 15.22 -34.79 20.82
CA ALA C 145 15.00 -36.11 20.26
C ALA C 145 15.07 -36.07 18.74
N GLU C 146 15.61 -37.12 18.16
CA GLU C 146 15.74 -37.20 16.71
C GLU C 146 14.48 -37.70 16.02
N SER C 147 13.59 -38.38 16.73
CA SER C 147 12.43 -38.99 16.10
C SER C 147 11.25 -39.07 17.06
N LYS C 148 10.08 -39.27 16.45
CA LYS C 148 8.86 -39.44 17.20
C LYS C 148 8.95 -40.60 18.18
N GLU C 149 9.55 -41.70 17.74
CA GLU C 149 9.68 -42.87 18.60
C GLU C 149 10.48 -42.55 19.85
N GLU C 150 11.61 -41.87 19.69
CA GLU C 150 12.43 -41.52 20.84
C GLU C 150 11.67 -40.61 21.80
N ALA C 151 10.83 -39.73 21.25
CA ALA C 151 10.13 -38.77 22.09
C ALA C 151 9.12 -39.47 23.00
N GLU C 152 8.41 -40.46 22.47
CA GLU C 152 7.41 -41.13 23.29
C GLU C 152 8.07 -42.06 24.30
N ASP C 153 9.29 -42.51 24.02
CA ASP C 153 9.99 -43.35 24.98
C ASP C 153 10.41 -42.55 26.20
N MET C 154 10.67 -41.26 26.01
CA MET C 154 10.89 -40.37 27.15
C MET C 154 9.68 -40.31 28.06
N GLY C 155 8.49 -40.27 27.47
CA GLY C 155 7.26 -40.05 28.19
C GLY C 155 6.39 -38.95 27.63
N VAL C 156 6.90 -38.17 26.68
CA VAL C 156 6.11 -37.11 26.08
C VAL C 156 4.93 -37.73 25.36
N LYS C 157 3.75 -37.17 25.57
CA LYS C 157 2.55 -37.56 24.88
C LYS C 157 1.75 -36.31 24.60
N ILE C 158 0.65 -36.47 23.89
CA ILE C 158 -0.23 -35.34 23.67
C ILE C 158 -0.91 -35.03 24.99
N GLY C 159 -1.17 -33.75 25.21
CA GLY C 159 -1.75 -33.30 26.47
C GLY C 159 -1.26 -31.90 26.73
N THR C 160 -1.86 -31.26 27.73
CA THR C 160 -1.31 -30.05 28.30
C THR C 160 -0.20 -30.45 29.26
N VAL C 161 1.06 -30.10 28.94
CA VAL C 161 2.19 -30.71 29.63
C VAL C 161 3.24 -29.68 30.09
N ILE C 162 3.26 -28.48 29.50
CA ILE C 162 4.45 -27.62 29.54
C ILE C 162 4.22 -26.37 30.39
N THR C 163 5.32 -25.81 30.90
CA THR C 163 5.33 -24.52 31.59
C THR C 163 6.63 -23.76 31.30
N TRP C 164 6.90 -22.72 32.09
CA TRP C 164 7.84 -21.68 31.66
C TRP C 164 9.22 -21.82 32.30
N ASP C 165 9.34 -22.58 33.39
CA ASP C 165 10.60 -22.73 34.09
C ASP C 165 11.09 -21.42 34.67
N GLY C 166 10.32 -20.85 35.58
CA GLY C 166 10.79 -19.69 36.31
C GLY C 166 11.54 -20.13 37.55
N ARG C 167 12.36 -19.21 38.04
CA ARG C 167 13.02 -19.35 39.32
C ARG C 167 13.07 -17.99 39.96
N LEU C 168 13.01 -17.99 41.27
CA LEU C 168 12.78 -16.78 42.03
C LEU C 168 14.10 -16.18 42.46
N GLU C 169 14.39 -14.97 41.99
CA GLU C 169 15.59 -14.24 42.36
C GLU C 169 15.23 -12.83 42.80
N ARG C 170 16.15 -12.24 43.54
CA ARG C 170 15.97 -10.95 44.18
C ARG C 170 16.68 -9.88 43.39
N LEU C 171 15.92 -8.92 42.85
CA LEU C 171 16.50 -7.71 42.29
C LEU C 171 16.14 -6.52 43.15
N GLY C 172 17.01 -5.52 43.13
CA GLY C 172 16.89 -4.40 44.04
C GLY C 172 16.92 -4.93 45.46
N LYS C 173 18.07 -5.44 45.89
CA LYS C 173 18.21 -6.09 47.20
C LYS C 173 17.69 -5.22 48.33
N HIS C 174 17.63 -3.90 48.15
CA HIS C 174 16.73 -3.10 48.96
C HIS C 174 15.31 -3.65 48.93
N ARG C 175 14.66 -3.67 47.76
CA ARG C 175 13.37 -4.33 47.64
C ARG C 175 12.91 -4.46 46.19
N PHE C 176 12.66 -5.70 45.75
CA PHE C 176 11.81 -6.11 44.64
C PHE C 176 11.98 -7.62 44.50
N VAL C 177 11.15 -8.29 43.70
CA VAL C 177 11.26 -9.73 43.47
C VAL C 177 10.89 -10.02 42.02
N SER C 178 11.55 -11.01 41.43
CA SER C 178 11.52 -11.22 39.98
C SER C 178 10.27 -11.88 39.41
N ILE C 179 9.99 -13.14 39.76
CA ILE C 179 8.92 -13.92 39.12
C ILE C 179 7.82 -14.30 40.11
N ALA C 180 7.69 -13.57 41.21
CA ALA C 180 6.81 -13.98 42.30
C ALA C 180 5.34 -13.68 42.07
N PHE C 181 4.98 -13.07 40.94
CA PHE C 181 3.67 -12.43 40.82
C PHE C 181 2.59 -13.42 40.42
N ASP C 182 2.67 -13.94 39.20
CA ASP C 182 1.46 -14.39 38.53
C ASP C 182 1.05 -15.75 39.04
N ASP C 183 -0.22 -15.81 39.44
CA ASP C 183 -0.90 -17.03 39.86
C ASP C 183 -0.40 -17.57 41.20
N ARG C 184 0.66 -16.99 41.76
CA ARG C 184 0.91 -17.08 43.18
C ARG C 184 1.73 -15.90 43.66
N ILE C 185 1.01 -14.82 43.93
CA ILE C 185 1.39 -13.85 44.93
C ILE C 185 0.18 -13.73 45.83
N ALA C 186 -1.00 -13.73 45.20
CA ALA C 186 -2.27 -13.76 45.92
C ALA C 186 -2.29 -14.89 46.95
N VAL C 187 -1.80 -16.08 46.58
CA VAL C 187 -1.85 -17.19 47.51
C VAL C 187 -0.95 -16.90 48.71
N TYR C 188 0.18 -16.24 48.47
CA TYR C 188 1.05 -15.91 49.60
C TYR C 188 0.35 -14.95 50.55
N THR C 189 -0.42 -13.99 49.99
CA THR C 189 -1.25 -13.16 50.85
C THR C 189 -2.23 -14.01 51.64
N ILE C 190 -2.93 -14.92 50.95
CA ILE C 190 -3.87 -15.81 51.60
C ILE C 190 -3.18 -16.58 52.72
N LEU C 191 -2.05 -17.20 52.42
CA LEU C 191 -1.35 -17.98 53.43
C LEU C 191 -0.88 -17.09 54.57
N GLU C 192 -0.33 -15.92 54.24
CA GLU C 192 0.08 -15.00 55.28
C GLU C 192 -1.12 -14.52 56.08
N VAL C 193 -2.25 -14.33 55.40
CA VAL C 193 -3.47 -13.93 56.08
C VAL C 193 -3.87 -14.97 57.10
N ALA C 194 -3.81 -16.24 56.72
CA ALA C 194 -4.25 -17.31 57.62
C ALA C 194 -3.37 -17.37 58.85
N LYS C 195 -2.08 -17.06 58.71
CA LYS C 195 -1.21 -17.01 59.87
C LYS C 195 -1.52 -15.80 60.74
N GLN C 196 -1.84 -14.67 60.11
CA GLN C 196 -2.07 -13.42 60.82
C GLN C 196 -3.45 -13.35 61.44
N LEU C 197 -4.42 -14.06 60.88
CA LEU C 197 -5.78 -14.06 61.40
C LEU C 197 -5.87 -15.00 62.59
N LYS C 198 -6.28 -14.47 63.74
CA LYS C 198 -6.48 -15.27 64.94
C LYS C 198 -7.96 -15.34 65.29
N ASP C 199 -8.57 -14.18 65.48
CA ASP C 199 -9.94 -14.08 65.97
C ASP C 199 -10.90 -13.89 64.80
N ALA C 200 -11.61 -14.96 64.47
CA ALA C 200 -12.49 -14.98 63.30
C ALA C 200 -13.78 -14.25 63.62
N LYS C 201 -13.80 -12.94 63.32
CA LYS C 201 -15.02 -12.18 63.51
C LYS C 201 -16.04 -12.45 62.41
N ALA C 202 -15.60 -13.06 61.32
CA ALA C 202 -16.49 -13.51 60.27
C ALA C 202 -15.97 -14.82 59.70
N ASP C 203 -16.88 -15.73 59.38
CA ASP C 203 -16.48 -17.05 58.95
C ASP C 203 -16.06 -16.97 57.49
N VAL C 204 -14.77 -17.19 57.26
CA VAL C 204 -14.17 -16.96 55.95
C VAL C 204 -13.97 -18.30 55.28
N TYR C 205 -13.99 -18.29 53.95
CA TYR C 205 -13.68 -19.45 53.14
C TYR C 205 -12.63 -19.07 52.11
N PHE C 206 -11.41 -19.53 52.31
CA PHE C 206 -10.33 -19.30 51.36
C PHE C 206 -10.41 -20.33 50.26
N VAL C 207 -10.46 -19.86 49.02
CA VAL C 207 -10.43 -20.72 47.85
C VAL C 207 -9.23 -20.36 47.01
N ALA C 208 -8.70 -21.35 46.30
CA ALA C 208 -7.66 -21.17 45.30
C ALA C 208 -8.12 -21.85 44.03
N THR C 209 -8.66 -21.07 43.11
CA THR C 209 -9.41 -21.59 41.98
C THR C 209 -8.49 -21.97 40.85
N VAL C 210 -9.01 -22.82 39.97
CA VAL C 210 -8.30 -23.31 38.80
C VAL C 210 -9.08 -22.88 37.57
N GLN C 211 -8.42 -22.99 36.43
CA GLN C 211 -8.99 -22.62 35.15
C GLN C 211 -9.46 -21.18 35.14
N GLU C 212 -8.67 -20.28 35.75
CA GLU C 212 -8.99 -18.86 35.73
C GLU C 212 -8.61 -18.25 34.40
N GLU C 213 -7.39 -18.50 33.94
CA GLU C 213 -6.89 -17.83 32.75
C GLU C 213 -7.64 -18.32 31.50
N VAL C 214 -8.27 -19.49 31.57
CA VAL C 214 -9.12 -20.00 30.51
C VAL C 214 -10.43 -20.46 31.12
N GLY C 215 -11.53 -19.88 30.68
CA GLY C 215 -12.80 -20.18 31.29
C GLY C 215 -12.85 -19.72 32.73
N LEU C 216 -12.70 -18.41 32.95
CA LEU C 216 -12.70 -17.79 34.28
C LEU C 216 -13.83 -18.27 35.16
N ARG C 217 -14.94 -18.72 34.57
CA ARG C 217 -16.02 -19.33 35.33
C ARG C 217 -15.58 -20.63 36.02
N GLY C 218 -14.35 -21.09 35.78
CA GLY C 218 -13.82 -22.16 36.61
C GLY C 218 -13.96 -21.86 38.09
N ALA C 219 -13.72 -20.61 38.48
CA ALA C 219 -13.84 -20.21 39.87
C ALA C 219 -15.27 -20.30 40.34
N ARG C 220 -16.22 -19.97 39.47
CA ARG C 220 -17.64 -19.91 39.83
C ARG C 220 -18.11 -21.19 40.49
N THR C 221 -17.61 -22.33 40.04
CA THR C 221 -18.13 -23.60 40.53
C THR C 221 -17.97 -23.69 42.04
N SER C 222 -16.79 -23.34 42.54
CA SER C 222 -16.57 -23.29 43.97
C SER C 222 -17.55 -22.35 44.66
N ALA C 223 -17.90 -21.24 44.00
CA ALA C 223 -18.64 -20.17 44.64
C ALA C 223 -19.92 -20.65 45.29
N PHE C 224 -20.74 -21.40 44.55
CA PHE C 224 -22.11 -21.64 45.00
C PHE C 224 -22.15 -22.43 46.30
N GLY C 225 -21.20 -23.32 46.50
CA GLY C 225 -21.21 -24.10 47.72
C GLY C 225 -20.83 -23.25 48.92
N ILE C 226 -20.23 -22.09 48.66
CA ILE C 226 -19.42 -21.41 49.67
C ILE C 226 -19.85 -19.97 49.88
N GLU C 227 -20.08 -19.24 48.79
CA GLU C 227 -20.06 -17.77 48.77
C GLU C 227 -20.97 -17.03 49.73
N PRO C 228 -22.25 -17.39 49.85
CA PRO C 228 -23.32 -16.38 49.86
C PRO C 228 -23.07 -15.15 50.72
N ASP C 229 -23.54 -14.00 50.20
CA ASP C 229 -23.76 -12.76 50.95
C ASP C 229 -22.52 -11.89 51.04
N TYR C 230 -21.38 -12.37 50.53
CA TYR C 230 -20.23 -11.48 50.33
C TYR C 230 -19.17 -12.13 49.45
N GLY C 231 -18.15 -11.36 49.06
CA GLY C 231 -17.14 -11.87 48.14
C GLY C 231 -15.98 -10.92 47.99
N PHE C 232 -14.82 -11.51 47.71
CA PHE C 232 -13.58 -10.78 47.49
C PHE C 232 -12.78 -11.51 46.41
N ALA C 233 -11.70 -10.86 45.96
CA ALA C 233 -10.83 -11.47 44.96
C ALA C 233 -9.45 -10.85 45.03
N ILE C 234 -8.45 -11.67 44.69
CA ILE C 234 -7.08 -11.21 44.54
C ILE C 234 -6.55 -11.79 43.25
N ASP C 235 -6.72 -11.05 42.17
CA ASP C 235 -6.16 -11.37 40.87
C ASP C 235 -5.58 -10.08 40.31
N VAL C 236 -4.89 -10.19 39.18
CA VAL C 236 -4.16 -9.06 38.63
C VAL C 236 -4.09 -9.14 37.11
N THR C 237 -4.05 -7.96 36.49
CA THR C 237 -3.64 -7.81 35.10
C THR C 237 -3.38 -6.32 34.86
N ILE C 238 -2.15 -6.02 34.42
CA ILE C 238 -1.59 -4.68 34.52
C ILE C 238 -0.71 -4.44 33.30
N ALA C 239 -0.59 -3.17 32.91
CA ALA C 239 0.51 -2.69 32.07
C ALA C 239 1.17 -1.55 32.84
N ALA C 240 2.35 -1.83 33.41
CA ALA C 240 2.85 -1.08 34.57
C ALA C 240 4.13 -0.30 34.25
N ASP C 241 4.00 1.03 34.22
CA ASP C 241 5.12 1.97 34.38
C ASP C 241 6.28 1.70 33.44
N ILE C 242 5.93 1.28 32.23
CA ILE C 242 6.97 0.92 31.27
C ILE C 242 7.48 2.26 30.72
N PRO C 243 8.79 2.54 30.73
CA PRO C 243 9.24 3.84 30.22
C PRO C 243 8.88 4.05 28.76
N GLY C 244 8.99 5.31 28.34
CA GLY C 244 8.55 5.71 27.02
C GLY C 244 7.04 5.85 26.87
N THR C 245 6.27 5.51 27.90
CA THR C 245 4.83 5.67 27.87
C THR C 245 4.42 7.01 28.44
N PRO C 246 3.19 7.46 28.21
CA PRO C 246 2.70 8.65 28.89
C PRO C 246 2.44 8.39 30.37
N GLU C 247 1.85 9.40 31.02
CA GLU C 247 1.53 9.29 32.43
C GLU C 247 0.24 8.52 32.68
N HIS C 248 -0.53 8.24 31.61
CA HIS C 248 -1.86 7.66 31.83
C HIS C 248 -1.80 6.22 32.31
N LYS C 249 -0.68 5.55 32.14
CA LYS C 249 -0.46 4.24 32.74
C LYS C 249 0.36 4.30 34.01
N GLN C 250 1.03 5.43 34.27
CA GLN C 250 1.97 5.48 35.39
C GLN C 250 1.25 5.30 36.72
N VAL C 251 0.04 5.86 36.86
CA VAL C 251 -0.66 5.72 38.15
C VAL C 251 -1.10 4.28 38.41
N THR C 252 -1.21 3.44 37.36
CA THR C 252 -1.49 2.03 37.57
C THR C 252 -0.45 1.37 38.46
N HIS C 253 0.79 1.84 38.39
CA HIS C 253 1.86 1.36 39.25
C HIS C 253 3.01 2.35 39.26
N LEU C 254 3.47 2.65 40.47
CA LEU C 254 4.64 3.50 40.67
C LEU C 254 5.64 2.88 41.65
N GLY C 255 5.33 1.71 42.21
CA GLY C 255 6.12 1.01 43.20
C GLY C 255 5.67 1.32 44.60
N LYS C 256 4.37 1.50 44.77
CA LYS C 256 3.81 2.06 45.99
C LYS C 256 2.40 1.54 46.16
N GLY C 257 2.14 1.02 47.36
CA GLY C 257 0.79 0.70 47.76
C GLY C 257 0.17 -0.39 46.92
N THR C 258 -1.02 -0.79 47.34
CA THR C 258 -1.77 -1.85 46.70
C THR C 258 -2.80 -1.23 45.78
N ALA C 259 -3.49 -2.08 45.05
CA ALA C 259 -4.36 -1.67 43.96
C ALA C 259 -5.74 -2.25 44.17
N ILE C 260 -6.73 -1.36 44.27
CA ILE C 260 -8.12 -1.73 44.36
C ILE C 260 -8.73 -1.61 42.99
N LYS C 261 -9.59 -2.56 42.63
CA LYS C 261 -10.21 -2.59 41.32
C LYS C 261 -11.60 -2.00 41.41
N ILE C 262 -11.84 -0.96 40.62
CA ILE C 262 -13.17 -0.38 40.51
C ILE C 262 -13.88 -0.97 39.31
N MET C 263 -13.15 -1.14 38.22
CA MET C 263 -13.72 -1.58 36.96
C MET C 263 -12.74 -2.49 36.26
N ASP C 264 -13.30 -3.44 35.53
CA ASP C 264 -12.57 -4.22 34.55
C ASP C 264 -13.48 -4.41 33.34
N ARG C 265 -13.04 -5.28 32.43
CA ARG C 265 -13.95 -5.81 31.42
C ARG C 265 -15.17 -6.43 32.08
N SER C 266 -14.92 -7.39 32.97
CA SER C 266 -15.97 -8.28 33.43
C SER C 266 -16.77 -7.70 34.60
N VAL C 267 -16.10 -7.15 35.60
CA VAL C 267 -16.71 -6.89 36.89
C VAL C 267 -16.75 -5.40 37.14
N ILE C 268 -17.82 -4.95 37.78
CA ILE C 268 -17.97 -3.60 38.27
C ILE C 268 -18.19 -3.71 39.77
N CYS C 269 -17.16 -3.40 40.54
CA CYS C 269 -17.21 -3.67 41.98
C CYS C 269 -18.24 -2.79 42.66
N HIS C 270 -18.98 -3.40 43.56
CA HIS C 270 -19.98 -2.70 44.35
C HIS C 270 -19.30 -1.58 45.12
N PRO C 271 -19.54 -0.31 44.76
CA PRO C 271 -18.60 0.75 45.17
C PRO C 271 -18.54 1.02 46.65
N THR C 272 -19.58 0.63 47.40
CA THR C 272 -19.54 0.80 48.85
C THR C 272 -18.30 0.13 49.43
N ILE C 273 -17.99 -1.08 48.95
CA ILE C 273 -16.78 -1.76 49.36
C ILE C 273 -15.56 -0.89 49.10
N VAL C 274 -15.48 -0.33 47.89
CA VAL C 274 -14.33 0.47 47.50
C VAL C 274 -14.16 1.66 48.44
N ARG C 275 -15.23 2.44 48.63
CA ARG C 275 -15.13 3.60 49.52
C ARG C 275 -14.77 3.15 50.92
N TRP C 276 -15.21 1.96 51.32
CA TRP C 276 -14.89 1.46 52.64
C TRP C 276 -13.42 1.14 52.77
N LEU C 277 -12.88 0.42 51.78
CA LEU C 277 -11.45 0.12 51.81
C LEU C 277 -10.63 1.39 51.74
N GLU C 278 -11.09 2.35 50.94
CA GLU C 278 -10.45 3.66 50.91
C GLU C 278 -10.43 4.26 52.30
N GLU C 279 -11.57 4.23 52.98
CA GLU C 279 -11.63 4.71 54.36
C GLU C 279 -10.69 3.90 55.24
N LEU C 280 -10.64 2.59 55.02
CA LEU C 280 -9.89 1.72 55.92
C LEU C 280 -8.40 2.00 55.83
N ALA C 281 -7.89 2.13 54.62
CA ALA C 281 -6.45 2.29 54.44
C ALA C 281 -5.97 3.59 55.07
N LYS C 282 -6.82 4.61 55.06
CA LYS C 282 -6.44 5.88 55.67
C LYS C 282 -6.42 5.78 57.19
N LYS C 283 -7.29 4.94 57.76
CA LYS C 283 -7.39 4.87 59.21
C LYS C 283 -6.16 4.21 59.82
N HIS C 284 -5.63 3.19 59.14
CA HIS C 284 -4.44 2.49 59.59
C HIS C 284 -3.18 2.89 58.84
N GLU C 285 -3.20 4.00 58.10
CA GLU C 285 -2.00 4.55 57.45
C GLU C 285 -1.45 3.60 56.38
N ILE C 286 -2.34 2.86 55.75
CA ILE C 286 -1.95 1.89 54.73
C ILE C 286 -1.88 2.60 53.38
N PRO C 287 -0.94 2.25 52.50
CA PRO C 287 -0.94 2.86 51.16
C PRO C 287 -1.90 2.15 50.23
N TYR C 288 -2.45 2.91 49.29
CA TYR C 288 -3.40 2.35 48.34
C TYR C 288 -3.42 3.20 47.09
N GLN C 289 -3.68 2.53 45.97
CA GLN C 289 -3.97 3.17 44.71
C GLN C 289 -5.41 2.84 44.35
N LEU C 290 -5.88 3.43 43.27
CA LEU C 290 -7.13 3.02 42.65
C LEU C 290 -6.85 2.76 41.17
N GLU C 291 -6.98 1.50 40.78
CA GLU C 291 -6.59 1.04 39.45
C GLU C 291 -7.83 0.56 38.71
N ILE C 292 -7.84 0.81 37.41
CA ILE C 292 -8.85 0.32 36.50
C ILE C 292 -8.16 -0.12 35.23
N LEU C 293 -8.81 -1.01 34.48
CA LEU C 293 -8.32 -1.45 33.19
C LEU C 293 -9.37 -1.21 32.12
N LEU C 294 -8.94 -1.36 30.88
CA LEU C 294 -9.86 -1.49 29.76
C LEU C 294 -10.15 -2.94 29.40
N GLY C 295 -9.29 -3.87 29.86
CA GLY C 295 -9.42 -5.26 29.51
C GLY C 295 -8.97 -6.15 30.65
N GLY C 296 -8.99 -7.46 30.38
CA GLY C 296 -8.60 -8.45 31.36
C GLY C 296 -9.80 -9.13 31.99
N GLY C 297 -9.67 -10.41 32.30
CA GLY C 297 -10.73 -11.18 32.92
C GLY C 297 -10.27 -11.76 34.23
N THR C 298 -10.94 -11.38 35.31
CA THR C 298 -10.56 -11.74 36.66
C THR C 298 -11.55 -12.72 37.27
N ASP C 299 -11.18 -13.20 38.45
CA ASP C 299 -12.05 -14.09 39.20
C ASP C 299 -13.33 -13.39 39.63
N ALA C 300 -13.23 -12.09 39.92
CA ALA C 300 -14.35 -11.37 40.52
C ALA C 300 -15.57 -11.40 39.63
N GLY C 301 -15.37 -11.36 38.31
CA GLY C 301 -16.50 -11.36 37.39
C GLY C 301 -17.37 -12.58 37.57
N ALA C 302 -16.75 -13.74 37.75
CA ALA C 302 -17.51 -14.96 37.93
C ALA C 302 -18.27 -14.95 39.25
N ILE C 303 -17.75 -14.22 40.24
CA ILE C 303 -18.40 -14.21 41.55
C ILE C 303 -19.70 -13.43 41.46
N HIS C 304 -19.74 -12.39 40.64
CA HIS C 304 -20.90 -11.50 40.57
C HIS C 304 -22.15 -12.19 40.05
N LEU C 305 -22.03 -13.37 39.47
CA LEU C 305 -23.10 -13.99 38.70
C LEU C 305 -23.80 -15.11 39.44
N THR C 306 -23.28 -15.53 40.58
CA THR C 306 -24.00 -16.48 41.42
C THR C 306 -25.35 -15.92 41.82
N LYS C 307 -26.26 -16.82 42.17
CA LYS C 307 -27.68 -16.51 42.19
C LYS C 307 -28.05 -15.40 43.16
N ALA C 308 -27.31 -15.26 44.26
CA ALA C 308 -27.66 -14.23 45.23
C ALA C 308 -27.46 -12.84 44.65
N GLY C 309 -26.59 -12.70 43.67
CA GLY C 309 -26.21 -11.39 43.18
C GLY C 309 -25.22 -10.68 44.09
N VAL C 310 -24.02 -11.21 44.22
CA VAL C 310 -23.11 -10.84 45.30
C VAL C 310 -22.41 -9.53 45.01
N PRO C 311 -22.24 -8.64 45.99
CA PRO C 311 -21.37 -7.49 45.79
C PRO C 311 -19.93 -7.88 46.09
N THR C 312 -19.03 -7.35 45.27
CA THR C 312 -17.65 -7.80 45.28
C THR C 312 -16.69 -6.62 45.13
N GLY C 313 -15.64 -6.66 45.95
CA GLY C 313 -14.47 -5.85 45.76
C GLY C 313 -13.29 -6.74 45.44
N ALA C 314 -12.25 -6.13 44.89
CA ALA C 314 -11.08 -6.87 44.46
C ALA C 314 -9.83 -6.06 44.73
N LEU C 315 -8.83 -6.76 45.26
CA LEU C 315 -7.51 -6.22 45.48
C LEU C 315 -6.56 -6.75 44.42
N SER C 316 -5.53 -5.98 44.15
CA SER C 316 -4.55 -6.30 43.14
C SER C 316 -3.15 -5.98 43.65
N VAL C 317 -2.25 -6.92 43.46
CA VAL C 317 -0.85 -6.77 43.83
C VAL C 317 -0.08 -6.41 42.56
N PRO C 318 0.39 -5.18 42.42
CA PRO C 318 0.63 -4.62 41.10
C PRO C 318 1.97 -5.03 40.50
N ALA C 319 2.29 -4.34 39.39
CA ALA C 319 3.64 -4.21 38.84
C ALA C 319 4.11 -5.40 38.01
N ARG C 320 3.20 -6.03 37.30
CA ARG C 320 3.55 -7.13 36.43
C ARG C 320 4.22 -6.60 35.15
N TYR C 321 4.98 -7.48 34.51
CA TYR C 321 5.38 -7.34 33.11
C TYR C 321 4.69 -8.47 32.36
N ILE C 322 4.70 -8.36 31.02
CA ILE C 322 3.81 -9.13 30.14
C ILE C 322 3.90 -10.60 30.53
N HIS C 323 2.76 -11.12 31.04
CA HIS C 323 2.78 -12.06 32.17
C HIS C 323 3.53 -13.36 31.89
N SER C 324 3.95 -13.60 30.66
CA SER C 324 4.66 -14.82 30.33
C SER C 324 5.94 -14.98 31.14
N ASN C 325 6.88 -14.03 31.01
CA ASN C 325 8.28 -14.36 31.22
C ASN C 325 8.85 -13.93 32.55
N THR C 326 8.75 -12.66 32.90
CA THR C 326 9.17 -12.18 34.20
C THR C 326 8.08 -11.25 34.71
N GLU C 327 7.99 -11.22 36.02
CA GLU C 327 6.75 -10.89 36.68
C GLU C 327 7.03 -10.06 37.92
N VAL C 328 7.79 -8.98 37.76
CA VAL C 328 8.30 -8.19 38.88
C VAL C 328 7.18 -7.80 39.84
N VAL C 329 7.54 -7.66 41.12
CA VAL C 329 6.64 -7.20 42.17
C VAL C 329 7.39 -6.26 43.10
N ASP C 330 6.66 -5.77 44.09
CA ASP C 330 7.17 -4.87 45.11
C ASP C 330 6.88 -5.46 46.47
N GLU C 331 7.95 -5.72 47.22
CA GLU C 331 7.83 -6.28 48.58
C GLU C 331 6.91 -5.43 49.44
N ARG C 332 6.88 -4.12 49.22
CA ARG C 332 6.09 -3.25 50.06
C ARG C 332 4.62 -3.50 49.85
N ASP C 333 4.20 -3.63 48.59
CA ASP C 333 2.79 -3.71 48.28
C ASP C 333 2.18 -4.99 48.82
N VAL C 334 2.88 -6.10 48.64
CA VAL C 334 2.30 -7.39 49.00
C VAL C 334 2.06 -7.46 50.50
N ASP C 335 3.00 -6.96 51.30
CA ASP C 335 2.78 -6.99 52.74
C ASP C 335 1.70 -5.99 53.13
N ALA C 336 1.63 -4.86 52.42
CA ALA C 336 0.58 -3.90 52.68
C ALA C 336 -0.77 -4.50 52.33
N THR C 337 -0.83 -5.22 51.21
CA THR C 337 -2.06 -5.88 50.81
C THR C 337 -2.56 -6.81 51.91
N VAL C 338 -1.65 -7.57 52.52
CA VAL C 338 -2.02 -8.49 53.57
C VAL C 338 -2.64 -7.72 54.74
N GLU C 339 -1.98 -6.66 55.17
CA GLU C 339 -2.48 -5.85 56.28
C GLU C 339 -3.89 -5.37 55.99
N LEU C 340 -4.11 -4.86 54.78
CA LEU C 340 -5.41 -4.31 54.43
C LEU C 340 -6.50 -5.36 54.53
N MET C 341 -6.33 -6.49 53.84
CA MET C 341 -7.35 -7.53 53.88
C MET C 341 -7.56 -8.03 55.30
N THR C 342 -6.47 -8.18 56.05
CA THR C 342 -6.57 -8.69 57.41
C THR C 342 -7.52 -7.84 58.24
N LYS C 343 -7.37 -6.53 58.12
CA LYS C 343 -8.23 -5.64 58.91
C LYS C 343 -9.63 -5.61 58.34
N ALA C 344 -9.76 -5.65 57.00
CA ALA C 344 -11.07 -5.61 56.38
C ALA C 344 -11.92 -6.79 56.82
N LEU C 345 -11.32 -7.97 56.86
CA LEU C 345 -12.06 -9.16 57.25
C LEU C 345 -12.66 -9.01 58.64
N GLU C 346 -11.83 -8.61 59.60
CA GLU C 346 -12.32 -8.47 60.96
C GLU C 346 -13.35 -7.35 61.04
N ASN C 347 -13.12 -6.25 60.32
CA ASN C 347 -14.07 -5.14 60.39
C ASN C 347 -15.25 -5.32 59.43
N ILE C 348 -15.35 -6.46 58.74
CA ILE C 348 -16.48 -6.64 57.82
C ILE C 348 -17.79 -6.69 58.58
N HIS C 349 -17.76 -7.05 59.86
CA HIS C 349 -19.00 -7.21 60.60
C HIS C 349 -19.75 -5.88 60.72
N GLU C 350 -19.03 -4.78 60.68
CA GLU C 350 -19.67 -3.45 60.73
C GLU C 350 -20.08 -3.00 59.34
N LEU C 351 -19.51 -3.58 58.29
CA LEU C 351 -19.75 -3.12 56.92
C LEU C 351 -21.17 -3.42 56.46
N LYS C 352 -21.79 -4.48 56.99
CA LYS C 352 -23.05 -5.04 56.50
C LYS C 352 -24.14 -4.03 56.11
N ILE C 353 -24.14 -2.83 56.70
CA ILE C 353 -25.19 -1.79 56.51
C ILE C 353 -26.41 -2.20 57.31
N MET D 1 -35.95 26.85 -36.38
CA MET D 1 -37.43 26.71 -36.30
C MET D 1 -38.06 27.32 -35.04
N GLU D 2 -38.06 28.65 -34.97
CA GLU D 2 -38.45 29.34 -33.73
C GLU D 2 -39.97 29.24 -33.63
N VAL D 3 -40.43 28.10 -33.13
CA VAL D 3 -41.86 27.86 -32.95
C VAL D 3 -42.43 28.85 -31.93
N ARG D 4 -41.63 29.21 -30.92
CA ARG D 4 -42.02 30.13 -29.86
C ARG D 4 -41.37 31.50 -29.97
N ASN D 5 -40.22 31.61 -30.64
CA ASN D 5 -39.42 32.84 -30.70
C ASN D 5 -38.99 33.30 -29.32
N MET D 6 -38.80 32.37 -28.38
CA MET D 6 -38.39 32.72 -27.03
C MET D 6 -36.89 32.99 -26.96
N VAL D 7 -36.11 32.20 -27.69
CA VAL D 7 -34.65 32.32 -27.71
C VAL D 7 -34.20 32.33 -29.15
N ASP D 8 -33.59 33.43 -29.57
CA ASP D 8 -33.22 33.61 -30.96
C ASP D 8 -32.00 32.78 -31.31
N TYR D 9 -32.21 31.76 -32.14
CA TYR D 9 -31.14 30.85 -32.51
C TYR D 9 -30.02 31.55 -33.26
N GLU D 10 -30.35 32.58 -34.04
CA GLU D 10 -29.33 33.32 -34.77
C GLU D 10 -28.43 34.10 -33.82
N LEU D 11 -29.04 34.78 -32.84
CA LEU D 11 -28.27 35.69 -31.99
C LEU D 11 -27.24 34.93 -31.17
N LEU D 12 -27.63 33.78 -30.62
CA LEU D 12 -26.71 33.01 -29.79
C LEU D 12 -25.50 32.56 -30.58
N LYS D 13 -25.66 32.34 -31.88
CA LYS D 13 -24.55 31.90 -32.72
C LYS D 13 -23.44 32.94 -32.70
N LYS D 14 -23.81 34.22 -32.88
CA LYS D 14 -22.83 35.29 -33.01
C LYS D 14 -21.93 35.37 -31.77
N VAL D 15 -22.52 35.25 -30.59
CA VAL D 15 -21.75 35.51 -29.38
C VAL D 15 -20.86 34.33 -29.04
N VAL D 16 -21.37 33.12 -29.22
CA VAL D 16 -20.72 31.99 -28.57
C VAL D 16 -19.59 31.44 -29.44
N GLU D 17 -19.72 31.53 -30.75
CA GLU D 17 -18.63 31.12 -31.61
C GLU D 17 -17.43 32.03 -31.44
N ALA D 18 -17.65 33.26 -31.01
CA ALA D 18 -16.57 34.22 -30.91
C ALA D 18 -15.60 33.78 -29.81
N PRO D 19 -14.36 34.28 -29.82
CA PRO D 19 -13.36 33.76 -28.89
C PRO D 19 -13.42 34.44 -27.54
N GLY D 20 -13.14 33.66 -26.51
CA GLY D 20 -13.56 33.98 -25.16
C GLY D 20 -12.48 34.46 -24.20
N VAL D 21 -11.56 35.26 -24.71
CA VAL D 21 -10.77 36.13 -23.84
C VAL D 21 -10.47 37.40 -24.62
N SER D 22 -10.92 38.53 -24.10
CA SER D 22 -10.96 39.77 -24.88
C SER D 22 -9.71 40.59 -24.63
N GLY D 23 -9.56 41.65 -25.43
CA GLY D 23 -8.39 42.51 -25.36
C GLY D 23 -7.20 41.99 -26.13
N TYR D 24 -7.03 40.69 -26.18
CA TYR D 24 -6.02 40.03 -27.00
C TYR D 24 -6.29 40.33 -28.47
N GLU D 25 -5.46 39.76 -29.32
CA GLU D 25 -5.73 39.76 -30.75
C GLU D 25 -7.07 39.11 -31.12
N PHE D 26 -7.74 38.39 -30.21
CA PHE D 26 -9.03 37.79 -30.52
C PHE D 26 -10.22 38.70 -30.24
N LEU D 27 -10.00 39.98 -29.93
CA LEU D 27 -10.98 40.74 -29.14
C LEU D 27 -12.35 40.95 -29.80
N GLY D 28 -12.67 40.27 -30.91
CA GLY D 28 -13.88 40.54 -31.67
C GLY D 28 -15.18 40.52 -30.87
N ILE D 29 -15.23 39.77 -29.77
CA ILE D 29 -16.46 39.69 -28.99
C ILE D 29 -16.86 41.06 -28.49
N ARG D 30 -15.89 41.90 -28.15
CA ARG D 30 -16.16 43.25 -27.70
C ARG D 30 -17.02 43.98 -28.72
N ASP D 31 -16.57 43.97 -29.97
CA ASP D 31 -17.33 44.60 -31.05
C ASP D 31 -18.73 44.00 -31.13
N VAL D 32 -18.84 42.68 -30.96
CA VAL D 32 -20.12 42.01 -31.14
C VAL D 32 -21.13 42.51 -30.11
N VAL D 33 -20.73 42.54 -28.84
CA VAL D 33 -21.67 42.91 -27.80
C VAL D 33 -22.10 44.36 -27.98
N ILE D 34 -21.18 45.23 -28.35
CA ILE D 34 -21.56 46.62 -28.55
C ILE D 34 -22.32 46.80 -29.85
N GLU D 35 -22.03 45.98 -30.86
CA GLU D 35 -22.72 46.09 -32.14
C GLU D 35 -24.21 45.83 -31.99
N GLU D 36 -24.59 44.99 -31.03
CA GLU D 36 -25.98 44.70 -30.73
C GLU D 36 -26.58 45.69 -29.76
N ILE D 37 -25.97 45.81 -28.58
CA ILE D 37 -26.61 46.46 -27.45
C ILE D 37 -26.87 47.94 -27.73
N LYS D 38 -26.05 48.57 -28.57
CA LYS D 38 -26.00 50.02 -28.59
C LYS D 38 -27.27 50.62 -29.18
N ASP D 39 -27.97 49.90 -30.04
CA ASP D 39 -29.15 50.48 -30.65
C ASP D 39 -30.28 50.65 -29.65
N TYR D 40 -30.29 49.87 -28.57
CA TYR D 40 -31.35 49.88 -27.59
C TYR D 40 -31.00 50.65 -26.32
N VAL D 41 -29.76 51.11 -26.17
CA VAL D 41 -29.30 51.79 -24.97
C VAL D 41 -28.84 53.19 -25.36
N ASP D 42 -28.94 54.10 -24.38
CA ASP D 42 -28.63 55.51 -24.64
C ASP D 42 -27.16 55.70 -24.96
N GLU D 43 -26.28 55.03 -24.22
CA GLU D 43 -24.85 55.27 -24.38
C GLU D 43 -24.10 54.04 -23.86
N VAL D 44 -22.87 53.90 -24.33
CA VAL D 44 -22.06 52.72 -24.05
C VAL D 44 -20.60 53.15 -24.03
N LYS D 45 -19.79 52.51 -23.19
CA LYS D 45 -18.39 52.85 -23.05
C LYS D 45 -17.57 51.61 -22.72
N VAL D 46 -16.28 51.70 -22.99
CA VAL D 46 -15.31 50.64 -22.74
C VAL D 46 -14.33 51.16 -21.72
N ASP D 47 -14.10 50.39 -20.67
CA ASP D 47 -13.12 50.77 -19.67
C ASP D 47 -11.74 50.38 -20.16
N LYS D 48 -10.74 50.59 -19.32
CA LYS D 48 -9.37 50.33 -19.72
C LYS D 48 -9.09 48.84 -19.77
N LEU D 49 -9.69 48.09 -18.86
CA LEU D 49 -9.41 46.69 -18.64
C LEU D 49 -10.16 45.75 -19.58
N GLY D 50 -10.80 46.26 -20.61
CA GLY D 50 -11.59 45.44 -21.50
C GLY D 50 -13.03 45.26 -21.08
N ASN D 51 -13.40 45.74 -19.89
CA ASN D 51 -14.80 45.74 -19.50
C ASN D 51 -15.61 46.59 -20.45
N VAL D 52 -16.89 46.22 -20.59
CA VAL D 52 -17.85 46.95 -21.40
C VAL D 52 -18.88 47.55 -20.44
N ILE D 53 -19.29 48.77 -20.72
CA ILE D 53 -20.17 49.54 -19.85
C ILE D 53 -21.30 50.08 -20.72
N ALA D 54 -22.51 49.64 -20.44
CA ALA D 54 -23.71 50.14 -21.10
C ALA D 54 -24.61 50.80 -20.08
N HIS D 55 -24.86 52.10 -20.29
CA HIS D 55 -25.59 52.93 -19.35
C HIS D 55 -26.89 53.35 -19.99
N LYS D 56 -27.97 52.67 -19.63
CA LYS D 56 -29.31 53.18 -19.86
C LYS D 56 -29.61 54.18 -18.76
N LYS D 57 -30.35 55.22 -19.11
CA LYS D 57 -30.62 56.31 -18.18
C LYS D 57 -32.05 56.21 -17.68
N GLY D 58 -32.29 56.75 -16.48
CA GLY D 58 -33.61 56.73 -15.92
C GLY D 58 -33.67 57.53 -14.63
N GLU D 59 -34.71 57.24 -13.84
CA GLU D 59 -34.95 57.88 -12.56
C GLU D 59 -35.01 56.81 -11.48
N GLY D 60 -33.95 56.71 -10.68
CA GLY D 60 -33.92 55.73 -9.62
C GLY D 60 -32.52 55.35 -9.18
N PRO D 61 -32.42 54.28 -8.38
CA PRO D 61 -31.11 53.83 -7.93
C PRO D 61 -30.29 53.22 -9.05
N LYS D 62 -29.00 53.07 -8.79
CA LYS D 62 -28.06 52.55 -9.77
C LYS D 62 -27.95 51.05 -9.62
N VAL D 63 -28.45 50.32 -10.61
CA VAL D 63 -28.42 48.86 -10.62
C VAL D 63 -27.34 48.39 -11.57
N MET D 64 -26.61 47.38 -11.14
CA MET D 64 -25.47 46.83 -11.86
C MET D 64 -25.75 45.38 -12.22
N ILE D 65 -25.66 45.06 -13.51
CA ILE D 65 -25.97 43.74 -14.03
C ILE D 65 -24.70 43.15 -14.62
N ALA D 66 -24.21 42.08 -14.01
CA ALA D 66 -22.89 41.56 -14.30
C ALA D 66 -22.96 40.18 -14.91
N ALA D 67 -22.35 40.04 -16.08
CA ALA D 67 -22.09 38.77 -16.71
C ALA D 67 -20.61 38.70 -17.09
N HIS D 68 -20.10 37.48 -17.18
CA HIS D 68 -18.72 37.27 -17.59
C HIS D 68 -18.66 36.75 -19.02
N MET D 69 -17.61 37.15 -19.72
CA MET D 69 -17.39 36.79 -21.12
C MET D 69 -15.98 36.23 -21.29
N ASP D 70 -15.39 35.74 -20.20
CA ASP D 70 -14.06 35.14 -20.26
C ASP D 70 -14.12 33.63 -20.33
N GLN D 71 -14.60 33.09 -21.44
CA GLN D 71 -14.69 31.65 -21.64
C GLN D 71 -13.29 31.05 -21.46
N ILE D 72 -13.24 29.85 -20.91
CA ILE D 72 -12.00 29.15 -20.61
C ILE D 72 -11.22 28.96 -21.91
N GLY D 73 -9.91 28.95 -21.78
CA GLY D 73 -9.05 28.64 -22.90
C GLY D 73 -7.72 28.12 -22.42
N LEU D 74 -6.82 27.88 -23.38
CA LEU D 74 -5.49 27.41 -23.09
C LEU D 74 -4.46 28.36 -23.71
N MET D 75 -3.23 28.26 -23.21
CA MET D 75 -2.13 29.13 -23.58
C MET D 75 -0.93 28.30 -23.98
N VAL D 76 -0.33 28.63 -25.10
CA VAL D 76 0.96 28.09 -25.47
C VAL D 76 2.03 28.76 -24.63
N THR D 77 2.98 27.96 -24.14
CA THR D 77 4.09 28.46 -23.35
C THR D 77 5.43 28.29 -24.03
N HIS D 78 5.59 27.28 -24.86
CA HIS D 78 6.84 27.08 -25.58
C HIS D 78 6.56 26.17 -26.77
N ILE D 79 7.58 25.98 -27.59
CA ILE D 79 7.49 25.22 -28.83
C ILE D 79 8.58 24.17 -28.82
N GLU D 80 8.19 22.90 -28.66
CA GLU D 80 9.15 21.82 -28.79
C GLU D 80 9.71 21.78 -30.20
N LYS D 81 10.79 21.02 -30.37
CA LYS D 81 11.55 21.10 -31.61
C LYS D 81 10.85 20.42 -32.76
N ASN D 82 10.02 19.42 -32.50
CA ASN D 82 9.35 18.68 -33.56
C ASN D 82 8.15 19.42 -34.15
N GLY D 83 7.95 20.69 -33.79
CA GLY D 83 6.81 21.43 -34.28
C GLY D 83 5.51 21.18 -33.54
N PHE D 84 5.56 20.53 -32.39
CA PHE D 84 4.39 20.26 -31.57
C PHE D 84 4.40 21.14 -30.33
N LEU D 85 3.20 21.55 -29.92
CA LEU D 85 3.01 22.52 -28.85
C LEU D 85 2.76 21.88 -27.50
N ARG D 86 3.31 22.48 -26.46
CA ARG D 86 2.85 22.32 -25.10
C ARG D 86 1.93 23.47 -24.78
N VAL D 87 1.33 23.41 -23.59
CA VAL D 87 0.28 24.36 -23.24
C VAL D 87 0.28 24.56 -21.73
N ALA D 88 -0.39 25.63 -21.31
CA ALA D 88 -0.67 25.90 -19.91
C ALA D 88 -2.09 26.41 -19.76
N PRO D 89 -2.88 25.84 -18.85
CA PRO D 89 -4.29 26.19 -18.84
C PRO D 89 -4.57 27.49 -18.14
N ILE D 90 -5.73 28.04 -18.46
CA ILE D 90 -6.35 29.12 -17.72
C ILE D 90 -7.19 28.49 -16.62
N GLY D 91 -7.33 29.22 -15.52
CA GLY D 91 -7.88 28.68 -14.28
C GLY D 91 -9.30 28.18 -14.47
N GLY D 92 -9.59 27.06 -13.82
CA GLY D 92 -10.90 26.47 -13.81
C GLY D 92 -11.02 25.18 -14.59
N VAL D 93 -10.16 24.95 -15.57
CA VAL D 93 -10.34 23.85 -16.51
C VAL D 93 -9.90 22.55 -15.85
N ASP D 94 -10.48 21.45 -16.31
CA ASP D 94 -10.12 20.12 -15.90
C ASP D 94 -9.43 19.43 -17.07
N PRO D 95 -8.27 18.79 -16.92
CA PRO D 95 -7.54 18.32 -18.09
C PRO D 95 -8.04 17.00 -18.66
N LYS D 96 -8.95 16.30 -17.98
CA LYS D 96 -9.52 15.09 -18.56
C LYS D 96 -10.31 15.38 -19.82
N THR D 97 -10.65 16.65 -20.05
CA THR D 97 -11.38 17.08 -21.23
C THR D 97 -10.47 17.44 -22.38
N LEU D 98 -9.35 16.71 -22.53
CA LEU D 98 -8.28 17.00 -23.47
C LEU D 98 -8.79 17.39 -24.85
N ILE D 99 -9.42 16.46 -25.56
CA ILE D 99 -10.06 16.75 -26.84
C ILE D 99 -10.84 15.52 -27.29
N ALA D 100 -11.83 15.77 -28.12
CA ALA D 100 -12.41 14.79 -29.03
C ALA D 100 -12.36 15.27 -30.48
N GLN D 101 -12.19 16.58 -30.67
CA GLN D 101 -12.05 17.17 -31.98
C GLN D 101 -11.63 18.62 -31.83
N ARG D 102 -10.74 19.04 -32.74
CA ARG D 102 -10.65 20.42 -33.19
C ARG D 102 -10.44 21.45 -32.08
N PHE D 103 -9.25 21.55 -31.50
CA PHE D 103 -8.88 22.76 -30.78
C PHE D 103 -8.46 23.85 -31.76
N LYS D 104 -8.98 25.05 -31.53
CA LYS D 104 -8.80 26.17 -32.44
C LYS D 104 -7.74 27.11 -31.88
N VAL D 105 -6.89 27.64 -32.77
CA VAL D 105 -5.81 28.55 -32.43
C VAL D 105 -6.06 29.87 -33.11
N TRP D 106 -6.38 30.90 -32.32
CA TRP D 106 -6.63 32.23 -32.83
C TRP D 106 -5.34 33.04 -32.88
N ILE D 107 -4.56 32.85 -33.96
CA ILE D 107 -3.41 33.71 -34.20
C ILE D 107 -3.82 35.17 -34.15
N ASP D 108 -4.82 35.54 -34.93
CA ASP D 108 -5.32 36.90 -34.93
C ASP D 108 -6.78 36.88 -35.34
N LYS D 109 -7.38 38.06 -35.34
CA LYS D 109 -8.79 38.21 -35.66
C LYS D 109 -9.08 37.70 -37.05
N GLY D 110 -10.05 36.79 -37.17
CA GLY D 110 -10.41 36.21 -38.44
C GLY D 110 -9.42 35.23 -39.02
N LYS D 111 -8.42 34.81 -38.25
CA LYS D 111 -7.43 33.83 -38.68
C LYS D 111 -7.35 32.73 -37.63
N PHE D 112 -7.76 31.53 -38.01
CA PHE D 112 -7.79 30.39 -37.12
C PHE D 112 -7.31 29.16 -37.86
N ILE D 113 -6.55 28.33 -37.16
CA ILE D 113 -6.15 27.02 -37.67
C ILE D 113 -6.45 25.98 -36.62
N TYR D 114 -6.89 24.82 -37.09
CA TYR D 114 -7.37 23.78 -36.21
C TYR D 114 -6.21 23.04 -35.59
N GLY D 115 -6.42 22.55 -34.38
CA GLY D 115 -5.39 21.86 -33.64
C GLY D 115 -5.99 20.78 -32.76
N VAL D 116 -5.16 19.82 -32.41
CA VAL D 116 -5.57 18.67 -31.61
C VAL D 116 -4.61 18.54 -30.44
N GLY D 117 -5.10 17.93 -29.37
CA GLY D 117 -4.42 17.94 -28.10
C GLY D 117 -4.53 16.66 -27.31
N ALA D 118 -4.58 15.52 -27.99
CA ALA D 118 -5.18 14.35 -27.38
C ALA D 118 -4.40 13.80 -26.19
N SER D 119 -3.09 13.62 -26.28
CA SER D 119 -2.42 12.65 -25.43
C SER D 119 -1.03 13.11 -25.00
N VAL D 120 -0.84 13.20 -23.70
CA VAL D 120 0.50 13.19 -23.12
C VAL D 120 0.79 11.70 -22.96
N PRO D 121 1.97 11.20 -23.30
CA PRO D 121 2.19 9.76 -23.15
C PRO D 121 2.22 9.36 -21.69
N PRO D 122 1.38 8.41 -21.26
CA PRO D 122 1.44 7.99 -19.85
C PRO D 122 2.78 7.35 -19.55
N HIS D 123 3.22 7.49 -18.31
CA HIS D 123 4.49 6.95 -17.88
C HIS D 123 4.47 5.43 -18.01
N ILE D 124 5.66 4.84 -17.94
CA ILE D 124 5.84 3.42 -18.13
C ILE D 124 5.70 2.73 -16.78
N GLN D 125 4.48 2.30 -16.46
CA GLN D 125 4.27 1.44 -15.29
C GLN D 125 2.89 0.80 -15.34
N LYS D 126 2.74 -0.29 -14.58
CA LYS D 126 1.57 -1.16 -14.65
C LYS D 126 0.36 -0.61 -13.88
N PRO D 127 0.51 -0.05 -12.65
CA PRO D 127 -0.63 0.65 -12.06
C PRO D 127 -1.02 1.89 -12.85
N GLU D 128 -0.05 2.46 -13.58
CA GLU D 128 -0.29 3.69 -14.34
C GLU D 128 -0.92 3.40 -15.69
N ASP D 129 -0.69 2.21 -16.25
CA ASP D 129 -1.47 1.78 -17.41
C ASP D 129 -2.95 1.77 -17.08
N ARG D 130 -3.28 1.47 -15.82
CA ARG D 130 -4.65 1.58 -15.34
C ARG D 130 -5.05 3.04 -15.12
N LYS D 131 -4.12 3.87 -14.63
CA LYS D 131 -4.41 5.30 -14.51
C LYS D 131 -4.28 5.96 -15.86
N LYS D 132 -5.39 6.02 -16.60
CA LYS D 132 -5.39 6.71 -17.87
C LYS D 132 -5.70 8.19 -17.71
N ALA D 133 -5.62 8.73 -16.48
CA ALA D 133 -5.75 10.15 -16.29
C ALA D 133 -4.49 10.81 -16.82
N PRO D 134 -4.57 11.98 -17.43
CA PRO D 134 -3.35 12.64 -17.90
C PRO D 134 -2.48 13.11 -16.75
N ASP D 135 -1.20 13.19 -17.04
CA ASP D 135 -0.24 13.69 -16.07
C ASP D 135 -0.54 15.17 -15.82
N TRP D 136 -0.17 15.65 -14.63
CA TRP D 136 -0.48 17.01 -14.23
C TRP D 136 0.43 18.04 -14.89
N ASP D 137 1.54 17.60 -15.51
CA ASP D 137 2.51 18.54 -16.07
C ASP D 137 1.86 19.51 -17.04
N GLN D 138 1.37 19.01 -18.18
CA GLN D 138 0.07 19.31 -18.76
C GLN D 138 0.11 18.57 -20.10
N ILE D 139 -1.00 18.56 -20.83
CA ILE D 139 -1.12 17.90 -22.11
C ILE D 139 -0.40 18.73 -23.17
N PHE D 140 -0.20 18.14 -24.35
CA PHE D 140 0.41 18.78 -25.50
C PHE D 140 -0.60 18.93 -26.63
N ILE D 141 -0.27 19.83 -27.56
CA ILE D 141 -1.12 20.16 -28.69
C ILE D 141 -0.34 19.96 -29.97
N ASP D 142 -1.03 19.56 -31.03
CA ASP D 142 -0.46 19.42 -32.36
C ASP D 142 -1.18 20.35 -33.33
N ILE D 143 -0.39 21.05 -34.15
CA ILE D 143 -0.91 21.76 -35.31
C ILE D 143 -0.30 21.23 -36.60
N GLY D 144 0.46 20.16 -36.55
CA GLY D 144 0.95 19.50 -37.74
C GLY D 144 2.24 20.03 -38.29
N ALA D 145 2.76 21.12 -37.75
CA ALA D 145 4.04 21.62 -38.20
C ALA D 145 5.15 20.67 -37.78
N GLU D 146 6.15 20.54 -38.66
CA GLU D 146 7.28 19.67 -38.39
C GLU D 146 8.35 20.31 -37.52
N SER D 147 8.40 21.63 -37.45
CA SER D 147 9.48 22.31 -36.75
C SER D 147 9.03 23.64 -36.17
N LYS D 148 9.84 24.11 -35.23
CA LYS D 148 9.61 25.40 -34.60
C LYS D 148 9.56 26.51 -35.62
N GLU D 149 10.46 26.47 -36.61
CA GLU D 149 10.51 27.51 -37.63
C GLU D 149 9.19 27.57 -38.40
N GLU D 150 8.69 26.42 -38.82
CA GLU D 150 7.43 26.40 -39.56
C GLU D 150 6.30 26.94 -38.73
N ALA D 151 6.33 26.69 -37.41
CA ALA D 151 5.23 27.11 -36.57
C ALA D 151 5.16 28.63 -36.46
N GLU D 152 6.31 29.29 -36.35
CA GLU D 152 6.30 30.73 -36.21
C GLU D 152 5.98 31.40 -37.54
N ASP D 153 6.23 30.71 -38.65
CA ASP D 153 5.88 31.28 -39.95
C ASP D 153 4.38 31.31 -40.14
N MET D 154 3.67 30.36 -39.54
CA MET D 154 2.21 30.43 -39.50
C MET D 154 1.72 31.67 -38.81
N GLY D 155 2.38 32.04 -37.71
CA GLY D 155 1.93 33.12 -36.85
C GLY D 155 1.83 32.75 -35.38
N VAL D 156 1.97 31.47 -35.05
CA VAL D 156 1.93 31.05 -33.66
C VAL D 156 3.10 31.69 -32.91
N LYS D 157 2.81 32.25 -31.75
CA LYS D 157 3.82 32.80 -30.87
C LYS D 157 3.40 32.46 -29.45
N ILE D 158 4.27 32.83 -28.51
CA ILE D 158 3.89 32.65 -27.11
C ILE D 158 2.83 33.69 -26.80
N GLY D 159 1.92 33.31 -25.91
CA GLY D 159 0.80 34.14 -25.56
C GLY D 159 -0.36 33.27 -25.18
N THR D 160 -1.39 33.88 -24.64
CA THR D 160 -2.68 33.24 -24.50
C THR D 160 -3.38 33.33 -25.86
N VAL D 161 -3.59 32.17 -26.51
CA VAL D 161 -3.97 32.18 -27.93
C VAL D 161 -5.16 31.27 -28.26
N ILE D 162 -5.46 30.29 -27.41
CA ILE D 162 -6.25 29.11 -27.82
C ILE D 162 -7.62 29.10 -27.16
N THR D 163 -8.57 28.41 -27.80
CA THR D 163 -9.89 28.13 -27.25
C THR D 163 -10.39 26.76 -27.72
N TRP D 164 -11.69 26.51 -27.52
CA TRP D 164 -12.18 25.13 -27.51
C TRP D 164 -12.85 24.72 -28.82
N ASP D 165 -13.23 25.68 -29.66
CA ASP D 165 -13.92 25.39 -30.92
C ASP D 165 -15.27 24.73 -30.69
N GLY D 166 -16.17 25.44 -30.02
CA GLY D 166 -17.53 24.97 -29.91
C GLY D 166 -18.35 25.45 -31.07
N ARG D 167 -19.44 24.74 -31.31
CA ARG D 167 -20.46 25.16 -32.25
C ARG D 167 -21.80 24.79 -31.67
N LEU D 168 -22.79 25.58 -32.00
CA LEU D 168 -24.07 25.52 -31.32
C LEU D 168 -25.03 24.65 -32.10
N GLU D 169 -25.47 23.56 -31.47
CA GLU D 169 -26.43 22.64 -32.07
C GLU D 169 -27.56 22.38 -31.09
N ARG D 170 -28.67 21.93 -31.66
CA ARG D 170 -29.93 21.75 -30.95
C ARG D 170 -30.12 20.28 -30.63
N LEU D 171 -30.17 19.93 -29.35
CA LEU D 171 -30.59 18.61 -28.92
C LEU D 171 -31.91 18.71 -28.19
N GLY D 172 -32.69 17.63 -28.26
CA GLY D 172 -34.05 17.65 -27.78
C GLY D 172 -34.81 18.74 -28.49
N LYS D 173 -35.04 18.55 -29.80
CA LYS D 173 -35.66 19.56 -30.65
C LYS D 173 -36.97 20.09 -30.08
N HIS D 174 -37.63 19.33 -29.21
CA HIS D 174 -38.57 19.94 -28.28
C HIS D 174 -37.92 21.09 -27.51
N ARG D 175 -36.90 20.82 -26.70
CA ARG D 175 -36.15 21.90 -26.07
C ARG D 175 -34.88 21.41 -25.39
N PHE D 176 -33.73 21.96 -25.81
CA PHE D 176 -32.46 22.05 -25.08
C PHE D 176 -31.46 22.66 -26.05
N VAL D 177 -30.28 23.05 -25.59
CA VAL D 177 -29.24 23.60 -26.45
C VAL D 177 -27.88 23.15 -25.92
N SER D 178 -26.93 22.92 -26.84
CA SER D 178 -25.69 22.20 -26.53
C SER D 178 -24.62 22.99 -25.80
N ILE D 179 -24.05 24.03 -26.43
CA ILE D 179 -22.88 24.73 -25.90
C ILE D 179 -23.18 26.19 -25.56
N ALA D 180 -24.45 26.52 -25.34
CA ALA D 180 -24.85 27.92 -25.23
C ALA D 180 -24.58 28.54 -23.86
N PHE D 181 -24.03 27.78 -22.92
CA PHE D 181 -24.08 28.19 -21.52
C PHE D 181 -22.96 29.14 -21.16
N ASP D 182 -21.72 28.66 -21.19
CA ASP D 182 -20.70 29.25 -20.33
C ASP D 182 -20.16 30.52 -20.95
N ASP D 183 -20.19 31.58 -20.15
CA ASP D 183 -19.63 32.89 -20.45
C ASP D 183 -20.41 33.64 -21.53
N ARG D 184 -21.39 33.01 -22.15
CA ARG D 184 -22.46 33.72 -22.81
C ARG D 184 -23.72 32.87 -22.86
N ILE D 185 -24.45 32.91 -21.77
CA ILE D 185 -25.90 32.74 -21.78
C ILE D 185 -26.43 33.97 -21.04
N ALA D 186 -25.72 34.32 -19.96
CA ALA D 186 -26.00 35.54 -19.22
C ALA D 186 -26.08 36.75 -20.15
N VAL D 187 -25.16 36.85 -21.11
CA VAL D 187 -25.18 38.02 -21.99
C VAL D 187 -26.43 38.01 -22.84
N TYR D 188 -26.89 36.82 -23.25
CA TYR D 188 -28.12 36.76 -24.02
C TYR D 188 -29.29 37.25 -23.20
N THR D 189 -29.31 36.90 -21.91
CA THR D 189 -30.32 37.48 -21.03
C THR D 189 -30.21 38.99 -21.01
N ILE D 190 -28.99 39.48 -20.81
CA ILE D 190 -28.75 40.92 -20.80
C ILE D 190 -29.25 41.56 -22.09
N LEU D 191 -28.87 41.00 -23.23
CA LEU D 191 -29.29 41.57 -24.50
C LEU D 191 -30.80 41.48 -24.65
N GLU D 192 -31.38 40.32 -24.30
CA GLU D 192 -32.82 40.18 -24.37
C GLU D 192 -33.48 41.15 -23.40
N VAL D 193 -32.87 41.36 -22.23
CA VAL D 193 -33.41 42.30 -21.26
C VAL D 193 -33.46 43.70 -21.86
N ALA D 194 -32.39 44.10 -22.54
CA ALA D 194 -32.35 45.45 -23.08
C ALA D 194 -33.41 45.66 -24.13
N LYS D 195 -33.74 44.61 -24.89
CA LYS D 195 -34.83 44.72 -25.85
C LYS D 195 -36.18 44.79 -25.15
N GLN D 196 -36.33 44.02 -24.08
CA GLN D 196 -37.60 43.93 -23.37
C GLN D 196 -37.85 45.12 -22.45
N LEU D 197 -36.79 45.75 -21.97
CA LEU D 197 -36.94 46.89 -21.08
C LEU D 197 -37.24 48.14 -21.91
N LYS D 198 -38.37 48.79 -21.61
CA LYS D 198 -38.75 50.04 -22.27
C LYS D 198 -38.69 51.19 -21.28
N ASP D 199 -39.44 51.07 -20.17
CA ASP D 199 -39.60 52.16 -19.23
C ASP D 199 -38.65 51.97 -18.05
N ALA D 200 -37.59 52.78 -18.03
CA ALA D 200 -36.52 52.65 -17.07
C ALA D 200 -36.96 53.25 -15.74
N LYS D 201 -37.54 52.41 -14.87
CA LYS D 201 -37.93 52.88 -13.55
C LYS D 201 -36.72 53.01 -12.63
N ALA D 202 -35.60 52.42 -13.01
CA ALA D 202 -34.34 52.60 -12.30
C ALA D 202 -33.21 52.63 -13.31
N ASP D 203 -32.23 53.49 -13.05
CA ASP D 203 -31.15 53.68 -14.01
C ASP D 203 -30.18 52.53 -13.87
N VAL D 204 -30.10 51.71 -14.91
CA VAL D 204 -29.37 50.45 -14.87
C VAL D 204 -28.06 50.64 -15.61
N TYR D 205 -27.06 49.87 -15.22
CA TYR D 205 -25.79 49.82 -15.90
C TYR D 205 -25.43 48.38 -16.18
N PHE D 206 -25.54 47.96 -17.44
CA PHE D 206 -25.17 46.62 -17.86
C PHE D 206 -23.67 46.57 -18.09
N VAL D 207 -23.01 45.64 -17.42
CA VAL D 207 -21.59 45.39 -17.62
C VAL D 207 -21.40 43.96 -18.09
N ALA D 208 -20.36 43.74 -18.87
CA ALA D 208 -19.91 42.42 -19.28
C ALA D 208 -18.43 42.33 -18.96
N THR D 209 -18.11 41.70 -17.84
CA THR D 209 -16.78 41.80 -17.26
C THR D 209 -15.85 40.76 -17.86
N VAL D 210 -14.56 41.02 -17.72
CA VAL D 210 -13.51 40.16 -18.20
C VAL D 210 -12.68 39.70 -17.02
N GLN D 211 -11.86 38.68 -17.26
CA GLN D 211 -11.01 38.10 -16.24
C GLN D 211 -11.81 37.62 -15.04
N GLU D 212 -12.98 37.03 -15.30
CA GLU D 212 -13.77 36.46 -14.22
C GLU D 212 -13.21 35.12 -13.77
N GLU D 213 -12.96 34.23 -14.72
CA GLU D 213 -12.54 32.88 -14.37
C GLU D 213 -11.16 32.87 -13.74
N VAL D 214 -10.36 33.92 -13.96
CA VAL D 214 -9.07 34.10 -13.31
C VAL D 214 -9.00 35.51 -12.75
N GLY D 215 -8.81 35.62 -11.45
CA GLY D 215 -8.85 36.93 -10.84
C GLY D 215 -10.22 37.54 -10.93
N LEU D 216 -11.23 36.90 -10.34
CA LEU D 216 -12.62 37.35 -10.36
C LEU D 216 -12.78 38.82 -10.03
N ARG D 217 -11.83 39.40 -9.28
CA ARG D 217 -11.83 40.83 -9.03
C ARG D 217 -11.64 41.65 -10.32
N GLY D 218 -11.41 40.99 -11.46
CA GLY D 218 -11.48 41.70 -12.73
C GLY D 218 -12.76 42.49 -12.86
N ALA D 219 -13.88 41.90 -12.42
CA ALA D 219 -15.17 42.58 -12.48
C ALA D 219 -15.20 43.80 -11.58
N ARG D 220 -14.55 43.70 -10.42
CA ARG D 220 -14.59 44.76 -9.42
C ARG D 220 -14.22 46.11 -9.99
N THR D 221 -13.25 46.13 -10.90
CA THR D 221 -12.75 47.41 -11.40
C THR D 221 -13.88 48.24 -12.00
N SER D 222 -14.71 47.61 -12.83
CA SER D 222 -15.86 48.29 -13.37
C SER D 222 -16.78 48.80 -12.26
N ALA D 223 -16.89 48.05 -11.17
CA ALA D 223 -17.91 48.33 -10.16
C ALA D 223 -17.85 49.75 -9.65
N PHE D 224 -16.66 50.22 -9.25
CA PHE D 224 -16.60 51.46 -8.48
C PHE D 224 -17.10 52.65 -9.27
N GLY D 225 -16.87 52.66 -10.58
CA GLY D 225 -17.33 53.77 -11.37
C GLY D 225 -18.84 53.79 -11.50
N ILE D 226 -19.47 52.66 -11.20
CA ILE D 226 -20.82 52.39 -11.71
C ILE D 226 -21.79 52.03 -10.60
N GLU D 227 -21.37 51.15 -9.68
CA GLU D 227 -22.26 50.34 -8.85
C GLU D 227 -23.28 51.08 -7.99
N PRO D 228 -22.89 52.13 -7.25
CA PRO D 228 -23.32 52.28 -5.85
C PRO D 228 -24.79 51.97 -5.57
N ASP D 229 -25.01 51.37 -4.40
CA ASP D 229 -26.30 51.28 -3.71
C ASP D 229 -27.15 50.10 -4.17
N TYR D 230 -26.69 49.35 -5.17
CA TYR D 230 -27.30 48.06 -5.47
C TYR D 230 -26.44 47.23 -6.41
N GLY D 231 -26.81 45.97 -6.62
CA GLY D 231 -25.99 45.08 -7.43
C GLY D 231 -26.69 43.77 -7.72
N PHE D 232 -26.33 43.19 -8.86
CA PHE D 232 -26.85 41.92 -9.32
C PHE D 232 -25.74 41.17 -10.05
N ALA D 233 -25.99 39.90 -10.36
CA ALA D 233 -25.03 39.10 -11.09
C ALA D 233 -25.73 37.96 -11.80
N ILE D 234 -25.16 37.57 -12.94
CA ILE D 234 -25.60 36.39 -13.68
C ILE D 234 -24.35 35.61 -14.06
N ASP D 235 -23.95 34.70 -13.18
CA ASP D 235 -22.88 33.77 -13.43
C ASP D 235 -23.35 32.41 -12.96
N VAL D 236 -22.56 31.38 -13.23
CA VAL D 236 -22.97 30.01 -12.96
C VAL D 236 -21.79 29.12 -12.65
N THR D 237 -22.05 28.11 -11.80
CA THR D 237 -21.16 26.97 -11.64
C THR D 237 -21.95 25.88 -10.90
N ILE D 238 -22.04 24.72 -11.53
CA ILE D 238 -23.05 23.72 -11.20
C ILE D 238 -22.44 22.33 -11.39
N ALA D 239 -22.95 21.37 -10.63
CA ALA D 239 -22.82 19.95 -10.94
C ALA D 239 -24.24 19.38 -11.00
N ALA D 240 -24.72 19.13 -12.21
CA ALA D 240 -26.16 19.09 -12.49
C ALA D 240 -26.65 17.71 -12.91
N ASP D 241 -27.42 17.07 -12.03
CA ASP D 241 -28.35 15.98 -12.37
C ASP D 241 -27.68 14.85 -13.14
N ILE D 242 -26.43 14.59 -12.79
CA ILE D 242 -25.68 13.57 -13.52
C ILE D 242 -26.19 12.23 -12.97
N PRO D 243 -26.62 11.28 -13.80
CA PRO D 243 -27.12 10.01 -13.24
C PRO D 243 -26.07 9.29 -12.43
N GLY D 244 -26.54 8.30 -11.66
CA GLY D 244 -25.70 7.61 -10.71
C GLY D 244 -25.40 8.37 -9.44
N THR D 245 -25.81 9.63 -9.34
CA THR D 245 -25.60 10.43 -8.14
C THR D 245 -26.80 10.31 -7.21
N PRO D 246 -26.65 10.70 -5.95
CA PRO D 246 -27.82 10.78 -5.07
C PRO D 246 -28.74 11.92 -5.45
N GLU D 247 -29.74 12.14 -4.59
CA GLU D 247 -30.69 13.22 -4.81
C GLU D 247 -30.15 14.57 -4.35
N HIS D 248 -29.02 14.58 -3.62
CA HIS D 248 -28.57 15.82 -3.01
C HIS D 248 -28.06 16.84 -4.03
N LYS D 249 -27.73 16.39 -5.23
CA LYS D 249 -27.42 17.29 -6.34
C LYS D 249 -28.58 17.49 -7.28
N GLN D 250 -29.61 16.64 -7.21
CA GLN D 250 -30.67 16.68 -8.21
C GLN D 250 -31.44 18.00 -8.13
N VAL D 251 -31.66 18.54 -6.93
CA VAL D 251 -32.41 19.79 -6.85
C VAL D 251 -31.64 20.97 -7.43
N THR D 252 -30.31 20.87 -7.53
CA THR D 252 -29.52 21.91 -8.20
C THR D 252 -30.01 22.13 -9.64
N HIS D 253 -30.49 21.07 -10.29
CA HIS D 253 -31.05 21.15 -11.62
C HIS D 253 -31.89 19.94 -11.93
N LEU D 254 -33.08 20.19 -12.44
CA LEU D 254 -33.98 19.14 -12.89
C LEU D 254 -34.55 19.42 -14.28
N GLY D 255 -34.19 20.55 -14.89
CA GLY D 255 -34.66 21.01 -16.18
C GLY D 255 -35.84 21.93 -16.05
N LYS D 256 -35.83 22.75 -15.00
CA LYS D 256 -37.00 23.51 -14.60
C LYS D 256 -36.54 24.76 -13.88
N GLY D 257 -37.08 25.89 -14.32
CA GLY D 257 -36.92 27.12 -13.60
C GLY D 257 -35.49 27.60 -13.52
N THR D 258 -35.33 28.79 -12.97
CA THR D 258 -34.05 29.44 -12.84
C THR D 258 -33.53 29.22 -11.43
N ALA D 259 -32.32 29.67 -11.20
CA ALA D 259 -31.57 29.36 -9.99
C ALA D 259 -31.11 30.64 -9.33
N ILE D 260 -31.55 30.84 -8.10
CA ILE D 260 -31.12 31.96 -7.29
C ILE D 260 -30.02 31.46 -6.37
N LYS D 261 -29.00 32.29 -6.17
CA LYS D 261 -27.85 31.92 -5.35
C LYS D 261 -28.03 32.52 -3.97
N ILE D 262 -28.02 31.67 -2.95
CA ILE D 262 -28.04 32.13 -1.58
C ILE D 262 -26.62 32.19 -1.04
N MET D 263 -25.82 31.19 -1.38
CA MET D 263 -24.48 31.03 -0.85
C MET D 263 -23.56 30.50 -1.93
N ASP D 264 -22.31 30.92 -1.86
CA ASP D 264 -21.23 30.30 -2.58
C ASP D 264 -20.02 30.26 -1.67
N ARG D 265 -18.87 29.91 -2.26
CA ARG D 265 -17.61 30.17 -1.59
C ARG D 265 -17.49 31.63 -1.22
N SER D 266 -17.62 32.50 -2.21
CA SER D 266 -17.23 33.89 -2.06
C SER D 266 -18.32 34.76 -1.46
N VAL D 267 -19.54 34.65 -1.92
CA VAL D 267 -20.57 35.64 -1.67
C VAL D 267 -21.69 35.03 -0.84
N ILE D 268 -22.24 35.83 0.06
CA ILE D 268 -23.42 35.49 0.83
C ILE D 268 -24.45 36.56 0.50
N CYS D 269 -25.43 36.21 -0.31
CA CYS D 269 -26.35 37.21 -0.83
C CYS D 269 -27.21 37.79 0.27
N HIS D 270 -27.38 39.11 0.23
CA HIS D 270 -28.21 39.81 1.18
C HIS D 270 -29.62 39.24 1.10
N PRO D 271 -30.10 38.52 2.12
CA PRO D 271 -31.23 37.61 1.90
C PRO D 271 -32.54 38.31 1.61
N THR D 272 -32.68 39.59 1.95
CA THR D 272 -33.89 40.31 1.61
C THR D 272 -34.17 40.23 0.11
N ILE D 273 -33.12 40.41 -0.70
CA ILE D 273 -33.23 40.25 -2.14
C ILE D 273 -33.81 38.88 -2.47
N VAL D 274 -33.24 37.84 -1.87
CA VAL D 274 -33.67 36.48 -2.16
C VAL D 274 -35.15 36.29 -1.86
N ARG D 275 -35.57 36.66 -0.64
CA ARG D 275 -36.98 36.51 -0.29
C ARG D 275 -37.85 37.33 -1.22
N TRP D 276 -37.32 38.47 -1.69
CA TRP D 276 -38.09 39.30 -2.60
C TRP D 276 -38.27 38.62 -3.94
N LEU D 277 -37.18 38.10 -4.50
CA LEU D 277 -37.29 37.39 -5.78
C LEU D 277 -38.18 36.17 -5.63
N GLU D 278 -38.08 35.48 -4.50
CA GLU D 278 -38.98 34.38 -4.21
C GLU D 278 -40.42 34.86 -4.27
N GLU D 279 -40.71 35.98 -3.60
CA GLU D 279 -42.03 36.57 -3.67
C GLU D 279 -42.39 36.93 -5.11
N LEU D 280 -41.42 37.45 -5.85
CA LEU D 280 -41.72 37.97 -7.18
C LEU D 280 -42.10 36.85 -8.12
N ALA D 281 -41.35 35.75 -8.10
CA ALA D 281 -41.60 34.67 -9.05
C ALA D 281 -42.98 34.06 -8.83
N LYS D 282 -43.44 34.05 -7.57
CA LYS D 282 -44.76 33.51 -7.29
C LYS D 282 -45.86 34.44 -7.80
N LYS D 283 -45.60 35.74 -7.79
CA LYS D 283 -46.65 36.69 -8.16
C LYS D 283 -46.94 36.62 -9.65
N HIS D 284 -45.91 36.43 -10.46
CA HIS D 284 -46.05 36.33 -11.91
C HIS D 284 -45.95 34.90 -12.42
N GLU D 285 -46.07 33.90 -11.55
CA GLU D 285 -46.15 32.49 -11.94
C GLU D 285 -44.86 32.02 -12.63
N ILE D 286 -43.74 32.59 -12.21
CA ILE D 286 -42.43 32.27 -12.78
C ILE D 286 -41.86 31.06 -12.03
N PRO D 287 -41.16 30.15 -12.71
CA PRO D 287 -40.52 29.05 -11.98
C PRO D 287 -39.18 29.48 -11.40
N TYR D 288 -38.84 28.88 -10.27
CA TYR D 288 -37.58 29.20 -9.60
C TYR D 288 -37.14 28.03 -8.74
N GLN D 289 -35.83 27.89 -8.63
CA GLN D 289 -35.21 27.01 -7.66
C GLN D 289 -34.44 27.87 -6.68
N LEU D 290 -33.89 27.22 -5.67
CA LEU D 290 -32.93 27.84 -4.77
C LEU D 290 -31.70 26.95 -4.73
N GLU D 291 -30.60 27.46 -5.25
CA GLU D 291 -29.38 26.69 -5.44
C GLU D 291 -28.28 27.27 -4.56
N ILE D 292 -27.44 26.38 -4.06
CA ILE D 292 -26.25 26.75 -3.32
C ILE D 292 -25.13 25.81 -3.73
N LEU D 293 -23.90 26.24 -3.55
CA LEU D 293 -22.73 25.42 -3.81
C LEU D 293 -21.86 25.33 -2.58
N LEU D 294 -20.91 24.42 -2.64
CA LEU D 294 -19.79 24.39 -1.70
C LEU D 294 -18.58 25.12 -2.24
N GLY D 295 -18.51 25.35 -3.55
CA GLY D 295 -17.36 25.97 -4.18
C GLY D 295 -17.77 26.82 -5.36
N GLY D 296 -16.75 27.35 -6.03
CA GLY D 296 -16.95 28.21 -7.18
C GLY D 296 -16.79 29.67 -6.85
N GLY D 297 -16.25 30.44 -7.79
CA GLY D 297 -16.04 31.87 -7.60
C GLY D 297 -16.78 32.65 -8.67
N THR D 298 -17.71 33.49 -8.23
CA THR D 298 -18.59 34.23 -9.12
C THR D 298 -18.26 35.71 -9.11
N ASP D 299 -18.92 36.43 -10.01
CA ASP D 299 -18.78 37.89 -10.08
C ASP D 299 -19.29 38.55 -8.82
N ALA D 300 -20.34 37.98 -8.22
CA ALA D 300 -21.03 38.63 -7.11
C ALA D 300 -20.10 38.89 -5.94
N GLY D 301 -19.15 37.98 -5.71
CA GLY D 301 -18.24 38.15 -4.58
C GLY D 301 -17.45 39.43 -4.69
N ALA D 302 -16.99 39.76 -5.89
CA ALA D 302 -16.22 40.97 -6.07
C ALA D 302 -17.09 42.20 -5.87
N ILE D 303 -18.39 42.08 -6.12
CA ILE D 303 -19.27 43.24 -5.97
C ILE D 303 -19.44 43.59 -4.51
N HIS D 304 -19.45 42.59 -3.64
CA HIS D 304 -19.71 42.80 -2.22
C HIS D 304 -18.66 43.63 -1.52
N LEU D 305 -17.51 43.84 -2.14
CA LEU D 305 -16.34 44.38 -1.47
C LEU D 305 -16.07 45.84 -1.80
N THR D 306 -16.78 46.41 -2.77
CA THR D 306 -16.70 47.83 -3.02
C THR D 306 -17.09 48.61 -1.77
N LYS D 307 -16.61 49.86 -1.71
CA LYS D 307 -16.55 50.59 -0.44
C LYS D 307 -17.90 50.79 0.20
N ALA D 308 -18.98 50.90 -0.58
CA ALA D 308 -20.28 51.14 0.01
C ALA D 308 -20.74 49.96 0.83
N GLY D 309 -20.25 48.76 0.53
CA GLY D 309 -20.76 47.56 1.15
C GLY D 309 -22.08 47.10 0.55
N VAL D 310 -22.08 46.70 -0.71
CA VAL D 310 -23.31 46.59 -1.48
C VAL D 310 -24.03 45.29 -1.17
N PRO D 311 -25.36 45.28 -1.05
CA PRO D 311 -26.08 44.02 -0.99
C PRO D 311 -26.35 43.51 -2.38
N THR D 312 -26.24 42.20 -2.54
CA THR D 312 -26.23 41.58 -3.85
C THR D 312 -27.02 40.29 -3.85
N GLY D 313 -27.82 40.13 -4.90
CA GLY D 313 -28.41 38.86 -5.26
C GLY D 313 -27.84 38.41 -6.59
N ALA D 314 -28.00 37.13 -6.86
CA ALA D 314 -27.44 36.54 -8.07
C ALA D 314 -28.39 35.50 -8.63
N LEU D 315 -28.55 35.55 -9.94
CA LEU D 315 -29.31 34.58 -10.70
C LEU D 315 -28.36 33.65 -11.42
N SER D 316 -28.83 32.45 -11.68
CA SER D 316 -28.04 31.42 -12.33
C SER D 316 -28.91 30.69 -13.35
N VAL D 317 -28.35 30.50 -14.53
CA VAL D 317 -28.99 29.78 -15.62
C VAL D 317 -28.40 28.37 -15.63
N PRO D 318 -29.14 27.35 -15.23
CA PRO D 318 -28.52 26.13 -14.71
C PRO D 318 -28.08 25.17 -15.81
N ALA D 319 -27.72 23.97 -15.33
CA ALA D 319 -27.64 22.74 -16.12
C ALA D 319 -26.37 22.60 -16.94
N ARG D 320 -25.27 23.07 -16.41
CA ARG D 320 -23.98 22.92 -17.08
C ARG D 320 -23.47 21.48 -16.92
N TYR D 321 -22.58 21.11 -17.83
CA TYR D 321 -21.68 19.97 -17.67
C TYR D 321 -20.27 20.55 -17.59
N ILE D 322 -19.31 19.71 -17.15
CA ILE D 322 -18.00 20.15 -16.68
C ILE D 322 -17.41 21.10 -17.71
N HIS D 323 -17.26 22.37 -17.30
CA HIS D 323 -17.54 23.51 -18.18
C HIS D 323 -16.66 23.57 -19.43
N SER D 324 -15.67 22.71 -19.54
CA SER D 324 -14.80 22.72 -20.70
C SER D 324 -15.56 22.47 -22.00
N ASN D 325 -16.23 21.33 -22.12
CA ASN D 325 -16.45 20.75 -23.44
C ASN D 325 -17.85 20.95 -23.99
N THR D 326 -18.88 20.54 -23.27
CA THR D 326 -20.25 20.79 -23.67
C THR D 326 -21.00 21.29 -22.46
N GLU D 327 -21.99 22.09 -22.74
CA GLU D 327 -22.46 23.07 -21.78
C GLU D 327 -23.98 23.18 -21.87
N VAL D 328 -24.67 22.05 -21.76
CA VAL D 328 -26.10 21.96 -22.00
C VAL D 328 -26.87 23.02 -21.20
N VAL D 329 -28.00 23.47 -21.75
CA VAL D 329 -28.90 24.39 -21.10
C VAL D 329 -30.34 23.98 -21.37
N ASP D 330 -31.26 24.75 -20.81
CA ASP D 330 -32.69 24.55 -20.95
C ASP D 330 -33.31 25.84 -21.46
N GLU D 331 -33.93 25.75 -22.64
CA GLU D 331 -34.59 26.89 -23.25
C GLU D 331 -35.60 27.54 -22.32
N ARG D 332 -36.23 26.73 -21.45
CA ARG D 332 -37.26 27.25 -20.58
C ARG D 332 -36.66 28.19 -19.55
N ASP D 333 -35.54 27.76 -18.96
CA ASP D 333 -34.98 28.50 -17.84
C ASP D 333 -34.49 29.87 -18.28
N VAL D 334 -33.79 29.92 -19.40
CA VAL D 334 -33.15 31.16 -19.83
C VAL D 334 -34.21 32.22 -20.12
N ASP D 335 -35.32 31.84 -20.75
CA ASP D 335 -36.36 32.83 -21.01
C ASP D 335 -37.05 33.21 -19.72
N ALA D 336 -37.21 32.25 -18.82
CA ALA D 336 -37.79 32.55 -17.52
C ALA D 336 -36.90 33.48 -16.73
N THR D 337 -35.58 33.25 -16.81
CA THR D 337 -34.63 34.14 -16.14
C THR D 337 -34.80 35.57 -16.61
N VAL D 338 -34.97 35.75 -17.92
CA VAL D 338 -35.14 37.09 -18.47
C VAL D 338 -36.38 37.75 -17.89
N GLU D 339 -37.49 37.03 -17.89
CA GLU D 339 -38.74 37.56 -17.34
C GLU D 339 -38.54 38.02 -15.91
N LEU D 340 -37.90 37.18 -15.10
CA LEU D 340 -37.71 37.48 -13.70
C LEU D 340 -36.93 38.77 -13.50
N MET D 341 -35.74 38.87 -14.11
CA MET D 341 -34.93 40.06 -13.95
C MET D 341 -35.67 41.28 -14.48
N THR D 342 -36.36 41.12 -15.61
CA THR D 342 -37.06 42.25 -16.23
C THR D 342 -38.03 42.87 -15.23
N LYS D 343 -38.78 42.03 -14.54
CA LYS D 343 -39.76 42.55 -13.59
C LYS D 343 -39.08 43.06 -12.35
N ALA D 344 -38.01 42.39 -11.90
CA ALA D 344 -37.31 42.82 -10.70
C ALA D 344 -36.75 44.23 -10.87
N LEU D 345 -36.17 44.50 -12.03
CA LEU D 345 -35.59 45.81 -12.27
C LEU D 345 -36.63 46.90 -12.12
N GLU D 346 -37.76 46.74 -12.79
CA GLU D 346 -38.80 47.77 -12.71
C GLU D 346 -39.35 47.86 -11.30
N ASN D 347 -39.52 46.73 -10.63
CA ASN D 347 -40.07 46.77 -9.28
C ASN D 347 -39.01 47.04 -8.22
N ILE D 348 -37.76 47.29 -8.60
CA ILE D 348 -36.73 47.56 -7.60
C ILE D 348 -37.02 48.84 -6.85
N HIS D 349 -37.79 49.76 -7.45
CA HIS D 349 -38.02 51.04 -6.80
C HIS D 349 -38.77 50.88 -5.49
N GLU D 350 -39.57 49.82 -5.37
CA GLU D 350 -40.30 49.55 -4.13
C GLU D 350 -39.44 48.76 -3.15
N LEU D 351 -38.39 48.11 -3.64
CA LEU D 351 -37.59 47.22 -2.80
C LEU D 351 -36.78 47.99 -1.77
N LYS D 352 -36.40 49.23 -2.06
CA LYS D 352 -35.44 50.02 -1.29
C LYS D 352 -35.56 49.94 0.24
N ILE D 353 -36.75 49.65 0.78
CA ILE D 353 -37.04 49.65 2.23
C ILE D 353 -37.17 51.09 2.69
N MET E 1 37.96 38.42 20.92
CA MET E 1 37.95 38.88 22.35
C MET E 1 38.32 37.79 23.36
N GLU E 2 39.58 37.39 23.37
CA GLU E 2 39.99 36.22 24.15
C GLU E 2 40.03 36.65 25.62
N VAL E 3 38.85 36.64 26.24
CA VAL E 3 38.73 37.01 27.65
C VAL E 3 39.50 36.02 28.52
N ARG E 4 39.53 34.75 28.12
CA ARG E 4 40.21 33.69 28.84
C ARG E 4 41.51 33.23 28.17
N ASN E 5 41.65 33.42 26.86
CA ASN E 5 42.77 32.90 26.07
C ASN E 5 42.85 31.38 26.14
N MET E 6 41.71 30.71 26.30
CA MET E 6 41.70 29.25 26.37
C MET E 6 41.79 28.62 25.00
N VAL E 7 41.12 29.22 24.01
CA VAL E 7 41.08 28.72 22.64
C VAL E 7 41.40 29.89 21.72
N ASP E 8 42.51 29.78 20.99
CA ASP E 8 42.96 30.89 20.16
C ASP E 8 42.11 30.99 18.90
N TYR E 9 41.35 32.09 18.82
CA TYR E 9 40.44 32.29 17.70
C TYR E 9 41.18 32.42 16.38
N GLU E 10 42.40 32.98 16.41
CA GLU E 10 43.17 33.11 15.20
C GLU E 10 43.62 31.76 14.66
N LEU E 11 44.11 30.89 15.55
CA LEU E 11 44.70 29.63 15.13
C LEU E 11 43.68 28.74 14.45
N LEU E 12 42.48 28.66 15.02
CA LEU E 12 41.45 27.79 14.46
C LEU E 12 41.08 28.23 13.06
N LYS E 13 41.18 29.51 12.77
CA LYS E 13 40.85 30.02 11.44
C LYS E 13 41.74 29.37 10.39
N LYS E 14 43.05 29.34 10.66
CA LYS E 14 44.02 28.85 9.68
C LYS E 14 43.72 27.42 9.27
N VAL E 15 43.39 26.57 10.23
CA VAL E 15 43.29 25.14 9.93
C VAL E 15 41.97 24.84 9.22
N VAL E 16 40.88 25.47 9.65
CA VAL E 16 39.58 24.96 9.28
C VAL E 16 39.13 25.50 7.93
N GLU E 17 39.54 26.72 7.60
CA GLU E 17 39.24 27.25 6.27
C GLU E 17 39.96 26.45 5.19
N ALA E 18 41.08 25.83 5.54
CA ALA E 18 41.86 25.13 4.55
C ALA E 18 41.09 23.92 4.03
N PRO E 19 41.44 23.40 2.86
CA PRO E 19 40.63 22.35 2.25
C PRO E 19 40.98 20.97 2.77
N GLY E 20 39.95 20.14 2.88
CA GLY E 20 39.99 18.97 3.72
C GLY E 20 40.13 17.62 3.04
N VAL E 21 40.93 17.58 1.99
CA VAL E 21 41.48 16.31 1.53
C VAL E 21 42.87 16.59 0.97
N SER E 22 43.88 15.97 1.56
CA SER E 22 45.25 16.37 1.31
C SER E 22 45.87 15.53 0.22
N GLY E 23 47.07 15.94 -0.22
CA GLY E 23 47.77 15.27 -1.30
C GLY E 23 47.33 15.70 -2.68
N TYR E 24 46.06 16.03 -2.84
CA TYR E 24 45.52 16.61 -4.06
C TYR E 24 46.17 17.95 -4.32
N GLU E 25 45.72 18.59 -5.39
CA GLU E 25 46.10 19.98 -5.64
C GLU E 25 45.70 20.92 -4.50
N PHE E 26 44.85 20.50 -3.55
CA PHE E 26 44.47 21.36 -2.44
C PHE E 26 45.41 21.27 -1.24
N LEU E 27 46.55 20.61 -1.34
CA LEU E 27 47.19 20.01 -0.16
C LEU E 27 47.69 21.01 0.88
N GLY E 28 47.32 22.31 0.81
CA GLY E 28 47.89 23.32 1.68
C GLY E 28 47.81 23.04 3.17
N ILE E 29 46.82 22.24 3.61
CA ILE E 29 46.70 21.96 5.05
C ILE E 29 47.94 21.30 5.58
N ARG E 30 48.58 20.45 4.76
CA ARG E 30 49.81 19.80 5.17
C ARG E 30 50.84 20.81 5.60
N ASP E 31 51.08 21.81 4.75
CA ASP E 31 52.01 22.88 5.08
C ASP E 31 51.59 23.57 6.37
N VAL E 32 50.29 23.79 6.55
CA VAL E 32 49.81 24.54 7.70
C VAL E 32 50.16 23.82 8.99
N VAL E 33 49.84 22.53 9.05
CA VAL E 33 50.06 21.79 10.30
C VAL E 33 51.54 21.74 10.62
N ILE E 34 52.38 21.54 9.61
CA ILE E 34 53.81 21.49 9.89
C ILE E 34 54.36 22.89 10.14
N GLU E 35 53.77 23.92 9.53
CA GLU E 35 54.25 25.28 9.73
C GLU E 35 54.12 25.71 11.19
N GLU E 36 53.11 25.17 11.88
CA GLU E 36 52.90 25.45 13.29
C GLU E 36 53.68 24.50 14.19
N ILE E 37 53.46 23.20 14.02
CA ILE E 37 53.90 22.22 15.00
C ILE E 37 55.42 22.20 15.12
N LYS E 38 56.14 22.53 14.06
CA LYS E 38 57.55 22.16 13.98
C LYS E 38 58.40 22.96 14.97
N ASP E 39 57.97 24.16 15.33
CA ASP E 39 58.79 24.96 16.21
C ASP E 39 58.84 24.39 17.62
N TYR E 40 57.83 23.60 18.00
CA TYR E 40 57.72 23.05 19.35
C TYR E 40 58.14 21.60 19.46
N VAL E 41 58.42 20.93 18.34
CA VAL E 41 58.75 19.51 18.31
C VAL E 41 60.15 19.35 17.74
N ASP E 42 60.81 18.28 18.15
CA ASP E 42 62.20 18.05 17.75
C ASP E 42 62.31 17.81 16.25
N GLU E 43 61.40 17.01 15.70
CA GLU E 43 61.52 16.61 14.30
C GLU E 43 60.15 16.21 13.80
N VAL E 44 59.99 16.26 12.48
CA VAL E 44 58.71 16.03 11.83
C VAL E 44 58.97 15.42 10.46
N LYS E 45 58.07 14.56 10.01
CA LYS E 45 58.22 13.88 8.73
C LYS E 45 56.87 13.62 8.10
N VAL E 46 56.89 13.41 6.80
CA VAL E 46 55.72 13.13 5.99
C VAL E 46 55.88 11.74 5.40
N ASP E 47 54.86 10.91 5.58
CA ASP E 47 54.89 9.58 5.00
C ASP E 47 54.50 9.67 3.54
N LYS E 48 54.40 8.51 2.88
CA LYS E 48 54.11 8.50 1.46
C LYS E 48 52.66 8.82 1.21
N LEU E 49 51.77 8.38 2.10
CA LEU E 49 50.34 8.44 1.93
C LEU E 49 49.73 9.78 2.32
N GLY E 50 50.54 10.81 2.55
CA GLY E 50 50.03 12.08 3.00
C GLY E 50 49.90 12.22 4.49
N ASN E 51 50.12 11.15 5.25
CA ASN E 51 50.16 11.26 6.69
C ASN E 51 51.29 12.17 7.13
N VAL E 52 51.09 12.82 8.27
CA VAL E 52 52.08 13.69 8.88
C VAL E 52 52.54 13.01 10.17
N ILE E 53 53.84 13.08 10.44
CA ILE E 53 54.47 12.40 11.56
C ILE E 53 55.30 13.42 12.31
N ALA E 54 54.92 13.69 13.56
CA ALA E 54 55.68 14.56 14.44
C ALA E 54 56.18 13.76 15.63
N HIS E 55 57.50 13.71 15.77
CA HIS E 55 58.17 12.89 16.77
C HIS E 55 58.86 13.80 17.77
N LYS E 56 58.22 13.99 18.91
CA LYS E 56 58.89 14.53 20.08
C LYS E 56 59.64 13.37 20.73
N LYS E 57 60.80 13.67 21.29
CA LYS E 57 61.67 12.64 21.85
C LYS E 57 61.59 12.68 23.37
N GLY E 58 61.87 11.54 23.99
CA GLY E 58 61.84 11.48 25.44
C GLY E 58 62.33 10.12 25.93
N GLU E 59 61.96 9.83 27.17
CA GLU E 59 62.30 8.58 27.84
C GLU E 59 61.03 7.89 28.28
N GLY E 60 60.64 6.83 27.58
CA GLY E 60 59.44 6.11 27.92
C GLY E 60 58.82 5.34 26.77
N PRO E 61 57.60 4.86 26.96
CA PRO E 61 56.93 4.12 25.90
C PRO E 61 56.51 5.02 24.75
N LYS E 62 56.17 4.39 23.63
CA LYS E 62 55.81 5.10 22.41
C LYS E 62 54.31 5.31 22.38
N VAL E 63 53.89 6.56 22.51
CA VAL E 63 52.48 6.94 22.52
C VAL E 63 52.13 7.56 21.17
N MET E 64 50.98 7.18 20.65
CA MET E 64 50.51 7.59 19.33
C MET E 64 49.21 8.38 19.50
N ILE E 65 49.20 9.60 18.97
CA ILE E 65 48.07 10.52 19.10
C ILE E 65 47.51 10.77 17.71
N ALA E 66 46.28 10.33 17.48
CA ALA E 66 45.72 10.28 16.14
C ALA E 66 44.54 11.22 16.02
N ALA E 67 44.62 12.12 15.04
CA ALA E 67 43.50 12.92 14.59
C ALA E 67 43.38 12.79 13.08
N HIS E 68 42.16 13.01 12.58
CA HIS E 68 41.92 12.97 11.15
C HIS E 68 41.74 14.39 10.60
N MET E 69 42.19 14.58 9.36
CA MET E 69 42.14 15.87 8.69
C MET E 69 41.49 15.70 7.31
N ASP E 70 40.72 14.63 7.13
CA ASP E 70 40.02 14.39 5.89
C ASP E 70 38.57 14.86 5.94
N GLN E 71 38.37 16.17 6.01
CA GLN E 71 37.02 16.74 6.04
C GLN E 71 36.27 16.27 4.80
N ILE E 72 34.97 16.05 4.97
CA ILE E 72 34.10 15.55 3.91
C ILE E 72 34.14 16.51 2.73
N GLY E 73 33.97 15.97 1.54
CA GLY E 73 33.84 16.77 0.35
C GLY E 73 33.09 16.03 -0.72
N LEU E 74 33.00 16.66 -1.89
CA LEU E 74 32.35 16.07 -3.04
C LEU E 74 33.29 16.06 -4.23
N MET E 75 32.96 15.22 -5.20
CA MET E 75 33.78 14.96 -6.37
C MET E 75 32.95 15.14 -7.63
N VAL E 76 33.48 15.88 -8.58
CA VAL E 76 32.91 15.92 -9.92
C VAL E 76 33.24 14.63 -10.64
N THR E 77 32.27 14.07 -11.34
CA THR E 77 32.46 12.86 -12.12
C THR E 77 32.32 13.07 -13.61
N HIS E 78 31.52 14.04 -14.04
CA HIS E 78 31.36 14.33 -15.45
C HIS E 78 30.79 15.72 -15.59
N ILE E 79 30.69 16.18 -16.83
CA ILE E 79 30.27 17.53 -17.17
C ILE E 79 29.12 17.42 -18.17
N GLU E 80 27.91 17.73 -17.74
CA GLU E 80 26.80 17.81 -18.65
C GLU E 80 27.04 18.90 -19.68
N LYS E 81 26.22 18.89 -20.74
CA LYS E 81 26.52 19.74 -21.88
C LYS E 81 26.20 21.21 -21.62
N ASN E 82 25.26 21.49 -20.73
CA ASN E 82 24.86 22.86 -20.46
C ASN E 82 25.82 23.60 -19.55
N GLY E 83 26.99 23.03 -19.26
CA GLY E 83 27.93 23.66 -18.37
C GLY E 83 27.65 23.49 -16.90
N PHE E 84 26.75 22.58 -16.53
CA PHE E 84 26.41 22.31 -15.15
C PHE E 84 26.98 20.95 -14.73
N LEU E 85 27.40 20.87 -13.47
CA LEU E 85 28.11 19.72 -12.93
C LEU E 85 27.19 18.75 -12.23
N ARG E 86 27.48 17.47 -12.40
CA ARG E 86 27.04 16.43 -11.48
C ARG E 86 28.18 16.14 -10.53
N VAL E 87 27.91 15.28 -9.54
CA VAL E 87 28.85 15.06 -8.45
C VAL E 87 28.68 13.65 -7.93
N ALA E 88 29.69 13.21 -7.17
CA ALA E 88 29.66 11.97 -6.43
C ALA E 88 30.25 12.17 -5.04
N PRO E 89 29.57 11.76 -3.99
CA PRO E 89 30.04 12.12 -2.66
C PRO E 89 31.18 11.25 -2.18
N ILE E 90 31.89 11.79 -1.21
CA ILE E 90 32.82 11.05 -0.38
C ILE E 90 32.05 10.49 0.80
N GLY E 91 32.51 9.35 1.29
CA GLY E 91 31.76 8.55 2.25
C GLY E 91 31.45 9.32 3.52
N GLY E 92 30.25 9.10 4.03
CA GLY E 92 29.81 9.69 5.27
C GLY E 92 28.76 10.75 5.14
N VAL E 93 28.67 11.42 3.99
CA VAL E 93 27.85 12.62 3.85
C VAL E 93 26.40 12.20 3.68
N ASP E 94 25.50 13.09 4.09
CA ASP E 94 24.07 12.94 3.90
C ASP E 94 23.61 13.96 2.86
N PRO E 95 22.84 13.58 1.83
CA PRO E 95 22.58 14.52 0.74
C PRO E 95 21.49 15.54 1.03
N LYS E 96 20.75 15.41 2.12
CA LYS E 96 19.77 16.43 2.49
C LYS E 96 20.43 17.77 2.79
N THR E 97 21.74 17.77 3.00
CA THR E 97 22.51 18.96 3.27
C THR E 97 23.03 19.62 2.00
N LEU E 98 22.24 19.56 0.93
CA LEU E 98 22.65 19.99 -0.41
C LEU E 98 23.39 21.32 -0.41
N ILE E 99 22.72 22.41 -0.06
CA ILE E 99 23.36 23.70 0.10
C ILE E 99 22.35 24.68 0.69
N ALA E 100 22.89 25.71 1.33
CA ALA E 100 22.21 26.97 1.56
C ALA E 100 23.01 28.14 1.00
N GLN E 101 24.30 27.93 0.76
CA GLN E 101 25.17 28.94 0.17
C GLN E 101 26.50 28.29 -0.20
N ARG E 102 27.02 28.71 -1.35
CA ARG E 102 28.46 28.73 -1.60
C ARG E 102 29.17 27.39 -1.43
N PHE E 103 29.03 26.45 -2.35
CA PHE E 103 29.97 25.36 -2.46
C PHE E 103 31.21 25.84 -3.21
N LYS E 104 32.38 25.50 -2.67
CA LYS E 104 33.66 25.99 -3.16
C LYS E 104 34.33 24.90 -3.98
N VAL E 105 34.96 25.28 -5.08
CA VAL E 105 35.65 24.37 -5.99
C VAL E 105 37.13 24.73 -6.01
N TRP E 106 37.95 23.86 -5.45
CA TRP E 106 39.40 24.07 -5.40
C TRP E 106 40.04 23.49 -6.65
N ILE E 107 40.04 24.25 -7.75
CA ILE E 107 40.82 23.87 -8.93
C ILE E 107 42.26 23.59 -8.55
N ASP E 108 42.90 24.54 -7.88
CA ASP E 108 44.27 24.36 -7.43
C ASP E 108 44.49 25.23 -6.20
N LYS E 109 45.69 25.13 -5.66
CA LYS E 109 46.05 25.85 -4.44
C LYS E 109 45.91 27.35 -4.65
N GLY E 110 45.16 28.00 -3.77
CA GLY E 110 44.94 29.42 -3.86
C GLY E 110 44.02 29.87 -4.99
N LYS E 111 43.33 28.94 -5.64
CA LYS E 111 42.38 29.25 -6.71
C LYS E 111 41.06 28.56 -6.41
N PHE E 112 40.04 29.34 -6.14
CA PHE E 112 38.73 28.83 -5.80
C PHE E 112 37.66 29.66 -6.48
N ILE E 113 36.62 28.98 -6.94
CA ILE E 113 35.44 29.63 -7.47
C ILE E 113 34.21 29.05 -6.80
N TYR E 114 33.24 29.91 -6.55
CA TYR E 114 32.09 29.53 -5.77
C TYR E 114 31.09 28.78 -6.63
N GLY E 115 30.36 27.88 -6.00
CA GLY E 115 29.43 27.03 -6.71
C GLY E 115 28.24 26.71 -5.84
N VAL E 116 27.14 26.35 -6.48
CA VAL E 116 25.89 26.05 -5.81
C VAL E 116 25.39 24.71 -6.30
N GLY E 117 24.60 24.05 -5.45
CA GLY E 117 24.25 22.67 -5.65
C GLY E 117 22.84 22.32 -5.26
N ALA E 118 21.90 23.24 -5.44
CA ALA E 118 20.68 23.18 -4.64
C ALA E 118 19.80 21.98 -4.94
N SER E 119 19.51 21.68 -6.20
CA SER E 119 18.30 20.93 -6.53
C SER E 119 18.51 19.96 -7.69
N VAL E 120 18.27 18.69 -7.41
CA VAL E 120 17.99 17.71 -8.47
C VAL E 120 16.49 17.85 -8.66
N PRO E 121 15.96 17.89 -9.88
CA PRO E 121 14.52 18.05 -10.02
C PRO E 121 13.78 16.82 -9.53
N PRO E 122 12.85 16.96 -8.59
CA PRO E 122 12.11 15.76 -8.15
C PRO E 122 11.28 15.20 -9.28
N HIS E 123 11.09 13.89 -9.26
CA HIS E 123 10.34 13.22 -10.31
C HIS E 123 8.89 13.72 -10.32
N ILE E 124 8.19 13.41 -11.40
CA ILE E 124 6.84 13.89 -11.62
C ILE E 124 5.87 12.89 -11.01
N GLN E 125 5.51 13.11 -9.74
CA GLN E 125 4.43 12.34 -9.14
C GLN E 125 3.95 13.00 -7.85
N LYS E 126 2.74 12.63 -7.42
CA LYS E 126 2.03 13.30 -6.33
C LYS E 126 2.51 12.87 -4.94
N PRO E 127 2.73 11.56 -4.67
CA PRO E 127 3.39 11.23 -3.40
C PRO E 127 4.82 11.76 -3.33
N GLU E 128 5.44 11.96 -4.49
CA GLU E 128 6.83 12.42 -4.56
C GLU E 128 6.93 13.93 -4.43
N ASP E 129 5.88 14.66 -4.82
CA ASP E 129 5.82 16.09 -4.49
C ASP E 129 5.88 16.28 -2.98
N ARG E 130 5.32 15.31 -2.24
CA ARG E 130 5.47 15.31 -0.78
C ARG E 130 6.87 14.87 -0.35
N LYS E 131 7.47 13.91 -1.06
CA LYS E 131 8.85 13.53 -0.77
C LYS E 131 9.78 14.56 -1.37
N LYS E 132 10.12 15.57 -0.59
CA LYS E 132 11.09 16.55 -1.03
C LYS E 132 12.52 16.13 -0.71
N ALA E 133 12.74 14.87 -0.36
CA ALA E 133 14.08 14.36 -0.20
C ALA E 133 14.73 14.25 -1.58
N PRO E 134 16.01 14.54 -1.72
CA PRO E 134 16.63 14.40 -3.03
C PRO E 134 16.73 12.94 -3.46
N ASP E 135 16.75 12.76 -4.77
CA ASP E 135 16.91 11.44 -5.34
C ASP E 135 18.30 10.93 -4.99
N TRP E 136 18.46 9.61 -4.93
CA TRP E 136 19.72 9.01 -4.51
C TRP E 136 20.77 9.03 -5.61
N ASP E 137 20.38 9.35 -6.86
CA ASP E 137 21.32 9.28 -7.98
C ASP E 137 22.54 10.15 -7.72
N GLN E 138 22.38 11.46 -7.64
CA GLN E 138 22.93 12.34 -6.63
C GLN E 138 22.54 13.74 -7.13
N ILE E 139 22.81 14.77 -6.35
CA ILE E 139 22.47 16.14 -6.67
C ILE E 139 23.46 16.65 -7.73
N PHE E 140 23.13 17.81 -8.30
CA PHE E 140 23.97 18.49 -9.29
C PHE E 140 24.48 19.81 -8.74
N ILE E 141 25.53 20.33 -9.37
CA ILE E 141 26.20 21.56 -8.97
C ILE E 141 26.22 22.50 -10.16
N ASP E 142 26.15 23.80 -9.86
CA ASP E 142 26.27 24.86 -10.86
C ASP E 142 27.46 25.73 -10.54
N ILE E 143 28.26 26.04 -11.57
CA ILE E 143 29.27 27.09 -11.49
C ILE E 143 29.01 28.20 -12.51
N GLY E 144 27.87 28.17 -13.18
CA GLY E 144 27.46 29.24 -14.05
C GLY E 144 27.97 29.18 -15.46
N ALA E 145 28.85 28.24 -15.77
CA ALA E 145 29.31 28.09 -17.13
C ALA E 145 28.18 27.60 -18.03
N GLU E 146 28.16 28.08 -19.26
CA GLU E 146 27.14 27.69 -20.21
C GLU E 146 27.46 26.38 -20.92
N SER E 147 28.71 25.96 -20.97
CA SER E 147 29.09 24.80 -21.75
C SER E 147 30.28 24.08 -21.14
N LYS E 148 30.45 22.84 -21.58
CA LYS E 148 31.57 22.02 -21.16
C LYS E 148 32.90 22.68 -21.49
N GLU E 149 32.99 23.29 -22.67
CA GLU E 149 34.23 23.94 -23.08
C GLU E 149 34.61 25.05 -22.12
N GLU E 150 33.64 25.90 -21.78
CA GLU E 150 33.91 26.99 -20.85
C GLU E 150 34.37 26.47 -19.50
N ALA E 151 33.80 25.33 -19.08
CA ALA E 151 34.12 24.82 -17.76
C ALA E 151 35.57 24.38 -17.68
N GLU E 152 36.07 23.72 -18.72
CA GLU E 152 37.43 23.23 -18.69
C GLU E 152 38.42 24.38 -18.86
N ASP E 153 37.99 25.48 -19.47
CA ASP E 153 38.88 26.62 -19.60
C ASP E 153 39.10 27.29 -18.26
N MET E 154 38.11 27.22 -17.37
CA MET E 154 38.31 27.66 -16.00
C MET E 154 39.41 26.87 -15.31
N GLY E 155 39.45 25.56 -15.55
CA GLY E 155 40.32 24.65 -14.84
C GLY E 155 39.65 23.45 -14.24
N VAL E 156 38.31 23.42 -14.24
CA VAL E 156 37.59 22.28 -13.71
C VAL E 156 37.91 21.06 -14.56
N LYS E 157 38.21 19.96 -13.89
CA LYS E 157 38.44 18.68 -14.54
C LYS E 157 37.83 17.61 -13.65
N ILE E 158 37.87 16.37 -14.14
CA ILE E 158 37.41 15.29 -13.31
C ILE E 158 38.43 15.08 -12.21
N GLY E 159 37.96 14.67 -11.05
CA GLY E 159 38.80 14.52 -9.89
C GLY E 159 37.98 14.79 -8.65
N THR E 160 38.55 14.47 -7.50
CA THR E 160 38.03 14.95 -6.23
C THR E 160 38.50 16.39 -6.05
N VAL E 161 37.56 17.35 -6.07
CA VAL E 161 37.94 18.75 -6.20
C VAL E 161 37.25 19.68 -5.19
N ILE E 162 36.13 19.25 -4.60
CA ILE E 162 35.17 20.18 -3.99
C ILE E 162 35.13 20.05 -2.47
N THR E 163 34.71 21.12 -1.79
CA THR E 163 34.45 21.14 -0.36
C THR E 163 33.28 22.07 -0.04
N TRP E 164 33.12 22.39 1.25
CA TRP E 164 31.84 22.90 1.74
C TRP E 164 31.81 24.41 1.91
N ASP E 165 32.98 25.06 1.97
CA ASP E 165 33.06 26.50 2.18
C ASP E 165 32.51 26.92 3.54
N GLY E 166 33.12 26.42 4.60
CA GLY E 166 32.78 26.89 5.93
C GLY E 166 33.59 28.10 6.27
N ARG E 167 33.08 28.85 7.23
CA ARG E 167 33.80 29.94 7.86
C ARG E 167 33.43 29.96 9.32
N LEU E 168 34.39 30.38 10.12
CA LEU E 168 34.31 30.21 11.56
C LEU E 168 33.73 31.46 12.20
N GLU E 169 32.58 31.31 12.84
CA GLU E 169 31.93 32.41 13.55
C GLU E 169 31.56 31.96 14.96
N ARG E 170 31.37 32.96 15.80
CA ARG E 170 31.15 32.77 17.23
C ARG E 170 29.67 32.93 17.53
N LEU E 171 29.05 31.86 18.03
CA LEU E 171 27.71 31.95 18.60
C LEU E 171 27.77 31.70 20.09
N GLY E 172 26.82 32.29 20.80
CA GLY E 172 26.86 32.31 22.24
C GLY E 172 28.16 32.93 22.69
N LYS E 173 28.29 34.25 22.46
CA LYS E 173 29.54 34.96 22.74
C LYS E 173 30.04 34.75 24.16
N HIS E 174 29.17 34.37 25.09
CA HIS E 174 29.65 33.69 26.28
C HIS E 174 30.52 32.48 25.93
N ARG E 175 29.96 31.48 25.25
CA ARG E 175 30.77 30.38 24.76
C ARG E 175 30.02 29.46 23.82
N PHE E 176 30.53 29.32 22.58
CA PHE E 176 30.32 28.21 21.64
C PHE E 176 31.05 28.61 20.36
N VAL E 177 31.21 27.69 19.40
CA VAL E 177 31.83 27.98 18.12
C VAL E 177 31.13 27.18 17.04
N SER E 178 31.02 27.76 15.83
CA SER E 178 30.13 27.25 14.79
C SER E 178 30.62 26.03 14.02
N ILE E 179 31.72 26.14 13.26
CA ILE E 179 32.15 25.08 12.33
C ILE E 179 33.51 24.51 12.71
N ALA E 180 33.91 24.65 13.98
CA ALA E 180 35.28 24.32 14.37
C ALA E 180 35.53 22.83 14.58
N PHE E 181 34.52 21.99 14.41
CA PHE E 181 34.59 20.63 14.94
C PHE E 181 35.32 19.70 13.99
N ASP E 182 34.73 19.42 12.83
CA ASP E 182 35.01 18.17 12.16
C ASP E 182 36.33 18.23 11.42
N ASP E 183 37.16 17.24 11.71
CA ASP E 183 38.44 16.99 11.06
C ASP E 183 39.50 18.05 11.41
N ARG E 184 39.13 19.09 12.13
CA ARG E 184 40.09 19.85 12.90
C ARG E 184 39.40 20.55 14.06
N ILE E 185 39.25 19.79 15.13
CA ILE E 185 39.24 20.32 16.48
C ILE E 185 40.30 19.51 17.22
N ALA E 186 40.33 18.21 16.93
CA ALA E 186 41.36 17.32 17.43
C ALA E 186 42.75 17.88 17.16
N VAL E 187 42.98 18.42 15.96
CA VAL E 187 44.32 18.93 15.67
C VAL E 187 44.63 20.12 16.55
N TYR E 188 43.62 20.95 16.84
CA TYR E 188 43.87 22.08 17.74
C TYR E 188 44.27 21.59 19.12
N THR E 189 43.63 20.52 19.59
CA THR E 189 44.08 19.91 20.83
C THR E 189 45.53 19.46 20.71
N ILE E 190 45.85 18.76 19.64
CA ILE E 190 47.21 18.30 19.39
C ILE E 190 48.17 19.48 19.41
N LEU E 191 47.86 20.53 18.66
CA LEU E 191 48.75 21.68 18.61
C LEU E 191 48.85 22.34 19.97
N GLU E 192 47.72 22.51 20.65
CA GLU E 192 47.73 23.08 21.99
C GLU E 192 48.51 22.18 22.92
N VAL E 193 48.38 20.86 22.75
CA VAL E 193 49.11 19.92 23.57
C VAL E 193 50.61 20.12 23.41
N ALA E 194 51.05 20.28 22.16
CA ALA E 194 52.48 20.43 21.91
C ALA E 194 53.04 21.68 22.54
N LYS E 195 52.23 22.74 22.61
CA LYS E 195 52.68 23.95 23.29
C LYS E 195 52.71 23.74 24.79
N GLN E 196 51.74 23.01 25.32
CA GLN E 196 51.61 22.82 26.76
C GLN E 196 52.55 21.76 27.30
N LEU E 197 52.96 20.82 26.46
CA LEU E 197 53.88 19.77 26.89
C LEU E 197 55.30 20.29 26.87
N LYS E 198 55.97 20.23 28.02
CA LYS E 198 57.37 20.64 28.13
C LYS E 198 58.25 19.43 28.41
N ASP E 199 57.95 18.71 29.49
CA ASP E 199 58.80 17.63 29.96
C ASP E 199 58.25 16.29 29.47
N ALA E 200 58.91 15.72 28.48
CA ALA E 200 58.46 14.51 27.82
C ALA E 200 58.78 13.31 28.69
N LYS E 201 57.82 12.93 29.54
CA LYS E 201 58.01 11.74 30.35
C LYS E 201 57.78 10.47 29.54
N ALA E 202 57.20 10.59 28.36
CA ALA E 202 57.08 9.48 27.43
C ALA E 202 57.23 10.01 26.01
N ASP E 203 57.90 9.23 25.18
CA ASP E 203 58.21 9.69 23.84
C ASP E 203 56.96 9.53 22.98
N VAL E 204 56.40 10.66 22.57
CA VAL E 204 55.11 10.71 21.90
C VAL E 204 55.33 10.90 20.42
N TYR E 205 54.39 10.40 19.63
CA TYR E 205 54.38 10.61 18.19
C TYR E 205 53.00 11.12 17.78
N PHE E 206 52.91 12.40 17.45
CA PHE E 206 51.68 13.00 16.98
C PHE E 206 51.53 12.72 15.50
N VAL E 207 50.40 12.14 15.11
CA VAL E 207 50.07 11.90 13.72
C VAL E 207 48.77 12.63 13.40
N ALA E 208 48.64 13.05 12.15
CA ALA E 208 47.42 13.61 11.61
C ALA E 208 47.09 12.85 10.33
N THR E 209 46.21 11.87 10.43
CA THR E 209 46.03 10.88 9.39
C THR E 209 45.07 11.39 8.32
N VAL E 210 45.17 10.76 7.15
CA VAL E 210 44.33 11.07 6.00
C VAL E 210 43.53 9.84 5.65
N GLN E 211 42.52 10.04 4.81
CA GLN E 211 41.64 8.98 4.37
C GLN E 211 40.97 8.28 5.55
N GLU E 212 40.58 9.05 6.57
CA GLU E 212 39.86 8.47 7.69
C GLU E 212 38.40 8.22 7.34
N GLU E 213 37.73 9.23 6.77
CA GLU E 213 36.31 9.10 6.54
C GLU E 213 36.01 8.08 5.46
N VAL E 214 36.99 7.76 4.62
CA VAL E 214 36.88 6.68 3.64
C VAL E 214 38.11 5.80 3.74
N GLY E 215 37.91 4.53 4.01
CA GLY E 215 39.03 3.64 4.24
C GLY E 215 39.79 4.04 5.49
N LEU E 216 39.11 4.00 6.64
CA LEU E 216 39.70 4.37 7.94
C LEU E 216 41.06 3.73 8.18
N ARG E 217 41.34 2.60 7.55
CA ARG E 217 42.68 2.01 7.61
C ARG E 217 43.73 2.91 6.97
N GLY E 218 43.35 4.04 6.37
CA GLY E 218 44.35 5.03 5.99
C GLY E 218 45.27 5.37 7.14
N ALA E 219 44.71 5.50 8.34
CA ALA E 219 45.51 5.81 9.52
C ALA E 219 46.48 4.69 9.85
N ARG E 220 46.04 3.44 9.64
CA ARG E 220 46.84 2.28 10.01
C ARG E 220 48.24 2.33 9.45
N THR E 221 48.39 2.84 8.23
CA THR E 221 49.68 2.80 7.57
C THR E 221 50.74 3.51 8.40
N SER E 222 50.40 4.69 8.90
CA SER E 222 51.30 5.40 9.79
C SER E 222 51.63 4.57 11.02
N ALA E 223 50.67 3.80 11.52
CA ALA E 223 50.80 3.15 12.82
C ALA E 223 52.05 2.30 12.92
N PHE E 224 52.30 1.44 11.94
CA PHE E 224 53.30 0.40 12.13
C PHE E 224 54.70 0.98 12.30
N GLY E 225 54.98 2.09 11.64
CA GLY E 225 56.29 2.68 11.78
C GLY E 225 56.49 3.30 13.15
N ILE E 226 55.39 3.53 13.87
CA ILE E 226 55.38 4.50 14.95
C ILE E 226 54.86 3.90 16.25
N GLU E 227 53.76 3.15 16.19
CA GLU E 227 52.88 2.90 17.33
C GLU E 227 53.49 2.26 18.58
N PRO E 228 54.30 1.21 18.46
CA PRO E 228 54.16 0.03 19.34
C PRO E 228 53.94 0.34 20.82
N ASP E 229 53.11 -0.50 21.43
CA ASP E 229 53.00 -0.66 22.88
C ASP E 229 52.04 0.34 23.54
N TYR E 230 51.51 1.28 22.76
CA TYR E 230 50.38 2.08 23.25
C TYR E 230 49.72 2.87 22.13
N GLY E 231 48.58 3.49 22.42
CA GLY E 231 47.83 4.19 21.39
C GLY E 231 46.70 5.01 21.97
N PHE E 232 46.37 6.08 21.23
CA PHE E 232 45.29 6.99 21.58
C PHE E 232 44.63 7.47 20.30
N ALA E 233 43.50 8.15 20.44
CA ALA E 233 42.81 8.71 19.29
C ALA E 233 41.94 9.88 19.72
N ILE E 234 41.77 10.82 18.81
CA ILE E 234 40.84 11.94 18.96
C ILE E 234 40.05 12.07 17.68
N ASP E 235 38.93 11.37 17.62
CA ASP E 235 37.97 11.47 16.53
C ASP E 235 36.59 11.55 17.17
N VAL E 236 35.58 11.79 16.35
CA VAL E 236 34.25 12.04 16.85
C VAL E 236 33.19 11.57 15.86
N THR E 237 32.04 11.16 16.40
CA THR E 237 30.80 11.00 15.64
C THR E 237 29.67 10.87 16.65
N ILE E 238 28.70 11.77 16.54
CA ILE E 238 27.76 12.05 17.61
C ILE E 238 26.41 12.37 16.99
N ALA E 239 25.34 12.09 17.74
CA ALA E 239 24.03 12.70 17.54
C ALA E 239 23.64 13.36 18.85
N ALA E 240 23.72 14.69 18.90
CA ALA E 240 23.90 15.42 20.14
C ALA E 240 22.70 16.33 20.47
N ASP E 241 21.95 15.95 21.51
CA ASP E 241 21.08 16.84 22.28
C ASP E 241 20.11 17.60 21.40
N ILE E 242 19.64 16.94 20.35
CA ILE E 242 18.74 17.60 19.41
C ILE E 242 17.37 17.62 20.10
N PRO E 243 16.69 18.76 20.22
CA PRO E 243 15.39 18.74 20.90
C PRO E 243 14.38 17.83 20.22
N GLY E 244 13.31 17.54 20.93
CA GLY E 244 12.33 16.59 20.49
C GLY E 244 12.74 15.13 20.62
N THR E 245 13.98 14.86 21.03
CA THR E 245 14.44 13.50 21.25
C THR E 245 14.22 13.08 22.69
N PRO E 246 14.30 11.79 22.99
CA PRO E 246 14.29 11.35 24.39
C PRO E 246 15.58 11.71 25.10
N GLU E 247 15.69 11.21 26.33
CA GLU E 247 16.89 11.45 27.13
C GLU E 247 18.03 10.51 26.77
N HIS E 248 17.75 9.47 25.97
CA HIS E 248 18.76 8.45 25.74
C HIS E 248 19.92 8.95 24.89
N LYS E 249 19.75 10.05 24.16
CA LYS E 249 20.85 10.72 23.48
C LYS E 249 21.38 11.92 24.24
N GLN E 250 20.63 12.41 25.24
CA GLN E 250 21.02 13.65 25.89
C GLN E 250 22.35 13.51 26.62
N VAL E 251 22.62 12.36 27.23
CA VAL E 251 23.88 12.21 27.96
C VAL E 251 25.08 12.19 27.01
N THR E 252 24.88 11.86 25.73
CA THR E 252 25.96 11.94 24.75
C THR E 252 26.55 13.35 24.70
N HIS E 253 25.73 14.36 24.94
CA HIS E 253 26.18 15.75 25.00
C HIS E 253 25.15 16.61 25.71
N LEU E 254 25.64 17.42 26.64
CA LEU E 254 24.82 18.38 27.34
C LEU E 254 25.47 19.76 27.38
N GLY E 255 26.67 19.91 26.82
CA GLY E 255 27.46 21.13 26.81
C GLY E 255 28.44 21.16 27.95
N LYS E 256 28.99 20.01 28.29
CA LYS E 256 29.74 19.84 29.52
C LYS E 256 30.74 18.71 29.33
N GLY E 257 31.99 19.00 29.65
CA GLY E 257 33.00 17.99 29.74
C GLY E 257 33.29 17.32 28.41
N THR E 258 34.30 16.46 28.45
CA THR E 258 34.77 15.75 27.28
C THR E 258 34.18 14.35 27.28
N ALA E 259 34.44 13.63 26.21
CA ALA E 259 33.78 12.36 25.94
C ALA E 259 34.82 11.29 25.72
N ILE E 260 34.77 10.26 26.56
CA ILE E 260 35.62 9.09 26.43
C ILE E 260 34.82 8.02 25.71
N LYS E 261 35.47 7.29 24.82
CA LYS E 261 34.81 6.25 24.04
C LYS E 261 35.09 4.91 24.67
N ILE E 262 34.02 4.19 25.02
CA ILE E 262 34.14 2.83 25.52
C ILE E 262 33.93 1.86 24.37
N MET E 263 32.97 2.16 23.52
CA MET E 263 32.55 1.27 22.46
C MET E 263 32.20 2.08 21.22
N ASP E 264 32.46 1.49 20.07
CA ASP E 264 31.94 1.95 18.81
C ASP E 264 31.55 0.73 17.98
N ARG E 265 31.24 0.97 16.72
CA ARG E 265 31.20 -0.13 15.75
C ARG E 265 32.52 -0.87 15.75
N SER E 266 33.61 -0.15 15.51
CA SER E 266 34.88 -0.76 15.18
C SER E 266 35.69 -1.18 16.40
N VAL E 267 35.80 -0.31 17.40
CA VAL E 267 36.81 -0.45 18.44
C VAL E 267 36.13 -0.69 19.78
N ILE E 268 36.75 -1.52 20.60
CA ILE E 268 36.37 -1.74 21.98
C ILE E 268 37.58 -1.37 22.82
N CYS E 269 37.54 -0.22 23.45
CA CYS E 269 38.72 0.32 24.12
C CYS E 269 39.10 -0.56 25.30
N HIS E 270 40.40 -0.79 25.42
CA HIS E 270 40.95 -1.55 26.53
C HIS E 270 40.56 -0.87 27.84
N PRO E 271 39.68 -1.45 28.64
CA PRO E 271 38.96 -0.65 29.65
C PRO E 271 39.82 -0.12 30.76
N THR E 272 41.01 -0.72 30.99
CA THR E 272 41.90 -0.19 32.01
C THR E 272 42.21 1.28 31.74
N ILE E 273 42.46 1.62 30.47
CA ILE E 273 42.66 3.01 30.08
C ILE E 273 41.47 3.85 30.52
N VAL E 274 40.25 3.38 30.22
CA VAL E 274 39.05 4.14 30.54
C VAL E 274 38.95 4.40 32.03
N ARG E 275 39.06 3.35 32.84
CA ARG E 275 38.98 3.54 34.28
C ARG E 275 40.08 4.46 34.77
N TRP E 276 41.23 4.42 34.10
CA TRP E 276 42.33 5.28 34.49
C TRP E 276 42.00 6.75 34.20
N LEU E 277 41.51 7.03 33.00
CA LEU E 277 41.13 8.39 32.66
C LEU E 277 40.02 8.87 33.57
N GLU E 278 39.07 7.98 33.87
CA GLU E 278 38.03 8.29 34.83
C GLU E 278 38.65 8.70 36.16
N GLU E 279 39.62 7.91 36.64
CA GLU E 279 40.34 8.27 37.85
C GLU E 279 41.05 9.60 37.68
N LEU E 280 41.64 9.82 36.50
CA LEU E 280 42.47 10.99 36.32
C LEU E 280 41.65 12.27 36.37
N ALA E 281 40.50 12.27 35.69
CA ALA E 281 39.72 13.49 35.61
C ALA E 281 39.20 13.89 36.98
N LYS E 282 38.95 12.92 37.85
CA LYS E 282 38.49 13.25 39.19
C LYS E 282 39.61 13.83 40.03
N LYS E 283 40.85 13.41 39.78
CA LYS E 283 41.96 13.85 40.63
C LYS E 283 42.26 15.32 40.37
N HIS E 284 42.18 15.76 39.12
CA HIS E 284 42.42 17.15 38.76
C HIS E 284 41.15 17.95 38.51
N GLU E 285 39.99 17.44 38.94
CA GLU E 285 38.72 18.19 38.90
C GLU E 285 38.31 18.49 37.46
N ILE E 286 38.64 17.60 36.54
CA ILE E 286 38.34 17.77 35.13
C ILE E 286 36.95 17.20 34.87
N PRO E 287 36.15 17.81 33.98
CA PRO E 287 34.85 17.21 33.65
C PRO E 287 34.99 16.14 32.60
N TYR E 288 34.11 15.15 32.67
CA TYR E 288 34.14 14.05 31.72
C TYR E 288 32.77 13.41 31.63
N GLN E 289 32.47 12.91 30.43
CA GLN E 289 31.33 12.05 30.19
C GLN E 289 31.86 10.69 29.81
N LEU E 290 30.94 9.74 29.65
CA LEU E 290 31.23 8.45 29.05
C LEU E 290 30.24 8.23 27.93
N GLU E 291 30.74 8.21 26.70
CA GLU E 291 29.92 8.17 25.50
C GLU E 291 30.16 6.86 24.77
N ILE E 292 29.11 6.35 24.17
CA ILE E 292 29.18 5.18 23.30
C ILE E 292 28.24 5.44 22.13
N LEU E 293 28.50 4.74 21.03
CA LEU E 293 27.65 4.80 19.85
C LEU E 293 27.18 3.41 19.47
N LEU E 294 26.22 3.39 18.55
CA LEU E 294 25.86 2.17 17.84
C LEU E 294 26.58 2.07 16.51
N GLY E 295 27.09 3.19 15.98
CA GLY E 295 27.72 3.21 14.68
C GLY E 295 28.85 4.20 14.65
N GLY E 296 29.43 4.35 13.45
CA GLY E 296 30.55 5.24 13.23
C GLY E 296 31.87 4.51 13.17
N GLY E 297 32.78 4.99 12.32
CA GLY E 297 34.09 4.39 12.19
C GLY E 297 35.18 5.40 12.49
N THR E 298 35.98 5.09 13.50
CA THR E 298 37.00 6.01 14.01
C THR E 298 38.39 5.51 13.68
N ASP E 299 39.37 6.37 13.99
CA ASP E 299 40.77 6.02 13.80
C ASP E 299 41.17 4.88 14.72
N ALA E 300 40.58 4.82 15.92
CA ALA E 300 41.02 3.88 16.93
C ALA E 300 40.91 2.44 16.46
N GLY E 301 39.88 2.15 15.67
CA GLY E 301 39.68 0.79 15.20
C GLY E 301 40.86 0.29 14.41
N ALA E 302 41.42 1.14 13.55
CA ALA E 302 42.56 0.74 12.76
C ALA E 302 43.79 0.54 13.62
N ILE E 303 43.87 1.22 14.76
CA ILE E 303 45.03 1.10 15.62
C ILE E 303 45.06 -0.27 16.28
N HIS E 304 43.88 -0.81 16.60
CA HIS E 304 43.78 -2.06 17.35
C HIS E 304 44.32 -3.25 16.58
N LEU E 305 44.54 -3.13 15.29
CA LEU E 305 44.79 -4.26 14.42
C LEU E 305 46.26 -4.42 14.03
N THR E 306 47.10 -3.45 14.35
CA THR E 306 48.53 -3.61 14.17
C THR E 306 49.03 -4.82 14.96
N LYS E 307 50.18 -5.34 14.52
CA LYS E 307 50.58 -6.69 14.89
C LYS E 307 50.77 -6.88 16.38
N ALA E 308 51.16 -5.84 17.11
CA ALA E 308 51.39 -6.00 18.54
C ALA E 308 50.09 -6.30 19.28
N GLY E 309 48.96 -5.89 18.72
CA GLY E 309 47.71 -5.97 19.43
C GLY E 309 47.53 -4.88 20.46
N VAL E 310 47.44 -3.63 20.03
CA VAL E 310 47.64 -2.49 20.92
C VAL E 310 46.38 -2.21 21.73
N PRO E 311 46.48 -1.87 23.01
CA PRO E 311 45.31 -1.37 23.73
C PRO E 311 45.17 0.12 23.50
N THR E 312 43.92 0.56 23.35
CA THR E 312 43.63 1.90 22.91
C THR E 312 42.46 2.49 23.66
N GLY E 313 42.63 3.76 24.06
CA GLY E 313 41.56 4.60 24.49
C GLY E 313 41.37 5.73 23.51
N ALA E 314 40.21 6.37 23.58
CA ALA E 314 39.87 7.41 22.65
C ALA E 314 39.09 8.50 23.35
N LEU E 315 39.46 9.74 23.04
CA LEU E 315 38.78 10.92 23.51
C LEU E 315 37.95 11.50 22.38
N SER E 316 36.89 12.20 22.74
CA SER E 316 35.97 12.78 21.80
C SER E 316 35.59 14.17 22.26
N VAL E 317 35.63 15.12 21.33
CA VAL E 317 35.24 16.50 21.57
C VAL E 317 33.83 16.68 21.03
N PRO E 318 32.82 16.81 21.88
CA PRO E 318 31.46 16.45 21.49
C PRO E 318 30.74 17.53 20.71
N ALA E 319 29.43 17.29 20.56
CA ALA E 319 28.42 18.30 20.21
C ALA E 319 28.34 18.66 18.74
N ARG E 320 28.57 17.69 17.89
CA ARG E 320 28.45 17.89 16.46
C ARG E 320 26.98 17.95 16.05
N TYR E 321 26.72 18.59 14.90
CA TYR E 321 25.50 18.42 14.13
C TYR E 321 25.90 17.74 12.83
N ILE E 322 24.90 17.23 12.10
CA ILE E 322 25.07 16.25 11.02
C ILE E 322 26.17 16.76 10.09
N HIS E 323 27.29 16.01 10.08
CA HIS E 323 28.63 16.62 10.02
C HIS E 323 28.89 17.45 8.77
N SER E 324 27.99 17.43 7.80
CA SER E 324 28.19 18.19 6.59
C SER E 324 28.32 19.69 6.85
N ASN E 325 27.31 20.31 7.45
CA ASN E 325 27.08 21.72 7.22
C ASN E 325 27.54 22.65 8.33
N THR E 326 27.08 22.44 9.56
CA THR E 326 27.56 23.19 10.69
C THR E 326 27.82 22.21 11.81
N GLU E 327 28.77 22.59 12.64
CA GLU E 327 29.53 21.64 13.40
C GLU E 327 29.82 22.19 14.79
N VAL E 328 28.76 22.61 15.48
CA VAL E 328 28.89 23.31 16.75
C VAL E 328 29.79 22.58 17.73
N VAL E 329 30.47 23.35 18.59
CA VAL E 329 31.30 22.82 19.65
C VAL E 329 31.11 23.65 20.91
N ASP E 330 31.81 23.25 21.96
CA ASP E 330 31.80 23.90 23.25
C ASP E 330 33.23 24.25 23.64
N GLU E 331 33.48 25.54 23.81
CA GLU E 331 34.80 26.04 24.20
C GLU E 331 35.30 25.35 25.47
N ARG E 332 34.38 24.98 26.37
CA ARG E 332 34.79 24.41 27.64
C ARG E 332 35.39 23.03 27.41
N ASP E 333 34.73 22.22 26.58
CA ASP E 333 35.13 20.83 26.42
C ASP E 333 36.50 20.72 25.80
N VAL E 334 36.75 21.50 24.74
CA VAL E 334 37.98 21.36 23.99
C VAL E 334 39.19 21.70 24.87
N ASP E 335 39.08 22.75 25.69
CA ASP E 335 40.20 23.08 26.56
C ASP E 335 40.32 22.04 27.66
N ALA E 336 39.20 21.51 28.13
CA ALA E 336 39.25 20.46 29.12
C ALA E 336 39.88 19.20 28.54
N THR E 337 39.55 18.89 27.29
CA THR E 337 40.15 17.75 26.61
C THR E 337 41.66 17.87 26.60
N VAL E 338 42.16 19.06 26.29
CA VAL E 338 43.59 19.29 26.24
C VAL E 338 44.22 18.99 27.59
N GLU E 339 43.63 19.55 28.66
CA GLU E 339 44.15 19.34 30.00
C GLU E 339 44.24 17.85 30.31
N LEU E 340 43.18 17.12 29.99
CA LEU E 340 43.13 15.70 30.30
C LEU E 340 44.25 14.94 29.62
N MET E 341 44.36 15.06 28.30
CA MET E 341 45.40 14.35 27.58
C MET E 341 46.78 14.77 28.07
N THR E 342 46.96 16.06 28.33
CA THR E 342 48.25 16.57 28.75
C THR E 342 48.72 15.85 30.00
N LYS E 343 47.82 15.67 30.96
CA LYS E 343 48.20 15.01 32.20
C LYS E 343 48.35 13.51 31.98
N ALA E 344 47.48 12.93 31.15
CA ALA E 344 47.54 11.49 30.90
C ALA E 344 48.89 11.10 30.30
N LEU E 345 49.36 11.89 29.35
CA LEU E 345 50.63 11.59 28.69
C LEU E 345 51.76 11.52 29.71
N GLU E 346 51.87 12.54 30.54
CA GLU E 346 52.95 12.56 31.52
C GLU E 346 52.77 11.44 32.54
N ASN E 347 51.53 11.17 32.95
CA ASN E 347 51.31 10.12 33.94
C ASN E 347 51.22 8.73 33.30
N ILE E 348 51.43 8.60 31.98
CA ILE E 348 51.34 7.28 31.36
C ILE E 348 52.44 6.37 31.89
N HIS E 349 53.54 6.94 32.38
CA HIS E 349 54.66 6.11 32.80
C HIS E 349 54.27 5.19 33.97
N GLU E 350 53.30 5.63 34.77
CA GLU E 350 52.83 4.81 35.88
C GLU E 350 51.74 3.83 35.43
N LEU E 351 51.12 4.10 34.29
CA LEU E 351 49.98 3.30 33.84
C LEU E 351 50.40 1.89 33.43
N LYS E 352 51.64 1.72 32.96
CA LYS E 352 52.13 0.50 32.31
C LYS E 352 51.70 -0.83 32.96
N ILE E 353 51.42 -0.85 34.27
CA ILE E 353 51.10 -2.07 35.04
C ILE E 353 52.40 -2.81 35.31
N MET F 1 -26.64 -51.31 1.35
CA MET F 1 -25.90 -52.62 1.40
C MET F 1 -25.12 -52.85 2.68
N GLU F 2 -25.84 -53.09 3.77
CA GLU F 2 -25.21 -53.14 5.10
C GLU F 2 -24.46 -54.46 5.20
N VAL F 3 -23.26 -54.48 4.62
CA VAL F 3 -22.41 -55.67 4.65
C VAL F 3 -22.04 -56.02 6.09
N ARG F 4 -21.86 -54.99 6.93
CA ARG F 4 -21.49 -55.16 8.34
C ARG F 4 -22.63 -54.88 9.31
N ASN F 5 -23.63 -54.09 8.91
CA ASN F 5 -24.71 -53.63 9.78
C ASN F 5 -24.17 -52.82 10.96
N MET F 6 -23.05 -52.13 10.78
CA MET F 6 -22.47 -51.34 11.86
C MET F 6 -23.18 -50.00 12.01
N VAL F 7 -23.56 -49.39 10.89
CA VAL F 7 -24.23 -48.10 10.87
C VAL F 7 -25.44 -48.21 9.97
N ASP F 8 -26.63 -48.03 10.54
CA ASP F 8 -27.86 -48.23 9.80
C ASP F 8 -28.12 -47.06 8.85
N TYR F 9 -28.03 -47.36 7.55
CA TYR F 9 -28.19 -46.33 6.55
C TYR F 9 -29.59 -45.73 6.56
N GLU F 10 -30.60 -46.51 6.93
CA GLU F 10 -31.95 -45.99 6.99
C GLU F 10 -32.10 -44.99 8.12
N LEU F 11 -31.57 -45.32 9.29
CA LEU F 11 -31.80 -44.49 10.48
C LEU F 11 -31.20 -43.10 10.31
N LEU F 12 -29.99 -43.03 9.76
CA LEU F 12 -29.33 -41.75 9.60
C LEU F 12 -30.11 -40.84 8.68
N LYS F 13 -30.83 -41.42 7.72
CA LYS F 13 -31.62 -40.62 6.79
C LYS F 13 -32.67 -39.81 7.55
N LYS F 14 -33.38 -40.46 8.47
CA LYS F 14 -34.49 -39.82 9.17
C LYS F 14 -34.03 -38.58 9.92
N VAL F 15 -32.90 -38.67 10.60
CA VAL F 15 -32.50 -37.58 11.49
C VAL F 15 -31.94 -36.42 10.70
N VAL F 16 -31.15 -36.69 9.67
CA VAL F 16 -30.31 -35.65 9.12
C VAL F 16 -31.05 -34.82 8.10
N GLU F 17 -31.97 -35.43 7.36
CA GLU F 17 -32.80 -34.66 6.44
C GLU F 17 -33.69 -33.68 7.19
N ALA F 18 -34.02 -33.98 8.43
CA ALA F 18 -34.94 -33.14 9.17
C ALA F 18 -34.30 -31.78 9.44
N PRO F 19 -35.10 -30.76 9.74
CA PRO F 19 -34.56 -29.40 9.83
C PRO F 19 -33.97 -29.11 11.19
N GLY F 20 -32.89 -28.33 11.19
CA GLY F 20 -31.96 -28.28 12.29
C GLY F 20 -32.00 -27.06 13.18
N VAL F 21 -33.21 -26.56 13.44
CA VAL F 21 -33.41 -25.70 14.59
C VAL F 21 -34.82 -25.97 15.10
N SER F 22 -34.93 -26.41 16.35
CA SER F 22 -36.18 -26.97 16.85
C SER F 22 -36.99 -25.91 17.57
N GLY F 23 -38.23 -26.27 17.91
CA GLY F 23 -39.16 -25.36 18.55
C GLY F 23 -39.88 -24.44 17.59
N TYR F 24 -39.23 -24.04 16.50
CA TYR F 24 -39.84 -23.29 15.42
C TYR F 24 -40.93 -24.13 14.78
N GLU F 25 -41.54 -23.55 13.74
CA GLU F 25 -42.44 -24.32 12.90
C GLU F 25 -41.78 -25.55 12.27
N PHE F 26 -40.45 -25.68 12.28
CA PHE F 26 -39.79 -26.85 11.71
C PHE F 26 -39.66 -28.01 12.69
N LEU F 27 -40.26 -27.96 13.86
CA LEU F 27 -39.74 -28.72 15.02
C LEU F 27 -39.78 -30.25 14.88
N GLY F 28 -40.03 -30.80 13.68
CA GLY F 28 -40.24 -32.23 13.51
C GLY F 28 -39.13 -33.12 14.07
N ILE F 29 -37.90 -32.62 14.16
CA ILE F 29 -36.80 -33.45 14.65
C ILE F 29 -37.08 -33.91 16.08
N ARG F 30 -37.73 -33.07 16.87
CA ARG F 30 -38.08 -33.43 18.24
C ARG F 30 -38.88 -34.71 18.25
N ASP F 31 -39.95 -34.75 17.45
CA ASP F 31 -40.75 -35.96 17.33
C ASP F 31 -39.90 -37.15 16.91
N VAL F 32 -38.97 -36.93 15.98
CA VAL F 32 -38.18 -38.03 15.43
C VAL F 32 -37.34 -38.67 16.52
N VAL F 33 -36.62 -37.86 17.29
CA VAL F 33 -35.72 -38.42 18.29
C VAL F 33 -36.51 -39.16 19.34
N ILE F 34 -37.66 -38.63 19.74
CA ILE F 34 -38.45 -39.33 20.75
C ILE F 34 -39.17 -40.52 20.14
N GLU F 35 -39.52 -40.46 18.85
CA GLU F 35 -40.20 -41.57 18.20
C GLU F 35 -39.34 -42.82 18.20
N GLU F 36 -38.02 -42.65 18.15
CA GLU F 36 -37.08 -43.76 18.19
C GLU F 36 -36.72 -44.15 19.61
N ILE F 37 -36.21 -43.18 20.39
CA ILE F 37 -35.53 -43.50 21.63
C ILE F 37 -36.48 -44.12 22.65
N LYS F 38 -37.77 -43.81 22.57
CA LYS F 38 -38.66 -44.06 23.70
C LYS F 38 -38.91 -45.54 23.91
N ASP F 39 -38.81 -46.35 22.85
CA ASP F 39 -39.10 -47.77 23.02
C ASP F 39 -38.04 -48.47 23.85
N TYR F 40 -36.82 -47.93 23.89
CA TYR F 40 -35.69 -48.55 24.57
C TYR F 40 -35.40 -47.93 25.94
N VAL F 41 -36.06 -46.84 26.29
CA VAL F 41 -35.79 -46.12 27.54
C VAL F 41 -37.06 -46.12 28.38
N ASP F 42 -36.87 -46.05 29.69
CA ASP F 42 -37.99 -46.13 30.62
C ASP F 42 -38.93 -44.95 30.47
N GLU F 43 -38.37 -43.74 30.34
CA GLU F 43 -39.20 -42.54 30.33
C GLU F 43 -38.43 -41.44 29.64
N VAL F 44 -39.17 -40.45 29.15
CA VAL F 44 -38.62 -39.37 28.34
C VAL F 44 -39.45 -38.12 28.59
N LYS F 45 -38.81 -36.95 28.53
CA LYS F 45 -39.48 -35.69 28.80
C LYS F 45 -38.85 -34.58 27.96
N VAL F 46 -39.63 -33.52 27.79
CA VAL F 46 -39.23 -32.35 27.04
C VAL F 46 -39.21 -31.17 27.99
N ASP F 47 -38.11 -30.44 28.02
CA ASP F 47 -38.02 -29.26 28.86
C ASP F 47 -38.71 -28.10 28.16
N LYS F 48 -38.64 -26.93 28.78
CA LYS F 48 -39.33 -25.77 28.22
C LYS F 48 -38.60 -25.24 27.00
N LEU F 49 -37.29 -25.31 27.01
CA LEU F 49 -36.44 -24.69 26.01
C LEU F 49 -36.25 -25.52 24.76
N GLY F 50 -37.02 -26.59 24.57
CA GLY F 50 -36.84 -27.46 23.43
C GLY F 50 -35.86 -28.59 23.65
N ASN F 51 -35.15 -28.60 24.78
CA ASN F 51 -34.30 -29.72 25.11
C ASN F 51 -35.13 -30.98 25.26
N VAL F 52 -34.50 -32.11 24.97
CA VAL F 52 -35.10 -33.43 25.12
C VAL F 52 -34.36 -34.14 26.25
N ILE F 53 -35.11 -34.87 27.07
CA ILE F 53 -34.58 -35.50 28.27
C ILE F 53 -35.04 -36.95 28.24
N ALA F 54 -34.09 -37.88 28.13
CA ALA F 54 -34.37 -39.29 28.21
C ALA F 54 -33.68 -39.89 29.42
N HIS F 55 -34.47 -40.44 30.33
CA HIS F 55 -34.00 -40.94 31.61
C HIS F 55 -34.16 -42.45 31.65
N LYS F 56 -33.07 -43.16 31.41
CA LYS F 56 -32.99 -44.57 31.75
C LYS F 56 -32.68 -44.65 33.24
N LYS F 57 -33.22 -45.65 33.90
CA LYS F 57 -33.09 -45.79 35.34
C LYS F 57 -32.09 -46.88 35.66
N GLY F 58 -31.49 -46.78 36.84
CA GLY F 58 -30.52 -47.77 37.26
C GLY F 58 -30.06 -47.54 38.68
N GLU F 59 -28.92 -48.14 39.01
CA GLU F 59 -28.28 -48.02 40.31
C GLU F 59 -26.88 -47.47 40.12
N GLY F 60 -26.69 -46.20 40.47
CA GLY F 60 -25.38 -45.59 40.34
C GLY F 60 -25.41 -44.08 40.21
N PRO F 61 -24.28 -43.49 39.84
CA PRO F 61 -24.23 -42.04 39.68
C PRO F 61 -24.99 -41.58 38.45
N LYS F 62 -25.25 -40.27 38.40
CA LYS F 62 -26.02 -39.66 37.34
C LYS F 62 -25.08 -39.21 36.23
N VAL F 63 -25.15 -39.88 35.08
CA VAL F 63 -24.32 -39.57 33.93
C VAL F 63 -25.16 -38.83 32.90
N MET F 64 -24.56 -37.80 32.31
CA MET F 64 -25.22 -36.92 31.37
C MET F 64 -24.51 -37.01 30.03
N ILE F 65 -25.27 -37.33 28.98
CA ILE F 65 -24.74 -37.54 27.64
C ILE F 65 -25.33 -36.48 26.73
N ALA F 66 -24.48 -35.60 26.22
CA ALA F 66 -24.93 -34.39 25.54
C ALA F 66 -24.53 -34.41 24.08
N ALA F 67 -25.52 -34.24 23.22
CA ALA F 67 -25.33 -33.97 21.81
C ALA F 67 -26.15 -32.76 21.43
N HIS F 68 -25.72 -32.07 20.37
CA HIS F 68 -26.44 -30.92 19.86
C HIS F 68 -27.16 -31.28 18.58
N MET F 69 -28.33 -30.65 18.39
CA MET F 69 -29.19 -30.88 17.24
C MET F 69 -29.56 -29.56 16.59
N ASP F 70 -28.75 -28.52 16.83
CA ASP F 70 -28.97 -27.22 16.24
C ASP F 70 -28.12 -26.99 15.01
N GLN F 71 -28.40 -27.72 13.94
CA GLN F 71 -27.67 -27.58 12.68
C GLN F 71 -27.76 -26.12 12.22
N ILE F 72 -26.68 -25.64 11.62
CA ILE F 72 -26.58 -24.27 11.15
C ILE F 72 -27.70 -23.99 10.16
N GLY F 73 -28.14 -22.74 10.14
CA GLY F 73 -29.09 -22.31 9.14
C GLY F 73 -28.99 -20.81 8.93
N LEU F 74 -29.90 -20.29 8.10
CA LEU F 74 -29.96 -18.87 7.82
C LEU F 74 -31.36 -18.35 8.11
N MET F 75 -31.45 -17.03 8.26
CA MET F 75 -32.66 -16.33 8.65
C MET F 75 -32.95 -15.22 7.66
N VAL F 76 -34.18 -15.16 7.20
CA VAL F 76 -34.65 -14.00 6.45
C VAL F 76 -34.88 -12.85 7.42
N THR F 77 -34.45 -11.65 7.03
CA THR F 77 -34.63 -10.45 7.84
C THR F 77 -35.57 -9.44 7.20
N HIS F 78 -35.64 -9.40 5.87
CA HIS F 78 -36.53 -8.48 5.19
C HIS F 78 -36.72 -8.98 3.76
N ILE F 79 -37.61 -8.30 3.04
CA ILE F 79 -38.01 -8.68 1.70
C ILE F 79 -37.82 -7.47 0.79
N GLU F 80 -36.83 -7.52 -0.08
CA GLU F 80 -36.66 -6.49 -1.08
C GLU F 80 -37.87 -6.47 -2.01
N LYS F 81 -37.98 -5.39 -2.78
CA LYS F 81 -39.21 -5.16 -3.53
C LYS F 81 -39.35 -6.08 -4.73
N ASN F 82 -38.24 -6.54 -5.29
CA ASN F 82 -38.29 -7.39 -6.48
C ASN F 82 -38.65 -8.84 -6.17
N GLY F 83 -39.05 -9.15 -4.95
CA GLY F 83 -39.36 -10.50 -4.58
C GLY F 83 -38.17 -11.37 -4.23
N PHE F 84 -37.00 -10.78 -4.05
CA PHE F 84 -35.79 -11.50 -3.68
C PHE F 84 -35.43 -11.22 -2.22
N LEU F 85 -34.90 -12.25 -1.57
CA LEU F 85 -34.63 -12.24 -0.14
C LEU F 85 -33.21 -11.85 0.19
N ARG F 86 -33.05 -11.09 1.26
CA ARG F 86 -31.80 -10.99 1.99
C ARG F 86 -31.87 -11.93 3.17
N VAL F 87 -30.76 -12.06 3.89
CA VAL F 87 -30.62 -13.07 4.93
C VAL F 87 -29.68 -12.57 6.01
N ALA F 88 -29.74 -13.23 7.15
CA ALA F 88 -28.80 -13.04 8.24
C ALA F 88 -28.40 -14.38 8.82
N PRO F 89 -27.11 -14.66 8.98
CA PRO F 89 -26.73 -16.01 9.37
C PRO F 89 -26.89 -16.28 10.84
N ILE F 90 -26.96 -17.56 11.15
CA ILE F 90 -26.82 -18.07 12.50
C ILE F 90 -25.33 -18.32 12.74
N GLY F 91 -24.92 -18.19 13.99
CA GLY F 91 -23.53 -18.15 14.37
C GLY F 91 -22.78 -19.40 13.94
N GLY F 92 -21.55 -19.21 13.49
CA GLY F 92 -20.67 -20.28 13.12
C GLY F 92 -20.43 -20.42 11.63
N VAL F 93 -21.33 -19.95 10.79
CA VAL F 93 -21.28 -20.22 9.36
C VAL F 93 -20.24 -19.33 8.71
N ASP F 94 -19.68 -19.81 7.61
CA ASP F 94 -18.77 -19.05 6.77
C ASP F 94 -19.47 -18.72 5.46
N PRO F 95 -19.46 -17.48 4.98
CA PRO F 95 -20.32 -17.14 3.83
C PRO F 95 -19.75 -17.52 2.49
N LYS F 96 -18.50 -17.98 2.41
CA LYS F 96 -17.97 -18.47 1.14
C LYS F 96 -18.70 -19.71 0.65
N THR F 97 -19.47 -20.35 1.53
CA THR F 97 -20.26 -21.52 1.21
C THR F 97 -21.65 -21.16 0.73
N LEU F 98 -21.77 -20.06 -0.01
CA LEU F 98 -23.04 -19.49 -0.44
C LEU F 98 -24.04 -20.52 -0.93
N ILE F 99 -23.74 -21.17 -2.05
CA ILE F 99 -24.54 -22.27 -2.57
C ILE F 99 -23.84 -22.89 -3.75
N ALA F 100 -24.17 -24.15 -4.01
CA ALA F 100 -24.00 -24.81 -5.29
C ALA F 100 -25.32 -25.38 -5.80
N GLN F 101 -26.29 -25.56 -4.89
CA GLN F 101 -27.62 -26.02 -5.24
C GLN F 101 -28.53 -25.86 -4.03
N ARG F 102 -29.77 -25.47 -4.32
CA ARG F 102 -30.92 -25.82 -3.50
C ARG F 102 -30.82 -25.44 -2.03
N PHE F 103 -30.97 -24.17 -1.68
CA PHE F 103 -31.30 -23.80 -0.31
C PHE F 103 -32.79 -24.00 -0.08
N LYS F 104 -33.12 -24.62 1.04
CA LYS F 104 -34.49 -25.01 1.36
C LYS F 104 -35.08 -24.03 2.37
N VAL F 105 -36.35 -23.70 2.18
CA VAL F 105 -37.07 -22.76 3.03
C VAL F 105 -38.22 -23.50 3.69
N TRP F 106 -38.13 -23.70 5.00
CA TRP F 106 -39.17 -24.39 5.76
C TRP F 106 -40.19 -23.39 6.27
N ILE F 107 -41.16 -23.03 5.41
CA ILE F 107 -42.29 -22.24 5.86
C ILE F 107 -42.94 -22.88 7.08
N ASP F 108 -43.30 -24.15 6.96
CA ASP F 108 -43.89 -24.88 8.07
C ASP F 108 -43.57 -26.36 7.89
N LYS F 109 -44.02 -27.15 8.87
CA LYS F 109 -43.76 -28.57 8.89
C LYS F 109 -44.33 -29.24 7.65
N GLY F 110 -43.49 -29.98 6.93
CA GLY F 110 -43.90 -30.66 5.73
C GLY F 110 -44.14 -29.76 4.54
N LYS F 111 -43.75 -28.49 4.61
CA LYS F 111 -43.89 -27.55 3.49
C LYS F 111 -42.55 -26.88 3.27
N PHE F 112 -41.95 -27.15 2.11
CA PHE F 112 -40.65 -26.62 1.76
C PHE F 112 -40.66 -26.21 0.30
N ILE F 113 -39.99 -25.09 0.02
CA ILE F 113 -39.75 -24.65 -1.35
C ILE F 113 -38.27 -24.34 -1.50
N TYR F 114 -37.76 -24.68 -2.68
CA TYR F 114 -36.34 -24.60 -2.92
C TYR F 114 -35.94 -23.17 -3.22
N GLY F 115 -34.71 -22.83 -2.85
CA GLY F 115 -34.22 -21.48 -3.01
C GLY F 115 -32.73 -21.50 -3.28
N VAL F 116 -32.25 -20.42 -3.88
CA VAL F 116 -30.85 -20.27 -4.27
C VAL F 116 -30.35 -18.96 -3.73
N GLY F 117 -29.04 -18.89 -3.52
CA GLY F 117 -28.42 -17.82 -2.78
C GLY F 117 -27.08 -17.39 -3.30
N ALA F 118 -26.88 -17.44 -4.61
CA ALA F 118 -25.52 -17.53 -5.12
C ALA F 118 -24.67 -16.29 -4.88
N SER F 119 -25.16 -15.10 -5.17
CA SER F 119 -24.28 -13.98 -5.47
C SER F 119 -24.80 -12.66 -4.93
N VAL F 120 -24.01 -12.03 -4.08
CA VAL F 120 -24.14 -10.59 -3.82
C VAL F 120 -23.28 -9.97 -4.92
N PRO F 121 -23.71 -8.92 -5.61
CA PRO F 121 -22.87 -8.38 -6.68
C PRO F 121 -21.61 -7.75 -6.09
N PRO F 122 -20.42 -8.17 -6.52
CA PRO F 122 -19.20 -7.54 -6.00
C PRO F 122 -19.15 -6.07 -6.41
N HIS F 123 -18.53 -5.26 -5.57
CA HIS F 123 -18.44 -3.83 -5.82
C HIS F 123 -17.64 -3.59 -7.10
N ILE F 124 -17.74 -2.37 -7.60
CA ILE F 124 -17.11 -1.99 -8.86
C ILE F 124 -15.71 -1.49 -8.57
N GLN F 125 -14.73 -2.40 -8.63
CA GLN F 125 -13.33 -1.99 -8.58
C GLN F 125 -12.43 -3.14 -9.02
N LYS F 126 -11.20 -2.80 -9.40
CA LYS F 126 -10.26 -3.71 -10.05
C LYS F 126 -9.55 -4.64 -9.06
N PRO F 127 -9.06 -4.18 -7.89
CA PRO F 127 -8.59 -5.15 -6.90
C PRO F 127 -9.72 -6.02 -6.36
N GLU F 128 -10.96 -5.52 -6.43
CA GLU F 128 -12.11 -6.26 -5.91
C GLU F 128 -12.64 -7.26 -6.92
N ASP F 129 -12.43 -7.02 -8.22
CA ASP F 129 -12.69 -8.06 -9.21
C ASP F 129 -11.84 -9.28 -8.91
N ARG F 130 -10.65 -9.06 -8.36
CA ARG F 130 -9.82 -10.17 -7.89
C ARG F 130 -10.35 -10.75 -6.57
N LYS F 131 -10.87 -9.89 -5.67
CA LYS F 131 -11.50 -10.40 -4.45
C LYS F 131 -12.88 -10.90 -4.78
N LYS F 132 -12.98 -12.18 -5.10
CA LYS F 132 -14.28 -12.79 -5.32
C LYS F 132 -14.90 -13.30 -4.03
N ALA F 133 -14.38 -12.90 -2.88
CA ALA F 133 -15.02 -13.22 -1.63
C ALA F 133 -16.30 -12.39 -1.51
N PRO F 134 -17.38 -12.93 -0.96
CA PRO F 134 -18.58 -12.12 -0.81
C PRO F 134 -18.40 -11.00 0.20
N ASP F 135 -19.18 -9.95 0.01
CA ASP F 135 -19.16 -8.82 0.92
C ASP F 135 -19.73 -9.30 2.26
N TRP F 136 -19.32 -8.63 3.34
CA TRP F 136 -19.70 -9.06 4.68
C TRP F 136 -21.13 -8.66 5.03
N ASP F 137 -21.76 -7.79 4.22
CA ASP F 137 -23.09 -7.29 4.56
C ASP F 137 -24.08 -8.43 4.77
N GLN F 138 -24.39 -9.18 3.71
CA GLN F 138 -24.45 -10.64 3.69
C GLN F 138 -24.98 -10.94 2.29
N ILE F 139 -25.04 -12.21 1.91
CA ILE F 139 -25.51 -12.65 0.61
C ILE F 139 -27.04 -12.54 0.57
N PHE F 140 -27.60 -12.67 -0.63
CA PHE F 140 -29.03 -12.65 -0.85
C PHE F 140 -29.51 -14.00 -1.36
N ILE F 141 -30.81 -14.22 -1.25
CA ILE F 141 -31.46 -15.48 -1.62
C ILE F 141 -32.57 -15.17 -2.61
N ASP F 142 -32.81 -16.11 -3.54
CA ASP F 142 -33.88 -16.04 -4.49
C ASP F 142 -34.82 -17.23 -4.30
N ILE F 143 -36.13 -16.95 -4.31
CA ILE F 143 -37.15 -17.98 -4.42
C ILE F 143 -38.01 -17.79 -5.66
N GLY F 144 -37.65 -16.86 -6.54
CA GLY F 144 -38.30 -16.71 -7.81
C GLY F 144 -39.52 -15.84 -7.82
N ALA F 145 -39.98 -15.39 -6.66
CA ALA F 145 -41.11 -14.48 -6.63
C ALA F 145 -40.72 -13.13 -7.20
N GLU F 146 -41.67 -12.50 -7.90
CA GLU F 146 -41.43 -11.21 -8.51
C GLU F 146 -41.63 -10.05 -7.55
N SER F 147 -42.37 -10.24 -6.46
CA SER F 147 -42.70 -9.13 -5.58
C SER F 147 -42.88 -9.60 -4.15
N LYS F 148 -42.82 -8.62 -3.25
CA LYS F 148 -43.03 -8.86 -1.83
C LYS F 148 -44.39 -9.49 -1.57
N GLU F 149 -45.42 -9.02 -2.28
CA GLU F 149 -46.76 -9.55 -2.08
C GLU F 149 -46.81 -11.04 -2.41
N GLU F 150 -46.23 -11.43 -3.54
CA GLU F 150 -46.23 -12.83 -3.93
C GLU F 150 -45.49 -13.68 -2.90
N ALA F 151 -44.44 -13.13 -2.31
CA ALA F 151 -43.64 -13.90 -1.38
C ALA F 151 -44.41 -14.23 -0.12
N GLU F 152 -45.19 -13.27 0.38
CA GLU F 152 -45.93 -13.53 1.61
C GLU F 152 -47.12 -14.43 1.35
N ASP F 153 -47.61 -14.46 0.12
CA ASP F 153 -48.71 -15.36 -0.21
C ASP F 153 -48.25 -16.80 -0.19
N MET F 154 -46.99 -17.04 -0.52
CA MET F 154 -46.41 -18.36 -0.36
C MET F 154 -46.44 -18.81 1.09
N GLY F 155 -46.16 -17.90 2.00
CA GLY F 155 -45.99 -18.21 3.41
C GLY F 155 -44.70 -17.70 4.02
N VAL F 156 -43.78 -17.19 3.21
CA VAL F 156 -42.54 -16.64 3.73
C VAL F 156 -42.86 -15.45 4.60
N LYS F 157 -42.25 -15.40 5.77
CA LYS F 157 -42.35 -14.27 6.68
C LYS F 157 -40.99 -14.07 7.31
N ILE F 158 -40.88 -13.01 8.12
CA ILE F 158 -39.65 -12.82 8.85
C ILE F 158 -39.60 -13.89 9.93
N GLY F 159 -38.38 -14.31 10.24
CA GLY F 159 -38.17 -15.38 11.20
C GLY F 159 -36.92 -16.14 10.81
N THR F 160 -36.47 -16.99 11.70
CA THR F 160 -35.48 -18.01 11.36
C THR F 160 -36.20 -19.13 10.65
N VAL F 161 -35.91 -19.33 9.35
CA VAL F 161 -36.76 -20.20 8.52
C VAL F 161 -35.98 -21.21 7.68
N ILE F 162 -34.68 -20.98 7.45
CA ILE F 162 -33.97 -21.61 6.33
C ILE F 162 -32.94 -22.62 6.81
N THR F 163 -32.61 -23.59 5.94
CA THR F 163 -31.53 -24.53 6.15
C THR F 163 -30.86 -24.88 4.82
N TRP F 164 -30.04 -25.95 4.82
CA TRP F 164 -29.03 -26.12 3.77
C TRP F 164 -29.45 -27.11 2.70
N ASP F 165 -30.45 -27.96 2.98
CA ASP F 165 -30.88 -28.98 2.03
C ASP F 165 -29.79 -30.00 1.74
N GLY F 166 -29.36 -30.71 2.76
CA GLY F 166 -28.45 -31.83 2.55
C GLY F 166 -29.23 -33.09 2.28
N ARG F 167 -28.53 -34.02 1.65
CA ARG F 167 -29.03 -35.37 1.47
C ARG F 167 -27.87 -36.31 1.62
N LEU F 168 -28.15 -37.49 2.12
CA LEU F 168 -27.13 -38.40 2.58
C LEU F 168 -26.77 -39.39 1.48
N GLU F 169 -25.52 -39.34 1.02
CA GLU F 169 -25.01 -40.25 0.01
C GLU F 169 -23.72 -40.88 0.48
N ARG F 170 -23.40 -42.00 -0.14
CA ARG F 170 -22.29 -42.85 0.23
C ARG F 170 -21.13 -42.62 -0.73
N LEU F 171 -20.01 -42.13 -0.21
CA LEU F 171 -18.77 -42.09 -0.96
C LEU F 171 -17.77 -43.06 -0.34
N GLY F 172 -16.88 -43.58 -1.18
CA GLY F 172 -16.00 -44.65 -0.79
C GLY F 172 -16.82 -45.81 -0.31
N LYS F 173 -17.54 -46.45 -1.25
CA LYS F 173 -18.48 -47.53 -0.92
C LYS F 173 -17.85 -48.62 -0.07
N HIS F 174 -16.53 -48.76 -0.08
CA HIS F 174 -15.86 -49.41 1.02
C HIS F 174 -16.24 -48.77 2.36
N ARG F 175 -15.93 -47.49 2.56
CA ARG F 175 -16.42 -46.79 3.75
C ARG F 175 -16.16 -45.29 3.70
N PHE F 176 -17.23 -44.51 3.79
CA PHE F 176 -17.30 -43.11 4.23
C PHE F 176 -18.74 -42.67 4.04
N VAL F 177 -19.13 -41.50 4.56
CA VAL F 177 -20.48 -40.97 4.40
C VAL F 177 -20.39 -39.45 4.26
N SER F 178 -21.29 -38.89 3.45
CA SER F 178 -21.15 -37.50 3.00
C SER F 178 -21.54 -36.41 3.99
N ILE F 179 -22.82 -36.33 4.38
CA ILE F 179 -23.33 -35.20 5.18
C ILE F 179 -23.81 -35.65 6.56
N ALA F 180 -23.33 -36.79 7.05
CA ALA F 180 -23.90 -37.40 8.24
C ALA F 180 -23.41 -36.78 9.55
N PHE F 181 -22.53 -35.79 9.49
CA PHE F 181 -21.75 -35.42 10.67
C PHE F 181 -22.51 -34.45 11.56
N ASP F 182 -22.76 -33.23 11.09
CA ASP F 182 -22.91 -32.12 12.01
C ASP F 182 -24.31 -32.10 12.58
N ASP F 183 -24.34 -32.05 13.91
CA ASP F 183 -25.54 -31.91 14.72
C ASP F 183 -26.43 -33.15 14.71
N ARG F 184 -26.09 -34.16 13.89
CA ARG F 184 -26.54 -35.51 14.15
C ARG F 184 -25.58 -36.50 13.51
N ILE F 185 -24.52 -36.78 14.26
CA ILE F 185 -23.85 -38.07 14.23
C ILE F 185 -23.82 -38.52 15.68
N ALA F 186 -23.55 -37.57 16.57
CA ALA F 186 -23.63 -37.80 18.01
C ALA F 186 -24.96 -38.44 18.40
N VAL F 187 -26.07 -37.98 17.83
CA VAL F 187 -27.36 -38.54 18.21
C VAL F 187 -27.44 -40.00 17.78
N TYR F 188 -26.86 -40.32 16.61
CA TYR F 188 -26.87 -41.71 16.17
C TYR F 188 -26.09 -42.57 17.14
N THR F 189 -24.97 -42.06 17.66
CA THR F 189 -24.28 -42.77 18.72
C THR F 189 -25.18 -42.96 19.92
N ILE F 190 -25.83 -41.89 20.35
CA ILE F 190 -26.76 -41.95 21.47
C ILE F 190 -27.83 -43.00 21.23
N LEU F 191 -28.46 -42.94 20.06
CA LEU F 191 -29.51 -43.91 19.76
C LEU F 191 -28.96 -45.32 19.69
N GLU F 192 -27.81 -45.48 19.04
CA GLU F 192 -27.19 -46.80 19.00
C GLU F 192 -26.80 -47.25 20.39
N VAL F 193 -26.35 -46.31 21.22
CA VAL F 193 -26.00 -46.63 22.60
C VAL F 193 -27.20 -47.18 23.34
N ALA F 194 -28.35 -46.53 23.16
CA ALA F 194 -29.54 -46.95 23.90
C ALA F 194 -29.97 -48.35 23.50
N LYS F 195 -29.76 -48.71 22.23
CA LYS F 195 -30.06 -50.07 21.80
C LYS F 195 -29.05 -51.05 22.38
N GLN F 196 -27.79 -50.65 22.45
CA GLN F 196 -26.73 -51.54 22.88
C GLN F 196 -26.66 -51.67 24.39
N LEU F 197 -27.13 -50.67 25.12
CA LEU F 197 -27.11 -50.71 26.58
C LEU F 197 -28.28 -51.52 27.08
N LYS F 198 -28.00 -52.57 27.85
CA LYS F 198 -29.03 -53.40 28.46
C LYS F 198 -29.03 -53.22 29.97
N ASP F 199 -27.88 -53.49 30.60
CA ASP F 199 -27.77 -53.51 32.05
C ASP F 199 -27.23 -52.18 32.55
N ALA F 200 -28.11 -51.38 33.12
CA ALA F 200 -27.79 -50.02 33.55
C ALA F 200 -27.02 -50.08 34.85
N LYS F 201 -25.68 -50.12 34.76
CA LYS F 201 -24.86 -50.09 35.97
C LYS F 201 -24.78 -48.69 36.55
N ALA F 202 -25.17 -47.67 35.77
CA ALA F 202 -25.28 -46.32 36.26
C ALA F 202 -26.47 -45.65 35.59
N ASP F 203 -27.18 -44.84 36.35
CA ASP F 203 -28.40 -44.24 35.85
C ASP F 203 -28.03 -43.06 34.96
N VAL F 204 -28.32 -43.22 33.67
CA VAL F 204 -27.86 -42.29 32.66
C VAL F 204 -29.02 -41.40 32.26
N TYR F 205 -28.70 -40.18 31.82
CA TYR F 205 -29.68 -39.26 31.28
C TYR F 205 -29.18 -38.75 29.94
N PHE F 206 -29.79 -39.22 28.86
CA PHE F 206 -29.45 -38.77 27.52
C PHE F 206 -30.19 -37.48 27.24
N VAL F 207 -29.45 -36.44 26.86
CA VAL F 207 -30.02 -35.17 26.45
C VAL F 207 -29.59 -34.89 25.02
N ALA F 208 -30.44 -34.17 24.30
CA ALA F 208 -30.14 -33.64 22.98
C ALA F 208 -30.47 -32.17 22.99
N THR F 209 -29.44 -31.34 23.17
CA THR F 209 -29.63 -29.94 23.50
C THR F 209 -29.82 -29.11 22.25
N VAL F 210 -30.40 -27.93 22.46
CA VAL F 210 -30.67 -26.97 21.40
C VAL F 210 -29.90 -25.70 21.71
N GLN F 211 -29.81 -24.84 20.71
CA GLN F 211 -29.10 -23.58 20.81
C GLN F 211 -27.65 -23.79 21.22
N GLU F 212 -27.02 -24.82 20.68
CA GLU F 212 -25.60 -25.04 20.95
C GLU F 212 -24.74 -24.11 20.13
N GLU F 213 -24.99 -24.03 18.83
CA GLU F 213 -24.12 -23.26 17.96
C GLU F 213 -24.23 -21.77 18.23
N VAL F 214 -25.32 -21.33 18.86
CA VAL F 214 -25.49 -19.96 19.32
C VAL F 214 -25.95 -19.97 20.76
N GLY F 215 -25.18 -19.36 21.64
CA GLY F 215 -25.49 -19.43 23.04
C GLY F 215 -25.36 -20.83 23.57
N LEU F 216 -24.15 -21.41 23.48
CA LEU F 216 -23.86 -22.78 23.92
C LEU F 216 -24.42 -23.10 25.30
N ARG F 217 -24.60 -22.08 26.14
CA ARG F 217 -25.27 -22.27 27.43
C ARG F 217 -26.73 -22.73 27.27
N GLY F 218 -27.25 -22.80 26.04
CA GLY F 218 -28.51 -23.46 25.83
C GLY F 218 -28.55 -24.83 26.46
N ALA F 219 -27.45 -25.57 26.34
CA ALA F 219 -27.36 -26.91 26.92
C ALA F 219 -27.42 -26.85 28.45
N ARG F 220 -26.81 -25.83 29.03
CA ARG F 220 -26.70 -25.71 30.48
C ARG F 220 -28.04 -25.84 31.17
N THR F 221 -29.10 -25.31 30.56
CA THR F 221 -30.39 -25.28 31.24
C THR F 221 -30.84 -26.69 31.60
N SER F 222 -30.72 -27.61 30.66
CA SER F 222 -31.03 -29.01 30.93
C SER F 222 -30.18 -29.54 32.08
N ALA F 223 -28.92 -29.10 32.16
CA ALA F 223 -27.96 -29.71 33.06
C ALA F 223 -28.45 -29.76 34.50
N PHE F 224 -28.92 -28.63 35.03
CA PHE F 224 -29.12 -28.54 36.47
C PHE F 224 -30.18 -29.52 36.97
N GLY F 225 -31.19 -29.78 36.15
CA GLY F 225 -32.21 -30.71 36.59
C GLY F 225 -31.71 -32.14 36.62
N ILE F 226 -30.58 -32.39 35.96
CA ILE F 226 -30.24 -33.73 35.52
C ILE F 226 -28.83 -34.14 35.98
N GLU F 227 -27.85 -33.26 35.81
CA GLU F 227 -26.44 -33.61 35.76
C GLU F 227 -25.84 -34.38 36.94
N PRO F 228 -26.10 -33.97 38.20
CA PRO F 228 -25.01 -33.88 39.19
C PRO F 228 -24.04 -35.06 39.22
N ASP F 229 -22.78 -34.71 39.47
CA ASP F 229 -21.73 -35.63 39.92
C ASP F 229 -21.01 -36.33 38.76
N TYR F 230 -21.47 -36.11 37.53
CA TYR F 230 -20.68 -36.53 36.37
C TYR F 230 -21.21 -35.93 35.07
N GLY F 231 -20.47 -36.07 33.98
CA GLY F 231 -20.85 -35.45 32.72
C GLY F 231 -20.02 -35.92 31.57
N PHE F 232 -20.64 -35.90 30.38
CA PHE F 232 -20.01 -36.28 29.13
C PHE F 232 -20.53 -35.38 28.03
N ALA F 233 -19.92 -35.47 26.86
CA ALA F 233 -20.36 -34.70 25.70
C ALA F 233 -19.92 -35.36 24.42
N ILE F 234 -20.72 -35.18 23.38
CA ILE F 234 -20.38 -35.61 22.03
C ILE F 234 -20.69 -34.45 21.10
N ASP F 235 -19.71 -33.60 20.88
CA ASP F 235 -19.79 -32.51 19.92
C ASP F 235 -18.47 -32.51 19.17
N VAL F 236 -18.38 -31.68 18.14
CA VAL F 236 -17.23 -31.69 17.25
C VAL F 236 -16.97 -30.31 16.66
N THR F 237 -15.68 -30.05 16.40
CA THR F 237 -15.26 -28.95 15.53
C THR F 237 -13.80 -29.19 15.19
N ILE F 238 -13.53 -29.26 13.89
CA ILE F 238 -12.30 -29.87 13.37
C ILE F 238 -11.88 -29.10 12.13
N ALA F 239 -10.57 -29.09 11.86
CA ALA F 239 -10.01 -28.81 10.54
C ALA F 239 -9.15 -30.01 10.16
N ALA F 240 -9.66 -30.84 9.25
CA ALA F 240 -9.26 -32.24 9.15
C ALA F 240 -8.54 -32.57 7.84
N ASP F 241 -7.25 -32.82 7.91
CA ASP F 241 -6.48 -33.58 6.92
C ASP F 241 -6.64 -33.01 5.51
N ILE F 242 -6.75 -31.70 5.43
CA ILE F 242 -6.96 -31.08 4.13
C ILE F 242 -5.60 -31.08 3.45
N PRO F 243 -5.45 -31.57 2.21
CA PRO F 243 -4.12 -31.58 1.60
C PRO F 243 -3.54 -30.19 1.44
N GLY F 244 -2.25 -30.14 1.18
CA GLY F 244 -1.52 -28.90 1.14
C GLY F 244 -1.19 -28.31 2.50
N THR F 245 -1.68 -28.91 3.58
CA THR F 245 -1.38 -28.44 4.93
C THR F 245 -0.16 -29.17 5.49
N PRO F 246 0.43 -28.66 6.55
CA PRO F 246 1.48 -29.43 7.23
C PRO F 246 0.92 -30.63 7.97
N GLU F 247 1.80 -31.28 8.74
CA GLU F 247 1.41 -32.44 9.52
C GLU F 247 0.73 -32.04 10.82
N HIS F 248 0.78 -30.76 11.19
CA HIS F 248 0.31 -30.37 12.52
C HIS F 248 -1.20 -30.48 12.67
N LYS F 249 -1.94 -30.52 11.55
CA LYS F 249 -3.36 -30.81 11.57
C LYS F 249 -3.67 -32.26 11.23
N GLN F 250 -2.71 -33.00 10.67
CA GLN F 250 -2.99 -34.33 10.17
C GLN F 250 -3.41 -35.27 11.31
N VAL F 251 -2.79 -35.14 12.48
CA VAL F 251 -3.14 -36.05 13.58
C VAL F 251 -4.55 -35.79 14.09
N THR F 252 -5.11 -34.59 13.86
CA THR F 252 -6.51 -34.34 14.22
C THR F 252 -7.45 -35.33 13.55
N HIS F 253 -7.10 -35.79 12.35
CA HIS F 253 -7.86 -36.80 11.65
C HIS F 253 -7.03 -37.43 10.55
N LEU F 254 -7.05 -38.75 10.52
CA LEU F 254 -6.39 -39.52 9.47
C LEU F 254 -7.31 -40.59 8.89
N GLY F 255 -8.53 -40.72 9.38
CA GLY F 255 -9.52 -41.70 8.99
C GLY F 255 -9.49 -42.91 9.88
N LYS F 256 -9.23 -42.69 11.17
CA LYS F 256 -8.91 -43.76 12.08
C LYS F 256 -9.32 -43.33 13.48
N GLY F 257 -10.07 -44.21 14.14
CA GLY F 257 -10.34 -44.05 15.54
C GLY F 257 -11.14 -42.81 15.87
N THR F 258 -11.51 -42.71 17.13
CA THR F 258 -12.32 -41.62 17.63
C THR F 258 -11.41 -40.60 18.29
N ALA F 259 -12.00 -39.49 18.70
CA ALA F 259 -11.27 -38.32 19.14
C ALA F 259 -11.74 -37.92 20.52
N ILE F 260 -10.81 -37.92 21.46
CA ILE F 260 -11.06 -37.45 22.81
C ILE F 260 -10.56 -36.02 22.92
N LYS F 261 -11.32 -35.19 23.61
CA LYS F 261 -10.99 -33.78 23.74
C LYS F 261 -10.30 -33.56 25.08
N ILE F 262 -9.09 -33.02 25.02
CA ILE F 262 -8.37 -32.62 26.23
C ILE F 262 -8.60 -31.16 26.50
N MET F 263 -8.59 -30.35 25.45
CA MET F 263 -8.67 -28.90 25.57
C MET F 263 -9.49 -28.35 24.41
N ASP F 264 -10.19 -27.27 24.71
CA ASP F 264 -10.79 -26.43 23.70
C ASP F 264 -10.61 -24.98 24.14
N ARG F 265 -11.29 -24.07 23.43
CA ARG F 265 -11.48 -22.73 23.96
C ARG F 265 -12.12 -22.78 25.33
N SER F 266 -13.27 -23.43 25.42
CA SER F 266 -14.14 -23.30 26.58
C SER F 266 -13.77 -24.24 27.72
N VAL F 267 -13.52 -25.51 27.42
CA VAL F 267 -13.51 -26.56 28.43
C VAL F 267 -12.12 -27.14 28.53
N ILE F 268 -11.72 -27.49 29.76
CA ILE F 268 -10.50 -28.22 30.03
C ILE F 268 -10.94 -29.49 30.75
N CYS F 269 -10.92 -30.60 30.04
CA CYS F 269 -11.49 -31.83 30.57
C CYS F 269 -10.70 -32.34 31.76
N HIS F 270 -11.43 -32.77 32.79
CA HIS F 270 -10.84 -33.33 33.98
C HIS F 270 -9.98 -34.53 33.58
N PRO F 271 -8.66 -34.45 33.66
CA PRO F 271 -7.82 -35.38 32.90
C PRO F 271 -7.90 -36.82 33.35
N THR F 272 -8.34 -37.07 34.59
CA THR F 272 -8.51 -38.45 35.03
C THR F 272 -9.41 -39.21 34.08
N ILE F 273 -10.50 -38.58 33.64
CA ILE F 273 -11.39 -39.19 32.65
C ILE F 273 -10.59 -39.55 31.40
N VAL F 274 -9.79 -38.61 30.91
CA VAL F 274 -9.03 -38.83 29.69
C VAL F 274 -8.11 -40.04 29.82
N ARG F 275 -7.29 -40.07 30.88
CA ARG F 275 -6.39 -41.19 31.08
C ARG F 275 -7.17 -42.48 31.22
N TRP F 276 -8.37 -42.39 31.80
CA TRP F 276 -9.19 -43.59 31.96
C TRP F 276 -9.67 -44.10 30.60
N LEU F 277 -10.20 -43.21 29.77
CA LEU F 277 -10.64 -43.61 28.45
C LEU F 277 -9.46 -44.13 27.63
N GLU F 278 -8.31 -43.49 27.77
CA GLU F 278 -7.10 -43.99 27.14
C GLU F 278 -6.83 -45.43 27.59
N GLU F 279 -6.90 -45.66 28.89
CA GLU F 279 -6.76 -47.02 29.41
C GLU F 279 -7.83 -47.93 28.85
N LEU F 280 -9.06 -47.43 28.74
CA LEU F 280 -10.17 -48.27 28.35
C LEU F 280 -10.03 -48.75 26.91
N ALA F 281 -9.67 -47.83 26.01
CA ALA F 281 -9.61 -48.19 24.60
C ALA F 281 -8.55 -49.24 24.35
N LYS F 282 -7.47 -49.21 25.14
CA LYS F 282 -6.43 -50.20 24.97
C LYS F 282 -6.87 -51.56 25.47
N LYS F 283 -7.73 -51.59 26.49
CA LYS F 283 -8.11 -52.87 27.07
C LYS F 283 -9.01 -53.66 26.13
N HIS F 284 -9.90 -52.97 25.42
CA HIS F 284 -10.80 -53.59 24.47
C HIS F 284 -10.36 -53.41 23.01
N GLU F 285 -9.11 -53.00 22.77
CA GLU F 285 -8.55 -52.94 21.41
C GLU F 285 -9.28 -51.91 20.55
N ILE F 286 -9.77 -50.86 21.17
CA ILE F 286 -10.51 -49.81 20.48
C ILE F 286 -9.52 -48.78 19.95
N PRO F 287 -9.75 -48.20 18.77
CA PRO F 287 -8.86 -47.13 18.31
C PRO F 287 -9.24 -45.80 18.90
N TYR F 288 -8.23 -44.94 19.09
CA TYR F 288 -8.46 -43.63 19.67
C TYR F 288 -7.36 -42.69 19.24
N GLN F 289 -7.73 -41.42 19.12
CA GLN F 289 -6.78 -40.33 18.95
C GLN F 289 -6.90 -39.46 20.19
N LEU F 290 -6.03 -38.46 20.26
CA LEU F 290 -6.15 -37.38 21.23
C LEU F 290 -6.10 -36.06 20.46
N GLU F 291 -7.21 -35.35 20.47
CA GLU F 291 -7.39 -34.15 19.67
C GLU F 291 -7.56 -32.95 20.58
N ILE F 292 -7.03 -31.83 20.14
CA ILE F 292 -7.21 -30.55 20.80
C ILE F 292 -7.40 -29.50 19.72
N LEU F 293 -8.03 -28.39 20.09
CA LEU F 293 -8.21 -27.26 19.20
C LEU F 293 -7.64 -26.00 19.82
N LEU F 294 -7.54 -24.96 19.00
CA LEU F 294 -7.32 -23.62 19.48
C LEU F 294 -8.61 -22.84 19.65
N GLY F 295 -9.70 -23.30 19.02
CA GLY F 295 -10.96 -22.60 19.05
C GLY F 295 -12.12 -23.56 19.02
N GLY F 296 -13.32 -22.99 18.96
CA GLY F 296 -14.55 -23.77 18.95
C GLY F 296 -15.23 -23.78 20.29
N GLY F 297 -16.56 -23.78 20.29
CA GLY F 297 -17.34 -23.82 21.52
C GLY F 297 -18.25 -25.02 21.53
N THR F 298 -18.05 -25.88 22.52
CA THR F 298 -18.76 -27.15 22.64
C THR F 298 -19.74 -27.15 23.79
N ASP F 299 -20.52 -28.21 23.85
CA ASP F 299 -21.48 -28.40 24.93
C ASP F 299 -20.76 -28.55 26.27
N ALA F 300 -19.59 -29.17 26.27
CA ALA F 300 -18.90 -29.53 27.50
C ALA F 300 -18.61 -28.31 28.35
N GLY F 301 -18.30 -27.18 27.71
CA GLY F 301 -17.97 -25.98 28.46
C GLY F 301 -19.11 -25.55 29.36
N ALA F 302 -20.34 -25.63 28.86
CA ALA F 302 -21.48 -25.24 29.65
C ALA F 302 -21.71 -26.20 30.80
N ILE F 303 -21.27 -27.46 30.65
CA ILE F 303 -21.49 -28.43 31.70
C ILE F 303 -20.60 -28.13 32.89
N HIS F 304 -19.39 -27.62 32.63
CA HIS F 304 -18.41 -27.40 33.68
C HIS F 304 -18.84 -26.34 34.69
N LEU F 305 -19.86 -25.56 34.40
CA LEU F 305 -20.17 -24.36 35.16
C LEU F 305 -21.36 -24.54 36.09
N THR F 306 -22.08 -25.64 35.99
CA THR F 306 -23.12 -25.93 36.96
C THR F 306 -22.54 -26.00 38.36
N LYS F 307 -23.40 -25.80 39.35
CA LYS F 307 -22.97 -25.43 40.68
C LYS F 307 -22.09 -26.48 41.34
N ALA F 308 -22.26 -27.75 41.02
CA ALA F 308 -21.46 -28.78 41.66
C ALA F 308 -19.99 -28.66 41.26
N GLY F 309 -19.73 -28.09 40.10
CA GLY F 309 -18.38 -28.09 39.56
C GLY F 309 -17.99 -29.41 38.94
N VAL F 310 -18.66 -29.78 37.85
CA VAL F 310 -18.63 -31.17 37.37
C VAL F 310 -17.36 -31.45 36.59
N PRO F 311 -16.74 -32.62 36.75
CA PRO F 311 -15.66 -33.01 35.84
C PRO F 311 -16.25 -33.64 34.59
N THR F 312 -15.63 -33.34 33.46
CA THR F 312 -16.20 -33.68 32.17
C THR F 312 -15.14 -34.14 31.20
N GLY F 313 -15.46 -35.23 30.50
CA GLY F 313 -14.74 -35.64 29.31
C GLY F 313 -15.65 -35.51 28.11
N ALA F 314 -15.03 -35.50 26.94
CA ALA F 314 -15.76 -35.30 25.70
C ALA F 314 -15.17 -36.16 24.60
N LEU F 315 -16.06 -36.79 23.86
CA LEU F 315 -15.71 -37.56 22.68
C LEU F 315 -16.08 -36.76 21.44
N SER F 316 -15.37 -37.05 20.36
CA SER F 316 -15.55 -36.36 19.10
C SER F 316 -15.49 -37.36 17.96
N VAL F 317 -16.45 -37.25 17.06
CA VAL F 317 -16.53 -38.08 15.86
C VAL F 317 -15.96 -37.27 14.71
N PRO F 318 -14.78 -37.60 14.19
CA PRO F 318 -13.96 -36.60 13.51
C PRO F 318 -14.35 -36.39 12.05
N ALA F 319 -13.46 -35.67 11.37
CA ALA F 319 -13.34 -35.62 9.91
C ALA F 319 -14.35 -34.73 9.21
N ARG F 320 -14.70 -33.63 9.82
CA ARG F 320 -15.59 -32.67 9.22
C ARG F 320 -14.87 -31.86 8.14
N TYR F 321 -15.65 -31.30 7.22
CA TYR F 321 -15.24 -30.19 6.38
C TYR F 321 -16.09 -29.01 6.78
N ILE F 322 -15.68 -27.80 6.32
CA ILE F 322 -16.14 -26.53 6.86
C ILE F 322 -17.65 -26.55 6.94
N HIS F 323 -18.17 -26.51 8.18
CA HIS F 323 -19.34 -27.32 8.56
C HIS F 323 -20.60 -26.99 7.79
N SER F 324 -20.59 -25.95 6.98
CA SER F 324 -21.77 -25.58 6.22
C SER F 324 -22.24 -26.68 5.28
N ASN F 325 -21.38 -27.10 4.35
CA ASN F 325 -21.87 -27.67 3.10
C ASN F 325 -21.82 -29.17 3.02
N THR F 326 -20.66 -29.78 3.21
CA THR F 326 -20.54 -31.22 3.25
C THR F 326 -19.65 -31.57 4.43
N GLU F 327 -19.92 -32.73 4.97
CA GLU F 327 -19.63 -33.01 6.35
C GLU F 327 -19.13 -34.45 6.50
N VAL F 328 -18.12 -34.81 5.71
CA VAL F 328 -17.65 -36.19 5.60
C VAL F 328 -17.39 -36.81 6.97
N VAL F 329 -17.58 -38.13 7.07
CA VAL F 329 -17.30 -38.91 8.26
C VAL F 329 -16.66 -40.22 7.86
N ASP F 330 -16.34 -41.02 8.88
CA ASP F 330 -15.75 -42.33 8.74
C ASP F 330 -16.61 -43.34 9.48
N GLU F 331 -17.14 -44.31 8.74
CA GLU F 331 -17.96 -45.36 9.31
C GLU F 331 -17.26 -46.06 10.45
N ARG F 332 -15.93 -46.17 10.38
CA ARG F 332 -15.20 -46.90 11.41
C ARG F 332 -15.26 -46.17 12.73
N ASP F 333 -15.05 -44.85 12.69
CA ASP F 333 -14.92 -44.07 13.91
C ASP F 333 -16.23 -44.07 14.69
N VAL F 334 -17.33 -43.84 13.99
CA VAL F 334 -18.61 -43.68 14.67
C VAL F 334 -19.00 -44.95 15.41
N ASP F 335 -18.78 -46.11 14.78
CA ASP F 335 -19.12 -47.34 15.48
C ASP F 335 -18.14 -47.60 16.62
N ALA F 336 -16.88 -47.21 16.42
CA ALA F 336 -15.90 -47.33 17.49
C ALA F 336 -16.26 -46.43 18.65
N THR F 337 -16.71 -45.21 18.33
CA THR F 337 -17.14 -44.28 19.36
C THR F 337 -18.23 -44.89 20.22
N VAL F 338 -19.19 -45.55 19.58
CA VAL F 338 -20.29 -46.16 20.31
C VAL F 338 -19.76 -47.22 21.27
N GLU F 339 -18.88 -48.10 20.77
CA GLU F 339 -18.31 -49.13 21.62
C GLU F 339 -17.65 -48.53 22.84
N LEU F 340 -16.86 -47.49 22.63
CA LEU F 340 -16.11 -46.87 23.71
C LEU F 340 -17.05 -46.36 24.79
N MET F 341 -18.00 -45.50 24.42
CA MET F 341 -18.92 -44.95 25.41
C MET F 341 -19.70 -46.05 26.10
N THR F 342 -20.12 -47.06 25.32
CA THR F 342 -20.93 -48.13 25.89
C THR F 342 -20.20 -48.79 27.05
N LYS F 343 -18.91 -49.07 26.86
CA LYS F 343 -18.15 -49.71 27.91
C LYS F 343 -17.85 -48.75 29.03
N ALA F 344 -17.58 -47.48 28.70
CA ALA F 344 -17.26 -46.50 29.73
C ALA F 344 -18.42 -46.32 30.69
N LEU F 345 -19.64 -46.26 30.16
CA LEU F 345 -20.81 -46.09 31.01
C LEU F 345 -20.91 -47.19 32.03
N GLU F 346 -20.83 -48.44 31.58
CA GLU F 346 -20.95 -49.55 32.50
C GLU F 346 -19.79 -49.57 33.48
N ASN F 347 -18.58 -49.26 33.01
CA ASN F 347 -17.43 -49.29 33.90
C ASN F 347 -17.27 -47.99 34.68
N ILE F 348 -18.20 -47.04 34.56
CA ILE F 348 -18.07 -45.79 35.32
C ILE F 348 -18.16 -46.04 36.81
N HIS F 349 -18.80 -47.14 37.21
CA HIS F 349 -19.01 -47.37 38.64
C HIS F 349 -17.68 -47.56 39.37
N GLU F 350 -16.66 -48.03 38.66
CA GLU F 350 -15.34 -48.19 39.25
C GLU F 350 -14.53 -46.90 39.17
N LEU F 351 -14.92 -45.98 38.29
CA LEU F 351 -14.14 -44.78 38.04
C LEU F 351 -14.18 -43.83 39.21
N LYS F 352 -15.26 -43.83 39.99
CA LYS F 352 -15.57 -42.84 41.02
C LYS F 352 -14.40 -42.38 41.90
N ILE F 353 -13.37 -43.21 42.09
CA ILE F 353 -12.23 -42.95 42.99
C ILE F 353 -12.68 -43.20 44.42
N MET G 1 36.02 43.82 -10.28
CA MET G 1 36.65 44.06 -11.62
C MET G 1 35.66 44.46 -12.71
N GLU G 2 35.14 45.68 -12.62
CA GLU G 2 34.03 46.09 -13.49
C GLU G 2 34.63 46.38 -14.87
N VAL G 3 34.83 45.29 -15.63
CA VAL G 3 35.38 45.40 -16.98
C VAL G 3 34.42 46.21 -17.88
N ARG G 4 33.11 46.07 -17.64
CA ARG G 4 32.08 46.75 -18.40
C ARG G 4 31.40 47.89 -17.65
N ASN G 5 31.43 47.87 -16.32
CA ASN G 5 30.70 48.81 -15.47
C ASN G 5 29.20 48.76 -15.73
N MET G 6 28.67 47.61 -16.12
CA MET G 6 27.25 47.48 -16.40
C MET G 6 26.45 47.33 -15.11
N VAL G 7 26.99 46.58 -14.15
CA VAL G 7 26.33 46.31 -12.88
C VAL G 7 27.34 46.59 -11.78
N ASP G 8 27.03 47.57 -10.93
CA ASP G 8 27.97 47.99 -9.91
C ASP G 8 28.01 46.99 -8.76
N TYR G 9 29.16 46.32 -8.63
CA TYR G 9 29.32 45.28 -7.62
C TYR G 9 29.22 45.85 -6.21
N GLU G 10 29.64 47.10 -6.02
CA GLU G 10 29.54 47.72 -4.70
C GLU G 10 28.09 47.95 -4.31
N LEU G 11 27.30 48.50 -5.23
CA LEU G 11 25.94 48.91 -4.91
C LEU G 11 25.09 47.73 -4.49
N LEU G 12 25.21 46.61 -5.22
CA LEU G 12 24.39 45.44 -4.93
C LEU G 12 24.68 44.91 -3.52
N LYS G 13 25.91 45.09 -3.05
CA LYS G 13 26.27 44.62 -1.72
C LYS G 13 25.42 45.30 -0.66
N LYS G 14 25.28 46.62 -0.77
CA LYS G 14 24.57 47.40 0.25
C LYS G 14 23.14 46.92 0.42
N VAL G 15 22.45 46.65 -0.68
CA VAL G 15 21.02 46.38 -0.58
C VAL G 15 20.77 44.97 -0.10
N VAL G 16 21.57 44.00 -0.57
CA VAL G 16 21.15 42.62 -0.45
C VAL G 16 21.57 42.05 0.90
N GLU G 17 22.69 42.50 1.44
CA GLU G 17 23.08 42.07 2.78
C GLU G 17 22.09 42.56 3.82
N ALA G 18 21.39 43.65 3.54
CA ALA G 18 20.50 44.23 4.53
C ALA G 18 19.33 43.29 4.77
N PRO G 19 18.63 43.43 5.90
CA PRO G 19 17.61 42.45 6.25
C PRO G 19 16.27 42.75 5.60
N GLY G 20 15.57 41.68 5.25
CA GLY G 20 14.52 41.73 4.27
C GLY G 20 13.09 41.65 4.76
N VAL G 21 12.84 42.29 5.90
CA VAL G 21 11.47 42.66 6.24
C VAL G 21 11.53 43.98 7.00
N SER G 22 10.89 45.01 6.48
CA SER G 22 11.11 46.36 6.95
C SER G 22 10.08 46.74 7.99
N GLY G 23 10.31 47.90 8.63
CA GLY G 23 9.45 48.38 9.69
C GLY G 23 9.75 47.79 11.04
N TYR G 24 10.18 46.54 11.09
CA TYR G 24 10.66 45.89 12.29
C TYR G 24 11.89 46.62 12.81
N GLU G 25 12.44 46.08 13.90
CA GLU G 25 13.74 46.54 14.37
C GLU G 25 14.86 46.39 13.33
N PHE G 26 14.64 45.64 12.22
CA PHE G 26 15.67 45.50 11.20
C PHE G 26 15.62 46.58 10.14
N LEU G 27 14.83 47.64 10.29
CA LEU G 27 14.33 48.38 9.14
C LEU G 27 15.39 49.12 8.31
N GLY G 28 16.69 48.86 8.51
CA GLY G 28 17.74 49.62 7.86
C GLY G 28 17.66 49.72 6.35
N ILE G 29 17.03 48.75 5.68
CA ILE G 29 16.94 48.79 4.22
C ILE G 29 16.22 50.04 3.76
N ARG G 30 15.22 50.47 4.53
CA ARG G 30 14.48 51.69 4.21
C ARG G 30 15.44 52.85 4.06
N ASP G 31 16.29 53.07 5.05
CA ASP G 31 17.29 54.11 4.99
C ASP G 31 18.18 53.95 3.76
N VAL G 32 18.55 52.71 3.45
CA VAL G 32 19.48 52.46 2.35
C VAL G 32 18.89 52.92 1.03
N VAL G 33 17.66 52.50 0.76
CA VAL G 33 17.06 52.83 -0.53
C VAL G 33 16.89 54.33 -0.68
N ILE G 34 16.49 55.01 0.40
CA ILE G 34 16.33 56.45 0.30
C ILE G 34 17.67 57.16 0.31
N GLU G 35 18.68 56.57 0.98
CA GLU G 35 20.00 57.19 1.02
C GLU G 35 20.60 57.30 -0.37
N GLU G 36 20.27 56.35 -1.25
CA GLU G 36 20.74 56.37 -2.63
C GLU G 36 19.83 57.19 -3.53
N ILE G 37 18.54 56.84 -3.57
CA ILE G 37 17.66 57.32 -4.61
C ILE G 37 17.48 58.82 -4.55
N LYS G 38 17.60 59.42 -3.36
CA LYS G 38 17.09 60.76 -3.16
C LYS G 38 17.91 61.81 -3.90
N ASP G 39 19.19 61.54 -4.15
CA ASP G 39 20.00 62.55 -4.81
C ASP G 39 19.60 62.74 -6.27
N TYR G 40 18.97 61.73 -6.88
CA TYR G 40 18.61 61.76 -8.29
C TYR G 40 17.14 62.07 -8.53
N VAL G 41 16.32 62.13 -7.48
CA VAL G 41 14.88 62.32 -7.61
C VAL G 41 14.51 63.61 -6.88
N ASP G 42 13.42 64.23 -7.35
CA ASP G 42 13.01 65.51 -6.82
C ASP G 42 12.57 65.40 -5.36
N GLU G 43 11.81 64.36 -5.04
CA GLU G 43 11.25 64.25 -3.71
C GLU G 43 10.92 62.78 -3.44
N VAL G 44 10.83 62.45 -2.16
CA VAL G 44 10.65 61.07 -1.71
C VAL G 44 9.86 61.09 -0.42
N LYS G 45 9.04 60.06 -0.20
CA LYS G 45 8.19 59.98 0.98
C LYS G 45 8.01 58.53 1.39
N VAL G 46 7.64 58.36 2.65
CA VAL G 46 7.40 57.05 3.25
C VAL G 46 5.94 57.01 3.66
N ASP G 47 5.24 55.97 3.26
CA ASP G 47 3.85 55.80 3.64
C ASP G 47 3.80 55.21 5.05
N LYS G 48 2.59 54.93 5.51
CA LYS G 48 2.43 54.44 6.86
C LYS G 48 2.88 52.99 6.98
N LEU G 49 2.64 52.21 5.93
CA LEU G 49 2.83 50.78 5.93
C LEU G 49 4.26 50.35 5.65
N GLY G 50 5.22 51.26 5.66
CA GLY G 50 6.59 50.93 5.33
C GLY G 50 6.92 51.03 3.86
N ASN G 51 5.93 51.26 3.00
CA ASN G 51 6.21 51.51 1.60
C ASN G 51 7.05 52.77 1.45
N VAL G 52 7.85 52.78 0.38
CA VAL G 52 8.67 53.92 0.02
C VAL G 52 8.12 54.50 -1.27
N ILE G 53 8.09 55.82 -1.36
CA ILE G 53 7.49 56.54 -2.48
C ILE G 53 8.50 57.55 -2.98
N ALA G 54 8.95 57.38 -4.20
CA ALA G 54 9.83 58.33 -4.86
C ALA G 54 9.14 58.92 -6.07
N HIS G 55 8.97 60.24 -6.06
CA HIS G 55 8.21 60.96 -7.06
C HIS G 55 9.16 61.86 -7.83
N LYS G 56 9.56 61.41 -9.01
CA LYS G 56 10.16 62.28 -10.00
C LYS G 56 9.01 63.01 -10.69
N LYS G 57 9.26 64.26 -11.06
CA LYS G 57 8.22 65.10 -11.64
C LYS G 57 8.46 65.24 -13.14
N GLY G 58 7.38 65.51 -13.87
CA GLY G 58 7.49 65.68 -15.30
C GLY G 58 6.17 66.10 -15.90
N GLU G 59 6.07 65.90 -17.21
CA GLU G 59 4.87 66.22 -17.99
C GLU G 59 4.38 64.95 -18.68
N GLY G 60 3.30 64.38 -18.18
CA GLY G 60 2.74 63.18 -18.77
C GLY G 60 1.91 62.35 -17.82
N PRO G 61 1.59 61.13 -18.23
CA PRO G 61 0.80 60.25 -17.37
C PRO G 61 1.59 59.76 -16.17
N LYS G 62 0.87 59.22 -15.20
CA LYS G 62 1.46 58.76 -13.96
C LYS G 62 1.82 57.28 -14.09
N VAL G 63 3.11 56.99 -14.10
CA VAL G 63 3.63 55.63 -14.24
C VAL G 63 4.11 55.16 -12.88
N MET G 64 3.80 53.91 -12.56
CA MET G 64 4.10 53.30 -11.27
C MET G 64 5.02 52.11 -11.48
N ILE G 65 6.16 52.13 -10.81
CA ILE G 65 7.21 51.12 -10.96
C ILE G 65 7.35 50.40 -9.63
N ALA G 66 7.02 49.12 -9.62
CA ALA G 66 6.86 48.37 -8.38
C ALA G 66 7.90 47.27 -8.28
N ALA G 67 8.65 47.29 -7.19
CA ALA G 67 9.51 46.19 -6.78
C ALA G 67 9.21 45.85 -5.33
N HIS G 68 9.49 44.60 -4.97
CA HIS G 68 9.31 44.16 -3.60
C HIS G 68 10.65 44.03 -2.89
N MET G 69 10.64 44.31 -1.60
CA MET G 69 11.83 44.29 -0.77
C MET G 69 11.57 43.44 0.48
N ASP G 70 10.57 42.56 0.42
CA ASP G 70 10.26 41.67 1.52
C ASP G 70 10.88 40.30 1.36
N GLN G 71 12.20 40.21 1.43
CA GLN G 71 12.92 38.94 1.31
C GLN G 71 12.37 37.98 2.37
N ILE G 72 12.31 36.71 2.01
CA ILE G 72 11.78 35.65 2.87
C ILE G 72 12.59 35.61 4.15
N GLY G 73 11.92 35.23 5.23
CA GLY G 73 12.59 35.00 6.49
C GLY G 73 11.80 34.05 7.36
N LEU G 74 12.28 33.86 8.57
CA LEU G 74 11.64 32.99 9.54
C LEU G 74 11.38 33.76 10.83
N MET G 75 10.46 33.22 11.63
CA MET G 75 9.98 33.85 12.85
C MET G 75 10.09 32.87 14.01
N VAL G 76 10.65 33.32 15.10
CA VAL G 76 10.59 32.58 16.35
C VAL G 76 9.19 32.69 16.94
N THR G 77 8.66 31.58 17.42
CA THR G 77 7.34 31.56 18.04
C THR G 77 7.39 31.23 19.52
N HIS G 78 8.37 30.47 19.97
CA HIS G 78 8.50 30.13 21.38
C HIS G 78 9.93 29.68 21.63
N ILE G 79 10.23 29.44 22.90
CA ILE G 79 11.56 29.09 23.35
C ILE G 79 11.46 27.82 24.19
N GLU G 80 11.94 26.72 23.64
CA GLU G 80 12.03 25.49 24.41
C GLU G 80 12.95 25.68 25.60
N LYS G 81 12.89 24.73 26.54
CA LYS G 81 13.57 24.93 27.81
C LYS G 81 15.08 24.78 27.70
N ASN G 82 15.57 24.00 26.75
CA ASN G 82 17.00 23.76 26.63
C ASN G 82 17.74 24.91 25.95
N GLY G 83 17.09 26.06 25.73
CA GLY G 83 17.72 27.17 25.06
C GLY G 83 17.75 27.07 23.55
N PHE G 84 17.00 26.16 22.96
CA PHE G 84 16.93 25.99 21.53
C PHE G 84 15.59 26.49 21.01
N LEU G 85 15.62 27.07 19.81
CA LEU G 85 14.47 27.74 19.22
C LEU G 85 13.69 26.85 18.27
N ARG G 86 12.38 27.01 18.30
CA ARG G 86 11.50 26.62 17.21
C ARG G 86 11.22 27.85 16.37
N VAL G 87 10.52 27.64 15.26
CA VAL G 87 10.34 28.69 14.28
C VAL G 87 9.02 28.49 13.56
N ALA G 88 8.58 29.55 12.88
CA ALA G 88 7.45 29.50 11.98
C ALA G 88 7.75 30.31 10.72
N PRO G 89 7.55 29.75 9.53
CA PRO G 89 8.02 30.44 8.35
C PRO G 89 7.10 31.55 7.90
N ILE G 90 7.68 32.43 7.11
CA ILE G 90 6.95 33.40 6.32
C ILE G 90 6.63 32.75 4.99
N GLY G 91 5.50 33.17 4.40
CA GLY G 91 4.92 32.51 3.26
C GLY G 91 5.87 32.45 2.07
N GLY G 92 5.83 31.32 1.39
CA GLY G 92 6.60 31.11 0.18
C GLY G 92 7.76 30.14 0.34
N VAL G 93 8.29 29.96 1.54
CA VAL G 93 9.52 29.23 1.73
C VAL G 93 9.25 27.74 1.66
N ASP G 94 10.27 26.98 1.26
CA ASP G 94 10.24 25.53 1.25
C ASP G 94 11.17 25.02 2.35
N PRO G 95 10.76 24.08 3.21
CA PRO G 95 11.59 23.76 4.36
C PRO G 95 12.73 22.82 4.09
N LYS G 96 12.81 22.23 2.90
CA LYS G 96 13.97 21.39 2.56
C LYS G 96 15.26 22.20 2.52
N THR G 97 15.15 23.52 2.48
CA THR G 97 16.28 24.43 2.47
C THR G 97 16.72 24.82 3.86
N LEU G 98 16.61 23.90 4.83
CA LEU G 98 16.83 24.13 6.24
C LEU G 98 18.06 24.99 6.53
N ILE G 99 19.25 24.47 6.23
CA ILE G 99 20.49 25.24 6.34
C ILE G 99 21.62 24.41 5.76
N ALA G 100 22.67 25.12 5.34
CA ALA G 100 24.01 24.60 5.19
C ALA G 100 25.02 25.41 6.01
N GLN G 101 24.64 26.63 6.38
CA GLN G 101 25.48 27.49 7.20
C GLN G 101 24.65 28.68 7.65
N ARG G 102 24.86 29.08 8.91
CA ARG G 102 24.71 30.46 9.34
C ARG G 102 23.34 31.08 9.08
N PHE G 103 22.31 30.71 9.84
CA PHE G 103 21.11 31.55 9.93
C PHE G 103 21.38 32.70 10.88
N LYS G 104 20.99 33.90 10.45
CA LYS G 104 21.27 35.13 11.16
C LYS G 104 20.02 35.59 11.90
N VAL G 105 20.20 36.10 13.12
CA VAL G 105 19.12 36.56 13.99
C VAL G 105 19.32 38.05 14.23
N TRP G 106 18.44 38.87 13.67
CA TRP G 106 18.51 40.31 13.85
C TRP G 106 17.71 40.74 15.07
N ILE G 107 18.34 40.64 16.25
CA ILE G 107 17.73 41.21 17.45
C ILE G 107 17.35 42.66 17.22
N ASP G 108 18.30 43.47 16.78
CA ASP G 108 18.04 44.86 16.49
C ASP G 108 19.03 45.32 15.44
N LYS G 109 18.86 46.58 15.03
CA LYS G 109 19.68 47.17 13.98
C LYS G 109 21.15 47.13 14.38
N GLY G 110 21.98 46.57 13.50
CA GLY G 110 23.40 46.45 13.75
C GLY G 110 23.80 45.44 14.79
N LYS G 111 22.87 44.59 15.23
CA LYS G 111 23.16 43.53 16.19
C LYS G 111 22.63 42.22 15.64
N PHE G 112 23.55 41.30 15.35
CA PHE G 112 23.22 40.01 14.77
C PHE G 112 24.07 38.94 15.43
N ILE G 113 23.45 37.79 15.66
CA ILE G 113 24.16 36.60 16.12
C ILE G 113 23.78 35.44 15.23
N TYR G 114 24.77 34.60 14.97
CA TYR G 114 24.62 33.53 14.01
C TYR G 114 23.87 32.37 14.63
N GLY G 115 23.13 31.65 13.79
CA GLY G 115 22.31 30.56 14.25
C GLY G 115 22.22 29.48 13.20
N VAL G 116 21.90 28.27 13.65
CA VAL G 116 21.82 27.11 12.77
C VAL G 116 20.49 26.43 13.02
N GLY G 117 20.02 25.72 12.00
CA GLY G 117 18.66 25.22 11.96
C GLY G 117 18.52 23.85 11.35
N ALA G 118 19.50 22.98 11.53
CA ALA G 118 19.67 21.88 10.58
C ALA G 118 18.53 20.86 10.60
N SER G 119 18.11 20.37 11.76
CA SER G 119 17.47 19.08 11.84
C SER G 119 16.35 19.04 12.87
N VAL G 120 15.15 18.73 12.40
CA VAL G 120 14.08 18.23 13.26
C VAL G 120 14.36 16.72 13.28
N PRO G 121 14.31 16.04 14.42
CA PRO G 121 14.60 14.60 14.40
C PRO G 121 13.51 13.84 13.65
N PRO G 122 13.85 13.07 12.62
CA PRO G 122 12.82 12.30 11.93
C PRO G 122 12.20 11.28 12.88
N HIS G 123 10.94 10.97 12.65
CA HIS G 123 10.22 10.02 13.49
C HIS G 123 10.87 8.64 13.38
N ILE G 124 10.51 7.78 14.31
CA ILE G 124 11.10 6.45 14.42
C ILE G 124 10.28 5.50 13.56
N GLN G 125 10.68 5.33 12.31
CA GLN G 125 10.11 4.28 11.47
C GLN G 125 10.98 4.05 10.24
N LYS G 126 10.79 2.89 9.61
CA LYS G 126 11.66 2.39 8.54
C LYS G 126 11.36 3.03 7.18
N PRO G 127 10.07 3.18 6.75
CA PRO G 127 9.83 3.97 5.54
C PRO G 127 10.21 5.43 5.74
N GLU G 128 10.20 5.90 6.99
CA GLU G 128 10.50 7.30 7.28
C GLU G 128 12.00 7.55 7.38
N ASP G 129 12.78 6.52 7.72
CA ASP G 129 14.23 6.63 7.59
C ASP G 129 14.60 6.91 6.14
N ARG G 130 13.80 6.39 5.20
CA ARG G 130 13.95 6.73 3.79
C ARG G 130 13.43 8.13 3.49
N LYS G 131 12.33 8.54 4.14
CA LYS G 131 11.85 9.92 3.97
C LYS G 131 12.68 10.84 4.81
N LYS G 132 13.75 11.37 4.23
CA LYS G 132 14.56 12.35 4.92
C LYS G 132 14.04 13.78 4.73
N ALA G 133 12.81 13.93 4.24
CA ALA G 133 12.19 15.23 4.19
C ALA G 133 11.85 15.66 5.61
N PRO G 134 11.99 16.93 5.96
CA PRO G 134 11.61 17.35 7.30
C PRO G 134 10.12 17.26 7.55
N ASP G 135 9.78 17.09 8.80
CA ASP G 135 8.38 17.05 9.20
C ASP G 135 7.79 18.43 8.97
N TRP G 136 6.47 18.47 8.76
CA TRP G 136 5.80 19.72 8.43
C TRP G 136 5.58 20.61 9.64
N ASP G 137 5.78 20.07 10.86
CA ASP G 137 5.48 20.83 12.08
C ASP G 137 6.24 22.16 12.09
N GLN G 138 7.56 22.12 12.18
CA GLN G 138 8.50 22.89 11.37
C GLN G 138 9.85 22.55 11.99
N ILE G 139 10.95 23.01 11.40
CA ILE G 139 12.29 22.76 11.85
C ILE G 139 12.57 23.62 13.09
N PHE G 140 13.67 23.33 13.77
CA PHE G 140 14.13 24.07 14.94
C PHE G 140 15.45 24.76 14.64
N ILE G 141 15.77 25.76 15.46
CA ILE G 141 16.96 26.58 15.32
C ILE G 141 17.74 26.52 16.62
N ASP G 142 19.07 26.61 16.50
CA ASP G 142 19.98 26.67 17.64
C ASP G 142 20.76 27.97 17.59
N ILE G 143 20.86 28.64 18.74
CA ILE G 143 21.80 29.73 18.94
C ILE G 143 22.79 29.44 20.05
N GLY G 144 22.80 28.21 20.57
CA GLY G 144 23.80 27.78 21.51
C GLY G 144 23.52 28.09 22.95
N ALA G 145 22.46 28.82 23.24
CA ALA G 145 22.11 29.08 24.62
C ALA G 145 21.61 27.80 25.29
N GLU G 146 21.95 27.65 26.57
CA GLU G 146 21.54 26.48 27.31
C GLU G 146 20.15 26.56 27.88
N SER G 147 19.59 27.77 28.03
CA SER G 147 18.30 27.93 28.68
C SER G 147 17.56 29.13 28.15
N LYS G 148 16.25 29.12 28.43
CA LYS G 148 15.38 30.21 28.05
C LYS G 148 15.85 31.53 28.63
N GLU G 149 16.30 31.51 29.89
CA GLU G 149 16.76 32.73 30.54
C GLU G 149 17.94 33.33 29.78
N GLU G 150 18.92 32.51 29.44
CA GLU G 150 20.09 32.99 28.71
C GLU G 150 19.68 33.59 27.37
N ALA G 151 18.67 33.00 26.74
CA ALA G 151 18.29 33.45 25.40
C ALA G 151 17.70 34.85 25.46
N GLU G 152 16.88 35.13 26.46
CA GLU G 152 16.26 36.45 26.53
C GLU G 152 17.27 37.50 26.98
N ASP G 153 18.33 37.09 27.68
CA ASP G 153 19.34 38.04 28.07
C ASP G 153 20.15 38.51 26.87
N MET G 154 20.29 37.65 25.86
CA MET G 154 20.87 38.08 24.60
C MET G 154 20.05 39.18 23.95
N GLY G 155 18.74 39.08 24.01
CA GLY G 155 17.83 39.97 23.31
C GLY G 155 16.80 39.27 22.47
N VAL G 156 16.90 37.96 22.30
CA VAL G 156 15.91 37.21 21.53
C VAL G 156 14.58 37.31 22.24
N LYS G 157 13.53 37.60 21.47
CA LYS G 157 12.17 37.62 21.96
C LYS G 157 11.29 37.05 20.88
N ILE G 158 10.00 36.92 21.19
CA ILE G 158 9.08 36.49 20.17
C ILE G 158 8.91 37.64 19.19
N GLY G 159 8.69 37.29 17.94
CA GLY G 159 8.59 38.28 16.88
C GLY G 159 9.10 37.66 15.60
N THR G 160 8.87 38.36 14.49
CA THR G 160 9.54 38.05 13.25
C THR G 160 10.94 38.67 13.32
N VAL G 161 11.98 37.82 13.35
CA VAL G 161 13.31 38.30 13.72
C VAL G 161 14.42 37.85 12.76
N ILE G 162 14.19 36.78 11.99
CA ILE G 162 15.28 36.00 11.39
C ILE G 162 15.34 36.17 9.87
N THR G 163 16.52 35.95 9.30
CA THR G 163 16.73 35.89 7.86
C THR G 163 17.82 34.86 7.52
N TRP G 164 18.31 34.91 6.27
CA TRP G 164 19.00 33.76 5.69
C TRP G 164 20.53 33.89 5.73
N ASP G 165 21.04 35.10 5.91
CA ASP G 165 22.49 35.34 5.90
C ASP G 165 23.12 35.02 4.56
N GLY G 166 22.69 35.73 3.52
CA GLY G 166 23.36 35.61 2.24
C GLY G 166 24.51 36.58 2.17
N ARG G 167 25.43 36.26 1.26
CA ARG G 167 26.50 37.16 0.89
C ARG G 167 26.73 37.00 -0.59
N LEU G 168 27.15 38.09 -1.21
CA LEU G 168 27.16 38.20 -2.65
C LEU G 168 28.53 37.83 -3.19
N GLU G 169 28.59 36.77 -3.98
CA GLU G 169 29.82 36.32 -4.62
C GLU G 169 29.59 36.13 -6.10
N ARG G 170 30.70 36.14 -6.83
CA ARG G 170 30.72 36.10 -8.28
C ARG G 170 31.06 34.71 -8.75
N LEU G 171 30.13 34.06 -9.46
CA LEU G 171 30.42 32.83 -10.18
C LEU G 171 30.35 33.08 -11.66
N GLY G 172 31.12 32.29 -12.41
CA GLY G 172 31.31 32.54 -13.82
C GLY G 172 31.85 33.93 -14.01
N LYS G 173 33.10 34.14 -13.59
CA LYS G 173 33.71 35.47 -13.60
C LYS G 173 33.62 36.15 -14.96
N HIS G 174 33.45 35.39 -16.03
CA HIS G 174 32.87 35.96 -17.25
C HIS G 174 31.56 36.66 -16.95
N ARG G 175 30.53 35.94 -16.49
CA ARG G 175 29.30 36.58 -16.05
C ARG G 175 28.36 35.62 -15.34
N PHE G 176 28.02 35.94 -14.09
CA PHE G 176 26.84 35.51 -13.34
C PHE G 176 26.99 36.08 -11.93
N VAL G 177 25.95 36.02 -11.09
CA VAL G 177 26.03 36.48 -9.72
C VAL G 177 25.16 35.57 -8.85
N SER G 178 25.60 35.35 -7.60
CA SER G 178 25.07 34.28 -6.76
C SER G 178 23.71 34.54 -6.10
N ILE G 179 23.62 35.53 -5.20
CA ILE G 179 22.42 35.74 -4.38
C ILE G 179 21.76 37.08 -4.65
N ALA G 180 22.01 37.66 -5.83
CA ALA G 180 21.60 39.04 -6.08
C ALA G 180 20.13 39.19 -6.45
N PHE G 181 19.37 38.10 -6.52
CA PHE G 181 18.10 38.12 -7.22
C PHE G 181 16.97 38.63 -6.33
N ASP G 182 16.62 37.86 -5.30
CA ASP G 182 15.27 37.93 -4.78
C ASP G 182 15.10 39.13 -3.88
N ASP G 183 14.07 39.91 -4.19
CA ASP G 183 13.63 41.06 -3.42
C ASP G 183 14.59 42.24 -3.49
N ARG G 184 15.76 42.08 -4.09
CA ARG G 184 16.51 43.18 -4.63
C ARG G 184 17.40 42.73 -5.77
N ILE G 185 16.80 42.67 -6.93
CA ILE G 185 17.48 42.89 -8.20
C ILE G 185 16.66 43.98 -8.89
N ALA G 186 15.34 43.84 -8.78
CA ALA G 186 14.42 44.86 -9.26
C ALA G 186 14.79 46.25 -8.75
N VAL G 187 15.15 46.35 -7.47
CA VAL G 187 15.49 47.67 -6.93
C VAL G 187 16.74 48.21 -7.60
N TYR G 188 17.70 47.33 -7.91
CA TYR G 188 18.89 47.80 -8.59
C TYR G 188 18.54 48.33 -9.97
N THR G 189 17.60 47.68 -10.65
CA THR G 189 17.10 48.25 -11.90
C THR G 189 16.50 49.62 -11.66
N ILE G 190 15.64 49.72 -10.65
CA ILE G 190 15.01 50.99 -10.30
C ILE G 190 16.08 52.04 -10.04
N LEU G 191 17.06 51.72 -9.20
CA LEU G 191 18.09 52.69 -8.88
C LEU G 191 18.90 53.03 -10.12
N GLU G 192 19.27 52.03 -10.91
CA GLU G 192 19.99 52.29 -12.14
C GLU G 192 19.14 53.10 -13.09
N VAL G 193 17.84 52.83 -13.11
CA VAL G 193 16.93 53.59 -13.96
C VAL G 193 16.96 55.06 -13.57
N ALA G 194 16.91 55.34 -12.27
CA ALA G 194 16.87 56.72 -11.82
C ALA G 194 18.13 57.48 -12.21
N LYS G 195 19.27 56.78 -12.23
CA LYS G 195 20.50 57.42 -12.68
C LYS G 195 20.48 57.64 -14.18
N GLN G 196 19.92 56.69 -14.92
CA GLN G 196 19.92 56.75 -16.38
C GLN G 196 18.84 57.67 -16.92
N LEU G 197 17.76 57.87 -16.19
CA LEU G 197 16.67 58.74 -16.63
C LEU G 197 17.05 60.19 -16.36
N LYS G 198 17.06 61.01 -17.41
CA LYS G 198 17.34 62.44 -17.28
C LYS G 198 16.08 63.24 -17.60
N ASP G 199 15.53 63.03 -18.80
CA ASP G 199 14.43 63.84 -19.31
C ASP G 199 13.11 63.11 -19.08
N ALA G 200 12.36 63.58 -18.09
CA ALA G 200 11.13 62.94 -17.65
C ALA G 200 10.02 63.26 -18.64
N LYS G 201 9.85 62.41 -19.64
CA LYS G 201 8.74 62.60 -20.59
C LYS G 201 7.41 62.17 -19.98
N ALA G 202 7.45 61.42 -18.88
CA ALA G 202 6.26 61.08 -18.14
C ALA G 202 6.60 61.08 -16.65
N ASP G 203 5.65 61.56 -15.85
CA ASP G 203 5.91 61.71 -14.43
C ASP G 203 5.78 60.35 -13.77
N VAL G 204 6.91 59.84 -13.28
CA VAL G 204 7.00 58.47 -12.79
C VAL G 204 6.98 58.49 -11.28
N TYR G 205 6.50 57.42 -10.68
CA TYR G 205 6.53 57.22 -9.25
C TYR G 205 7.12 55.85 -8.95
N PHE G 206 8.36 55.83 -8.46
CA PHE G 206 9.02 54.59 -8.08
C PHE G 206 8.58 54.22 -6.67
N VAL G 207 8.07 53.01 -6.53
CA VAL G 207 7.71 52.46 -5.23
C VAL G 207 8.52 51.20 -4.98
N ALA G 208 8.80 50.93 -3.72
CA ALA G 208 9.41 49.70 -3.27
C ALA G 208 8.54 49.15 -2.15
N THR G 209 7.69 48.19 -2.49
CA THR G 209 6.60 47.78 -1.62
C THR G 209 7.06 46.73 -0.63
N VAL G 210 6.29 46.61 0.44
CA VAL G 210 6.55 45.64 1.51
C VAL G 210 5.37 44.70 1.59
N GLN G 211 5.58 43.60 2.30
CA GLN G 211 4.57 42.58 2.48
C GLN G 211 4.09 42.03 1.15
N GLU G 212 5.01 41.85 0.21
CA GLU G 212 4.66 41.24 -1.07
C GLU G 212 4.52 39.75 -0.94
N GLU G 213 5.51 39.09 -0.34
CA GLU G 213 5.51 37.64 -0.30
C GLU G 213 4.39 37.10 0.59
N VAL G 214 3.87 37.93 1.48
CA VAL G 214 2.71 37.59 2.29
C VAL G 214 1.72 38.74 2.23
N GLY G 215 0.52 38.46 1.76
CA GLY G 215 -0.44 39.52 1.57
C GLY G 215 0.01 40.48 0.49
N LEU G 216 0.19 39.98 -0.74
CA LEU G 216 0.65 40.77 -1.88
C LEU G 216 -0.08 42.09 -2.04
N ARG G 217 -1.31 42.18 -1.53
CA ARG G 217 -2.02 43.45 -1.50
C ARG G 217 -1.33 44.49 -0.62
N GLY G 218 -0.25 44.12 0.07
CA GLY G 218 0.58 45.14 0.71
C GLY G 218 0.97 46.24 -0.25
N ALA G 219 1.29 45.86 -1.49
CA ALA G 219 1.66 46.85 -2.51
C ALA G 219 0.49 47.75 -2.86
N ARG G 220 -0.72 47.18 -2.88
CA ARG G 220 -1.91 47.92 -3.30
C ARG G 220 -2.06 49.23 -2.55
N THR G 221 -1.73 49.25 -1.27
CA THR G 221 -1.98 50.43 -0.46
C THR G 221 -1.30 51.65 -1.05
N SER G 222 -0.03 51.49 -1.42
CA SER G 222 0.69 52.57 -2.09
C SER G 222 -0.02 52.99 -3.37
N ALA G 223 -0.61 52.03 -4.08
CA ALA G 223 -1.11 52.29 -5.42
C ALA G 223 -2.06 53.47 -5.48
N PHE G 224 -3.07 53.50 -4.60
CA PHE G 224 -4.18 54.42 -4.81
C PHE G 224 -3.72 55.87 -4.72
N GLY G 225 -2.74 56.16 -3.89
CA GLY G 225 -2.28 57.53 -3.78
C GLY G 225 -1.52 57.96 -5.02
N ILE G 226 -1.09 57.00 -5.83
CA ILE G 226 0.01 57.23 -6.76
C ILE G 226 -0.38 56.85 -8.18
N GLU G 227 -1.00 55.69 -8.37
CA GLU G 227 -1.03 54.96 -9.63
C GLU G 227 -1.57 55.68 -10.86
N PRO G 228 -2.71 56.37 -10.79
CA PRO G 228 -3.74 56.24 -11.83
C PRO G 228 -3.24 56.27 -13.26
N ASP G 229 -3.90 55.46 -14.09
CA ASP G 229 -3.88 55.54 -15.55
C ASP G 229 -2.72 54.78 -16.19
N TYR G 230 -1.82 54.22 -15.36
CA TYR G 230 -0.86 53.25 -15.89
C TYR G 230 -0.14 52.50 -14.76
N GLY G 231 0.63 51.48 -15.11
CA GLY G 231 1.26 50.65 -14.10
C GLY G 231 2.26 49.69 -14.69
N PHE G 232 3.26 49.36 -13.87
CA PHE G 232 4.32 48.42 -14.22
C PHE G 232 4.70 47.63 -12.98
N ALA G 233 5.52 46.60 -13.17
CA ALA G 233 6.00 45.80 -12.06
C ALA G 233 7.29 45.10 -12.43
N ILE G 234 8.13 44.89 -11.43
CA ILE G 234 9.34 44.09 -11.56
C ILE G 234 9.40 43.15 -10.38
N ASP G 235 8.82 41.98 -10.55
CA ASP G 235 8.89 40.89 -9.60
C ASP G 235 9.19 39.62 -10.38
N VAL G 236 9.43 38.53 -9.67
CA VAL G 236 9.87 37.30 -10.30
C VAL G 236 9.40 36.08 -9.52
N THR G 237 9.18 34.99 -10.26
CA THR G 237 9.06 33.66 -9.70
C THR G 237 9.17 32.66 -10.86
N ILE G 238 10.14 31.76 -10.74
CA ILE G 238 10.66 31.01 -11.88
C ILE G 238 11.03 29.61 -11.40
N ALA G 239 10.96 28.65 -12.31
CA ALA G 239 11.68 27.38 -12.20
C ALA G 239 12.53 27.23 -13.45
N ALA G 240 13.85 27.44 -13.30
CA ALA G 240 14.71 27.85 -14.40
C ALA G 240 15.75 26.80 -14.76
N ASP G 241 15.58 26.17 -15.92
CA ASP G 241 16.65 25.49 -16.67
C ASP G 241 17.39 24.47 -15.82
N ILE G 242 16.66 23.81 -14.95
CA ILE G 242 17.30 22.86 -14.05
C ILE G 242 17.54 21.60 -14.89
N PRO G 243 18.74 21.03 -14.95
CA PRO G 243 18.95 19.85 -15.79
C PRO G 243 18.07 18.68 -15.37
N GLY G 244 17.99 17.70 -16.25
CA GLY G 244 17.09 16.59 -16.06
C GLY G 244 15.63 16.88 -16.34
N THR G 245 15.28 18.14 -16.62
CA THR G 245 13.91 18.51 -16.95
C THR G 245 13.70 18.46 -18.46
N PRO G 246 12.45 18.46 -18.91
CA PRO G 246 12.20 18.61 -20.34
C PRO G 246 12.50 20.02 -20.84
N GLU G 247 12.15 20.26 -22.09
CA GLU G 247 12.36 21.57 -22.70
C GLU G 247 11.26 22.55 -22.33
N HIS G 248 10.18 22.08 -21.71
CA HIS G 248 9.04 22.96 -21.49
C HIS G 248 9.31 24.03 -20.45
N LYS G 249 10.32 23.85 -19.61
CA LYS G 249 10.78 24.90 -18.71
C LYS G 249 12.00 25.63 -19.23
N GLN G 250 12.68 25.09 -20.23
CA GLN G 250 13.94 25.66 -20.66
C GLN G 250 13.76 27.06 -21.22
N VAL G 251 12.67 27.32 -21.95
CA VAL G 251 12.48 28.65 -22.52
C VAL G 251 12.21 29.70 -21.44
N THR G 252 11.75 29.28 -20.25
CA THR G 252 11.61 30.23 -19.14
C THR G 252 12.93 30.92 -18.82
N HIS G 253 14.05 30.23 -19.03
CA HIS G 253 15.37 30.81 -18.85
C HIS G 253 16.41 29.97 -19.55
N LEU G 254 17.27 30.64 -20.29
CA LEU G 254 18.40 30.02 -20.96
C LEU G 254 19.69 30.79 -20.73
N GLY G 255 19.66 31.91 -20.01
CA GLY G 255 20.77 32.79 -19.74
C GLY G 255 20.84 33.92 -20.72
N LYS G 256 19.68 34.42 -21.15
CA LYS G 256 19.58 35.31 -22.28
C LYS G 256 18.35 36.17 -22.11
N GLY G 257 18.54 37.47 -22.23
CA GLY G 257 17.44 38.39 -22.33
C GLY G 257 16.60 38.44 -21.08
N THR G 258 15.65 39.36 -21.10
CA THR G 258 14.76 39.61 -19.98
C THR G 258 13.44 38.89 -20.26
N ALA G 259 12.56 38.94 -19.26
CA ALA G 259 11.35 38.14 -19.26
C ALA G 259 10.15 39.04 -19.05
N ILE G 260 9.25 39.02 -20.01
CA ILE G 260 7.99 39.74 -19.94
C ILE G 260 6.92 38.76 -19.48
N LYS G 261 6.03 39.21 -18.62
CA LYS G 261 4.99 38.36 -18.07
C LYS G 261 3.70 38.61 -18.84
N ILE G 262 3.15 37.54 -19.42
CA ILE G 262 1.86 37.61 -20.08
C ILE G 262 0.78 37.16 -19.11
N MET G 263 1.07 36.12 -18.34
CA MET G 263 0.11 35.48 -17.47
C MET G 263 0.80 35.03 -16.20
N ASP G 264 0.05 35.08 -15.12
CA ASP G 264 0.40 34.42 -13.89
C ASP G 264 -0.86 33.82 -13.28
N ARG G 265 -0.75 33.36 -12.04
CA ARG G 265 -1.95 33.08 -11.26
C ARG G 265 -2.82 34.33 -11.18
N SER G 266 -2.25 35.43 -10.72
CA SER G 266 -3.03 36.59 -10.31
C SER G 266 -3.37 37.51 -11.46
N VAL G 267 -2.41 37.85 -12.31
CA VAL G 267 -2.52 38.97 -13.22
C VAL G 267 -2.53 38.47 -14.66
N ILE G 268 -3.31 39.13 -15.49
CA ILE G 268 -3.32 38.92 -16.93
C ILE G 268 -2.99 40.26 -17.55
N CYS G 269 -1.75 40.41 -18.02
CA CYS G 269 -1.27 41.71 -18.46
C CYS G 269 -2.03 42.19 -19.69
N HIS G 270 -2.38 43.46 -19.68
CA HIS G 270 -3.06 44.09 -20.80
C HIS G 270 -2.18 43.95 -22.03
N PRO G 271 -2.57 43.13 -23.02
CA PRO G 271 -1.58 42.63 -23.99
C PRO G 271 -1.01 43.69 -24.90
N THR G 272 -1.70 44.84 -25.06
CA THR G 272 -1.14 45.92 -25.87
C THR G 272 0.24 46.30 -25.37
N ILE G 273 0.40 46.40 -24.05
CA ILE G 273 1.70 46.67 -23.46
C ILE G 273 2.70 45.62 -23.93
N VAL G 274 2.33 44.35 -23.85
CA VAL G 274 3.24 43.27 -24.20
C VAL G 274 3.69 43.41 -25.65
N ARG G 275 2.74 43.53 -26.57
CA ARG G 275 3.11 43.67 -27.98
C ARG G 275 3.97 44.90 -28.19
N TRP G 276 3.73 45.94 -27.39
CA TRP G 276 4.52 47.16 -27.52
C TRP G 276 5.95 46.93 -27.08
N LEU G 277 6.14 46.30 -25.91
CA LEU G 277 7.49 45.99 -25.46
C LEU G 277 8.18 45.05 -26.43
N GLU G 278 7.44 44.09 -26.96
CA GLU G 278 7.98 43.23 -28.00
C GLU G 278 8.48 44.06 -29.16
N GLU G 279 7.65 45.01 -29.62
CA GLU G 279 8.07 45.92 -30.68
C GLU G 279 9.30 46.71 -30.24
N LEU G 280 9.31 47.15 -28.98
CA LEU G 280 10.36 48.05 -28.53
C LEU G 280 11.70 47.36 -28.51
N ALA G 281 11.75 46.13 -28.00
CA ALA G 281 13.02 45.45 -27.85
C ALA G 281 13.65 45.17 -29.21
N LYS G 282 12.82 44.95 -30.22
CA LYS G 282 13.34 44.71 -31.56
C LYS G 282 13.90 45.99 -32.16
N LYS G 283 13.33 47.15 -31.81
CA LYS G 283 13.76 48.39 -32.44
C LYS G 283 15.14 48.79 -31.96
N HIS G 284 15.44 48.56 -30.68
CA HIS G 284 16.73 48.87 -30.10
C HIS G 284 17.62 47.65 -29.91
N GLU G 285 17.30 46.52 -30.55
CA GLU G 285 18.17 45.34 -30.57
C GLU G 285 18.34 44.75 -29.17
N ILE G 286 17.31 44.87 -28.34
CA ILE G 286 17.33 44.40 -26.97
C ILE G 286 16.89 42.93 -26.96
N PRO G 287 17.46 42.08 -26.12
CA PRO G 287 16.97 40.70 -26.05
C PRO G 287 15.76 40.60 -25.13
N TYR G 288 14.88 39.65 -25.44
CA TYR G 288 13.67 39.46 -24.66
C TYR G 288 13.18 38.03 -24.82
N GLN G 289 12.57 37.53 -23.75
CA GLN G 289 11.82 36.30 -23.78
C GLN G 289 10.36 36.64 -23.53
N LEU G 290 9.51 35.63 -23.62
CA LEU G 290 8.15 35.72 -23.16
C LEU G 290 7.89 34.56 -22.21
N GLU G 291 7.66 34.89 -20.94
CA GLU G 291 7.56 33.90 -19.88
C GLU G 291 6.16 33.94 -19.30
N ILE G 292 5.68 32.76 -18.92
CA ILE G 292 4.43 32.60 -18.21
C ILE G 292 4.63 31.55 -17.15
N LEU G 293 3.78 31.58 -16.12
CA LEU G 293 3.80 30.59 -15.07
C LEU G 293 2.42 29.95 -14.94
N LEU G 294 2.38 28.87 -14.17
CA LEU G 294 1.13 28.32 -13.68
C LEU G 294 0.79 28.82 -12.28
N GLY G 295 1.77 29.36 -11.56
CA GLY G 295 1.57 29.79 -10.20
C GLY G 295 2.43 30.99 -9.88
N GLY G 296 2.37 31.41 -8.62
CA GLY G 296 3.11 32.56 -8.14
C GLY G 296 2.24 33.79 -8.01
N GLY G 297 2.52 34.61 -7.00
CA GLY G 297 1.77 35.84 -6.78
C GLY G 297 2.69 37.04 -6.79
N THR G 298 2.44 37.94 -7.73
CA THR G 298 3.29 39.09 -7.97
C THR G 298 2.62 40.38 -7.54
N ASP G 299 3.40 41.45 -7.60
CA ASP G 299 2.89 42.78 -7.29
C ASP G 299 1.82 43.21 -8.30
N ALA G 300 1.98 42.79 -9.55
CA ALA G 300 1.13 43.29 -10.62
C ALA G 300 -0.34 42.99 -10.36
N GLY G 301 -0.62 41.83 -9.76
CA GLY G 301 -2.00 41.46 -9.51
C GLY G 301 -2.72 42.47 -8.64
N ALA G 302 -2.03 42.97 -7.62
CA ALA G 302 -2.64 43.95 -6.74
C ALA G 302 -2.86 45.28 -7.47
N ILE G 303 -2.06 45.56 -8.48
CA ILE G 303 -2.20 46.82 -9.20
C ILE G 303 -3.47 46.82 -10.03
N HIS G 304 -3.84 45.66 -10.57
CA HIS G 304 -4.97 45.55 -11.48
C HIS G 304 -6.30 45.87 -10.82
N LEU G 305 -6.36 45.92 -9.49
CA LEU G 305 -7.61 45.95 -8.77
C LEU G 305 -7.97 47.33 -8.22
N THR G 306 -7.06 48.28 -8.29
CA THR G 306 -7.39 49.65 -7.96
C THR G 306 -8.53 50.16 -8.83
N LYS G 307 -9.22 51.18 -8.33
CA LYS G 307 -10.55 51.51 -8.81
C LYS G 307 -10.58 51.89 -10.29
N ALA G 308 -9.50 52.47 -10.81
CA ALA G 308 -9.51 52.87 -12.21
C ALA G 308 -9.58 51.68 -13.14
N GLY G 309 -9.12 50.52 -12.68
CA GLY G 309 -8.99 49.37 -13.55
C GLY G 309 -7.77 49.44 -14.44
N VAL G 310 -6.58 49.40 -13.86
CA VAL G 310 -5.37 49.82 -14.56
C VAL G 310 -4.86 48.71 -15.47
N PRO G 311 -4.38 49.03 -16.68
CA PRO G 311 -3.67 48.02 -17.46
C PRO G 311 -2.21 47.97 -17.05
N THR G 312 -1.67 46.76 -17.01
CA THR G 312 -0.37 46.53 -16.43
C THR G 312 0.44 45.53 -17.23
N GLY G 313 1.70 45.87 -17.44
CA GLY G 313 2.70 44.93 -17.89
C GLY G 313 3.72 44.72 -16.78
N ALA G 314 4.47 43.64 -16.92
CA ALA G 314 5.43 43.26 -15.91
C ALA G 314 6.67 42.68 -16.55
N LEU G 315 7.81 43.11 -16.04
CA LEU G 315 9.11 42.60 -16.42
C LEU G 315 9.63 41.68 -15.34
N SER G 316 10.48 40.75 -15.74
CA SER G 316 11.03 39.76 -14.84
C SER G 316 12.50 39.57 -15.17
N VAL G 317 13.32 39.56 -14.12
CA VAL G 317 14.76 39.33 -14.22
C VAL G 317 15.01 37.88 -13.84
N PRO G 318 15.36 37.02 -14.79
CA PRO G 318 15.08 35.59 -14.62
C PRO G 318 16.13 34.86 -13.80
N ALA G 319 16.02 33.53 -13.85
CA ALA G 319 17.07 32.57 -13.51
C ALA G 319 17.26 32.32 -12.03
N ARG G 320 16.17 32.34 -11.28
CA ARG G 320 16.22 32.04 -9.86
C ARG G 320 16.38 30.53 -9.64
N TYR G 321 16.88 30.18 -8.47
CA TYR G 321 16.75 28.85 -7.89
C TYR G 321 15.88 29.00 -6.66
N ILE G 322 15.40 27.87 -6.13
CA ILE G 322 14.28 27.81 -5.18
C ILE G 322 14.56 28.81 -4.06
N HIS G 323 13.70 29.84 -4.00
CA HIS G 323 14.15 31.20 -3.69
C HIS G 323 14.78 31.36 -2.32
N SER G 324 14.74 30.34 -1.49
CA SER G 324 15.34 30.42 -0.16
C SER G 324 16.82 30.73 -0.21
N ASN G 325 17.62 29.87 -0.83
CA ASN G 325 19.01 29.73 -0.45
C ASN G 325 20.00 30.42 -1.36
N THR G 326 20.00 30.12 -2.65
CA THR G 326 20.84 30.82 -3.61
C THR G 326 19.97 31.14 -4.80
N GLU G 327 20.35 32.23 -5.45
CA GLU G 327 19.42 33.01 -6.22
C GLU G 327 20.10 33.52 -7.47
N VAL G 328 20.72 32.62 -8.23
CA VAL G 328 21.56 32.98 -9.37
C VAL G 328 20.86 33.95 -10.32
N VAL G 329 21.64 34.80 -10.97
CA VAL G 329 21.16 35.73 -11.98
C VAL G 329 22.16 35.79 -13.13
N ASP G 330 21.81 36.60 -14.13
CA ASP G 330 22.63 36.82 -15.31
C ASP G 330 22.86 38.31 -15.46
N GLU G 331 24.14 38.70 -15.43
CA GLU G 331 24.53 40.10 -15.58
C GLU G 331 23.96 40.70 -16.85
N ARG G 332 23.80 39.89 -17.90
CA ARG G 332 23.34 40.42 -19.16
C ARG G 332 21.89 40.87 -19.06
N ASP G 333 21.06 40.03 -18.44
CA ASP G 333 19.63 40.28 -18.42
C ASP G 333 19.31 41.54 -17.64
N VAL G 334 19.92 41.70 -16.47
CA VAL G 334 19.56 42.80 -15.59
C VAL G 334 19.87 44.13 -16.26
N ASP G 335 21.02 44.23 -16.93
CA ASP G 335 21.34 45.49 -17.60
C ASP G 335 20.43 45.68 -18.81
N ALA G 336 20.08 44.58 -19.48
CA ALA G 336 19.16 44.68 -20.59
C ALA G 336 17.79 45.12 -20.11
N THR G 337 17.36 44.59 -18.97
CA THR G 337 16.09 44.99 -18.38
C THR G 337 16.04 46.49 -18.15
N VAL G 338 17.14 47.04 -17.62
CA VAL G 338 17.20 48.47 -17.36
C VAL G 338 17.01 49.25 -18.66
N GLU G 339 17.76 48.87 -19.70
CA GLU G 339 17.65 49.55 -20.98
C GLU G 339 16.21 49.54 -21.47
N LEU G 340 15.56 48.39 -21.40
CA LEU G 340 14.20 48.25 -21.90
C LEU G 340 13.25 49.20 -21.19
N MET G 341 13.21 49.14 -19.86
CA MET G 341 12.30 50.01 -19.11
C MET G 341 12.63 51.47 -19.36
N THR G 342 13.92 51.80 -19.42
CA THR G 342 14.34 53.18 -19.60
C THR G 342 13.72 53.75 -20.87
N LYS G 343 13.76 52.98 -21.95
CA LYS G 343 13.22 53.47 -23.20
C LYS G 343 11.71 53.45 -23.18
N ALA G 344 11.12 52.43 -22.55
CA ALA G 344 9.66 52.34 -22.49
C ALA G 344 9.07 53.54 -21.78
N LEU G 345 9.68 53.95 -20.67
CA LEU G 345 9.17 55.09 -19.91
C LEU G 345 9.10 56.33 -20.78
N GLU G 346 10.21 56.65 -21.45
CA GLU G 346 10.23 57.85 -22.27
C GLU G 346 9.26 57.72 -23.44
N ASN G 347 9.18 56.52 -24.04
CA ASN G 347 8.28 56.36 -25.17
C ASN G 347 6.85 56.06 -24.75
N ILE G 348 6.54 56.07 -23.45
CA ILE G 348 5.17 55.79 -23.03
C ILE G 348 4.22 56.86 -23.52
N HIS G 349 4.72 58.06 -23.79
CA HIS G 349 3.83 59.15 -24.18
C HIS G 349 3.12 58.86 -25.50
N GLU G 350 3.74 58.05 -26.35
CA GLU G 350 3.13 57.67 -27.61
C GLU G 350 2.22 56.45 -27.44
N LEU G 351 2.40 55.69 -26.36
CA LEU G 351 1.68 54.44 -26.17
C LEU G 351 0.20 54.67 -25.91
N LYS G 352 -0.16 55.82 -25.31
CA LYS G 352 -1.49 56.11 -24.77
C LYS G 352 -2.68 55.65 -25.64
N ILE G 353 -2.52 55.56 -26.97
CA ILE G 353 -3.59 55.25 -27.93
C ILE G 353 -4.42 56.50 -28.13
N MET H 1 -47.19 -30.98 -12.07
CA MET H 1 -48.56 -30.37 -12.20
C MET H 1 -48.72 -29.44 -13.41
N GLU H 2 -48.73 -30.01 -14.61
CA GLU H 2 -48.67 -29.21 -15.83
C GLU H 2 -50.06 -28.60 -16.01
N VAL H 3 -50.30 -27.48 -15.30
CA VAL H 3 -51.56 -26.76 -15.39
C VAL H 3 -51.76 -26.22 -16.80
N ARG H 4 -50.66 -25.83 -17.46
CA ARG H 4 -50.69 -25.28 -18.82
C ARG H 4 -50.16 -26.24 -19.87
N ASN H 5 -49.31 -27.21 -19.50
CA ASN H 5 -48.62 -28.09 -20.42
C ASN H 5 -47.75 -27.32 -21.40
N MET H 6 -47.22 -26.17 -20.98
CA MET H 6 -46.36 -25.37 -21.85
C MET H 6 -44.95 -25.92 -21.90
N VAL H 7 -44.44 -26.39 -20.76
CA VAL H 7 -43.09 -26.93 -20.64
C VAL H 7 -43.18 -28.26 -19.93
N ASP H 8 -42.79 -29.32 -20.62
CA ASP H 8 -42.93 -30.67 -20.08
C ASP H 8 -41.89 -30.94 -19.02
N TYR H 9 -42.35 -31.07 -17.78
CA TYR H 9 -41.44 -31.27 -16.65
C TYR H 9 -40.68 -32.58 -16.75
N GLU H 10 -41.30 -33.60 -17.36
CA GLU H 10 -40.62 -34.88 -17.53
C GLU H 10 -39.46 -34.76 -18.51
N LEU H 11 -39.69 -34.11 -19.64
CA LEU H 11 -38.71 -34.08 -20.72
C LEU H 11 -37.43 -33.38 -20.28
N LEU H 12 -37.57 -32.26 -19.57
CA LEU H 12 -36.40 -31.50 -19.15
C LEU H 12 -35.53 -32.32 -18.21
N LYS H 13 -36.14 -33.22 -17.44
CA LYS H 13 -35.38 -34.05 -16.52
C LYS H 13 -34.36 -34.90 -17.28
N LYS H 14 -34.81 -35.54 -18.37
CA LYS H 14 -33.96 -36.46 -19.10
C LYS H 14 -32.69 -35.78 -19.61
N VAL H 15 -32.82 -34.57 -20.14
CA VAL H 15 -31.69 -33.95 -20.80
C VAL H 15 -30.71 -33.39 -19.80
N VAL H 16 -31.21 -32.79 -18.72
CA VAL H 16 -30.34 -31.93 -17.94
C VAL H 16 -29.57 -32.73 -16.90
N GLU H 17 -30.16 -33.81 -16.38
CA GLU H 17 -29.42 -34.68 -15.47
C GLU H 17 -28.26 -35.36 -16.18
N ALA H 18 -28.36 -35.53 -17.49
CA ALA H 18 -27.33 -36.24 -18.22
C ALA H 18 -26.03 -35.44 -18.19
N PRO H 19 -24.89 -36.09 -18.45
CA PRO H 19 -23.61 -35.40 -18.27
C PRO H 19 -23.21 -34.60 -19.50
N GLY H 20 -22.57 -33.47 -19.24
CA GLY H 20 -22.49 -32.39 -20.20
C GLY H 20 -21.16 -32.18 -20.90
N VAL H 21 -20.50 -33.29 -21.24
CA VAL H 21 -19.48 -33.24 -22.28
C VAL H 21 -19.51 -34.58 -23.00
N SER H 22 -19.78 -34.55 -24.29
CA SER H 22 -20.12 -35.76 -25.02
C SER H 22 -18.88 -36.36 -25.69
N GLY H 23 -19.05 -37.57 -26.22
CA GLY H 23 -17.97 -38.29 -26.84
C GLY H 23 -17.10 -39.06 -25.87
N TYR H 24 -16.92 -38.53 -24.66
CA TYR H 24 -16.25 -39.21 -23.57
C TYR H 24 -17.04 -40.46 -23.19
N GLU H 25 -16.53 -41.15 -22.18
CA GLU H 25 -17.28 -42.23 -21.58
C GLU H 25 -18.65 -41.80 -21.04
N PHE H 26 -18.94 -40.49 -20.91
CA PHE H 26 -20.24 -40.04 -20.43
C PHE H 26 -21.27 -39.88 -21.53
N LEU H 27 -21.01 -40.30 -22.76
CA LEU H 27 -21.66 -39.71 -23.94
C LEU H 27 -23.18 -39.91 -24.02
N GLY H 28 -23.85 -40.39 -22.96
CA GLY H 28 -25.25 -40.75 -23.03
C GLY H 28 -26.20 -39.68 -23.56
N ILE H 29 -25.83 -38.40 -23.41
CA ILE H 29 -26.71 -37.33 -23.88
C ILE H 29 -26.96 -37.45 -25.37
N ARG H 30 -25.94 -37.88 -26.11
CA ARG H 30 -26.08 -38.07 -27.55
C ARG H 30 -27.26 -38.99 -27.84
N ASP H 31 -27.28 -40.15 -27.20
CA ASP H 31 -28.38 -41.09 -27.37
C ASP H 31 -29.70 -40.42 -27.01
N VAL H 32 -29.71 -39.62 -25.94
CA VAL H 32 -30.96 -39.03 -25.47
C VAL H 32 -31.55 -38.10 -26.52
N VAL H 33 -30.74 -37.20 -27.07
CA VAL H 33 -31.27 -36.23 -28.01
C VAL H 33 -31.78 -36.93 -29.26
N ILE H 34 -31.06 -37.95 -29.72
CA ILE H 34 -31.52 -38.66 -30.91
C ILE H 34 -32.70 -39.57 -30.58
N GLU H 35 -32.76 -40.09 -29.35
CA GLU H 35 -33.86 -40.97 -28.97
C GLU H 35 -35.19 -40.23 -29.03
N GLU H 36 -35.17 -38.93 -28.78
CA GLU H 36 -36.38 -38.11 -28.86
C GLU H 36 -36.62 -37.59 -30.26
N ILE H 37 -35.64 -36.88 -30.82
CA ILE H 37 -35.86 -36.07 -32.00
C ILE H 37 -36.24 -36.92 -33.20
N LYS H 38 -35.78 -38.17 -33.25
CA LYS H 38 -35.79 -38.90 -34.51
C LYS H 38 -37.19 -39.26 -34.96
N ASP H 39 -38.14 -39.40 -34.03
CA ASP H 39 -39.48 -39.81 -34.43
C ASP H 39 -40.19 -38.70 -35.20
N TYR H 40 -39.79 -37.44 -35.01
CA TYR H 40 -40.43 -36.30 -35.64
C TYR H 40 -39.69 -35.76 -36.84
N VAL H 41 -38.49 -36.25 -37.12
CA VAL H 41 -37.66 -35.73 -38.20
C VAL H 41 -37.40 -36.87 -39.19
N ASP H 42 -37.18 -36.48 -40.44
CA ASP H 42 -37.02 -37.46 -41.51
C ASP H 42 -35.76 -38.29 -41.32
N GLU H 43 -34.66 -37.65 -40.95
CA GLU H 43 -33.38 -38.33 -40.87
C GLU H 43 -32.47 -37.58 -39.93
N VAL H 44 -31.47 -38.27 -39.41
CA VAL H 44 -30.57 -37.74 -38.39
C VAL H 44 -29.21 -38.40 -38.56
N LYS H 45 -28.15 -37.66 -38.26
CA LYS H 45 -26.80 -38.16 -38.41
C LYS H 45 -25.88 -37.56 -37.36
N VAL H 46 -24.77 -38.24 -37.13
CA VAL H 46 -23.76 -37.84 -36.18
C VAL H 46 -22.48 -37.57 -36.95
N ASP H 47 -21.88 -36.41 -36.72
CA ASP H 47 -20.63 -36.09 -37.38
C ASP H 47 -19.49 -36.75 -36.61
N LYS H 48 -18.27 -36.48 -37.04
CA LYS H 48 -17.12 -37.13 -36.42
C LYS H 48 -16.83 -36.54 -35.05
N LEU H 49 -17.06 -35.24 -34.90
CA LEU H 49 -16.67 -34.48 -33.73
C LEU H 49 -17.68 -34.55 -32.58
N GLY H 50 -18.65 -35.45 -32.65
CA GLY H 50 -19.68 -35.53 -31.64
C GLY H 50 -20.88 -34.63 -31.89
N ASN H 51 -20.83 -33.78 -32.91
CA ASN H 51 -21.99 -33.00 -33.28
C ASN H 51 -23.13 -33.92 -33.71
N VAL H 52 -24.35 -33.45 -33.51
CA VAL H 52 -25.55 -34.16 -33.93
C VAL H 52 -26.19 -33.34 -35.04
N ILE H 53 -26.71 -34.01 -36.05
CA ILE H 53 -27.25 -33.40 -37.25
C ILE H 53 -28.62 -34.00 -37.48
N ALA H 54 -29.66 -33.17 -37.39
CA ALA H 54 -31.01 -33.57 -37.71
C ALA H 54 -31.52 -32.77 -38.89
N HIS H 55 -31.86 -33.48 -39.97
CA HIS H 55 -32.24 -32.88 -41.23
C HIS H 55 -33.70 -33.18 -41.49
N LYS H 56 -34.56 -32.21 -41.23
CA LYS H 56 -35.91 -32.22 -41.75
C LYS H 56 -35.83 -31.71 -43.18
N LYS H 57 -36.68 -32.25 -44.04
CA LYS H 57 -36.64 -31.93 -45.46
C LYS H 57 -37.80 -31.01 -45.81
N GLY H 58 -37.62 -30.23 -46.87
CA GLY H 58 -38.66 -29.32 -47.31
C GLY H 58 -38.29 -28.64 -48.60
N GLU H 59 -38.98 -27.53 -48.86
CA GLU H 59 -38.77 -26.71 -50.04
C GLU H 59 -38.41 -25.30 -49.61
N GLY H 60 -37.14 -24.92 -49.74
CA GLY H 60 -36.71 -23.60 -49.35
C GLY H 60 -35.23 -23.51 -49.02
N PRO H 61 -34.83 -22.38 -48.42
CA PRO H 61 -33.43 -22.22 -48.05
C PRO H 61 -33.04 -23.09 -46.88
N LYS H 62 -31.74 -23.22 -46.68
CA LYS H 62 -31.19 -24.08 -45.64
C LYS H 62 -30.98 -23.27 -44.37
N VAL H 63 -31.79 -23.57 -43.35
CA VAL H 63 -31.73 -22.88 -42.06
C VAL H 63 -31.03 -23.78 -41.06
N MET H 64 -30.17 -23.18 -40.26
CA MET H 64 -29.34 -23.88 -39.29
C MET H 64 -29.68 -23.38 -37.90
N ILE H 65 -30.05 -24.30 -37.01
CA ILE H 65 -30.49 -24.00 -35.66
C ILE H 65 -29.49 -24.61 -34.69
N ALA H 66 -28.79 -23.75 -33.95
CA ALA H 66 -27.63 -24.17 -33.17
C ALA H 66 -27.88 -23.98 -31.69
N ALA H 67 -27.71 -25.07 -30.96
CA ALA H 67 -27.65 -25.06 -29.50
C ALA H 67 -26.40 -25.80 -29.06
N HIS H 68 -25.92 -25.46 -27.87
CA HIS H 68 -24.77 -26.13 -27.30
C HIS H 68 -25.20 -27.07 -26.18
N MET H 69 -24.47 -28.17 -26.06
CA MET H 69 -24.75 -29.21 -25.07
C MET H 69 -23.48 -29.53 -24.29
N ASP H 70 -22.52 -28.60 -24.29
CA ASP H 70 -21.29 -28.78 -23.54
C ASP H 70 -21.32 -28.09 -22.19
N GLN H 71 -22.15 -28.59 -21.28
CA GLN H 71 -22.25 -28.04 -19.93
C GLN H 71 -20.87 -28.06 -19.29
N ILE H 72 -20.59 -27.03 -18.48
CA ILE H 72 -19.31 -26.86 -17.81
C ILE H 72 -19.03 -28.08 -16.94
N GLY H 73 -17.76 -28.39 -16.80
CA GLY H 73 -17.34 -29.43 -15.88
C GLY H 73 -15.91 -29.22 -15.46
N LEU H 74 -15.40 -30.17 -14.69
CA LEU H 74 -14.03 -30.14 -14.21
C LEU H 74 -13.32 -31.42 -14.59
N MET H 75 -11.99 -31.36 -14.57
CA MET H 75 -11.11 -32.43 -15.00
C MET H 75 -10.10 -32.75 -13.92
N VAL H 76 -9.96 -34.02 -13.61
CA VAL H 76 -8.85 -34.47 -12.77
C VAL H 76 -7.57 -34.44 -13.59
N THR H 77 -6.49 -33.96 -12.97
CA THR H 77 -5.19 -33.91 -13.61
C THR H 77 -4.17 -34.81 -12.97
N HIS H 78 -4.29 -35.07 -11.67
CA HIS H 78 -3.36 -35.96 -10.98
C HIS H 78 -4.01 -36.41 -9.68
N ILE H 79 -3.34 -37.31 -8.99
CA ILE H 79 -3.83 -37.93 -7.77
C ILE H 79 -2.78 -37.77 -6.69
N GLU H 80 -3.06 -36.91 -5.71
CA GLU H 80 -2.19 -36.80 -4.56
C GLU H 80 -2.15 -38.12 -3.81
N LYS H 81 -1.17 -38.23 -2.90
CA LYS H 81 -0.90 -39.53 -2.30
C LYS H 81 -1.94 -39.91 -1.27
N ASN H 82 -2.60 -38.95 -0.63
CA ASN H 82 -3.58 -39.26 0.40
C ASN H 82 -4.92 -39.71 -0.16
N GLY H 83 -5.03 -39.96 -1.46
CA GLY H 83 -6.28 -40.35 -2.05
C GLY H 83 -7.23 -39.21 -2.36
N PHE H 84 -6.76 -37.97 -2.32
CA PHE H 84 -7.56 -36.80 -2.61
C PHE H 84 -7.15 -36.21 -3.96
N LEU H 85 -8.14 -35.68 -4.68
CA LEU H 85 -7.96 -35.22 -6.05
C LEU H 85 -7.71 -33.72 -6.13
N ARG H 86 -6.84 -33.34 -7.06
CA ARG H 86 -6.80 -32.00 -7.60
C ARG H 86 -7.57 -31.99 -8.90
N VAL H 87 -7.72 -30.81 -9.48
CA VAL H 87 -8.60 -30.63 -10.62
C VAL H 87 -8.09 -29.50 -11.49
N ALA H 88 -8.59 -29.45 -12.72
CA ALA H 88 -8.37 -28.36 -13.64
C ALA H 88 -9.67 -28.01 -14.36
N PRO H 89 -10.08 -26.75 -14.38
CA PRO H 89 -11.40 -26.45 -14.91
C PRO H 89 -11.44 -26.43 -16.41
N ILE H 90 -12.66 -26.58 -16.91
CA ILE H 90 -13.00 -26.29 -18.29
C ILE H 90 -13.39 -24.82 -18.36
N GLY H 91 -13.15 -24.22 -19.52
CA GLY H 91 -13.22 -22.79 -19.70
C GLY H 91 -14.61 -22.24 -19.38
N GLY H 92 -14.61 -21.08 -18.74
CA GLY H 92 -15.82 -20.37 -18.42
C GLY H 92 -16.19 -20.35 -16.95
N VAL H 93 -15.71 -21.31 -16.17
CA VAL H 93 -16.17 -21.50 -14.80
C VAL H 93 -15.49 -20.48 -13.90
N ASP H 94 -16.18 -20.14 -12.81
CA ASP H 94 -15.65 -19.28 -11.77
C ASP H 94 -15.41 -20.13 -10.53
N PRO H 95 -14.25 -20.06 -9.87
CA PRO H 95 -13.95 -21.04 -8.82
C PRO H 95 -14.58 -20.71 -7.47
N LYS H 96 -15.18 -19.53 -7.30
CA LYS H 96 -15.89 -19.24 -6.05
C LYS H 96 -17.08 -20.15 -5.85
N THR H 97 -17.51 -20.85 -6.91
CA THR H 97 -18.62 -21.78 -6.85
C THR H 97 -18.17 -23.18 -6.51
N LEU H 98 -17.16 -23.31 -5.64
CA LEU H 98 -16.50 -24.56 -5.30
C LEU H 98 -17.47 -25.71 -5.09
N ILE H 99 -18.29 -25.64 -4.04
CA ILE H 99 -19.34 -26.62 -3.81
C ILE H 99 -20.19 -26.15 -2.63
N ALA H 100 -21.42 -26.64 -2.61
CA ALA H 100 -22.25 -26.72 -1.42
C ALA H 100 -22.73 -28.15 -1.19
N GLN H 101 -22.67 -28.99 -2.22
CA GLN H 101 -23.03 -30.40 -2.11
C GLN H 101 -22.60 -31.10 -3.39
N ARG H 102 -22.10 -32.33 -3.22
CA ARG H 102 -22.21 -33.38 -4.21
C ARG H 102 -21.66 -33.03 -5.59
N PHE H 103 -20.34 -33.00 -5.77
CA PHE H 103 -19.77 -33.10 -7.11
C PHE H 103 -19.76 -34.56 -7.55
N LYS H 104 -20.19 -34.78 -8.78
CA LYS H 104 -20.38 -36.13 -9.33
C LYS H 104 -19.22 -36.46 -10.25
N VAL H 105 -18.76 -37.71 -10.18
CA VAL H 105 -17.64 -38.21 -10.98
C VAL H 105 -18.14 -39.32 -11.88
N TRP H 106 -18.20 -39.06 -13.18
CA TRP H 106 -18.66 -40.04 -14.15
C TRP H 106 -17.48 -40.88 -14.64
N ILE H 107 -17.13 -41.91 -13.87
CA ILE H 107 -16.16 -42.90 -14.35
C ILE H 107 -16.57 -43.42 -15.72
N ASP H 108 -17.79 -43.92 -15.83
CA ASP H 108 -18.29 -44.41 -17.09
C ASP H 108 -19.80 -44.27 -17.10
N LYS H 109 -20.40 -44.64 -18.23
CA LYS H 109 -21.83 -44.52 -18.42
C LYS H 109 -22.58 -45.32 -17.36
N GLY H 110 -23.49 -44.67 -16.66
CA GLY H 110 -24.27 -45.32 -15.62
C GLY H 110 -23.52 -45.64 -14.36
N LYS H 111 -22.30 -45.12 -14.19
CA LYS H 111 -21.51 -45.33 -12.99
C LYS H 111 -21.02 -43.97 -12.49
N PHE H 112 -21.51 -43.58 -11.32
CA PHE H 112 -21.19 -42.29 -10.73
C PHE H 112 -20.97 -42.46 -9.24
N ILE H 113 -19.99 -41.74 -8.72
CA ILE H 113 -19.75 -41.65 -7.29
C ILE H 113 -19.64 -40.20 -6.90
N TYR H 114 -20.17 -39.88 -5.74
CA TYR H 114 -20.30 -38.52 -5.30
C TYR H 114 -18.97 -38.02 -4.75
N GLY H 115 -18.74 -36.73 -4.91
CA GLY H 115 -17.49 -36.12 -4.50
C GLY H 115 -17.72 -34.71 -4.04
N VAL H 116 -16.78 -34.21 -3.24
CA VAL H 116 -16.86 -32.88 -2.66
C VAL H 116 -15.55 -32.17 -2.94
N GLY H 117 -15.61 -30.85 -2.97
CA GLY H 117 -14.52 -30.03 -3.46
C GLY H 117 -14.33 -28.74 -2.71
N ALA H 118 -14.57 -28.73 -1.41
CA ALA H 118 -14.89 -27.47 -0.75
C ALA H 118 -13.74 -26.49 -0.70
N SER H 119 -12.53 -26.90 -0.30
CA SER H 119 -11.57 -25.96 0.26
C SER H 119 -10.15 -26.27 -0.14
N VAL H 120 -9.51 -25.31 -0.79
CA VAL H 120 -8.05 -25.26 -0.85
C VAL H 120 -7.68 -24.50 0.42
N PRO H 121 -6.68 -24.92 1.20
CA PRO H 121 -6.39 -24.20 2.42
C PRO H 121 -5.84 -22.80 2.11
N PRO H 122 -6.44 -21.73 2.62
CA PRO H 122 -5.89 -20.41 2.36
C PRO H 122 -4.51 -20.27 2.97
N HIS H 123 -3.67 -19.46 2.34
CA HIS H 123 -2.31 -19.26 2.81
C HIS H 123 -2.32 -18.63 4.19
N ILE H 124 -1.18 -18.68 4.85
CA ILE H 124 -1.04 -18.21 6.23
C ILE H 124 -0.68 -16.74 6.19
N GLN H 125 -1.70 -15.87 6.24
CA GLN H 125 -1.45 -14.44 6.43
C GLN H 125 -2.75 -13.73 6.81
N LYS H 126 -2.60 -12.54 7.39
CA LYS H 126 -3.69 -11.80 8.02
C LYS H 126 -4.56 -11.06 7.01
N PRO H 127 -4.01 -10.36 5.99
CA PRO H 127 -4.89 -9.84 4.93
C PRO H 127 -5.56 -10.97 4.14
N GLU H 128 -4.93 -12.15 4.12
CA GLU H 128 -5.45 -13.28 3.36
C GLU H 128 -6.51 -14.04 4.14
N ASP H 129 -6.46 -13.99 5.47
CA ASP H 129 -7.57 -14.50 6.26
C ASP H 129 -8.85 -13.74 5.90
N ARG H 130 -8.71 -12.46 5.55
CA ARG H 130 -9.82 -11.69 5.03
C ARG H 130 -10.16 -12.07 3.59
N LYS H 131 -9.14 -12.38 2.77
CA LYS H 131 -9.41 -12.87 1.41
C LYS H 131 -9.79 -14.33 1.48
N LYS H 132 -11.07 -14.61 1.60
CA LYS H 132 -11.55 -15.98 1.58
C LYS H 132 -11.82 -16.46 0.16
N ALA H 133 -11.34 -15.73 -0.85
CA ALA H 133 -11.41 -16.22 -2.22
C ALA H 133 -10.45 -17.38 -2.38
N PRO H 134 -10.78 -18.41 -3.13
CA PRO H 134 -9.81 -19.49 -3.32
C PRO H 134 -8.61 -19.06 -4.13
N ASP H 135 -7.51 -19.76 -3.89
CA ASP H 135 -6.29 -19.50 -4.61
C ASP H 135 -6.52 -19.92 -6.07
N TRP H 136 -5.78 -19.29 -6.98
CA TRP H 136 -5.97 -19.52 -8.41
C TRP H 136 -5.37 -20.84 -8.88
N ASP H 137 -4.53 -21.48 -8.04
CA ASP H 137 -3.84 -22.71 -8.47
C ASP H 137 -4.82 -23.76 -8.97
N GLN H 138 -5.67 -24.29 -8.08
CA GLN H 138 -7.10 -24.49 -8.27
C GLN H 138 -7.51 -25.25 -7.01
N ILE H 139 -8.80 -25.48 -6.82
CA ILE H 139 -9.34 -26.18 -5.68
C ILE H 139 -9.05 -27.67 -5.82
N PHE H 140 -9.28 -28.41 -4.73
CA PHE H 140 -9.12 -29.85 -4.68
C PHE H 140 -10.46 -30.53 -4.44
N ILE H 141 -10.52 -31.82 -4.75
CA ILE H 141 -11.72 -32.63 -4.65
C ILE H 141 -11.42 -33.84 -3.78
N ASP H 142 -12.43 -34.29 -3.03
CA ASP H 142 -12.36 -35.49 -2.23
C ASP H 142 -13.39 -36.49 -2.70
N ILE H 143 -12.97 -37.75 -2.82
CA ILE H 143 -13.88 -38.88 -2.99
C ILE H 143 -13.75 -39.88 -1.86
N GLY H 144 -12.99 -39.56 -0.82
CA GLY H 144 -12.93 -40.37 0.37
C GLY H 144 -11.93 -41.49 0.35
N ALA H 145 -11.28 -41.73 -0.78
CA ALA H 145 -10.25 -42.76 -0.82
C ALA H 145 -9.04 -42.32 -0.03
N GLU H 146 -8.41 -43.29 0.63
CA GLU H 146 -7.23 -43.01 1.43
C GLU H 146 -5.94 -42.95 0.64
N SER H 147 -5.90 -43.55 -0.55
CA SER H 147 -4.66 -43.64 -1.30
C SER H 147 -4.93 -43.66 -2.80
N LYS H 148 -3.86 -43.38 -3.53
CA LYS H 148 -3.88 -43.40 -4.98
C LYS H 148 -4.31 -44.77 -5.50
N GLU H 149 -3.82 -45.84 -4.87
CA GLU H 149 -4.16 -47.18 -5.31
C GLU H 149 -5.66 -47.42 -5.21
N GLU H 150 -6.25 -47.05 -4.08
CA GLU H 150 -7.69 -47.24 -3.90
C GLU H 150 -8.47 -46.46 -4.93
N ALA H 151 -7.98 -45.28 -5.30
CA ALA H 151 -8.72 -44.43 -6.22
C ALA H 151 -8.79 -45.05 -7.61
N GLU H 152 -7.69 -45.65 -8.06
CA GLU H 152 -7.69 -46.22 -9.40
C GLU H 152 -8.48 -47.53 -9.43
N ASP H 153 -8.61 -48.18 -8.28
CA ASP H 153 -9.41 -49.41 -8.24
C ASP H 153 -10.88 -49.10 -8.39
N MET H 154 -11.31 -47.92 -7.94
CA MET H 154 -12.66 -47.46 -8.22
C MET H 154 -12.91 -47.33 -9.71
N GLY H 155 -11.93 -46.82 -10.44
CA GLY H 155 -12.07 -46.49 -11.84
C GLY H 155 -11.64 -45.09 -12.20
N VAL H 156 -11.35 -44.24 -11.22
CA VAL H 156 -10.90 -42.88 -11.49
C VAL H 156 -9.56 -42.97 -12.22
N LYS H 157 -9.43 -42.19 -13.28
CA LYS H 157 -8.20 -42.05 -14.02
C LYS H 157 -8.08 -40.60 -14.44
N ILE H 158 -6.95 -40.27 -15.06
CA ILE H 158 -6.81 -38.95 -15.60
C ILE H 158 -7.72 -38.83 -16.81
N GLY H 159 -8.24 -37.64 -17.01
CA GLY H 159 -9.19 -37.40 -18.08
C GLY H 159 -10.14 -36.29 -17.64
N THR H 160 -10.92 -35.81 -18.58
CA THR H 160 -12.07 -34.98 -18.26
C THR H 160 -13.19 -35.91 -17.82
N VAL H 161 -13.59 -35.83 -16.54
CA VAL H 161 -14.45 -36.86 -15.97
C VAL H 161 -15.64 -36.32 -15.19
N ILE H 162 -15.60 -35.05 -14.75
CA ILE H 162 -16.45 -34.57 -13.65
C ILE H 162 -17.51 -33.58 -14.13
N THR H 163 -18.60 -33.47 -13.38
CA THR H 163 -19.63 -32.47 -13.58
C THR H 163 -20.23 -32.04 -12.23
N TRP H 164 -21.37 -31.34 -12.29
CA TRP H 164 -21.79 -30.51 -11.15
C TRP H 164 -22.86 -31.18 -10.29
N ASP H 165 -23.53 -32.20 -10.82
CA ASP H 165 -24.61 -32.86 -10.08
C ASP H 165 -25.78 -31.93 -9.81
N GLY H 166 -26.41 -31.43 -10.86
CA GLY H 166 -27.63 -30.68 -10.70
C GLY H 166 -28.82 -31.61 -10.70
N ARG H 167 -29.90 -31.11 -10.14
CA ARG H 167 -31.20 -31.74 -10.22
C ARG H 167 -32.24 -30.67 -10.35
N LEU H 168 -33.31 -31.00 -11.05
CA LEU H 168 -34.26 -30.01 -11.50
C LEU H 168 -35.41 -29.92 -10.51
N GLU H 169 -35.57 -28.75 -9.90
CA GLU H 169 -36.66 -28.49 -8.97
C GLU H 169 -37.38 -27.20 -9.35
N ARG H 170 -38.59 -27.09 -8.85
CA ARG H 170 -39.51 -26.02 -9.20
C ARG H 170 -39.54 -25.00 -8.08
N LEU H 171 -39.13 -23.77 -8.38
CA LEU H 171 -39.33 -22.64 -7.47
C LEU H 171 -40.32 -21.68 -8.09
N GLY H 172 -41.03 -20.96 -7.22
CA GLY H 172 -42.14 -20.15 -7.66
C GLY H 172 -43.14 -21.01 -8.39
N LYS H 173 -43.81 -21.91 -7.66
CA LYS H 173 -44.72 -22.89 -8.26
C LYS H 173 -45.76 -22.26 -9.17
N HIS H 174 -46.04 -20.97 -9.00
CA HIS H 174 -46.62 -20.21 -10.10
C HIS H 174 -45.78 -20.34 -11.36
N ARG H 175 -44.52 -19.87 -11.35
CA ARG H 175 -43.63 -20.11 -12.47
C ARG H 175 -42.19 -19.72 -12.17
N PHE H 176 -41.28 -20.70 -12.29
CA PHE H 176 -39.84 -20.55 -12.52
C PHE H 176 -39.26 -21.97 -12.46
N VAL H 177 -38.00 -22.15 -12.86
CA VAL H 177 -37.35 -23.46 -12.79
C VAL H 177 -35.87 -23.24 -12.43
N SER H 178 -35.31 -24.19 -11.67
CA SER H 178 -34.02 -23.98 -11.01
C SER H 178 -32.77 -24.12 -11.88
N ILE H 179 -32.49 -25.31 -12.42
CA ILE H 179 -31.23 -25.58 -13.10
C ILE H 179 -31.43 -25.90 -14.58
N ALA H 180 -32.55 -25.48 -15.16
CA ALA H 180 -32.92 -25.93 -16.49
C ALA H 180 -32.21 -25.20 -17.62
N PHE H 181 -31.35 -24.24 -17.31
CA PHE H 181 -30.91 -23.27 -18.31
C PHE H 181 -29.76 -23.80 -19.16
N ASP H 182 -28.60 -23.98 -18.55
CA ASP H 182 -27.37 -23.90 -19.30
C ASP H 182 -27.11 -25.19 -20.05
N ASP H 183 -26.88 -25.02 -21.35
CA ASP H 183 -26.50 -26.08 -22.28
C ASP H 183 -27.63 -27.07 -22.55
N ARG H 184 -28.75 -26.96 -21.86
CA ARG H 184 -30.01 -27.49 -22.35
C ARG H 184 -31.18 -26.74 -21.76
N ILE H 185 -31.48 -25.63 -22.40
CA ILE H 185 -32.83 -25.09 -22.46
C ILE H 185 -33.09 -24.90 -23.94
N ALA H 186 -32.07 -24.41 -24.65
CA ALA H 186 -32.10 -24.31 -26.10
C ALA H 186 -32.52 -25.62 -26.75
N VAL H 187 -32.01 -26.75 -26.26
CA VAL H 187 -32.37 -28.02 -26.89
C VAL H 187 -33.85 -28.31 -26.67
N TYR H 188 -34.39 -27.93 -25.51
CA TYR H 188 -35.81 -28.14 -25.28
C TYR H 188 -36.62 -27.32 -26.25
N THR H 189 -36.18 -26.09 -26.54
CA THR H 189 -36.84 -25.33 -27.59
C THR H 189 -36.77 -26.07 -28.92
N ILE H 190 -35.58 -26.54 -29.27
CA ILE H 190 -35.38 -27.29 -30.50
C ILE H 190 -36.32 -28.49 -30.54
N LEU H 191 -36.34 -29.28 -29.46
CA LEU H 191 -37.20 -30.45 -29.45
C LEU H 191 -38.67 -30.05 -29.51
N GLU H 192 -39.05 -29.03 -28.75
CA GLU H 192 -40.42 -28.55 -28.81
C GLU H 192 -40.73 -28.01 -30.20
N VAL H 193 -39.75 -27.36 -30.82
CA VAL H 193 -39.93 -26.84 -32.17
C VAL H 193 -40.24 -27.98 -33.12
N ALA H 194 -39.50 -29.07 -33.02
CA ALA H 194 -39.67 -30.18 -33.95
C ALA H 194 -41.05 -30.80 -33.81
N LYS H 195 -41.60 -30.81 -32.59
CA LYS H 195 -42.95 -31.30 -32.41
C LYS H 195 -43.96 -30.32 -32.98
N GLN H 196 -43.71 -29.03 -32.83
CA GLN H 196 -44.66 -28.01 -33.24
C GLN H 196 -44.60 -27.74 -34.74
N LEU H 197 -43.45 -27.99 -35.37
CA LEU H 197 -43.31 -27.77 -36.80
C LEU H 197 -43.91 -28.94 -37.55
N LYS H 198 -44.88 -28.65 -38.44
CA LYS H 198 -45.50 -29.66 -39.28
C LYS H 198 -45.13 -29.42 -40.73
N ASP H 199 -45.44 -28.23 -41.24
CA ASP H 199 -45.29 -27.92 -42.65
C ASP H 199 -43.99 -27.18 -42.89
N ALA H 200 -43.01 -27.89 -43.45
CA ALA H 200 -41.66 -27.38 -43.63
C ALA H 200 -41.64 -26.44 -44.82
N LYS H 201 -41.85 -25.14 -44.57
CA LYS H 201 -41.76 -24.16 -45.64
C LYS H 201 -40.32 -23.86 -45.99
N ALA H 202 -39.37 -24.25 -45.14
CA ALA H 202 -37.96 -24.15 -45.44
C ALA H 202 -37.24 -25.35 -44.84
N ASP H 203 -36.27 -25.87 -45.57
CA ASP H 203 -35.60 -27.09 -45.15
C ASP H 203 -34.60 -26.74 -44.06
N VAL H 204 -34.87 -27.22 -42.85
CA VAL H 204 -34.15 -26.83 -41.66
C VAL H 204 -33.19 -27.93 -41.30
N TYR H 205 -32.09 -27.56 -40.66
CA TYR H 205 -31.13 -28.51 -40.11
C TYR H 205 -30.86 -28.16 -38.66
N PHE H 206 -31.39 -28.95 -37.74
CA PHE H 206 -31.16 -28.77 -36.32
C PHE H 206 -29.84 -29.42 -35.95
N VAL H 207 -28.95 -28.63 -35.34
CA VAL H 207 -27.69 -29.13 -34.83
C VAL H 207 -27.64 -28.89 -33.33
N ALA H 208 -26.93 -29.76 -32.63
CA ALA H 208 -26.61 -29.60 -31.22
C ALA H 208 -25.11 -29.77 -31.07
N THR H 209 -24.40 -28.65 -30.99
CA THR H 209 -22.96 -28.66 -31.13
C THR H 209 -22.28 -28.95 -29.82
N VAL H 210 -21.02 -29.36 -29.93
CA VAL H 210 -20.18 -29.68 -28.79
C VAL H 210 -18.98 -28.76 -28.81
N GLN H 211 -18.27 -28.73 -27.69
CA GLN H 211 -17.10 -27.89 -27.52
C GLN H 211 -17.42 -26.43 -27.77
N GLU H 212 -18.58 -25.98 -27.29
CA GLU H 212 -18.93 -24.56 -27.41
C GLU H 212 -18.21 -23.75 -26.37
N GLU H 213 -18.28 -24.17 -25.11
CA GLU H 213 -17.73 -23.36 -24.03
C GLU H 213 -16.21 -23.29 -24.11
N VAL H 214 -15.58 -24.23 -24.81
CA VAL H 214 -14.15 -24.20 -25.07
C VAL H 214 -13.93 -24.44 -26.55
N GLY H 215 -13.29 -23.50 -27.23
CA GLY H 215 -13.15 -23.60 -28.65
C GLY H 215 -14.49 -23.55 -29.35
N LEU H 216 -15.20 -22.43 -29.19
CA LEU H 216 -16.53 -22.22 -29.79
C LEU H 216 -16.60 -22.59 -31.26
N ARG H 217 -15.46 -22.56 -31.96
CA ARG H 217 -15.41 -23.05 -33.34
C ARG H 217 -15.71 -24.55 -33.43
N GLY H 218 -15.88 -25.24 -32.30
CA GLY H 218 -16.40 -26.59 -32.35
C GLY H 218 -17.68 -26.67 -33.18
N ALA H 219 -18.55 -25.68 -33.02
CA ALA H 219 -19.79 -25.63 -33.78
C ALA H 219 -19.54 -25.47 -35.27
N ARG H 220 -18.52 -24.68 -35.62
CA ARG H 220 -18.24 -24.36 -37.01
C ARG H 220 -18.13 -25.60 -37.87
N THR H 221 -17.55 -26.67 -37.34
CA THR H 221 -17.29 -27.84 -38.17
C THR H 221 -18.58 -28.37 -38.78
N SER H 222 -19.62 -28.48 -37.97
CA SER H 222 -20.92 -28.88 -38.48
C SER H 222 -21.40 -27.93 -39.57
N ALA H 223 -21.10 -26.63 -39.42
CA ALA H 223 -21.70 -25.61 -40.28
C ALA H 223 -21.51 -25.90 -41.75
N PHE H 224 -20.28 -26.19 -42.18
CA PHE H 224 -19.98 -26.16 -43.60
C PHE H 224 -20.76 -27.23 -44.36
N GLY H 225 -21.01 -28.37 -43.74
CA GLY H 225 -21.75 -29.40 -44.42
C GLY H 225 -23.20 -29.03 -44.60
N ILE H 226 -23.66 -28.05 -43.82
CA ILE H 226 -25.08 -27.90 -43.56
C ILE H 226 -25.59 -26.51 -43.88
N GLU H 227 -24.86 -25.48 -43.47
CA GLU H 227 -25.37 -24.12 -43.29
C GLU H 227 -26.05 -23.44 -44.47
N PRO H 228 -25.45 -23.47 -45.68
CA PRO H 228 -25.37 -22.26 -46.50
C PRO H 228 -26.64 -21.41 -46.58
N ASP H 229 -26.40 -20.09 -46.62
CA ASP H 229 -27.38 -19.08 -47.05
C ASP H 229 -28.31 -18.62 -45.92
N TYR H 230 -28.20 -19.23 -44.74
CA TYR H 230 -28.85 -18.65 -43.56
C TYR H 230 -28.35 -19.30 -42.27
N GLY H 231 -28.73 -18.74 -41.13
CA GLY H 231 -28.22 -19.23 -39.86
C GLY H 231 -28.94 -18.63 -38.67
N PHE H 232 -28.99 -19.40 -37.60
CA PHE H 232 -29.60 -18.99 -36.34
C PHE H 232 -28.79 -19.59 -35.19
N ALA H 233 -29.11 -19.15 -33.98
CA ALA H 233 -28.45 -19.68 -32.79
C ALA H 233 -29.31 -19.49 -31.57
N ILE H 234 -29.19 -20.41 -30.62
CA ILE H 234 -29.81 -20.30 -29.32
C ILE H 234 -28.76 -20.64 -28.28
N ASP H 235 -28.05 -19.62 -27.82
CA ASP H 235 -27.10 -19.72 -26.72
C ASP H 235 -27.35 -18.53 -25.82
N VAL H 236 -26.67 -18.52 -24.68
CA VAL H 236 -26.93 -17.51 -23.67
C VAL H 236 -25.68 -17.20 -22.86
N THR H 237 -25.60 -15.94 -22.39
CA THR H 237 -24.69 -15.54 -21.34
C THR H 237 -25.13 -14.18 -20.84
N ILE H 238 -25.41 -14.10 -19.54
CA ILE H 238 -26.20 -13.02 -18.96
C ILE H 238 -25.66 -12.72 -17.57
N ALA H 239 -25.84 -11.47 -17.15
CA ALA H 239 -25.80 -11.08 -15.74
C ALA H 239 -27.13 -10.41 -15.43
N ALA H 240 -28.01 -11.12 -14.72
CA ALA H 240 -29.45 -10.87 -14.78
C ALA H 240 -30.02 -10.40 -13.44
N ASP H 241 -30.41 -9.13 -13.39
CA ASP H 241 -31.36 -8.58 -12.42
C ASP H 241 -30.98 -8.88 -10.98
N ILE H 242 -29.68 -8.87 -10.72
CA ILE H 242 -29.20 -9.21 -9.38
C ILE H 242 -29.46 -7.97 -8.54
N PRO H 243 -30.11 -8.04 -7.38
CA PRO H 243 -30.36 -6.83 -6.60
C PRO H 243 -29.08 -6.14 -6.19
N GLY H 244 -29.21 -4.90 -5.75
CA GLY H 244 -28.09 -4.06 -5.44
C GLY H 244 -27.36 -3.49 -6.65
N THR H 245 -27.76 -3.87 -7.86
CA THR H 245 -27.17 -3.34 -9.07
C THR H 245 -27.95 -2.13 -9.57
N PRO H 246 -27.39 -1.34 -10.47
CA PRO H 246 -28.18 -0.29 -11.11
C PRO H 246 -29.20 -0.85 -12.08
N GLU H 247 -29.84 0.06 -12.81
CA GLU H 247 -30.84 -0.33 -13.80
C GLU H 247 -30.20 -0.77 -15.11
N HIS H 248 -28.90 -0.55 -15.29
CA HIS H 248 -28.30 -0.79 -16.59
C HIS H 248 -28.20 -2.26 -16.93
N LYS H 249 -28.30 -3.15 -15.94
CA LYS H 249 -28.42 -4.58 -16.19
C LYS H 249 -29.85 -5.08 -16.10
N GLN H 250 -30.76 -4.28 -15.53
CA GLN H 250 -32.11 -4.76 -15.27
C GLN H 250 -32.83 -5.10 -16.57
N VAL H 251 -32.63 -4.31 -17.63
CA VAL H 251 -33.34 -4.59 -18.87
C VAL H 251 -32.86 -5.88 -19.53
N THR H 252 -31.64 -6.34 -19.20
CA THR H 252 -31.18 -7.64 -19.69
C THR H 252 -32.14 -8.76 -19.29
N HIS H 253 -32.78 -8.63 -18.14
CA HIS H 253 -33.77 -9.58 -17.69
C HIS H 253 -34.64 -8.98 -16.60
N LEU H 254 -35.93 -9.14 -16.76
CA LEU H 254 -36.91 -8.72 -15.77
C LEU H 254 -37.93 -9.81 -15.46
N GLY H 255 -37.85 -10.96 -16.12
CA GLY H 255 -38.75 -12.08 -15.99
C GLY H 255 -39.83 -12.04 -17.04
N LYS H 256 -39.48 -11.58 -18.24
CA LYS H 256 -40.45 -11.24 -19.26
C LYS H 256 -39.81 -11.40 -20.62
N GLY H 257 -40.49 -12.13 -21.49
CA GLY H 257 -40.13 -12.18 -22.87
C GLY H 257 -38.78 -12.80 -23.12
N THR H 258 -38.47 -12.98 -24.39
CA THR H 258 -37.23 -13.59 -24.84
C THR H 258 -36.26 -12.50 -25.20
N ALA H 259 -35.04 -12.92 -25.53
CA ALA H 259 -33.92 -12.02 -25.69
C ALA H 259 -33.29 -12.24 -27.06
N ILE H 260 -33.27 -11.19 -27.87
CA ILE H 260 -32.61 -11.19 -29.16
C ILE H 260 -31.25 -10.56 -28.98
N LYS H 261 -30.25 -11.13 -29.65
CA LYS H 261 -28.88 -10.63 -29.54
C LYS H 261 -28.58 -9.75 -30.72
N ILE H 262 -28.19 -8.51 -30.43
CA ILE H 262 -27.74 -7.60 -31.47
C ILE H 262 -26.22 -7.63 -31.56
N MET H 263 -25.56 -7.70 -30.41
CA MET H 263 -24.12 -7.62 -30.33
C MET H 263 -23.63 -8.53 -29.23
N ASP H 264 -22.44 -9.07 -29.44
CA ASP H 264 -21.68 -9.73 -28.42
C ASP H 264 -20.21 -9.34 -28.61
N ARG H 265 -19.34 -10.03 -27.88
CA ARG H 265 -17.92 -10.00 -28.22
C ARG H 265 -17.72 -10.44 -29.67
N SER H 266 -18.21 -11.64 -29.99
CA SER H 266 -17.84 -12.30 -31.22
C SER H 266 -18.66 -11.87 -32.42
N VAL H 267 -19.98 -11.80 -32.29
CA VAL H 267 -20.88 -11.74 -33.42
C VAL H 267 -21.60 -10.42 -33.43
N ILE H 268 -21.84 -9.89 -34.62
CA ILE H 268 -22.66 -8.72 -34.85
C ILE H 268 -23.77 -9.16 -35.79
N CYS H 269 -24.96 -9.36 -35.25
CA CYS H 269 -26.04 -9.96 -36.02
C CYS H 269 -26.46 -9.07 -37.16
N HIS H 270 -26.67 -9.68 -38.32
CA HIS H 270 -27.15 -8.97 -39.49
C HIS H 270 -28.48 -8.31 -39.17
N PRO H 271 -28.54 -6.99 -39.07
CA PRO H 271 -29.66 -6.37 -38.34
C PRO H 271 -31.01 -6.51 -39.00
N THR H 272 -31.06 -6.81 -40.31
CA THR H 272 -32.33 -7.04 -40.96
C THR H 272 -33.10 -8.14 -40.25
N ILE H 273 -32.40 -9.21 -39.88
CA ILE H 273 -33.02 -10.28 -39.10
C ILE H 273 -33.64 -9.72 -37.83
N VAL H 274 -32.87 -8.90 -37.10
CA VAL H 274 -33.33 -8.36 -35.84
C VAL H 274 -34.61 -7.55 -36.04
N ARG H 275 -34.59 -6.60 -36.96
CA ARG H 275 -35.78 -5.79 -37.20
C ARG H 275 -36.94 -6.66 -37.63
N TRP H 276 -36.65 -7.75 -38.33
CA TRP H 276 -37.70 -8.66 -38.76
C TRP H 276 -38.32 -9.37 -37.57
N LEU H 277 -37.50 -9.93 -36.70
CA LEU H 277 -38.01 -10.59 -35.51
C LEU H 277 -38.76 -9.60 -34.64
N GLU H 278 -38.25 -8.38 -34.54
CA GLU H 278 -38.96 -7.33 -33.83
C GLU H 278 -40.35 -7.14 -34.44
N GLU H 279 -40.41 -7.04 -35.77
CA GLU H 279 -41.70 -6.96 -36.45
C GLU H 279 -42.54 -8.19 -36.16
N LEU H 280 -41.91 -9.36 -36.14
CA LEU H 280 -42.67 -10.60 -36.03
C LEU H 280 -43.33 -10.71 -34.66
N ALA H 281 -42.59 -10.40 -33.60
CA ALA H 281 -43.12 -10.57 -32.26
C ALA H 281 -44.32 -9.67 -32.02
N LYS H 282 -44.31 -8.49 -32.66
CA LYS H 282 -45.44 -7.58 -32.50
C LYS H 282 -46.66 -8.09 -33.24
N LYS H 283 -46.46 -8.79 -34.36
CA LYS H 283 -47.59 -9.21 -35.16
C LYS H 283 -48.38 -10.30 -34.47
N HIS H 284 -47.70 -11.20 -33.78
CA HIS H 284 -48.33 -12.29 -33.05
C HIS H 284 -48.38 -12.06 -31.54
N GLU H 285 -48.16 -10.82 -31.09
CA GLU H 285 -48.34 -10.44 -29.68
C GLU H 285 -47.35 -11.20 -28.77
N ILE H 286 -46.17 -11.49 -29.30
CA ILE H 286 -45.15 -12.22 -28.56
C ILE H 286 -44.32 -11.21 -27.77
N PRO H 287 -43.87 -11.55 -26.56
CA PRO H 287 -42.99 -10.63 -25.84
C PRO H 287 -41.54 -10.79 -26.28
N TYR H 288 -40.80 -9.68 -26.21
CA TYR H 288 -39.41 -9.70 -26.63
C TYR H 288 -38.65 -8.58 -25.93
N GLN H 289 -37.38 -8.84 -25.66
CA GLN H 289 -36.44 -7.82 -25.24
C GLN H 289 -35.40 -7.67 -26.34
N LEU H 290 -34.52 -6.71 -26.15
CA LEU H 290 -33.32 -6.58 -26.96
C LEU H 290 -32.12 -6.52 -26.02
N GLU H 291 -31.29 -7.54 -26.07
CA GLU H 291 -30.19 -7.71 -25.13
C GLU H 291 -28.88 -7.63 -25.88
N ILE H 292 -27.89 -7.06 -25.21
CA ILE H 292 -26.52 -7.02 -25.70
C ILE H 292 -25.60 -7.26 -24.52
N LEU H 293 -24.39 -7.71 -24.80
CA LEU H 293 -23.37 -7.91 -23.79
C LEU H 293 -22.11 -7.13 -24.14
N LEU H 294 -21.22 -7.05 -23.19
CA LEU H 294 -19.85 -6.63 -23.43
C LEU H 294 -18.92 -7.81 -23.64
N GLY H 295 -19.32 -9.01 -23.23
CA GLY H 295 -18.48 -10.19 -23.32
C GLY H 295 -19.30 -11.43 -23.58
N GLY H 296 -18.60 -12.56 -23.60
CA GLY H 296 -19.22 -13.84 -23.86
C GLY H 296 -18.99 -14.33 -25.27
N GLY H 297 -18.84 -15.64 -25.43
CA GLY H 297 -18.61 -16.23 -26.74
C GLY H 297 -19.69 -17.24 -27.04
N THR H 298 -20.43 -17.00 -28.12
CA THR H 298 -21.59 -17.79 -28.49
C THR H 298 -21.32 -18.60 -29.75
N ASP H 299 -22.28 -19.47 -30.07
CA ASP H 299 -22.21 -20.27 -31.28
C ASP H 299 -22.27 -19.39 -32.52
N ALA H 300 -23.02 -18.29 -32.45
CA ALA H 300 -23.29 -17.48 -33.63
C ALA H 300 -22.02 -16.95 -34.25
N GLY H 301 -21.03 -16.62 -33.42
CA GLY H 301 -19.79 -16.08 -33.95
C GLY H 301 -19.11 -17.03 -34.91
N ALA H 302 -19.11 -18.31 -34.58
CA ALA H 302 -18.50 -19.29 -35.46
C ALA H 302 -19.27 -19.44 -36.75
N ILE H 303 -20.57 -19.17 -36.73
CA ILE H 303 -21.38 -19.32 -37.93
C ILE H 303 -21.03 -18.25 -38.94
N HIS H 304 -20.70 -17.05 -38.46
CA HIS H 304 -20.46 -15.90 -39.32
C HIS H 304 -19.25 -16.07 -40.22
N LEU H 305 -18.40 -17.04 -39.95
CA LEU H 305 -17.08 -17.13 -40.57
C LEU H 305 -16.99 -18.18 -41.66
N THR H 306 -18.00 -19.01 -41.81
CA THR H 306 -18.05 -19.92 -42.94
C THR H 306 -18.00 -19.16 -44.25
N LYS H 307 -17.58 -19.86 -45.30
CA LYS H 307 -17.09 -19.20 -46.50
C LYS H 307 -18.14 -18.34 -47.19
N ALA H 308 -19.42 -18.69 -47.07
CA ALA H 308 -20.44 -17.90 -47.74
C ALA H 308 -20.56 -16.50 -47.15
N GLY H 309 -20.16 -16.35 -45.90
CA GLY H 309 -20.40 -15.09 -45.20
C GLY H 309 -21.81 -14.94 -44.72
N VAL H 310 -22.25 -15.78 -43.79
CA VAL H 310 -23.67 -15.96 -43.52
C VAL H 310 -24.21 -14.85 -42.62
N PRO H 311 -25.41 -14.33 -42.87
CA PRO H 311 -26.03 -13.45 -41.89
C PRO H 311 -26.75 -14.25 -40.84
N THR H 312 -26.66 -13.78 -39.60
CA THR H 312 -27.10 -14.57 -38.45
C THR H 312 -27.80 -13.69 -37.44
N GLY H 313 -28.93 -14.21 -36.94
CA GLY H 313 -29.56 -13.72 -35.75
C GLY H 313 -29.48 -14.77 -34.67
N ALA H 314 -29.70 -14.33 -33.44
CA ALA H 314 -29.57 -15.21 -32.29
C ALA H 314 -30.63 -14.87 -31.26
N LEU H 315 -31.24 -15.91 -30.73
CA LEU H 315 -32.19 -15.82 -29.64
C LEU H 315 -31.53 -16.27 -28.35
N SER H 316 -32.02 -15.75 -27.24
CA SER H 316 -31.49 -16.04 -25.93
C SER H 316 -32.63 -16.25 -24.95
N VAL H 317 -32.52 -17.31 -24.17
CA VAL H 317 -33.48 -17.64 -23.12
C VAL H 317 -32.90 -17.16 -21.80
N PRO H 318 -33.43 -16.11 -21.19
CA PRO H 318 -32.63 -15.31 -20.28
C PRO H 318 -32.56 -15.88 -18.87
N ALA H 319 -32.05 -15.03 -17.98
CA ALA H 319 -32.19 -15.12 -16.52
C ALA H 319 -31.30 -16.12 -15.83
N ARG H 320 -30.09 -16.26 -16.34
CA ARG H 320 -29.12 -17.15 -15.72
C ARG H 320 -28.55 -16.50 -14.45
N TYR H 321 -28.02 -17.34 -13.56
CA TYR H 321 -27.08 -16.96 -12.52
C TYR H 321 -25.76 -17.61 -12.86
N ILE H 322 -24.69 -17.16 -12.19
CA ILE H 322 -23.30 -17.41 -12.59
C ILE H 322 -23.14 -18.90 -12.86
N HIS H 323 -22.89 -19.22 -14.14
CA HIS H 323 -23.49 -20.39 -14.78
C HIS H 323 -23.12 -21.73 -14.14
N SER H 324 -22.19 -21.72 -13.19
CA SER H 324 -21.79 -22.96 -12.54
C SER H 324 -22.95 -23.66 -11.85
N ASN H 325 -23.58 -23.00 -10.88
CA ASN H 325 -24.24 -23.71 -9.80
C ASN H 325 -25.74 -23.82 -9.93
N THR H 326 -26.45 -22.70 -10.05
CA THR H 326 -27.88 -22.72 -10.28
C THR H 326 -28.16 -21.72 -11.37
N GLU H 327 -29.22 -22.01 -12.10
CA GLU H 327 -29.35 -21.56 -13.46
C GLU H 327 -30.80 -21.19 -13.75
N VAL H 328 -31.38 -20.34 -12.90
CA VAL H 328 -32.81 -20.03 -12.93
C VAL H 328 -33.27 -19.64 -14.34
N VAL H 329 -34.53 -19.94 -14.64
CA VAL H 329 -35.17 -19.56 -15.88
C VAL H 329 -36.61 -19.13 -15.60
N ASP H 330 -37.29 -18.75 -16.67
CA ASP H 330 -38.67 -18.31 -16.63
C ASP H 330 -39.47 -19.15 -17.62
N GLU H 331 -40.46 -19.87 -17.09
CA GLU H 331 -41.33 -20.71 -17.92
C GLU H 331 -41.96 -19.92 -19.05
N ARG H 332 -42.22 -18.64 -18.84
CA ARG H 332 -42.90 -17.84 -19.85
C ARG H 332 -42.00 -17.64 -21.04
N ASP H 333 -40.73 -17.30 -20.79
CA ASP H 333 -39.83 -16.93 -21.87
C ASP H 333 -39.57 -18.10 -22.79
N VAL H 334 -39.30 -19.27 -22.22
CA VAL H 334 -38.90 -20.41 -23.02
C VAL H 334 -40.02 -20.82 -23.98
N ASP H 335 -41.27 -20.81 -23.51
CA ASP H 335 -42.35 -21.16 -24.41
C ASP H 335 -42.56 -20.06 -25.43
N ALA H 336 -42.37 -18.81 -25.03
CA ALA H 336 -42.47 -17.70 -25.96
C ALA H 336 -41.38 -17.80 -27.01
N THR H 337 -40.17 -18.17 -26.59
CA THR H 337 -39.07 -18.36 -27.53
C THR H 337 -39.43 -19.37 -28.60
N VAL H 338 -40.05 -20.47 -28.19
CA VAL H 338 -40.44 -21.51 -29.13
C VAL H 338 -41.41 -20.95 -30.15
N GLU H 339 -42.44 -20.25 -29.68
CA GLU H 339 -43.43 -19.66 -30.59
C GLU H 339 -42.75 -18.77 -31.61
N LEU H 340 -41.84 -17.92 -31.15
CA LEU H 340 -41.18 -16.97 -32.04
C LEU H 340 -40.42 -17.69 -33.14
N MET H 341 -39.52 -18.60 -32.77
CA MET H 341 -38.75 -19.31 -33.78
C MET H 341 -39.65 -20.09 -34.71
N THR H 342 -40.69 -20.71 -34.15
CA THR H 342 -41.58 -21.53 -34.96
C THR H 342 -42.17 -20.71 -36.10
N LYS H 343 -42.61 -19.50 -35.79
CA LYS H 343 -43.21 -18.66 -36.81
C LYS H 343 -42.14 -18.11 -37.75
N ALA H 344 -40.98 -17.76 -37.20
CA ALA H 344 -39.90 -17.21 -38.03
C ALA H 344 -39.47 -18.20 -39.10
N LEU H 345 -39.36 -19.47 -38.73
CA LEU H 345 -38.93 -20.48 -39.68
C LEU H 345 -39.88 -20.55 -40.86
N GLU H 346 -41.16 -20.65 -40.58
CA GLU H 346 -42.14 -20.75 -41.66
C GLU H 346 -42.16 -19.46 -42.48
N ASN H 347 -42.06 -18.31 -41.81
CA ASN H 347 -42.10 -17.06 -42.54
C ASN H 347 -40.75 -16.66 -43.11
N ILE H 348 -39.71 -17.50 -42.98
CA ILE H 348 -38.41 -17.13 -43.52
C ILE H 348 -38.45 -17.04 -45.03
N HIS H 349 -39.40 -17.72 -45.67
CA HIS H 349 -39.43 -17.74 -47.13
C HIS H 349 -39.67 -16.34 -47.70
N GLU H 350 -40.35 -15.48 -46.93
CA GLU H 350 -40.59 -14.11 -47.38
C GLU H 350 -39.42 -13.21 -47.01
N LEU H 351 -38.59 -13.63 -46.05
CA LEU H 351 -37.52 -12.78 -45.54
C LEU H 351 -36.42 -12.55 -46.57
N LYS H 352 -36.20 -13.52 -47.47
CA LYS H 352 -35.06 -13.57 -48.37
C LYS H 352 -34.63 -12.24 -49.02
N ILE H 353 -35.54 -11.29 -49.19
CA ILE H 353 -35.31 -10.01 -49.89
C ILE H 353 -35.31 -10.27 -51.38
N MET I 1 -22.83 34.05 40.65
CA MET I 1 -22.08 34.46 41.88
C MET I 1 -20.89 35.38 41.61
N GLU I 2 -21.17 36.62 41.23
CA GLU I 2 -20.12 37.52 40.75
C GLU I 2 -19.35 37.99 41.98
N VAL I 3 -18.41 37.14 42.41
CA VAL I 3 -17.57 37.46 43.57
C VAL I 3 -16.71 38.68 43.27
N ARG I 4 -16.28 38.83 42.01
CA ARG I 4 -15.44 39.93 41.57
C ARG I 4 -16.18 40.97 40.72
N ASN I 5 -17.28 40.58 40.07
CA ASN I 5 -18.01 41.43 39.12
C ASN I 5 -17.12 41.84 37.95
N MET I 6 -16.15 41.00 37.58
CA MET I 6 -15.26 41.33 36.47
C MET I 6 -15.91 41.04 35.13
N VAL I 7 -16.68 39.96 35.05
CA VAL I 7 -17.35 39.54 33.82
C VAL I 7 -18.80 39.25 34.17
N ASP I 8 -19.72 40.01 33.58
CA ASP I 8 -21.13 39.89 33.92
C ASP I 8 -21.73 38.65 33.30
N TYR I 9 -22.09 37.70 34.15
CA TYR I 9 -22.62 36.43 33.69
C TYR I 9 -23.95 36.60 32.96
N GLU I 10 -24.75 37.60 33.35
CA GLU I 10 -26.01 37.84 32.67
C GLU I 10 -25.79 38.34 31.25
N LEU I 11 -24.87 39.29 31.07
CA LEU I 11 -24.70 39.94 29.78
C LEU I 11 -24.24 38.95 28.72
N LEU I 12 -23.30 38.08 29.08
CA LEU I 12 -22.77 37.12 28.12
C LEU I 12 -23.86 36.19 27.62
N LYS I 13 -24.85 35.91 28.47
CA LYS I 13 -25.94 35.02 28.08
C LYS I 13 -26.69 35.59 26.87
N LYS I 14 -27.01 36.89 26.94
CA LYS I 14 -27.83 37.51 25.90
C LYS I 14 -27.18 37.40 24.53
N VAL I 15 -25.87 37.63 24.45
CA VAL I 15 -25.23 37.72 23.15
C VAL I 15 -25.02 36.33 22.56
N VAL I 16 -24.63 35.36 23.38
CA VAL I 16 -24.05 34.15 22.83
C VAL I 16 -25.14 33.15 22.46
N GLU I 17 -26.24 33.14 23.20
CA GLU I 17 -27.35 32.29 22.83
C GLU I 17 -27.96 32.71 21.51
N ALA I 18 -27.82 33.99 21.16
CA ALA I 18 -28.46 34.49 19.96
C ALA I 18 -27.81 33.86 18.73
N PRO I 19 -28.49 33.87 17.58
CA PRO I 19 -28.00 33.13 16.43
C PRO I 19 -26.97 33.91 15.63
N GLY I 20 -26.00 33.20 15.10
CA GLY I 20 -24.74 33.78 14.68
C GLY I 20 -24.51 33.95 13.19
N VAL I 21 -25.56 34.30 12.47
CA VAL I 21 -25.38 34.91 11.15
C VAL I 21 -26.52 35.91 10.96
N SER I 22 -26.17 37.17 10.77
CA SER I 22 -27.14 38.25 10.86
C SER I 22 -27.69 38.60 9.49
N GLY I 23 -28.73 39.44 9.48
CA GLY I 23 -29.40 39.82 8.26
C GLY I 23 -30.44 38.85 7.78
N TYR I 24 -30.22 37.56 8.01
CA TYR I 24 -31.19 36.51 7.76
C TYR I 24 -32.42 36.73 8.64
N GLU I 25 -33.35 35.81 8.53
CA GLU I 25 -34.48 35.76 9.46
C GLU I 25 -34.04 35.61 10.92
N PHE I 26 -32.78 35.26 11.21
CA PHE I 26 -32.33 35.14 12.59
C PHE I 26 -31.82 36.44 13.19
N LEU I 27 -31.98 37.58 12.53
CA LEU I 27 -31.07 38.71 12.74
C LEU I 27 -31.10 39.34 14.14
N GLY I 28 -31.75 38.71 15.14
CA GLY I 28 -31.94 39.32 16.45
C GLY I 28 -30.68 39.85 17.13
N ILE I 29 -29.52 39.28 16.82
CA ILE I 29 -28.28 39.72 17.48
C ILE I 29 -28.04 41.20 17.20
N ARG I 30 -28.39 41.65 16.00
CA ARG I 30 -28.24 43.06 15.65
C ARG I 30 -28.94 43.94 16.66
N ASP I 31 -30.21 43.64 16.91
CA ASP I 31 -30.97 44.38 17.92
C ASP I 31 -30.29 44.33 19.28
N VAL I 32 -29.74 43.16 19.63
CA VAL I 32 -29.16 42.97 20.96
C VAL I 32 -27.98 43.90 21.14
N VAL I 33 -27.06 43.92 20.17
CA VAL I 33 -25.85 44.71 20.34
C VAL I 33 -26.19 46.19 20.40
N ILE I 34 -27.15 46.63 19.59
CA ILE I 34 -27.51 48.04 19.64
C ILE I 34 -28.37 48.34 20.87
N GLU I 35 -29.13 47.37 21.35
CA GLU I 35 -29.97 47.59 22.52
C GLU I 35 -29.12 47.90 23.74
N GLU I 36 -27.92 47.34 23.80
CA GLU I 36 -26.99 47.61 24.88
C GLU I 36 -26.13 48.84 24.64
N ILE I 37 -25.42 48.85 23.51
CA ILE I 37 -24.35 49.81 23.31
C ILE I 37 -24.86 51.24 23.27
N LYS I 38 -26.11 51.44 22.85
CA LYS I 38 -26.53 52.77 22.43
C LYS I 38 -26.64 53.73 23.61
N ASP I 39 -26.90 53.21 24.81
CA ASP I 39 -27.06 54.12 25.94
C ASP I 39 -25.75 54.78 26.33
N TYR I 40 -24.62 54.17 26.00
CA TYR I 40 -23.30 54.67 26.39
C TYR I 40 -22.58 55.40 25.27
N VAL I 41 -23.10 55.38 24.05
CA VAL I 41 -22.45 55.98 22.90
C VAL I 41 -23.34 57.07 22.33
N ASP I 42 -22.70 58.05 21.69
CA ASP I 42 -23.43 59.21 21.19
C ASP I 42 -24.40 58.83 20.09
N GLU I 43 -23.96 57.97 19.16
CA GLU I 43 -24.77 57.66 18.01
C GLU I 43 -24.33 56.31 17.46
N VAL I 44 -25.23 55.68 16.71
CA VAL I 44 -25.03 54.34 16.19
C VAL I 44 -25.76 54.22 14.87
N LYS I 45 -25.22 53.41 13.96
CA LYS I 45 -25.80 53.23 12.64
C LYS I 45 -25.54 51.83 12.13
N VAL I 46 -26.36 51.43 11.16
CA VAL I 46 -26.29 50.12 10.53
C VAL I 46 -25.97 50.35 9.06
N ASP I 47 -24.96 49.66 8.56
CA ASP I 47 -24.61 49.77 7.16
C ASP I 47 -25.54 48.86 6.36
N LYS I 48 -25.30 48.79 5.06
CA LYS I 48 -26.18 48.01 4.20
C LYS I 48 -25.94 46.52 4.38
N LEU I 49 -24.70 46.15 4.63
CA LEU I 49 -24.27 44.76 4.66
C LEU I 49 -24.51 44.05 5.98
N GLY I 50 -25.25 44.66 6.89
CA GLY I 50 -25.46 44.10 8.21
C GLY I 50 -24.43 44.49 9.23
N ASN I 51 -23.36 45.19 8.83
CA ASN I 51 -22.42 45.72 9.78
C ASN I 51 -23.11 46.70 10.72
N VAL I 52 -22.58 46.80 11.93
CA VAL I 52 -23.04 47.74 12.94
C VAL I 52 -21.94 48.77 13.15
N ILE I 53 -22.33 50.03 13.31
CA ILE I 53 -21.40 51.14 13.39
C ILE I 53 -21.79 51.95 14.62
N ALA I 54 -20.91 52.00 15.61
CA ALA I 54 -21.10 52.83 16.78
C ALA I 54 -20.00 53.88 16.85
N HIS I 55 -20.42 55.14 16.82
CA HIS I 55 -19.52 56.28 16.73
C HIS I 55 -19.61 57.07 18.02
N LYS I 56 -18.65 56.87 18.91
CA LYS I 56 -18.40 57.79 20.00
C LYS I 56 -17.59 58.94 19.43
N LYS I 57 -17.83 60.14 19.95
CA LYS I 57 -17.21 61.34 19.42
C LYS I 57 -16.13 61.81 20.38
N GLY I 58 -15.14 62.53 19.84
CA GLY I 58 -14.06 63.04 20.66
C GLY I 58 -13.15 63.94 19.86
N GLU I 59 -11.95 64.12 20.40
CA GLU I 59 -10.90 64.93 19.79
C GLU I 59 -9.67 64.06 19.59
N GLY I 60 -9.40 63.68 18.34
CA GLY I 60 -8.25 62.87 18.05
C GLY I 60 -8.38 62.06 16.77
N PRO I 61 -7.45 61.11 16.57
CA PRO I 61 -7.51 60.28 15.38
C PRO I 61 -8.67 59.29 15.43
N LYS I 62 -8.97 58.72 14.27
CA LYS I 62 -10.09 57.80 14.12
C LYS I 62 -9.61 56.38 14.35
N VAL I 63 -10.05 55.78 15.45
CA VAL I 63 -9.68 54.42 15.82
C VAL I 63 -10.85 53.50 15.52
N MET I 64 -10.53 52.34 14.97
CA MET I 64 -11.50 51.35 14.53
C MET I 64 -11.30 50.06 15.32
N ILE I 65 -12.37 49.60 15.97
CA ILE I 65 -12.34 48.44 16.84
C ILE I 65 -13.24 47.38 16.24
N ALA I 66 -12.65 46.27 15.81
CA ALA I 66 -13.34 45.28 15.00
C ALA I 66 -13.47 43.97 15.73
N ALA I 67 -14.71 43.50 15.84
CA ALA I 67 -15.03 42.15 16.28
C ALA I 67 -15.98 41.53 15.26
N HIS I 68 -15.95 40.20 15.20
CA HIS I 68 -16.85 39.46 14.32
C HIS I 68 -17.96 38.81 15.12
N MET I 69 -19.13 38.74 14.49
CA MET I 69 -20.34 38.19 15.10
C MET I 69 -20.94 37.13 14.17
N ASP I 70 -20.14 36.59 13.27
CA ASP I 70 -20.60 35.55 12.36
C ASP I 70 -20.24 34.16 12.84
N GLN I 71 -20.85 33.72 13.94
CA GLN I 71 -20.60 32.39 14.49
C GLN I 71 -20.90 31.36 13.40
N ILE I 72 -20.12 30.28 13.39
CA ILE I 72 -20.23 29.22 12.42
C ILE I 72 -21.63 28.63 12.46
N GLY I 73 -22.09 28.16 11.31
CA GLY I 73 -23.34 27.45 11.25
C GLY I 73 -23.38 26.54 10.05
N LEU I 74 -24.52 25.90 9.84
CA LEU I 74 -24.73 25.01 8.71
C LEU I 74 -25.96 25.45 7.93
N MET I 75 -26.03 24.97 6.69
CA MET I 75 -27.05 25.34 5.73
C MET I 75 -27.70 24.11 5.16
N VAL I 76 -29.02 24.09 5.14
CA VAL I 76 -29.76 23.08 4.40
C VAL I 76 -29.67 23.40 2.92
N THR I 77 -29.44 22.37 2.10
CA THR I 77 -29.37 22.52 0.65
C THR I 77 -30.50 21.82 -0.08
N HIS I 78 -31.02 20.74 0.48
CA HIS I 78 -32.13 20.02 -0.15
C HIS I 78 -32.79 19.16 0.92
N ILE I 79 -33.90 18.53 0.53
CA ILE I 79 -34.72 17.73 1.42
C ILE I 79 -34.91 16.36 0.79
N GLU I 80 -34.28 15.34 1.37
CA GLU I 80 -34.51 13.99 0.94
C GLU I 80 -35.96 13.60 1.17
N LYS I 81 -36.37 12.50 0.56
CA LYS I 81 -37.80 12.17 0.54
C LYS I 81 -38.31 11.66 1.87
N ASN I 82 -37.45 11.06 2.69
CA ASN I 82 -37.89 10.52 3.97
C ASN I 82 -38.06 11.56 5.05
N GLY I 83 -38.01 12.85 4.70
CA GLY I 83 -38.13 13.90 5.69
C GLY I 83 -36.86 14.21 6.46
N PHE I 84 -35.71 13.70 6.02
CA PHE I 84 -34.44 13.96 6.66
C PHE I 84 -33.60 14.90 5.81
N LEU I 85 -32.83 15.76 6.48
CA LEU I 85 -32.09 16.83 5.85
C LEU I 85 -30.65 16.46 5.56
N ARG I 86 -30.16 16.93 4.42
CA ARG I 86 -28.73 17.08 4.18
C ARG I 86 -28.36 18.52 4.47
N VAL I 87 -27.06 18.80 4.40
CA VAL I 87 -26.55 20.09 4.83
C VAL I 87 -25.30 20.44 4.04
N ALA I 88 -24.93 21.72 4.10
CA ALA I 88 -23.68 22.20 3.56
C ALA I 88 -23.06 23.21 4.52
N PRO I 89 -21.79 23.05 4.88
CA PRO I 89 -21.26 23.88 5.95
C PRO I 89 -20.89 25.27 5.48
N ILE I 90 -20.79 26.16 6.46
CA ILE I 90 -20.17 27.45 6.31
C ILE I 90 -18.70 27.28 6.63
N GLY I 91 -17.88 28.12 6.00
CA GLY I 91 -16.44 27.96 5.99
C GLY I 91 -15.86 27.98 7.38
N GLY I 92 -14.87 27.11 7.60
CA GLY I 92 -14.15 27.03 8.83
C GLY I 92 -14.42 25.81 9.67
N VAL I 93 -15.57 25.18 9.50
CA VAL I 93 -16.02 24.13 10.40
C VAL I 93 -15.30 22.83 10.05
N ASP I 94 -15.14 21.98 11.06
CA ASP I 94 -14.61 20.63 10.91
C ASP I 94 -15.73 19.63 11.11
N PRO I 95 -15.93 18.64 10.24
CA PRO I 95 -17.14 17.82 10.34
C PRO I 95 -17.06 16.72 11.38
N LYS I 96 -15.91 16.47 11.99
CA LYS I 96 -15.84 15.49 13.07
C LYS I 96 -16.66 15.91 14.27
N THR I 97 -17.04 17.18 14.33
CA THR I 97 -17.85 17.72 15.40
C THR I 97 -19.34 17.62 15.11
N LEU I 98 -19.75 16.53 14.46
CA LEU I 98 -21.11 16.31 13.97
C LEU I 98 -22.17 16.71 14.98
N ILE I 99 -22.27 16.01 16.10
CA ILE I 99 -23.16 16.37 17.19
C ILE I 99 -22.89 15.46 18.37
N ALA I 100 -23.25 15.96 19.54
CA ALA I 100 -23.52 15.16 20.73
C ALA I 100 -24.92 15.45 21.27
N GLN I 101 -25.50 16.58 20.89
CA GLN I 101 -26.86 16.95 21.28
C GLN I 101 -27.29 18.15 20.46
N ARG I 102 -28.56 18.13 20.07
CA ARG I 102 -29.34 19.34 19.85
C ARG I 102 -28.75 20.33 18.86
N PHE I 103 -28.81 20.06 17.55
CA PHE I 103 -28.65 21.12 16.57
C PHE I 103 -29.97 21.87 16.43
N LYS I 104 -29.87 23.20 16.42
CA LYS I 104 -31.03 24.08 16.43
C LYS I 104 -31.26 24.64 15.03
N VAL I 105 -32.53 24.73 14.63
CA VAL I 105 -32.93 25.21 13.32
C VAL I 105 -33.75 26.48 13.51
N TRP I 106 -33.21 27.61 13.11
CA TRP I 106 -33.89 28.89 13.22
C TRP I 106 -34.71 29.16 11.97
N ILE I 107 -35.93 28.60 11.91
CA ILE I 107 -36.86 28.96 10.85
C ILE I 107 -37.02 30.47 10.78
N ASP I 108 -37.36 31.10 11.90
CA ASP I 108 -37.50 32.53 11.95
C ASP I 108 -37.22 33.00 13.38
N LYS I 109 -37.26 34.30 13.55
CA LYS I 109 -36.97 34.92 14.84
C LYS I 109 -37.91 34.40 15.91
N GLY I 110 -37.35 33.89 17.00
CA GLY I 110 -38.14 33.36 18.10
C GLY I 110 -38.81 32.04 17.81
N LYS I 111 -38.46 31.36 16.72
CA LYS I 111 -39.01 30.06 16.38
C LYS I 111 -37.85 29.12 16.08
N PHE I 112 -37.68 28.11 16.93
CA PHE I 112 -36.61 27.15 16.80
C PHE I 112 -37.13 25.76 17.11
N ILE I 113 -36.64 24.78 16.34
CA ILE I 113 -36.91 23.38 16.61
C ILE I 113 -35.59 22.64 16.61
N TYR I 114 -35.50 21.66 17.51
CA TYR I 114 -34.26 20.97 17.75
C TYR I 114 -34.03 19.92 16.68
N GLY I 115 -32.77 19.66 16.40
CA GLY I 115 -32.40 18.74 15.35
C GLY I 115 -31.10 18.04 15.69
N VAL I 116 -30.90 16.89 15.08
CA VAL I 116 -29.73 16.05 15.32
C VAL I 116 -29.11 15.71 13.98
N GLY I 117 -27.82 15.43 14.02
CA GLY I 117 -27.01 15.32 12.82
C GLY I 117 -25.96 14.26 12.87
N ALA I 118 -26.22 13.15 13.54
CA ALA I 118 -25.12 12.34 14.05
C ALA I 118 -24.28 11.68 12.96
N SER I 119 -24.88 11.03 11.98
CA SER I 119 -24.20 9.97 11.24
C SER I 119 -24.54 9.95 9.77
N VAL I 120 -23.52 10.10 8.93
CA VAL I 120 -23.60 9.66 7.54
C VAL I 120 -23.20 8.20 7.62
N PRO I 121 -23.87 7.26 6.95
CA PRO I 121 -23.47 5.87 7.07
C PRO I 121 -22.11 5.64 6.43
N PRO I 122 -21.13 5.11 7.17
CA PRO I 122 -19.83 4.84 6.53
C PRO I 122 -19.98 3.80 5.44
N HIS I 123 -19.13 3.91 4.41
CA HIS I 123 -19.18 2.99 3.30
C HIS I 123 -18.87 1.57 3.77
N ILE I 124 -19.18 0.61 2.91
CA ILE I 124 -19.05 -0.81 3.23
C ILE I 124 -17.65 -1.25 2.86
N GLN I 125 -16.72 -1.18 3.82
CA GLN I 125 -15.41 -1.78 3.64
C GLN I 125 -14.68 -1.89 4.98
N LYS I 126 -13.67 -2.76 5.02
CA LYS I 126 -12.98 -3.16 6.25
C LYS I 126 -11.95 -2.14 6.72
N PRO I 127 -11.10 -1.55 5.84
CA PRO I 127 -10.27 -0.43 6.31
C PRO I 127 -11.13 0.78 6.69
N GLU I 128 -12.32 0.89 6.10
CA GLU I 128 -13.19 2.03 6.35
C GLU I 128 -14.01 1.86 7.62
N ASP I 129 -14.27 0.60 8.02
CA ASP I 129 -14.83 0.37 9.35
C ASP I 129 -13.89 0.92 10.42
N ARG I 130 -12.58 0.89 10.14
CA ARG I 130 -11.60 1.54 11.01
C ARG I 130 -11.63 3.06 10.84
N LYS I 131 -11.84 3.56 9.62
CA LYS I 131 -11.97 5.00 9.41
C LYS I 131 -13.37 5.42 9.81
N LYS I 132 -13.54 5.80 11.07
CA LYS I 132 -14.82 6.31 11.52
C LYS I 132 -14.94 7.81 11.30
N ALA I 133 -14.06 8.40 10.50
CA ALA I 133 -14.21 9.79 10.12
C ALA I 133 -15.38 9.90 9.17
N PRO I 134 -16.19 10.96 9.24
CA PRO I 134 -17.29 11.08 8.28
C PRO I 134 -16.80 11.31 6.87
N ASP I 135 -17.63 10.90 5.93
CA ASP I 135 -17.34 11.12 4.52
C ASP I 135 -17.39 12.62 4.25
N TRP I 136 -16.65 13.06 3.23
CA TRP I 136 -16.53 14.48 2.94
C TRP I 136 -17.76 15.04 2.24
N ASP I 137 -18.66 14.17 1.74
CA ASP I 137 -19.81 14.63 0.97
C ASP I 137 -20.62 15.66 1.74
N GLN I 138 -21.25 15.26 2.84
CA GLN I 138 -21.28 15.94 4.12
C GLN I 138 -22.25 15.11 4.94
N ILE I 139 -22.40 15.42 6.22
CA ILE I 139 -23.28 14.72 7.14
C ILE I 139 -24.72 15.12 6.84
N PHE I 140 -25.66 14.39 7.42
CA PHE I 140 -27.08 14.65 7.32
C PHE I 140 -27.66 15.02 8.67
N ILE I 141 -28.85 15.64 8.63
CA ILE I 141 -29.54 16.15 9.81
C ILE I 141 -30.93 15.54 9.86
N ASP I 142 -31.43 15.31 11.06
CA ASP I 142 -32.79 14.83 11.29
C ASP I 142 -33.55 15.85 12.11
N ILE I 143 -34.80 16.13 11.68
CA ILE I 143 -35.76 16.86 12.50
C ILE I 143 -37.01 16.03 12.78
N GLY I 144 -37.00 14.75 12.41
CA GLY I 144 -38.05 13.85 12.77
C GLY I 144 -39.23 13.82 11.83
N ALA I 145 -39.28 14.70 10.85
CA ALA I 145 -40.35 14.66 9.88
C ALA I 145 -40.23 13.43 9.00
N GLU I 146 -41.38 12.86 8.64
CA GLU I 146 -41.41 11.68 7.81
C GLU I 146 -41.30 11.97 6.33
N SER I 147 -41.61 13.19 5.89
CA SER I 147 -41.65 13.50 4.48
C SER I 147 -41.31 14.95 4.21
N LYS I 148 -40.96 15.20 2.95
CA LYS I 148 -40.67 16.54 2.49
C LYS I 148 -41.82 17.49 2.74
N GLU I 149 -43.05 17.03 2.50
CA GLU I 149 -44.22 17.87 2.69
C GLU I 149 -44.32 18.32 4.14
N GLU I 150 -44.16 17.38 5.08
CA GLU I 150 -44.25 17.74 6.49
C GLU I 150 -43.18 18.75 6.87
N ALA I 151 -42.00 18.63 6.25
CA ALA I 151 -40.91 19.49 6.63
C ALA I 151 -41.19 20.94 6.23
N GLU I 152 -41.76 21.15 5.06
CA GLU I 152 -42.02 22.51 4.61
C GLU I 152 -43.20 23.11 5.37
N ASP I 153 -44.09 22.27 5.89
CA ASP I 153 -45.21 22.79 6.67
C ASP I 153 -44.73 23.33 8.00
N MET I 154 -43.65 22.77 8.54
CA MET I 154 -43.01 23.35 9.71
C MET I 154 -42.52 24.76 9.44
N GLY I 155 -41.95 24.98 8.25
CA GLY I 155 -41.30 26.23 7.91
C GLY I 155 -39.90 26.07 7.36
N VAL I 156 -39.33 24.87 7.41
CA VAL I 156 -38.00 24.64 6.87
C VAL I 156 -38.05 24.88 5.37
N LYS I 157 -37.06 25.62 4.88
CA LYS I 157 -36.88 25.86 3.47
C LYS I 157 -35.40 25.86 3.19
N ILE I 158 -35.05 25.98 1.91
CA ILE I 158 -33.65 26.10 1.58
C ILE I 158 -33.18 27.46 2.03
N GLY I 159 -31.93 27.53 2.43
CA GLY I 159 -31.36 28.75 2.96
C GLY I 159 -30.30 28.38 3.98
N THR I 160 -29.53 29.38 4.39
CA THR I 160 -28.69 29.27 5.57
C THR I 160 -29.58 29.45 6.80
N VAL I 161 -29.75 28.40 7.60
CA VAL I 161 -30.81 28.39 8.61
C VAL I 161 -30.33 27.94 9.99
N ILE I 162 -29.22 27.22 10.08
CA ILE I 162 -28.92 26.37 11.24
C ILE I 162 -27.75 26.92 12.06
N THR I 163 -27.71 26.56 13.35
CA THR I 163 -26.59 26.83 14.23
C THR I 163 -26.42 25.69 15.24
N TRP I 164 -25.62 25.93 16.29
CA TRP I 164 -25.03 24.84 17.05
C TRP I 164 -25.77 24.56 18.36
N ASP I 165 -26.57 25.51 18.84
CA ASP I 165 -27.29 25.35 20.11
C ASP I 165 -26.33 25.25 21.29
N GLY I 166 -25.55 26.30 21.51
CA GLY I 166 -24.73 26.36 22.70
C GLY I 166 -25.51 26.98 23.84
N ARG I 167 -25.06 26.69 25.04
CA ARG I 167 -25.54 27.34 26.25
C ARG I 167 -24.36 27.54 27.16
N LEU I 168 -24.42 28.60 27.93
CA LEU I 168 -23.27 29.07 28.67
C LEU I 168 -23.29 28.53 30.08
N GLU I 169 -22.28 27.73 30.42
CA GLU I 169 -22.13 27.17 31.75
C GLU I 169 -20.73 27.44 32.28
N ARG I 170 -20.62 27.35 33.59
CA ARG I 170 -19.42 27.71 34.32
C ARG I 170 -18.67 26.44 34.72
N LEU I 171 -17.45 26.27 34.20
CA LEU I 171 -16.55 25.25 34.69
C LEU I 171 -15.38 25.88 35.40
N GLY I 172 -14.81 25.16 36.35
CA GLY I 172 -13.82 25.71 37.24
C GLY I 172 -14.39 26.92 37.94
N LYS I 173 -15.37 26.68 38.83
CA LYS I 173 -16.10 27.76 39.49
C LYS I 173 -15.18 28.78 40.15
N HIS I 174 -13.93 28.41 40.46
CA HIS I 174 -12.89 29.41 40.62
C HIS I 174 -12.81 30.32 39.40
N ARG I 175 -12.49 29.79 38.22
CA ARG I 175 -12.55 30.58 37.00
C ARG I 175 -12.39 29.74 35.74
N PHE I 176 -13.39 29.80 34.86
CA PHE I 176 -13.33 29.51 33.43
C PHE I 176 -14.77 29.62 32.92
N VAL I 177 -14.98 29.61 31.60
CA VAL I 177 -16.33 29.65 31.03
C VAL I 177 -16.34 28.79 29.77
N SER I 178 -17.47 28.14 29.50
CA SER I 178 -17.56 27.06 28.52
C SER I 178 -17.61 27.49 27.05
N ILE I 179 -18.67 28.18 26.62
CA ILE I 179 -18.91 28.47 25.20
C ILE I 179 -18.87 29.97 24.90
N ALA I 180 -18.21 30.75 25.75
CA ALA I 180 -18.31 32.21 25.65
C ALA I 180 -17.41 32.83 24.59
N PHE I 181 -16.64 32.02 23.86
CA PHE I 181 -15.51 32.56 23.11
C PHE I 181 -15.95 33.08 21.74
N ASP I 182 -16.37 32.19 20.85
CA ASP I 182 -16.24 32.46 19.44
C ASP I 182 -17.35 33.38 18.97
N ASP I 183 -16.92 34.45 18.31
CA ASP I 183 -17.76 35.43 17.65
C ASP I 183 -18.55 36.30 18.63
N ARG I 184 -18.51 36.00 19.92
CA ARG I 184 -18.78 36.98 20.94
C ARG I 184 -18.07 36.63 22.24
N ILE I 185 -16.82 37.05 22.29
CA ILE I 185 -16.15 37.41 23.53
C ILE I 185 -15.61 38.81 23.27
N ALA I 186 -15.08 39.00 22.07
CA ALA I 186 -14.65 40.31 21.60
C ALA I 186 -15.72 41.36 21.80
N VAL I 187 -16.98 41.03 21.50
CA VAL I 187 -18.03 42.02 21.65
C VAL I 187 -18.22 42.38 23.11
N TYR I 188 -18.06 41.40 24.00
CA TYR I 188 -18.18 41.70 25.42
C TYR I 188 -17.09 42.66 25.86
N THR I 189 -15.87 42.48 25.32
CA THR I 189 -14.84 43.46 25.56
C THR I 189 -15.26 44.83 25.06
N ILE I 190 -15.75 44.88 23.83
CA ILE I 190 -16.23 46.12 23.24
C ILE I 190 -17.28 46.76 24.13
N LEU I 191 -18.29 45.98 24.52
CA LEU I 191 -19.35 46.54 25.35
C LEU I 191 -18.80 46.97 26.70
N GLU I 192 -17.94 46.15 27.31
CA GLU I 192 -17.34 46.53 28.57
C GLU I 192 -16.47 47.77 28.39
N VAL I 193 -15.79 47.86 27.25
CA VAL I 193 -14.97 49.02 26.95
C VAL I 193 -15.83 50.28 26.93
N ALA I 194 -16.98 50.20 26.28
CA ALA I 194 -17.82 51.38 26.14
C ALA I 194 -18.32 51.84 27.51
N LYS I 195 -18.55 50.91 28.43
CA LYS I 195 -18.94 51.32 29.77
C LYS I 195 -17.77 51.93 30.52
N GLN I 196 -16.58 51.39 30.31
CA GLN I 196 -15.39 51.83 31.04
C GLN I 196 -14.81 53.10 30.47
N LEU I 197 -15.02 53.38 29.20
CA LEU I 197 -14.49 54.58 28.57
C LEU I 197 -15.40 55.75 28.91
N LYS I 198 -14.83 56.79 29.51
CA LYS I 198 -15.55 58.01 29.82
C LYS I 198 -15.03 59.16 28.98
N ASP I 199 -13.73 59.43 29.08
CA ASP I 199 -13.12 60.61 28.45
C ASP I 199 -12.48 60.21 27.14
N ALA I 200 -13.13 60.58 26.04
CA ALA I 200 -12.73 60.17 24.71
C ALA I 200 -11.55 61.03 24.25
N LYS I 201 -10.33 60.54 24.52
CA LYS I 201 -9.15 61.26 24.07
C LYS I 201 -8.91 61.04 22.58
N ALA I 202 -9.57 60.05 21.99
CA ALA I 202 -9.55 59.84 20.55
C ALA I 202 -10.92 59.35 20.11
N ASP I 203 -11.34 59.83 18.95
CA ASP I 203 -12.69 59.53 18.48
C ASP I 203 -12.70 58.12 17.91
N VAL I 204 -13.40 57.22 18.58
CA VAL I 204 -13.36 55.80 18.30
C VAL I 204 -14.61 55.42 17.53
N TYR I 205 -14.50 54.39 16.70
CA TYR I 205 -15.64 53.82 16.01
C TYR I 205 -15.65 52.32 16.23
N PHE I 206 -16.58 51.85 17.05
CA PHE I 206 -16.74 50.43 17.32
C PHE I 206 -17.58 49.82 16.20
N VAL I 207 -17.05 48.79 15.58
CA VAL I 207 -17.77 48.02 14.56
C VAL I 207 -17.87 46.58 15.02
N ALA I 208 -18.95 45.93 14.60
CA ALA I 208 -19.14 44.50 14.79
C ALA I 208 -19.49 43.91 13.43
N THR I 209 -18.49 43.34 12.76
CA THR I 209 -18.60 43.01 11.36
C THR I 209 -19.24 41.65 11.16
N VAL I 210 -19.75 41.44 9.96
CA VAL I 210 -20.39 40.20 9.56
C VAL I 210 -19.61 39.61 8.41
N GLN I 211 -19.91 38.35 8.12
CA GLN I 211 -19.25 37.61 7.06
C GLN I 211 -17.74 37.58 7.26
N GLU I 212 -17.30 37.41 8.51
CA GLU I 212 -15.87 37.29 8.77
C GLU I 212 -15.38 35.90 8.44
N GLU I 213 -16.07 34.87 8.93
CA GLU I 213 -15.59 33.52 8.77
C GLU I 213 -15.64 33.07 7.32
N VAL I 214 -16.45 33.74 6.50
CA VAL I 214 -16.50 33.50 5.06
C VAL I 214 -16.43 34.85 4.35
N GLY I 215 -15.42 35.02 3.52
CA GLY I 215 -15.22 36.30 2.90
C GLY I 215 -14.87 37.36 3.92
N LEU I 216 -13.74 37.18 4.63
CA LEU I 216 -13.29 38.10 5.67
C LEU I 216 -13.31 39.55 5.25
N ARG I 217 -13.23 39.83 3.94
CA ARG I 217 -13.39 41.18 3.43
C ARG I 217 -14.80 41.74 3.70
N GLY I 218 -15.71 40.93 4.25
CA GLY I 218 -16.96 41.48 4.74
C GLY I 218 -16.72 42.67 5.67
N ALA I 219 -15.70 42.57 6.53
CA ALA I 219 -15.38 43.65 7.44
C ALA I 219 -14.91 44.88 6.70
N ARG I 220 -14.16 44.68 5.61
CA ARG I 220 -13.56 45.78 4.87
C ARG I 220 -14.58 46.83 4.49
N THR I 221 -15.79 46.42 4.15
CA THR I 221 -16.76 47.38 3.63
C THR I 221 -17.02 48.49 4.64
N SER I 222 -17.20 48.11 5.90
CA SER I 222 -17.35 49.10 6.95
C SER I 222 -16.14 50.02 7.03
N ALA I 223 -14.94 49.47 6.77
CA ALA I 223 -13.71 50.20 7.03
C ALA I 223 -13.67 51.55 6.36
N PHE I 224 -13.96 51.61 5.06
CA PHE I 224 -13.65 52.81 4.29
C PHE I 224 -14.44 54.02 4.79
N GLY I 225 -15.66 53.80 5.25
CA GLY I 225 -16.43 54.93 5.73
C GLY I 225 -15.90 55.47 7.03
N ILE I 226 -15.07 54.68 7.71
CA ILE I 226 -14.86 54.85 9.13
C ILE I 226 -13.37 54.97 9.48
N GLU I 227 -12.54 54.10 8.91
CA GLU I 227 -11.22 53.77 9.45
C GLU I 227 -10.22 54.91 9.67
N PRO I 228 -10.04 55.83 8.71
CA PRO I 228 -8.69 56.25 8.33
C PRO I 228 -7.72 56.51 9.48
N ASP I 229 -6.47 56.16 9.24
CA ASP I 229 -5.29 56.62 9.99
C ASP I 229 -5.00 55.78 11.24
N TYR I 230 -5.88 54.81 11.54
CA TYR I 230 -5.52 53.81 12.54
C TYR I 230 -6.49 52.63 12.52
N GLY I 231 -6.17 51.56 13.26
CA GLY I 231 -6.99 50.36 13.22
C GLY I 231 -6.60 49.37 14.29
N PHE I 232 -7.59 48.59 14.71
CA PHE I 232 -7.41 47.54 15.70
C PHE I 232 -8.33 46.38 15.35
N ALA I 233 -8.15 45.26 16.04
CA ALA I 233 -8.99 44.10 15.83
C ALA I 233 -9.00 43.21 17.06
N ILE I 234 -10.13 42.53 17.26
CA ILE I 234 -10.26 41.52 18.29
C ILE I 234 -10.92 40.31 17.66
N ASP I 235 -10.10 39.41 17.14
CA ASP I 235 -10.53 38.13 16.62
C ASP I 235 -9.56 37.09 17.14
N VAL I 236 -9.87 35.82 16.89
CA VAL I 236 -9.10 34.73 17.47
C VAL I 236 -9.11 33.51 16.56
N THR I 237 -8.01 32.75 16.62
CA THR I 237 -7.94 31.40 16.11
C THR I 237 -6.69 30.76 16.68
N ILE I 238 -6.88 29.63 17.37
CA ILE I 238 -5.89 29.10 18.32
C ILE I 238 -5.95 27.58 18.26
N ALA I 239 -4.83 26.94 18.56
CA ALA I 239 -4.78 25.55 18.99
C ALA I 239 -4.07 25.54 20.34
N ALA I 240 -4.83 25.34 21.41
CA ALA I 240 -4.44 25.80 22.74
C ALA I 240 -4.22 24.64 23.73
N ASP I 241 -2.96 24.42 24.10
CA ASP I 241 -2.57 23.71 25.32
C ASP I 241 -3.23 22.34 25.44
N ILE I 242 -3.40 21.68 24.31
CA ILE I 242 -4.07 20.39 24.32
C ILE I 242 -3.03 19.40 24.82
N PRO I 243 -3.31 18.58 25.84
CA PRO I 243 -2.29 17.64 26.32
C PRO I 243 -1.84 16.67 25.24
N GLY I 244 -0.72 16.02 25.49
CA GLY I 244 -0.08 15.16 24.52
C GLY I 244 0.67 15.89 23.43
N THR I 245 0.62 17.22 23.40
CA THR I 245 1.34 18.01 22.42
C THR I 245 2.70 18.42 22.97
N PRO I 246 3.63 18.86 22.13
CA PRO I 246 4.87 19.45 22.63
C PRO I 246 4.63 20.80 23.28
N GLU I 247 5.75 21.45 23.62
CA GLU I 247 5.69 22.77 24.23
C GLU I 247 5.50 23.87 23.19
N HIS I 248 5.62 23.55 21.90
CA HIS I 248 5.63 24.60 20.89
C HIS I 248 4.27 25.25 20.71
N LYS I 249 3.20 24.60 21.15
CA LYS I 249 1.88 25.22 21.21
C LYS I 249 1.52 25.72 22.59
N GLN I 250 2.25 25.30 23.62
CA GLN I 250 1.85 25.62 24.98
C GLN I 250 1.89 27.12 25.23
N VAL I 251 2.88 27.83 24.68
CA VAL I 251 2.96 29.27 24.93
C VAL I 251 1.80 30.03 24.27
N THR I 252 1.16 29.44 23.25
CA THR I 252 -0.03 30.07 22.66
C THR I 252 -1.11 30.28 23.71
N HIS I 253 -1.18 29.41 24.70
CA HIS I 253 -2.12 29.56 25.81
C HIS I 253 -1.69 28.70 26.98
N LEU I 254 -1.68 29.30 28.15
CA LEU I 254 -1.41 28.60 29.40
C LEU I 254 -2.43 28.93 30.48
N GLY I 255 -3.41 29.78 30.19
CA GLY I 255 -4.44 30.24 31.11
C GLY I 255 -4.06 31.54 31.76
N LYS I 256 -3.38 32.40 31.03
CA LYS I 256 -2.73 33.56 31.59
C LYS I 256 -2.63 34.63 30.52
N GLY I 257 -3.07 35.83 30.88
CA GLY I 257 -2.85 36.99 30.07
C GLY I 257 -3.53 36.92 28.72
N THR I 258 -3.43 38.03 28.01
CA THR I 258 -4.05 38.18 26.70
C THR I 258 -3.00 37.94 25.64
N ALA I 259 -3.44 37.95 24.40
CA ALA I 259 -2.65 37.51 23.27
C ALA I 259 -2.62 38.60 22.22
N ILE I 260 -1.42 39.08 21.91
CA ILE I 260 -1.20 40.04 20.86
C ILE I 260 -0.74 39.29 19.62
N LYS I 261 -1.24 39.71 18.46
CA LYS I 261 -0.93 39.05 17.21
C LYS I 261 0.17 39.81 16.51
N ILE I 262 1.27 39.11 16.22
CA ILE I 262 2.35 39.69 15.43
C ILE I 262 2.18 39.29 13.98
N MET I 263 1.80 38.04 13.75
CA MET I 263 1.72 37.48 12.43
C MET I 263 0.53 36.54 12.35
N ASP I 264 -0.05 36.48 11.16
CA ASP I 264 -1.00 35.46 10.79
C ASP I 264 -0.72 35.06 9.34
N ARG I 265 -1.64 34.28 8.78
CA ARG I 265 -1.67 34.13 7.33
C ARG I 265 -1.79 35.49 6.67
N SER I 266 -2.81 36.23 7.03
CA SER I 266 -3.22 37.39 6.27
C SER I 266 -2.46 38.66 6.63
N VAL I 267 -2.29 38.94 7.92
CA VAL I 267 -1.89 40.26 8.38
C VAL I 267 -0.53 40.17 9.05
N ILE I 268 0.27 41.21 8.84
CA ILE I 268 1.54 41.40 9.54
C ILE I 268 1.42 42.73 10.26
N CYS I 269 1.22 42.68 11.57
CA CYS I 269 0.92 43.87 12.32
C CYS I 269 2.09 44.83 12.33
N HIS I 270 1.78 46.11 12.15
CA HIS I 270 2.77 47.16 12.18
C HIS I 270 3.47 47.14 13.53
N PRO I 271 4.74 46.73 13.61
CA PRO I 271 5.28 46.29 14.89
C PRO I 271 5.42 47.37 15.95
N THR I 272 5.43 48.64 15.54
CA THR I 272 5.48 49.71 16.53
C THR I 272 4.33 49.58 17.51
N ILE I 273 3.13 49.28 17.00
CA ILE I 273 1.99 49.03 17.86
C ILE I 273 2.30 47.94 18.86
N VAL I 274 2.86 46.82 18.37
CA VAL I 274 3.14 45.68 19.22
C VAL I 274 4.09 46.08 20.35
N ARG I 275 5.22 46.68 20.00
CA ARG I 275 6.18 47.09 21.03
C ARG I 275 5.53 48.08 21.99
N TRP I 276 4.61 48.89 21.49
CA TRP I 276 3.94 49.85 22.35
C TRP I 276 3.03 49.14 23.35
N LEU I 277 2.22 48.20 22.87
CA LEU I 277 1.35 47.45 23.77
C LEU I 277 2.19 46.66 24.76
N GLU I 278 3.31 46.10 24.29
CA GLU I 278 4.22 45.43 25.19
C GLU I 278 4.68 46.38 26.28
N GLU I 279 5.08 47.59 25.89
CA GLU I 279 5.44 48.62 26.86
C GLU I 279 4.26 48.92 27.78
N LEU I 280 3.06 48.99 27.21
CA LEU I 280 1.91 49.43 27.98
C LEU I 280 1.56 48.44 29.07
N ALA I 281 1.55 47.15 28.73
CA ALA I 281 1.12 46.15 29.69
C ALA I 281 2.07 46.10 30.87
N LYS I 282 3.35 46.38 30.64
CA LYS I 282 4.31 46.38 31.73
C LYS I 282 4.11 47.58 32.64
N LYS I 283 3.65 48.70 32.08
CA LYS I 283 3.54 49.92 32.88
C LYS I 283 2.40 49.80 33.88
N HIS I 284 1.30 49.18 33.48
CA HIS I 284 0.14 48.98 34.34
C HIS I 284 0.04 47.56 34.89
N GLU I 285 1.11 46.77 34.83
CA GLU I 285 1.18 45.44 35.46
C GLU I 285 0.15 44.49 34.86
N ILE I 286 -0.13 44.65 33.57
CA ILE I 286 -1.10 43.83 32.86
C ILE I 286 -0.39 42.58 32.34
N PRO I 287 -1.04 41.42 32.33
CA PRO I 287 -0.39 40.24 31.73
C PRO I 287 -0.58 40.22 30.22
N TYR I 288 0.39 39.64 29.53
CA TYR I 288 0.33 39.57 28.08
C TYR I 288 1.20 38.41 27.60
N GLN I 289 0.75 37.83 26.49
CA GLN I 289 1.55 36.88 25.73
C GLN I 289 1.85 37.50 24.39
N LEU I 290 2.66 36.81 23.60
CA LEU I 290 2.85 37.14 22.20
C LEU I 290 2.58 35.87 21.39
N GLU I 291 1.52 35.90 20.60
CA GLU I 291 1.03 34.73 19.89
C GLU I 291 1.15 34.96 18.41
N ILE I 292 1.46 33.89 17.68
CA ILE I 292 1.49 33.88 16.24
C ILE I 292 0.89 32.56 15.78
N LEU I 293 0.40 32.54 14.55
CA LEU I 293 -0.12 31.34 13.93
C LEU I 293 0.60 31.06 12.62
N LEU I 294 0.37 29.87 12.09
CA LEU I 294 0.70 29.54 10.73
C LEU I 294 -0.48 29.73 9.78
N GLY I 295 -1.70 29.78 10.33
CA GLY I 295 -2.89 29.87 9.52
C GLY I 295 -3.96 30.69 10.22
N GLY I 296 -5.13 30.75 9.58
CA GLY I 296 -6.25 31.49 10.09
C GLY I 296 -6.43 32.83 9.41
N GLY I 297 -7.68 33.26 9.22
CA GLY I 297 -7.97 34.53 8.58
C GLY I 297 -8.79 35.41 9.51
N THR I 298 -8.22 36.56 9.83
CA THR I 298 -8.80 37.48 10.80
C THR I 298 -9.33 38.74 10.13
N ASP I 299 -10.00 39.55 10.95
CA ASP I 299 -10.51 40.83 10.48
C ASP I 299 -9.37 41.76 10.11
N ALA I 300 -8.25 41.68 10.82
CA ALA I 300 -7.17 42.65 10.66
C ALA I 300 -6.64 42.67 9.25
N GLY I 301 -6.60 41.51 8.59
CA GLY I 301 -6.08 41.45 7.24
C GLY I 301 -6.84 42.35 6.29
N ALA I 302 -8.16 42.36 6.42
CA ALA I 302 -8.98 43.20 5.56
C ALA I 302 -8.75 44.67 5.85
N ILE I 303 -8.36 45.00 7.08
CA ILE I 303 -8.16 46.40 7.44
C ILE I 303 -6.93 46.94 6.74
N HIS I 304 -5.91 46.09 6.58
CA HIS I 304 -4.63 46.54 6.05
C HIS I 304 -4.70 47.00 4.61
N LEU I 305 -5.78 46.71 3.91
CA LEU I 305 -5.86 46.87 2.46
C LEU I 305 -6.64 48.09 2.03
N THR I 306 -7.32 48.77 2.94
CA THR I 306 -7.94 50.04 2.61
C THR I 306 -6.91 51.03 2.12
N LYS I 307 -7.39 52.03 1.37
CA LYS I 307 -6.52 52.81 0.50
C LYS I 307 -5.43 53.56 1.24
N ALA I 308 -5.67 53.96 2.48
CA ALA I 308 -4.66 54.71 3.21
C ALA I 308 -3.43 53.86 3.49
N GLY I 309 -3.60 52.54 3.55
CA GLY I 309 -2.52 51.68 3.99
C GLY I 309 -2.34 51.66 5.49
N VAL I 310 -3.32 51.17 6.22
CA VAL I 310 -3.43 51.42 7.65
C VAL I 310 -2.49 50.51 8.44
N PRO I 311 -1.82 50.99 9.48
CA PRO I 311 -1.12 50.08 10.39
C PRO I 311 -2.07 49.56 11.43
N THR I 312 -1.91 48.29 11.76
CA THR I 312 -2.88 47.57 12.57
C THR I 312 -2.21 46.66 13.57
N GLY I 313 -2.72 46.70 14.80
CA GLY I 313 -2.44 45.69 15.79
C GLY I 313 -3.72 44.94 16.10
N ALA I 314 -3.55 43.77 16.71
CA ALA I 314 -4.67 42.91 16.99
C ALA I 314 -4.47 42.22 18.33
N LEU I 315 -5.55 42.19 19.10
CA LEU I 315 -5.61 41.48 20.36
C LEU I 315 -6.40 40.20 20.18
N SER I 316 -6.10 39.23 21.02
CA SER I 316 -6.73 37.93 20.96
C SER I 316 -7.04 37.45 22.38
N VAL I 317 -8.26 36.97 22.55
CA VAL I 317 -8.71 36.40 23.82
C VAL I 317 -8.61 34.89 23.71
N PRO I 318 -7.68 34.24 24.39
CA PRO I 318 -7.19 32.96 23.94
C PRO I 318 -8.06 31.78 24.36
N ALA I 319 -7.50 30.59 24.16
CA ALA I 319 -7.89 29.34 24.80
C ALA I 319 -9.11 28.66 24.21
N ARG I 320 -9.26 28.75 22.90
CA ARG I 320 -10.34 28.10 22.21
C ARG I 320 -10.05 26.59 22.09
N TYR I 321 -11.13 25.82 21.91
CA TYR I 321 -11.07 24.47 21.37
C TYR I 321 -11.76 24.50 20.02
N ILE I 322 -11.58 23.44 19.24
CA ILE I 322 -11.86 23.42 17.80
C ILE I 322 -13.27 23.98 17.57
N HIS I 323 -13.31 25.14 16.90
CA HIS I 323 -14.25 26.21 17.28
C HIS I 323 -15.72 25.83 17.16
N SER I 324 -16.02 24.67 16.62
CA SER I 324 -17.40 24.24 16.48
C SER I 324 -18.12 24.15 17.81
N ASN I 325 -17.64 23.32 18.72
CA ASN I 325 -18.52 22.73 19.72
C ASN I 325 -18.45 23.35 21.10
N THR I 326 -17.26 23.42 21.70
CA THR I 326 -17.09 24.10 22.97
C THR I 326 -15.84 24.94 22.85
N GLU I 327 -15.86 26.03 23.59
CA GLU I 327 -15.09 27.20 23.26
C GLU I 327 -14.54 27.84 24.52
N VAL I 328 -13.85 27.04 25.34
CA VAL I 328 -13.41 27.46 26.66
C VAL I 328 -12.67 28.80 26.61
N VAL I 329 -12.78 29.56 27.70
CA VAL I 329 -12.07 30.81 27.89
C VAL I 329 -11.57 30.90 29.32
N ASP I 330 -10.88 32.01 29.60
CA ASP I 330 -10.34 32.34 30.90
C ASP I 330 -10.85 33.70 31.33
N GLU I 331 -11.57 33.71 32.46
CA GLU I 331 -12.12 34.96 33.00
C GLU I 331 -11.03 36.00 33.19
N ARG I 332 -9.81 35.56 33.50
CA ARG I 332 -8.74 36.52 33.79
C ARG I 332 -8.37 37.27 32.53
N ASP I 333 -8.23 36.54 31.42
CA ASP I 333 -7.70 37.14 30.20
C ASP I 333 -8.66 38.19 29.65
N VAL I 334 -9.95 37.86 29.62
CA VAL I 334 -10.91 38.75 28.99
C VAL I 334 -10.97 40.08 29.71
N ASP I 335 -10.95 40.06 31.05
CA ASP I 335 -10.98 41.33 31.78
C ASP I 335 -9.66 42.06 31.61
N ALA I 336 -8.56 41.31 31.53
CA ALA I 336 -7.27 41.93 31.30
C ALA I 336 -7.23 42.56 29.93
N THR I 337 -7.81 41.87 28.94
CA THR I 337 -7.88 42.41 27.58
C THR I 337 -8.58 43.76 27.58
N VAL I 338 -9.69 43.85 28.31
CA VAL I 338 -10.44 45.10 28.38
C VAL I 338 -9.57 46.21 28.94
N GLU I 339 -8.90 45.95 30.06
CA GLU I 339 -8.03 46.94 30.67
C GLU I 339 -7.00 47.44 29.68
N LEU I 340 -6.36 46.52 28.96
CA LEU I 340 -5.32 46.88 28.03
C LEU I 340 -5.83 47.82 26.95
N MET I 341 -6.88 47.41 26.24
CA MET I 341 -7.42 48.25 25.17
C MET I 341 -7.88 49.59 25.73
N THR I 342 -8.51 49.58 26.90
CA THR I 342 -9.03 50.80 27.48
C THR I 342 -7.92 51.83 27.63
N LYS I 343 -6.77 51.39 28.14
CA LYS I 343 -5.67 52.32 28.34
C LYS I 343 -5.02 52.69 27.02
N ALA I 344 -4.93 51.72 26.09
CA ALA I 344 -4.31 52.00 24.80
C ALA I 344 -5.06 53.07 24.05
N LEU I 345 -6.40 53.01 24.07
CA LEU I 345 -7.20 53.99 23.37
C LEU I 345 -6.91 55.39 23.86
N GLU I 346 -6.95 55.57 25.17
CA GLU I 346 -6.70 56.90 25.72
C GLU I 346 -5.27 57.35 25.45
N ASN I 347 -4.32 56.42 25.56
CA ASN I 347 -2.93 56.80 25.34
C ASN I 347 -2.55 56.77 23.86
N ILE I 348 -3.49 56.52 22.95
CA ILE I 348 -3.14 56.49 21.53
C ILE I 348 -2.70 57.88 21.06
N HIS I 349 -3.13 58.94 21.75
CA HIS I 349 -2.82 60.28 21.27
C HIS I 349 -1.31 60.54 21.28
N GLU I 350 -0.58 59.85 22.17
CA GLU I 350 0.87 60.00 22.23
C GLU I 350 1.56 59.05 21.24
N LEU I 351 0.85 58.01 20.79
CA LEU I 351 1.45 56.99 19.95
C LEU I 351 1.80 57.51 18.56
N LYS I 352 1.05 58.51 18.06
CA LYS I 352 1.09 58.97 16.67
C LYS I 352 2.49 59.10 16.04
N ILE I 353 3.53 59.32 16.83
CA ILE I 353 4.91 59.57 16.35
C ILE I 353 4.99 61.00 15.85
N MET J 1 41.61 -13.34 -37.93
CA MET J 1 42.11 -12.38 -38.98
C MET J 1 42.84 -11.16 -38.43
N GLU J 2 44.04 -11.38 -37.90
CA GLU J 2 44.74 -10.32 -37.17
C GLU J 2 45.27 -9.34 -38.21
N VAL J 3 44.39 -8.44 -38.65
CA VAL J 3 44.76 -7.41 -39.62
C VAL J 3 45.83 -6.49 -39.03
N ARG J 4 45.75 -6.23 -37.73
CA ARG J 4 46.69 -5.36 -37.03
C ARG J 4 47.67 -6.10 -36.13
N ASN J 5 47.33 -7.32 -35.69
CA ASN J 5 48.11 -8.08 -34.71
C ASN J 5 48.26 -7.34 -33.40
N MET J 6 47.27 -6.52 -33.04
CA MET J 6 47.33 -5.76 -31.80
C MET J 6 46.95 -6.62 -30.60
N VAL J 7 45.96 -7.48 -30.78
CA VAL J 7 45.46 -8.36 -29.73
C VAL J 7 45.39 -9.77 -30.29
N ASP J 8 46.16 -10.68 -29.71
CA ASP J 8 46.26 -12.03 -30.25
C ASP J 8 45.02 -12.84 -29.90
N TYR J 9 44.24 -13.16 -30.92
CA TYR J 9 42.99 -13.88 -30.72
C TYR J 9 43.22 -15.27 -30.15
N GLU J 10 44.34 -15.90 -30.48
CA GLU J 10 44.64 -17.22 -29.93
C GLU J 10 44.91 -17.15 -28.44
N LEU J 11 45.71 -16.18 -28.01
CA LEU J 11 46.16 -16.13 -26.62
C LEU J 11 44.98 -15.93 -25.67
N LEU J 12 44.07 -15.03 -26.03
CA LEU J 12 42.93 -14.74 -25.17
C LEU J 12 42.07 -15.98 -24.95
N LYS J 13 42.03 -16.86 -25.95
CA LYS J 13 41.23 -18.07 -25.84
C LYS J 13 41.72 -18.92 -24.67
N LYS J 14 43.03 -19.10 -24.57
CA LYS J 14 43.60 -20.00 -23.56
C LYS J 14 43.22 -19.56 -22.16
N VAL J 15 43.28 -18.26 -21.89
CA VAL J 15 43.13 -17.80 -20.51
C VAL J 15 41.66 -17.81 -20.12
N VAL J 16 40.77 -17.40 -21.02
CA VAL J 16 39.43 -17.03 -20.59
C VAL J 16 38.53 -18.25 -20.51
N GLU J 17 38.75 -19.23 -21.38
CA GLU J 17 37.98 -20.47 -21.29
C GLU J 17 38.30 -21.21 -20.00
N ALA J 18 39.48 -21.00 -19.45
CA ALA J 18 39.90 -21.74 -18.27
C ALA J 18 39.03 -21.34 -17.09
N PRO J 19 38.96 -22.16 -16.04
CA PRO J 19 38.02 -21.91 -14.96
C PRO J 19 38.57 -20.94 -13.93
N GLY J 20 37.67 -20.12 -13.39
CA GLY J 20 38.04 -18.89 -12.74
C GLY J 20 37.97 -18.85 -11.23
N VAL J 21 38.35 -19.96 -10.59
CA VAL J 21 38.75 -19.90 -9.19
C VAL J 21 39.83 -20.95 -8.99
N SER J 22 41.02 -20.51 -8.57
CA SER J 22 42.20 -21.35 -8.62
C SER J 22 42.41 -22.05 -7.29
N GLY J 23 43.37 -22.99 -7.29
CA GLY J 23 43.66 -23.79 -6.11
C GLY J 23 42.75 -24.98 -5.93
N TYR J 24 41.49 -24.85 -6.32
CA TYR J 24 40.53 -25.94 -6.35
C TYR J 24 41.01 -27.00 -7.34
N GLU J 25 40.20 -28.04 -7.47
CA GLU J 25 40.42 -29.01 -8.53
C GLU J 25 40.41 -28.40 -9.94
N PHE J 26 39.97 -27.14 -10.11
CA PHE J 26 39.98 -26.52 -11.43
C PHE J 26 41.28 -25.81 -11.76
N LEU J 27 42.33 -25.95 -10.96
CA LEU J 27 43.38 -24.92 -10.88
C LEU J 27 44.18 -24.69 -12.17
N GLY J 28 43.77 -25.25 -13.32
CA GLY J 28 44.57 -25.19 -14.53
C GLY J 28 45.04 -23.81 -14.97
N ILE J 29 44.30 -22.75 -14.61
CA ILE J 29 44.68 -21.41 -15.03
C ILE J 29 46.07 -21.06 -14.51
N ARG J 30 46.40 -21.53 -13.31
CA ARG J 30 47.72 -21.30 -12.73
C ARG J 30 48.80 -21.76 -13.68
N ASP J 31 48.69 -23.01 -14.14
CA ASP J 31 49.64 -23.55 -15.10
C ASP J 31 49.68 -22.68 -16.34
N VAL J 32 48.52 -22.20 -16.80
CA VAL J 32 48.46 -21.47 -18.06
C VAL J 32 49.27 -20.18 -17.96
N VAL J 33 49.04 -19.41 -16.89
CA VAL J 33 49.69 -18.12 -16.78
C VAL J 33 51.20 -18.31 -16.66
N ILE J 34 51.63 -19.33 -15.92
CA ILE J 34 53.07 -19.55 -15.80
C ILE J 34 53.63 -20.18 -17.06
N GLU J 35 52.83 -20.97 -17.78
CA GLU J 35 53.30 -21.60 -19.01
C GLU J 35 53.68 -20.56 -20.05
N GLU J 36 53.01 -19.42 -20.04
CA GLU J 36 53.30 -18.32 -20.94
C GLU J 36 54.39 -17.40 -20.41
N ILE J 37 54.15 -16.86 -19.22
CA ILE J 37 54.94 -15.73 -18.74
C ILE J 37 56.41 -16.11 -18.56
N LYS J 38 56.70 -17.38 -18.26
CA LYS J 38 57.99 -17.72 -17.71
C LYS J 38 59.11 -17.57 -18.73
N ASP J 39 58.80 -17.70 -20.02
CA ASP J 39 59.86 -17.62 -21.01
C ASP J 39 60.42 -16.21 -21.13
N TYR J 40 59.63 -15.20 -20.76
CA TYR J 40 60.03 -13.80 -20.90
C TYR J 40 60.50 -13.17 -19.61
N VAL J 41 60.38 -13.86 -18.48
CA VAL J 41 60.73 -13.32 -17.17
C VAL J 41 61.83 -14.18 -16.57
N ASP J 42 62.64 -13.54 -15.71
CA ASP J 42 63.80 -14.21 -15.14
C ASP J 42 63.38 -15.36 -14.23
N GLU J 43 62.36 -15.15 -13.40
CA GLU J 43 61.99 -16.14 -12.41
C GLU J 43 60.54 -15.91 -12.02
N VAL J 44 59.93 -16.96 -11.49
CA VAL J 44 58.52 -16.97 -11.17
C VAL J 44 58.30 -17.89 -9.98
N LYS J 45 57.31 -17.55 -9.14
CA LYS J 45 57.03 -18.33 -7.94
C LYS J 45 55.55 -18.28 -7.62
N VAL J 46 55.12 -19.26 -6.84
CA VAL J 46 53.74 -19.40 -6.41
C VAL J 46 53.73 -19.27 -4.89
N ASP J 47 52.86 -18.42 -4.37
CA ASP J 47 52.74 -18.26 -2.94
C ASP J 47 51.84 -19.38 -2.41
N LYS J 48 51.56 -19.33 -1.11
CA LYS J 48 50.79 -20.39 -0.50
C LYS J 48 49.32 -20.27 -0.87
N LEU J 49 48.83 -19.06 -1.01
CA LEU J 49 47.42 -18.75 -1.20
C LEU J 49 46.94 -18.87 -2.63
N GLY J 50 47.76 -19.43 -3.53
CA GLY J 50 47.39 -19.49 -4.93
C GLY J 50 47.80 -18.30 -5.74
N ASN J 51 48.31 -17.25 -5.11
CA ASN J 51 48.86 -16.12 -5.86
C ASN J 51 50.04 -16.58 -6.70
N VAL J 52 50.23 -15.88 -7.81
CA VAL J 52 51.34 -16.11 -8.72
C VAL J 52 52.25 -14.89 -8.63
N ILE J 53 53.55 -15.12 -8.64
CA ILE J 53 54.57 -14.09 -8.46
C ILE J 53 55.57 -14.22 -9.58
N ALA J 54 55.66 -13.21 -10.43
CA ALA J 54 56.65 -13.15 -11.48
C ALA J 54 57.56 -11.96 -11.25
N HIS J 55 58.85 -12.25 -11.09
CA HIS J 55 59.86 -11.26 -10.71
C HIS J 55 60.81 -11.09 -11.88
N LYS J 56 60.62 -10.05 -12.65
CA LYS J 56 61.65 -9.56 -13.56
C LYS J 56 62.61 -8.73 -12.73
N LYS J 57 63.89 -8.79 -13.08
CA LYS J 57 64.93 -8.13 -12.30
C LYS J 57 65.39 -6.88 -13.03
N GLY J 58 65.92 -5.92 -12.29
CA GLY J 58 66.40 -4.69 -12.87
C GLY J 58 67.07 -3.81 -11.84
N GLU J 59 67.19 -2.54 -12.19
CA GLU J 59 67.78 -1.51 -11.34
C GLU J 59 66.76 -0.41 -11.12
N GLY J 60 66.18 -0.36 -9.92
CA GLY J 60 65.20 0.66 -9.62
C GLY J 60 64.25 0.28 -8.50
N PRO J 61 63.19 1.06 -8.33
CA PRO J 61 62.20 0.76 -7.30
C PRO J 61 61.38 -0.47 -7.64
N LYS J 62 60.69 -0.98 -6.62
CA LYS J 62 59.90 -2.19 -6.75
C LYS J 62 58.47 -1.82 -7.12
N VAL J 63 58.08 -2.16 -8.35
CA VAL J 63 56.76 -1.89 -8.88
C VAL J 63 55.94 -3.17 -8.86
N MET J 64 54.68 -3.04 -8.46
CA MET J 64 53.77 -4.16 -8.30
C MET J 64 52.59 -3.97 -9.24
N ILE J 65 52.35 -4.98 -10.08
CA ILE J 65 51.32 -4.93 -11.11
C ILE J 65 50.29 -6.01 -10.79
N ALA J 66 49.08 -5.60 -10.47
CA ALA J 66 48.08 -6.49 -9.90
C ALA J 66 46.90 -6.64 -10.83
N ALA J 67 46.60 -7.90 -11.17
CA ALA J 67 45.37 -8.28 -11.83
C ALA J 67 44.72 -9.41 -11.06
N HIS J 68 43.41 -9.53 -11.19
CA HIS J 68 42.67 -10.61 -10.55
C HIS J 68 42.26 -11.66 -11.57
N MET J 69 42.24 -12.91 -11.11
CA MET J 69 41.92 -14.06 -11.94
C MET J 69 40.83 -14.90 -11.27
N ASP J 70 40.08 -14.28 -10.36
CA ASP J 70 38.99 -14.96 -9.68
C ASP J 70 37.64 -14.67 -10.32
N GLN J 71 37.43 -15.16 -11.53
CA GLN J 71 36.17 -14.97 -12.25
C GLN J 71 35.04 -15.51 -11.37
N ILE J 72 33.89 -14.86 -11.43
CA ILE J 72 32.72 -15.20 -10.65
C ILE J 72 32.31 -16.63 -10.96
N GLY J 73 31.75 -17.29 -9.96
CA GLY J 73 31.18 -18.60 -10.16
C GLY J 73 30.13 -18.89 -9.11
N LEU J 74 29.60 -20.11 -9.16
CA LEU J 74 28.60 -20.56 -8.21
C LEU J 74 29.06 -21.84 -7.53
N MET J 75 28.43 -22.13 -6.39
CA MET J 75 28.80 -23.24 -5.52
C MET J 75 27.56 -24.08 -5.23
N VAL J 76 27.71 -25.38 -5.37
CA VAL J 76 26.70 -26.31 -4.89
C VAL J 76 26.80 -26.39 -3.38
N THR J 77 25.65 -26.39 -2.70
CA THR J 77 25.60 -26.51 -1.26
C THR J 77 24.93 -27.79 -0.79
N HIS J 78 24.00 -28.34 -1.56
CA HIS J 78 23.34 -29.58 -1.19
C HIS J 78 22.72 -30.16 -2.45
N ILE J 79 22.17 -31.37 -2.29
CA ILE J 79 21.60 -32.13 -3.39
C ILE J 79 20.19 -32.54 -3.00
N GLU J 80 19.21 -31.93 -3.65
CA GLU J 80 17.83 -32.35 -3.46
C GLU J 80 17.65 -33.79 -3.93
N LYS J 81 16.53 -34.39 -3.55
CA LYS J 81 16.37 -35.82 -3.74
C LYS J 81 16.12 -36.19 -5.19
N ASN J 82 15.54 -35.30 -5.98
CA ASN J 82 15.21 -35.59 -7.37
C ASN J 82 16.43 -35.52 -8.29
N GLY J 83 17.63 -35.38 -7.76
CA GLY J 83 18.82 -35.26 -8.59
C GLY J 83 19.07 -33.88 -9.13
N PHE J 84 18.38 -32.86 -8.63
CA PHE J 84 18.57 -31.48 -9.06
C PHE J 84 19.29 -30.69 -7.97
N LEU J 85 20.14 -29.75 -8.42
CA LEU J 85 21.02 -29.01 -7.55
C LEU J 85 20.45 -27.67 -7.13
N ARG J 86 20.69 -27.29 -5.89
CA ARG J 86 20.65 -25.91 -5.45
C ARG J 86 22.06 -25.36 -5.47
N VAL J 87 22.18 -24.06 -5.20
CA VAL J 87 23.44 -23.37 -5.37
C VAL J 87 23.53 -22.22 -4.37
N ALA J 88 24.75 -21.72 -4.20
CA ALA J 88 25.02 -20.52 -3.44
C ALA J 88 26.06 -19.68 -4.16
N PRO J 89 25.81 -18.39 -4.38
CA PRO J 89 26.71 -17.62 -5.23
C PRO J 89 27.97 -17.20 -4.52
N ILE J 90 28.96 -16.89 -5.33
CA ILE J 90 30.15 -16.17 -4.91
C ILE J 90 29.86 -14.68 -5.08
N GLY J 91 30.50 -13.89 -4.23
CA GLY J 91 30.17 -12.48 -4.06
C GLY J 91 30.31 -11.71 -5.36
N GLY J 92 29.37 -10.79 -5.56
CA GLY J 92 29.38 -9.91 -6.70
C GLY J 92 28.32 -10.19 -7.74
N VAL J 93 27.81 -11.40 -7.82
CA VAL J 93 26.95 -11.82 -8.91
C VAL J 93 25.55 -11.29 -8.68
N ASP J 94 24.82 -11.08 -9.77
CA ASP J 94 23.43 -10.70 -9.75
C ASP J 94 22.59 -11.88 -10.25
N PRO J 95 21.53 -12.29 -9.56
CA PRO J 95 20.87 -13.54 -9.94
C PRO J 95 19.92 -13.44 -11.12
N LYS J 96 19.61 -12.23 -11.60
CA LYS J 96 18.79 -12.10 -12.80
C LYS J 96 19.47 -12.70 -14.03
N THR J 97 20.78 -12.95 -13.94
CA THR J 97 21.55 -13.55 -15.00
C THR J 97 21.57 -15.06 -14.92
N LEU J 98 20.46 -15.66 -14.50
CA LEU J 98 20.34 -17.09 -14.22
C LEU J 98 20.99 -17.96 -15.28
N ILE J 99 20.47 -17.97 -16.50
CA ILE J 99 21.07 -18.67 -17.62
C ILE J 99 20.31 -18.32 -18.89
N ALA J 100 21.00 -18.46 -20.01
CA ALA J 100 20.42 -18.64 -21.33
C ALA J 100 20.93 -19.91 -21.99
N GLN J 101 22.06 -20.43 -21.52
CA GLN J 101 22.63 -21.67 -22.00
C GLN J 101 23.75 -22.10 -21.07
N ARG J 102 23.83 -23.42 -20.85
CA ARG J 102 25.07 -24.10 -20.56
C ARG J 102 25.84 -23.56 -19.36
N PHE J 103 25.40 -23.82 -18.13
CA PHE J 103 26.30 -23.70 -16.98
C PHE J 103 27.18 -24.95 -16.89
N LYS J 104 28.46 -24.71 -16.67
CA LYS J 104 29.47 -25.77 -16.70
C LYS J 104 29.85 -26.14 -15.27
N VAL J 105 30.04 -27.44 -15.03
CA VAL J 105 30.38 -27.98 -13.72
C VAL J 105 31.75 -28.64 -13.83
N TRP J 106 32.75 -28.04 -13.18
CA TRP J 106 34.10 -28.58 -13.19
C TRP J 106 34.29 -29.54 -12.02
N ILE J 107 33.87 -30.79 -12.20
CA ILE J 107 34.19 -31.83 -11.22
C ILE J 107 35.68 -31.85 -10.94
N ASP J 108 36.49 -31.97 -11.99
CA ASP J 108 37.92 -31.96 -11.85
C ASP J 108 38.54 -31.44 -13.13
N LYS J 109 39.86 -31.33 -13.13
CA LYS J 109 40.61 -30.80 -14.25
C LYS J 109 40.35 -31.63 -15.49
N GLY J 110 39.94 -30.97 -16.57
CA GLY J 110 39.65 -31.64 -17.82
C GLY J 110 38.39 -32.48 -17.82
N LYS J 111 37.54 -32.35 -16.81
CA LYS J 111 36.27 -33.06 -16.75
C LYS J 111 35.17 -32.06 -16.45
N PHE J 112 34.28 -31.87 -17.41
CA PHE J 112 33.18 -30.92 -17.29
C PHE J 112 31.92 -31.53 -17.87
N ILE J 113 30.81 -31.25 -17.21
CA ILE J 113 29.49 -31.61 -17.71
C ILE J 113 28.60 -30.38 -17.67
N TYR J 114 27.76 -30.27 -18.68
CA TYR J 114 26.97 -29.08 -18.87
C TYR J 114 25.76 -29.11 -17.95
N GLY J 115 25.33 -27.92 -17.54
CA GLY J 115 24.23 -27.79 -16.61
C GLY J 115 23.44 -26.53 -16.89
N VAL J 116 22.19 -26.53 -16.44
CA VAL J 116 21.27 -25.43 -16.66
C VAL J 116 20.68 -25.04 -15.33
N GLY J 117 20.26 -23.78 -15.24
CA GLY J 117 19.90 -23.17 -13.98
C GLY J 117 18.73 -22.22 -14.06
N ALA J 118 17.76 -22.51 -14.91
CA ALA J 118 16.91 -21.43 -15.39
C ALA J 118 16.01 -20.81 -14.32
N SER J 119 15.31 -21.61 -13.53
CA SER J 119 14.09 -21.13 -12.89
C SER J 119 13.90 -21.69 -11.48
N VAL J 120 13.82 -20.79 -10.52
CA VAL J 120 13.21 -21.09 -9.22
C VAL J 120 11.73 -20.83 -9.48
N PRO J 121 10.81 -21.67 -9.04
CA PRO J 121 9.40 -21.40 -9.33
C PRO J 121 8.93 -20.18 -8.56
N PRO J 122 8.40 -19.15 -9.23
CA PRO J 122 7.89 -18.00 -8.49
C PRO J 122 6.73 -18.39 -7.59
N HIS J 123 6.59 -17.69 -6.48
CA HIS J 123 5.54 -17.98 -5.52
C HIS J 123 4.19 -17.75 -6.16
N ILE J 124 3.15 -18.27 -5.50
CA ILE J 124 1.80 -18.23 -6.02
C ILE J 124 1.14 -16.94 -5.55
N GLN J 125 1.24 -15.90 -6.36
CA GLN J 125 0.47 -14.67 -6.11
C GLN J 125 0.46 -13.79 -7.34
N LYS J 126 -0.51 -12.87 -7.38
CA LYS J 126 -0.81 -12.06 -8.56
C LYS J 126 0.14 -10.88 -8.75
N PRO J 127 0.49 -10.10 -7.68
CA PRO J 127 1.57 -9.12 -7.87
C PRO J 127 2.91 -9.78 -8.17
N GLU J 128 3.08 -11.03 -7.73
CA GLU J 128 4.33 -11.75 -7.91
C GLU J 128 4.42 -12.39 -9.28
N ASP J 129 3.28 -12.72 -9.90
CA ASP J 129 3.30 -13.10 -11.31
C ASP J 129 3.88 -11.97 -12.15
N ARG J 130 3.65 -10.73 -11.72
CA ARG J 130 4.30 -9.58 -12.35
C ARG J 130 5.78 -9.48 -11.96
N LYS J 131 6.12 -9.81 -10.71
CA LYS J 131 7.52 -9.83 -10.32
C LYS J 131 8.15 -11.11 -10.82
N LYS J 132 8.71 -11.07 -12.01
CA LYS J 132 9.43 -12.22 -12.54
C LYS J 132 10.89 -12.21 -12.12
N ALA J 133 11.26 -11.40 -11.13
CA ALA J 133 12.59 -11.47 -10.57
C ALA J 133 12.71 -12.75 -9.76
N PRO J 134 13.85 -13.43 -9.77
CA PRO J 134 13.97 -14.64 -8.95
C PRO J 134 13.96 -14.34 -7.48
N ASP J 135 13.52 -15.32 -6.71
CA ASP J 135 13.50 -15.21 -5.27
C ASP J 135 14.95 -15.15 -4.78
N TRP J 136 15.16 -14.52 -3.63
CA TRP J 136 16.50 -14.31 -3.11
C TRP J 136 17.09 -15.56 -2.49
N ASP J 137 16.28 -16.61 -2.24
CA ASP J 137 16.76 -17.81 -1.56
C ASP J 137 17.97 -18.39 -2.26
N GLN J 138 17.80 -18.90 -3.47
CA GLN J 138 18.65 -18.67 -4.64
C GLN J 138 18.06 -19.60 -5.70
N ILE J 139 18.56 -19.54 -6.92
CA ILE J 139 18.09 -20.34 -8.03
C ILE J 139 18.62 -21.77 -7.86
N PHE J 140 18.07 -22.68 -8.66
CA PHE J 140 18.48 -24.08 -8.69
C PHE J 140 19.10 -24.42 -10.04
N ILE J 141 19.86 -25.53 -10.05
CA ILE J 141 20.58 -26.00 -11.23
C ILE J 141 20.15 -27.43 -11.52
N ASP J 142 20.15 -27.78 -12.80
CA ASP J 142 19.88 -29.13 -13.27
C ASP J 142 21.08 -29.67 -14.01
N ILE J 143 21.44 -30.92 -13.71
CA ILE J 143 22.38 -31.69 -14.52
C ILE J 143 21.75 -32.95 -15.07
N GLY J 144 20.44 -33.13 -14.91
CA GLY J 144 19.72 -34.20 -15.53
C GLY J 144 19.70 -35.50 -14.76
N ALA J 145 20.44 -35.59 -13.66
CA ALA J 145 20.39 -36.79 -12.85
C ALA J 145 19.05 -36.92 -12.17
N GLU J 146 18.57 -38.15 -12.04
CA GLU J 146 17.30 -38.41 -11.41
C GLU J 146 17.37 -38.49 -9.89
N SER J 147 18.55 -38.73 -9.32
CA SER J 147 18.66 -38.94 -7.89
C SER J 147 20.01 -38.49 -7.37
N LYS J 148 20.05 -38.32 -6.05
CA LYS J 148 21.28 -37.95 -5.35
C LYS J 148 22.37 -38.96 -5.61
N GLU J 149 22.02 -40.25 -5.59
CA GLU J 149 23.01 -41.30 -5.81
C GLU J 149 23.67 -41.16 -7.17
N GLU J 150 22.86 -40.96 -8.21
CA GLU J 150 23.40 -40.82 -9.55
C GLU J 150 24.33 -39.61 -9.64
N ALA J 151 23.99 -38.54 -8.91
CA ALA J 151 24.77 -37.33 -9.00
C ALA J 151 26.17 -37.51 -8.44
N GLU J 152 26.28 -38.23 -7.32
CA GLU J 152 27.58 -38.41 -6.72
C GLU J 152 28.42 -39.41 -7.51
N ASP J 153 27.77 -40.30 -8.26
CA ASP J 153 28.51 -41.24 -9.08
C ASP J 153 29.17 -40.52 -10.25
N MET J 154 28.57 -39.44 -10.72
CA MET J 154 29.22 -38.59 -11.71
C MET J 154 30.52 -38.01 -11.17
N GLY J 155 30.51 -37.60 -9.91
CA GLY J 155 31.61 -36.89 -9.30
C GLY J 155 31.22 -35.60 -8.61
N VAL J 156 29.99 -35.15 -8.77
CA VAL J 156 29.53 -33.93 -8.10
C VAL J 156 29.57 -34.16 -6.61
N LYS J 157 30.12 -33.20 -5.89
CA LYS J 157 30.13 -33.18 -4.45
C LYS J 157 29.91 -31.76 -3.99
N ILE J 158 29.83 -31.59 -2.67
CA ILE J 158 29.74 -30.24 -2.16
C ILE J 158 31.09 -29.58 -2.33
N GLY J 159 31.06 -28.28 -2.56
CA GLY J 159 32.27 -27.53 -2.83
C GLY J 159 31.93 -26.38 -3.75
N THR J 160 32.87 -25.48 -3.90
CA THR J 160 32.82 -24.50 -4.97
C THR J 160 33.27 -25.18 -6.26
N VAL J 161 32.36 -25.34 -7.23
CA VAL J 161 32.62 -26.23 -8.35
C VAL J 161 32.31 -25.62 -9.72
N ILE J 162 31.48 -24.58 -9.77
CA ILE J 162 30.77 -24.20 -11.01
C ILE J 162 31.28 -22.88 -11.57
N THR J 163 31.10 -22.70 -12.89
CA THR J 163 31.36 -21.44 -13.59
C THR J 163 30.36 -21.24 -14.71
N TRP J 164 30.65 -20.29 -15.60
CA TRP J 164 29.60 -19.71 -16.45
C TRP J 164 29.59 -20.28 -17.87
N ASP J 165 30.68 -20.92 -18.30
CA ASP J 165 30.78 -21.45 -19.65
C ASP J 165 30.74 -20.35 -20.71
N GLY J 166 31.70 -19.45 -20.67
CA GLY J 166 31.83 -18.47 -21.72
C GLY J 166 32.69 -19.02 -22.84
N ARG J 167 32.52 -18.43 -24.01
CA ARG J 167 33.37 -18.68 -25.15
C ARG J 167 33.56 -17.37 -25.88
N LEU J 168 34.72 -17.21 -26.48
CA LEU J 168 35.15 -15.94 -26.98
C LEU J 168 34.80 -15.81 -28.46
N GLU J 169 33.95 -14.84 -28.78
CA GLU J 169 33.57 -14.56 -30.15
C GLU J 169 33.73 -13.08 -30.45
N ARG J 170 33.82 -12.79 -31.74
CA ARG J 170 34.13 -11.47 -32.25
C ARG J 170 32.85 -10.81 -32.74
N LEU J 171 32.47 -9.70 -32.11
CA LEU J 171 31.42 -8.84 -32.62
C LEU J 171 32.02 -7.52 -33.08
N GLY J 172 31.36 -6.90 -34.06
CA GLY J 172 31.91 -5.75 -34.72
C GLY J 172 33.26 -6.10 -35.29
N LYS J 173 33.26 -6.95 -36.32
CA LYS J 173 34.50 -7.48 -36.90
C LYS J 173 35.48 -6.37 -37.28
N HIS J 174 35.00 -5.15 -37.49
CA HIS J 174 35.90 -4.00 -37.37
C HIS J 174 36.62 -4.00 -36.02
N ARG J 175 35.90 -3.90 -34.90
CA ARG J 175 36.52 -4.06 -33.60
C ARG J 175 35.51 -4.14 -32.47
N PHE J 176 35.55 -5.25 -31.71
CA PHE J 176 35.06 -5.44 -30.35
C PHE J 176 35.28 -6.91 -30.01
N VAL J 177 35.11 -7.31 -28.75
CA VAL J 177 35.23 -8.70 -28.35
C VAL J 177 34.22 -8.98 -27.24
N SER J 178 33.67 -10.20 -27.22
CA SER J 178 32.49 -10.51 -26.42
C SER J 178 32.71 -10.73 -24.93
N ILE J 179 33.46 -11.77 -24.53
CA ILE J 179 33.57 -12.17 -23.13
C ILE J 179 35.00 -12.03 -22.60
N ALA J 180 35.82 -11.20 -23.24
CA ALA J 180 37.24 -11.16 -22.94
C ALA J 180 37.60 -10.36 -21.69
N PHE J 181 36.62 -9.78 -21.01
CA PHE J 181 36.92 -8.73 -20.04
C PHE J 181 37.30 -9.29 -18.68
N ASP J 182 36.35 -9.93 -18.00
CA ASP J 182 36.41 -9.97 -16.55
C ASP J 182 37.37 -11.04 -16.08
N ASP J 183 38.28 -10.60 -15.22
CA ASP J 183 39.26 -11.44 -14.54
C ASP J 183 40.34 -11.99 -15.47
N ARG J 184 40.22 -11.78 -16.77
CA ARG J 184 41.36 -11.83 -17.66
C ARG J 184 41.11 -10.97 -18.89
N ILE J 185 41.37 -9.69 -18.73
CA ILE J 185 41.82 -8.82 -19.81
C ILE J 185 43.10 -8.19 -19.28
N ALA J 186 43.07 -7.82 -17.99
CA ALA J 186 44.23 -7.33 -17.29
C ALA J 186 45.42 -8.26 -17.46
N VAL J 187 45.20 -9.58 -17.37
CA VAL J 187 46.32 -10.50 -17.49
C VAL J 187 46.89 -10.45 -18.90
N TYR J 188 46.03 -10.26 -19.90
CA TYR J 188 46.53 -10.16 -21.26
C TYR J 188 47.41 -8.92 -21.41
N THR J 189 47.02 -7.82 -20.76
CA THR J 189 47.90 -6.67 -20.73
C THR J 189 49.23 -7.02 -20.08
N ILE J 190 49.16 -7.68 -18.92
CA ILE J 190 50.36 -8.10 -18.22
C ILE J 190 51.24 -8.95 -19.13
N LEU J 191 50.64 -9.96 -19.76
CA LEU J 191 51.42 -10.83 -20.62
C LEU J 191 51.96 -10.08 -21.81
N GLU J 192 51.15 -9.23 -22.42
CA GLU J 192 51.62 -8.41 -23.52
C GLU J 192 52.71 -7.46 -23.05
N VAL J 193 52.56 -6.94 -21.83
CA VAL J 193 53.57 -6.06 -21.27
C VAL J 193 54.90 -6.78 -21.16
N ALA J 194 54.88 -8.02 -20.67
CA ALA J 194 56.11 -8.76 -20.48
C ALA J 194 56.82 -9.01 -21.80
N LYS J 195 56.05 -9.20 -22.88
CA LYS J 195 56.68 -9.36 -24.18
C LYS J 195 57.24 -8.04 -24.68
N GLN J 196 56.55 -6.94 -24.41
CA GLN J 196 56.93 -5.64 -24.91
C GLN J 196 58.05 -5.01 -24.09
N LEU J 197 58.17 -5.37 -22.81
CA LEU J 197 59.20 -4.82 -21.95
C LEU J 197 60.51 -5.56 -22.22
N LYS J 198 61.55 -4.80 -22.58
CA LYS J 198 62.88 -5.36 -22.79
C LYS J 198 63.84 -4.85 -21.73
N ASP J 199 63.96 -3.53 -21.63
CA ASP J 199 64.96 -2.90 -20.76
C ASP J 199 64.31 -2.50 -19.45
N ALA J 200 64.60 -3.25 -18.40
CA ALA J 200 63.98 -3.08 -17.11
C ALA J 200 64.62 -1.90 -16.39
N LYS J 201 64.05 -0.71 -16.57
CA LYS J 201 64.55 0.46 -15.87
C LYS J 201 64.09 0.46 -14.41
N ALA J 202 63.12 -0.36 -14.07
CA ALA J 202 62.71 -0.57 -12.69
C ALA J 202 62.34 -2.02 -12.49
N ASP J 203 62.69 -2.56 -11.34
CA ASP J 203 62.49 -3.98 -11.09
C ASP J 203 61.03 -4.20 -10.75
N VAL J 204 60.32 -4.89 -11.63
CA VAL J 204 58.88 -5.03 -11.56
C VAL J 204 58.55 -6.40 -11.02
N TYR J 205 57.42 -6.52 -10.35
CA TYR J 205 56.88 -7.78 -9.89
C TYR J 205 55.44 -7.90 -10.34
N PHE J 206 55.20 -8.76 -11.34
CA PHE J 206 53.85 -9.02 -11.83
C PHE J 206 53.21 -10.06 -10.93
N VAL J 207 52.04 -9.72 -10.40
CA VAL J 207 51.23 -10.65 -9.62
C VAL J 207 49.89 -10.84 -10.29
N ALA J 208 49.31 -12.01 -10.12
CA ALA J 208 47.96 -12.32 -10.53
C ALA J 208 47.23 -12.90 -9.33
N THR J 209 46.46 -12.07 -8.65
CA THR J 209 45.96 -12.40 -7.33
C THR J 209 44.67 -13.20 -7.42
N VAL J 210 44.36 -13.89 -6.32
CA VAL J 210 43.16 -14.69 -6.20
C VAL J 210 42.33 -14.14 -5.06
N GLN J 211 41.09 -14.60 -5.02
CA GLN J 211 40.13 -14.17 -4.01
C GLN J 211 39.96 -12.66 -4.02
N GLU J 212 39.92 -12.06 -5.21
CA GLU J 212 39.67 -10.63 -5.31
C GLU J 212 38.19 -10.32 -5.13
N GLU J 213 37.34 -11.04 -5.86
CA GLU J 213 35.91 -10.72 -5.84
C GLU J 213 35.28 -11.02 -4.49
N VAL J 214 35.92 -11.87 -3.69
CA VAL J 214 35.51 -12.14 -2.32
C VAL J 214 36.72 -12.04 -1.42
N GLY J 215 36.65 -11.14 -0.45
CA GLY J 215 37.82 -10.90 0.38
C GLY J 215 38.96 -10.32 -0.42
N LEU J 216 38.74 -9.13 -1.00
CA LEU J 216 39.73 -8.44 -1.83
C LEU J 216 41.11 -8.39 -1.20
N ARG J 217 41.18 -8.46 0.14
CA ARG J 217 42.48 -8.56 0.82
C ARG J 217 43.22 -9.86 0.46
N GLY J 218 42.60 -10.76 -0.31
CA GLY J 218 43.36 -11.85 -0.87
C GLY J 218 44.62 -11.39 -1.57
N ALA J 219 44.52 -10.27 -2.30
CA ALA J 219 45.69 -9.71 -2.99
C ALA J 219 46.74 -9.24 -2.02
N ARG J 220 46.30 -8.67 -0.88
CA ARG J 220 47.22 -8.07 0.08
C ARG J 220 48.31 -9.03 0.49
N THR J 221 48.01 -10.32 0.61
CA THR J 221 48.98 -11.26 1.13
C THR J 221 50.24 -11.25 0.28
N SER J 222 50.08 -11.30 -1.03
CA SER J 222 51.21 -11.19 -1.93
C SER J 222 51.98 -9.91 -1.72
N ALA J 223 51.27 -8.81 -1.40
CA ALA J 223 51.87 -7.49 -1.40
C ALA J 223 53.11 -7.42 -0.52
N PHE J 224 53.02 -7.88 0.72
CA PHE J 224 54.06 -7.56 1.69
C PHE J 224 55.40 -8.15 1.30
N GLY J 225 55.40 -9.32 0.66
CA GLY J 225 56.66 -9.90 0.26
C GLY J 225 57.32 -9.14 -0.87
N ILE J 226 56.53 -8.30 -1.55
CA ILE J 226 56.87 -7.87 -2.90
C ILE J 226 56.86 -6.36 -3.03
N GLU J 227 55.84 -5.70 -2.51
CA GLU J 227 55.44 -4.35 -2.91
C GLU J 227 56.46 -3.24 -2.83
N PRO J 228 57.21 -3.10 -1.74
CA PRO J 228 57.42 -1.78 -1.13
C PRO J 228 57.73 -0.64 -2.10
N ASP J 229 57.19 0.54 -1.76
CA ASP J 229 57.62 1.84 -2.28
C ASP J 229 56.93 2.21 -3.59
N TYR J 230 56.12 1.31 -4.15
CA TYR J 230 55.22 1.70 -5.23
C TYR J 230 54.17 0.63 -5.51
N GLY J 231 53.19 0.93 -6.35
CA GLY J 231 52.10 0.01 -6.60
C GLY J 231 51.22 0.46 -7.75
N PHE J 232 50.63 -0.53 -8.40
CA PHE J 232 49.71 -0.34 -9.52
C PHE J 232 48.62 -1.39 -9.45
N ALA J 233 47.60 -1.23 -10.28
CA ALA J 233 46.52 -2.21 -10.35
C ALA J 233 45.82 -2.12 -11.70
N ILE J 234 45.32 -3.27 -12.14
CA ILE J 234 44.47 -3.36 -13.32
C ILE J 234 43.27 -4.21 -12.96
N ASP J 235 42.21 -3.57 -12.48
CA ASP J 235 40.94 -4.20 -12.22
C ASP J 235 39.87 -3.26 -12.77
N VAL J 236 38.63 -3.73 -12.75
CA VAL J 236 37.55 -2.99 -13.37
C VAL J 236 36.22 -3.24 -12.68
N THR J 237 35.36 -2.22 -12.71
CA THR J 237 33.94 -2.36 -12.41
C THR J 237 33.24 -1.10 -12.91
N ILE J 238 32.26 -1.31 -13.78
CA ILE J 238 31.75 -0.25 -14.66
C ILE J 238 30.26 -0.47 -14.85
N ALA J 239 29.53 0.62 -15.09
CA ALA J 239 28.21 0.59 -15.72
C ALA J 239 28.30 1.48 -16.96
N ALA J 240 28.35 0.86 -18.13
CA ALA J 240 28.93 1.48 -19.32
C ALA J 240 27.91 1.72 -20.43
N ASP J 241 27.58 2.99 -20.68
CA ASP J 241 27.01 3.48 -21.93
C ASP J 241 25.76 2.71 -22.34
N ILE J 242 24.97 2.32 -21.35
CA ILE J 242 23.79 1.53 -21.63
C ILE J 242 22.76 2.53 -22.15
N PRO J 243 22.11 2.32 -23.30
CA PRO J 243 21.14 3.31 -23.78
C PRO J 243 19.99 3.50 -22.81
N GLY J 244 19.25 4.58 -23.03
CA GLY J 244 18.20 4.99 -22.12
C GLY J 244 18.68 5.65 -20.85
N THR J 245 20.00 5.71 -20.62
CA THR J 245 20.55 6.38 -19.46
C THR J 245 20.87 7.83 -19.77
N PRO J 246 21.09 8.66 -18.75
CA PRO J 246 21.59 10.01 -19.01
C PRO J 246 23.03 10.00 -19.47
N GLU J 247 23.59 11.21 -19.57
CA GLU J 247 24.97 11.37 -19.98
C GLU J 247 25.95 11.14 -18.82
N HIS J 248 25.44 11.06 -17.58
CA HIS J 248 26.34 11.03 -16.43
C HIS J 248 27.11 9.72 -16.33
N LYS J 249 26.65 8.67 -16.99
CA LYS J 249 27.42 7.43 -17.12
C LYS J 249 28.14 7.31 -18.44
N GLN J 250 27.78 8.14 -19.42
CA GLN J 250 28.33 7.97 -20.77
C GLN J 250 29.84 8.19 -20.78
N VAL J 251 30.35 9.15 -20.01
CA VAL J 251 31.79 9.40 -20.03
C VAL J 251 32.58 8.25 -19.40
N THR J 252 31.94 7.42 -18.57
CA THR J 252 32.61 6.22 -18.04
C THR J 252 33.09 5.32 -19.18
N HIS J 253 32.37 5.31 -20.30
CA HIS J 253 32.78 4.56 -21.47
C HIS J 253 32.03 5.06 -22.70
N LEU J 254 32.79 5.29 -23.76
CA LEU J 254 32.25 5.68 -25.05
C LEU J 254 32.83 4.84 -26.19
N GLY J 255 33.75 3.92 -25.90
CA GLY J 255 34.44 3.08 -26.86
C GLY J 255 35.76 3.67 -27.26
N LYS J 256 36.43 4.33 -26.32
CA LYS J 256 37.57 5.17 -26.61
C LYS J 256 38.47 5.21 -25.39
N GLY J 257 39.75 4.94 -25.62
CA GLY J 257 40.76 5.16 -24.62
C GLY J 257 40.59 4.30 -23.40
N THR J 258 41.57 4.39 -22.52
CA THR J 258 41.61 3.61 -21.29
C THR J 258 41.11 4.48 -20.15
N ALA J 259 40.99 3.86 -18.99
CA ALA J 259 40.33 4.45 -17.85
C ALA J 259 41.24 4.44 -16.65
N ILE J 260 41.53 5.62 -16.13
CA ILE J 260 42.31 5.79 -14.92
C ILE J 260 41.35 5.99 -13.77
N LYS J 261 41.67 5.38 -12.63
CA LYS J 261 40.80 5.45 -11.46
C LYS J 261 41.33 6.51 -10.52
N ILE J 262 40.48 7.47 -10.21
CA ILE J 262 40.82 8.49 -9.21
C ILE J 262 40.24 8.09 -7.86
N MET J 263 39.02 7.56 -7.88
CA MET J 263 38.30 7.23 -6.67
C MET J 263 37.50 5.96 -6.89
N ASP J 264 37.36 5.21 -5.81
CA ASP J 264 36.40 4.13 -5.71
C ASP J 264 35.79 4.16 -4.33
N ARG J 265 35.04 3.11 -4.00
CA ARG J 265 34.70 2.85 -2.61
C ARG J 265 35.96 2.78 -1.76
N SER J 266 36.87 1.89 -2.13
CA SER J 266 37.96 1.49 -1.27
C SER J 266 39.16 2.42 -1.33
N VAL J 267 39.59 2.79 -2.53
CA VAL J 267 40.91 3.38 -2.74
C VAL J 267 40.75 4.80 -3.23
N ILE J 268 41.65 5.67 -2.79
CA ILE J 268 41.79 7.03 -3.27
C ILE J 268 43.21 7.15 -3.80
N CYS J 269 43.35 7.12 -5.12
CA CYS J 269 44.68 7.04 -5.71
C CYS J 269 45.49 8.29 -5.43
N HIS J 270 46.75 8.09 -5.09
CA HIS J 270 47.67 9.18 -4.85
C HIS J 270 47.75 10.04 -6.10
N PRO J 271 47.22 11.27 -6.07
CA PRO J 271 46.88 11.94 -7.33
C PRO J 271 48.08 12.33 -8.17
N THR J 272 49.28 12.42 -7.60
CA THR J 272 50.46 12.69 -8.39
C THR J 272 50.60 11.69 -9.52
N ILE J 273 50.38 10.41 -9.21
CA ILE J 273 50.38 9.37 -10.24
C ILE J 273 49.40 9.72 -11.34
N VAL J 274 48.17 10.09 -10.96
CA VAL J 274 47.13 10.38 -11.94
C VAL J 274 47.56 11.51 -12.86
N ARG J 275 47.98 12.63 -12.29
CA ARG J 275 48.41 13.76 -13.12
C ARG J 275 49.59 13.36 -13.99
N TRP J 276 50.43 12.45 -13.49
CA TRP J 276 51.57 12.01 -14.27
C TRP J 276 51.11 11.19 -15.47
N LEU J 277 50.21 10.23 -15.24
CA LEU J 277 49.70 9.43 -16.35
C LEU J 277 48.96 10.31 -17.34
N GLU J 278 48.21 11.29 -16.83
CA GLU J 278 47.57 12.26 -17.69
C GLU J 278 48.61 12.95 -18.55
N GLU J 279 49.70 13.41 -17.94
CA GLU J 279 50.80 14.00 -18.70
C GLU J 279 51.36 13.00 -19.69
N LEU J 280 51.49 11.74 -19.28
CA LEU J 280 52.17 10.76 -20.11
C LEU J 280 51.37 10.48 -21.37
N ALA J 281 50.06 10.28 -21.23
CA ALA J 281 49.25 9.90 -22.38
C ALA J 281 49.24 10.99 -23.43
N LYS J 282 49.35 12.25 -22.99
CA LYS J 282 49.38 13.35 -23.95
C LYS J 282 50.71 13.39 -24.69
N LYS J 283 51.80 12.98 -24.02
CA LYS J 283 53.11 13.10 -24.64
C LYS J 283 53.27 12.10 -25.78
N HIS J 284 52.73 10.91 -25.61
CA HIS J 284 52.78 9.86 -26.63
C HIS J 284 51.48 9.70 -27.41
N GLU J 285 50.57 10.67 -27.32
CA GLU J 285 49.34 10.69 -28.14
C GLU J 285 48.43 9.50 -27.81
N ILE J 286 48.45 9.07 -26.57
CA ILE J 286 47.67 7.93 -26.12
C ILE J 286 46.28 8.44 -25.69
N PRO J 287 45.20 7.69 -25.95
CA PRO J 287 43.89 8.12 -25.45
C PRO J 287 43.69 7.72 -24.01
N TYR J 288 42.92 8.53 -23.29
CA TYR J 288 42.66 8.26 -21.89
C TYR J 288 41.36 8.94 -21.48
N GLN J 289 40.67 8.29 -20.54
CA GLN J 289 39.54 8.88 -19.84
C GLN J 289 39.94 9.04 -18.39
N LEU J 290 39.06 9.66 -17.62
CA LEU J 290 39.17 9.68 -16.17
C LEU J 290 37.84 9.18 -15.62
N GLU J 291 37.89 8.03 -14.96
CA GLU J 291 36.69 7.33 -14.50
C GLU J 291 36.70 7.27 -12.99
N ILE J 292 35.52 7.37 -12.41
CA ILE J 292 35.31 7.18 -10.99
C ILE J 292 34.02 6.41 -10.80
N LEU J 293 33.88 5.75 -9.66
CA LEU J 293 32.68 5.04 -9.31
C LEU J 293 32.14 5.53 -7.97
N LEU J 294 30.92 5.12 -7.67
CA LEU J 294 30.38 5.22 -6.33
C LEU J 294 30.57 3.95 -5.53
N GLY J 295 30.84 2.82 -6.21
CA GLY J 295 30.96 1.53 -5.54
C GLY J 295 31.98 0.66 -6.25
N GLY J 296 32.09 -0.56 -5.75
CA GLY J 296 33.02 -1.53 -6.28
C GLY J 296 34.26 -1.67 -5.43
N GLY J 297 34.80 -2.88 -5.34
CA GLY J 297 36.00 -3.14 -4.56
C GLY J 297 37.08 -3.73 -5.44
N THR J 298 38.21 -3.02 -5.51
CA THR J 298 39.31 -3.36 -6.40
C THR J 298 40.51 -3.84 -5.62
N ASP J 299 41.50 -4.32 -6.38
CA ASP J 299 42.75 -4.76 -5.79
C ASP J 299 43.49 -3.61 -5.14
N ALA J 300 43.38 -2.40 -5.71
CA ALA J 300 44.17 -1.27 -5.28
C ALA J 300 43.95 -0.95 -3.82
N GLY J 301 42.72 -1.12 -3.34
CA GLY J 301 42.40 -0.79 -1.97
C GLY J 301 43.25 -1.60 -1.00
N ALA J 302 43.44 -2.88 -1.28
CA ALA J 302 44.23 -3.72 -0.41
C ALA J 302 45.70 -3.31 -0.45
N ILE J 303 46.14 -2.73 -1.56
CA ILE J 303 47.55 -2.34 -1.67
C ILE J 303 47.84 -1.17 -0.76
N HIS J 304 46.87 -0.26 -0.60
CA HIS J 304 47.08 0.97 0.15
C HIS J 304 47.36 0.73 1.63
N LEU J 305 47.10 -0.46 2.13
CA LEU J 305 47.07 -0.72 3.57
C LEU J 305 48.30 -1.44 4.08
N THR J 306 49.17 -1.91 3.20
CA THR J 306 50.45 -2.45 3.63
C THR J 306 51.23 -1.40 4.40
N LYS J 307 52.17 -1.88 5.22
CA LYS J 307 52.72 -1.06 6.31
C LYS J 307 53.43 0.18 5.82
N ALA J 308 54.01 0.15 4.64
CA ALA J 308 54.75 1.33 4.16
C ALA J 308 53.80 2.50 3.91
N GLY J 309 52.53 2.22 3.64
CA GLY J 309 51.61 3.24 3.21
C GLY J 309 51.78 3.63 1.76
N VAL J 310 51.51 2.71 0.84
CA VAL J 310 51.97 2.84 -0.53
C VAL J 310 51.06 3.78 -1.32
N PRO J 311 51.61 4.64 -2.19
CA PRO J 311 50.76 5.36 -3.13
C PRO J 311 50.50 4.52 -4.35
N THR J 312 49.26 4.61 -4.85
CA THR J 312 48.79 3.70 -5.88
C THR J 312 47.94 4.42 -6.90
N GLY J 313 48.21 4.09 -8.16
CA GLY J 313 47.33 4.40 -9.26
C GLY J 313 46.77 3.11 -9.84
N ALA J 314 45.70 3.25 -10.59
CA ALA J 314 45.01 2.11 -11.14
C ALA J 314 44.48 2.42 -12.53
N LEU J 315 44.69 1.47 -13.42
CA LEU J 315 44.17 1.51 -14.77
C LEU J 315 42.98 0.58 -14.88
N SER J 316 42.10 0.90 -15.82
CA SER J 316 40.89 0.14 -16.03
C SER J 316 40.65 0.00 -17.52
N VAL J 317 40.34 -1.23 -17.93
CA VAL J 317 40.00 -1.56 -19.31
C VAL J 317 38.49 -1.62 -19.42
N PRO J 318 37.84 -0.67 -20.07
CA PRO J 318 36.45 -0.37 -19.76
C PRO J 318 35.46 -1.28 -20.46
N ALA J 319 34.20 -0.87 -20.37
CA ALA J 319 33.09 -1.29 -21.24
C ALA J 319 32.49 -2.64 -20.90
N ARG J 320 32.43 -2.96 -19.63
CA ARG J 320 31.81 -4.20 -19.18
C ARG J 320 30.27 -4.07 -19.26
N TYR J 321 29.62 -5.23 -19.33
CA TYR J 321 28.21 -5.38 -19.00
C TYR J 321 28.14 -6.25 -17.76
N ILE J 322 26.96 -6.28 -17.12
CA ILE J 322 26.77 -6.76 -15.75
C ILE J 322 27.46 -8.12 -15.62
N HIS J 323 28.52 -8.14 -14.80
CA HIS J 323 29.74 -8.91 -15.12
C HIS J 323 29.51 -10.42 -15.25
N SER J 324 28.33 -10.91 -14.92
CA SER J 324 28.06 -12.33 -15.03
C SER J 324 28.23 -12.86 -16.44
N ASN J 325 27.48 -12.33 -17.39
CA ASN J 325 27.13 -13.11 -18.57
C ASN J 325 27.93 -12.79 -19.81
N THR J 326 27.93 -11.54 -20.25
CA THR J 326 28.76 -11.12 -21.37
C THR J 326 29.43 -9.82 -20.98
N GLU J 327 30.60 -9.64 -21.54
CA GLU J 327 31.61 -8.82 -20.94
C GLU J 327 32.36 -8.03 -22.01
N VAL J 328 31.61 -7.32 -22.85
CA VAL J 328 32.15 -6.66 -24.03
C VAL J 328 33.36 -5.80 -23.70
N VAL J 329 34.27 -5.67 -24.66
CA VAL J 329 35.46 -4.83 -24.57
C VAL J 329 35.69 -4.13 -25.89
N ASP J 330 36.73 -3.31 -25.91
CA ASP J 330 37.16 -2.56 -27.07
C ASP J 330 38.61 -2.87 -27.35
N GLU J 331 38.87 -3.43 -28.54
CA GLU J 331 40.23 -3.77 -28.96
C GLU J 331 41.16 -2.57 -28.85
N ARG J 332 40.64 -1.37 -29.07
CA ARG J 332 41.48 -0.19 -29.07
C ARG J 332 42.00 0.09 -27.67
N ASP J 333 41.12 0.00 -26.68
CA ASP J 333 41.48 0.40 -25.34
C ASP J 333 42.55 -0.51 -24.76
N VAL J 334 42.38 -1.82 -24.94
CA VAL J 334 43.27 -2.77 -24.30
C VAL J 334 44.69 -2.60 -24.83
N ASP J 335 44.85 -2.39 -26.13
CA ASP J 335 46.19 -2.20 -26.66
C ASP J 335 46.74 -0.85 -26.23
N ALA J 336 45.87 0.15 -26.12
CA ALA J 336 46.30 1.44 -25.63
C ALA J 336 46.73 1.35 -24.19
N THR J 337 45.98 0.59 -23.39
CA THR J 337 46.34 0.38 -22.00
C THR J 337 47.74 -0.19 -21.88
N VAL J 338 48.06 -1.16 -22.73
CA VAL J 338 49.38 -1.78 -22.70
C VAL J 338 50.46 -0.74 -22.96
N GLU J 339 50.27 0.06 -24.02
CA GLU J 339 51.23 1.10 -24.36
C GLU J 339 51.47 2.02 -23.18
N LEU J 340 50.38 2.45 -22.54
CA LEU J 340 50.49 3.40 -21.44
C LEU J 340 51.33 2.83 -20.30
N MET J 341 50.96 1.66 -19.80
CA MET J 341 51.70 1.06 -18.70
C MET J 341 53.14 0.81 -19.10
N THR J 342 53.37 0.35 -20.33
CA THR J 342 54.72 0.04 -20.78
C THR J 342 55.61 1.25 -20.63
N LYS J 343 55.12 2.42 -21.05
CA LYS J 343 55.93 3.61 -20.97
C LYS J 343 56.04 4.10 -19.54
N ALA J 344 54.95 3.97 -18.76
CA ALA J 344 54.97 4.44 -17.38
C ALA J 344 56.02 3.69 -16.58
N LEU J 345 56.11 2.37 -16.77
CA LEU J 345 57.08 1.57 -16.03
C LEU J 345 58.48 2.07 -16.27
N GLU J 346 58.86 2.23 -17.54
CA GLU J 346 60.20 2.68 -17.84
C GLU J 346 60.44 4.09 -17.34
N ASN J 347 59.43 4.96 -17.46
CA ASN J 347 59.61 6.33 -17.01
C ASN J 347 59.34 6.50 -15.52
N ILE J 348 59.07 5.41 -14.78
CA ILE J 348 58.82 5.56 -13.35
C ILE J 348 60.05 6.07 -12.62
N HIS J 349 61.25 5.85 -13.19
CA HIS J 349 62.47 6.21 -12.49
C HIS J 349 62.54 7.72 -12.28
N GLU J 350 61.91 8.50 -13.16
CA GLU J 350 61.88 9.95 -13.00
C GLU J 350 60.74 10.39 -12.09
N LEU J 351 59.75 9.53 -11.90
CA LEU J 351 58.55 9.92 -11.15
C LEU J 351 58.84 10.11 -9.67
N LYS J 352 59.84 9.40 -9.13
CA LYS J 352 60.10 9.29 -7.69
C LYS J 352 59.98 10.58 -6.87
N ILE J 353 60.17 11.76 -7.48
CA ILE J 353 60.20 13.07 -6.80
C ILE J 353 61.53 13.22 -6.09
N MET K 1 -47.60 20.03 26.22
CA MET K 1 -48.94 20.06 25.56
C MET K 1 -49.53 18.69 25.26
N GLU K 2 -49.95 17.98 26.31
CA GLU K 2 -50.34 16.58 26.16
C GLU K 2 -51.73 16.57 25.52
N VAL K 3 -51.73 16.71 24.18
CA VAL K 3 -52.97 16.69 23.41
C VAL K 3 -53.66 15.34 23.56
N ARG K 4 -52.88 14.26 23.66
CA ARG K 4 -53.38 12.90 23.79
C ARG K 4 -53.22 12.32 25.18
N ASN K 5 -52.27 12.82 25.99
CA ASN K 5 -51.91 12.26 27.29
C ASN K 5 -51.46 10.81 27.17
N MET K 6 -50.85 10.44 26.05
CA MET K 6 -50.37 9.08 25.85
C MET K 6 -49.05 8.84 26.55
N VAL K 7 -48.17 9.84 26.52
CA VAL K 7 -46.85 9.76 27.12
C VAL K 7 -46.64 11.00 27.96
N ASP K 8 -46.47 10.82 29.26
CA ASP K 8 -46.39 11.95 30.18
C ASP K 8 -45.02 12.62 30.09
N TYR K 9 -45.03 13.84 29.57
CA TYR K 9 -43.78 14.57 29.36
C TYR K 9 -43.07 14.87 30.67
N GLU K 10 -43.82 15.05 31.75
CA GLU K 10 -43.20 15.30 33.05
C GLU K 10 -42.46 14.07 33.55
N LEU K 11 -43.09 12.91 33.45
CA LEU K 11 -42.53 11.70 34.05
C LEU K 11 -41.20 11.33 33.42
N LEU K 12 -41.13 11.42 32.09
CA LEU K 12 -39.92 11.03 31.39
C LEU K 12 -38.75 11.91 31.81
N LYS K 13 -39.02 13.16 32.17
CA LYS K 13 -37.96 14.07 32.59
C LYS K 13 -37.25 13.53 33.82
N LYS K 14 -38.03 13.08 34.81
CA LYS K 14 -37.45 12.64 36.08
C LYS K 14 -36.47 11.51 35.89
N VAL K 15 -36.81 10.53 35.04
CA VAL K 15 -35.99 9.33 34.97
C VAL K 15 -34.74 9.59 34.16
N VAL K 16 -34.85 10.33 33.06
CA VAL K 16 -33.79 10.30 32.07
C VAL K 16 -32.68 11.29 32.41
N GLU K 17 -33.03 12.41 33.05
CA GLU K 17 -31.99 13.33 33.49
C GLU K 17 -31.13 12.70 34.57
N ALA K 18 -31.67 11.74 35.30
CA ALA K 18 -30.93 11.16 36.41
C ALA K 18 -29.73 10.38 35.87
N PRO K 19 -28.73 10.12 36.71
CA PRO K 19 -27.49 9.53 36.21
C PRO K 19 -27.57 8.01 36.12
N GLY K 20 -26.91 7.49 35.09
CA GLY K 20 -27.20 6.17 34.59
C GLY K 20 -26.21 5.06 34.91
N VAL K 21 -25.67 5.10 36.12
CA VAL K 21 -25.07 3.90 36.69
C VAL K 21 -25.31 3.96 38.19
N SER K 22 -26.01 2.96 38.72
CA SER K 22 -26.54 3.05 40.08
C SER K 22 -25.60 2.40 41.07
N GLY K 23 -25.90 2.58 42.36
CA GLY K 23 -25.08 2.07 43.43
C GLY K 23 -23.90 2.96 43.78
N TYR K 24 -23.33 3.64 42.79
CA TYR K 24 -22.31 4.64 42.98
C TYR K 24 -22.87 5.78 43.81
N GLU K 25 -22.03 6.79 44.02
CA GLU K 25 -22.49 8.04 44.60
C GLU K 25 -23.60 8.72 43.78
N PHE K 26 -23.86 8.29 42.53
CA PHE K 26 -24.93 8.89 41.74
C PHE K 26 -26.29 8.23 41.95
N LEU K 27 -26.46 7.34 42.92
CA LEU K 27 -27.50 6.30 42.84
C LEU K 27 -28.94 6.82 42.85
N GLY K 28 -29.18 8.13 42.70
CA GLY K 28 -30.52 8.68 42.85
C GLY K 28 -31.61 8.04 42.01
N ILE K 29 -31.27 7.44 40.88
CA ILE K 29 -32.28 6.83 40.02
C ILE K 29 -33.02 5.73 40.77
N ARG K 30 -32.31 5.01 41.63
CA ARG K 30 -32.94 3.97 42.44
C ARG K 30 -34.11 4.52 43.21
N ASP K 31 -33.88 5.61 43.94
CA ASP K 31 -34.94 6.28 44.68
C ASP K 31 -36.08 6.67 43.74
N VAL K 32 -35.74 7.17 42.56
CA VAL K 32 -36.76 7.68 41.65
C VAL K 32 -37.71 6.56 41.24
N VAL K 33 -37.16 5.43 40.81
CA VAL K 33 -38.01 4.36 40.30
C VAL K 33 -38.90 3.83 41.41
N ILE K 34 -38.36 3.71 42.62
CA ILE K 34 -39.18 3.22 43.71
C ILE K 34 -40.13 4.29 44.21
N GLU K 35 -39.76 5.57 44.10
CA GLU K 35 -40.63 6.65 44.54
C GLU K 35 -41.93 6.68 43.74
N GLU K 36 -41.87 6.27 42.48
CA GLU K 36 -43.04 6.19 41.63
C GLU K 36 -43.77 4.86 41.77
N ILE K 37 -43.06 3.76 41.54
CA ILE K 37 -43.70 2.47 41.33
C ILE K 37 -44.45 2.01 42.57
N LYS K 38 -44.00 2.43 43.76
CA LYS K 38 -44.43 1.74 44.97
C LYS K 38 -45.89 1.98 45.30
N ASP K 39 -46.44 3.11 44.87
CA ASP K 39 -47.82 3.41 45.22
C ASP K 39 -48.79 2.48 44.50
N TYR K 40 -48.39 1.90 43.37
CA TYR K 40 -49.25 1.06 42.55
C TYR K 40 -48.99 -0.42 42.72
N VAL K 41 -47.94 -0.81 43.45
CA VAL K 41 -47.55 -2.20 43.61
C VAL K 41 -47.62 -2.56 45.09
N ASP K 42 -47.85 -3.84 45.35
CA ASP K 42 -48.04 -4.30 46.72
C ASP K 42 -46.77 -4.16 47.54
N GLU K 43 -45.62 -4.50 46.96
CA GLU K 43 -44.38 -4.52 47.71
C GLU K 43 -43.22 -4.40 46.73
N VAL K 44 -42.08 -3.95 47.25
CA VAL K 44 -40.91 -3.66 46.44
C VAL K 44 -39.67 -3.92 47.29
N LYS K 45 -38.59 -4.36 46.65
CA LYS K 45 -37.36 -4.68 47.35
C LYS K 45 -36.16 -4.40 46.46
N VAL K 46 -35.02 -4.24 47.12
CA VAL K 46 -33.75 -3.97 46.47
C VAL K 46 -32.83 -5.14 46.77
N ASP K 47 -32.22 -5.69 45.73
CA ASP K 47 -31.28 -6.77 45.90
C ASP K 47 -29.93 -6.19 46.30
N LYS K 48 -28.94 -7.07 46.43
CA LYS K 48 -27.63 -6.62 46.87
C LYS K 48 -26.90 -5.86 45.77
N LEU K 49 -27.10 -6.29 44.53
CA LEU K 49 -26.36 -5.80 43.38
C LEU K 49 -26.90 -4.51 42.80
N GLY K 50 -27.82 -3.84 43.47
CA GLY K 50 -28.43 -2.64 42.94
C GLY K 50 -29.67 -2.89 42.10
N ASN K 51 -29.99 -4.15 41.82
CA ASN K 51 -31.25 -4.44 41.14
C ASN K 51 -32.42 -4.01 41.99
N VAL K 52 -33.51 -3.68 41.32
CA VAL K 52 -34.77 -3.30 41.96
C VAL K 52 -35.77 -4.39 41.65
N ILE K 53 -36.59 -4.73 42.64
CA ILE K 53 -37.53 -5.84 42.56
C ILE K 53 -38.88 -5.30 43.01
N ALA K 54 -39.85 -5.30 42.10
CA ALA K 54 -41.22 -4.94 42.41
C ALA K 54 -42.13 -6.13 42.16
N HIS K 55 -42.79 -6.56 43.22
CA HIS K 55 -43.61 -7.77 43.23
C HIS K 55 -45.06 -7.37 43.41
N LYS K 56 -45.80 -7.34 42.32
CA LYS K 56 -47.25 -7.34 42.37
C LYS K 56 -47.69 -8.78 42.58
N LYS K 57 -48.76 -8.97 43.33
CA LYS K 57 -49.22 -10.29 43.70
C LYS K 57 -50.46 -10.65 42.89
N GLY K 58 -50.68 -11.94 42.71
CA GLY K 58 -51.84 -12.40 41.96
C GLY K 58 -51.96 -13.90 42.00
N GLU K 59 -52.72 -14.42 41.05
CA GLU K 59 -52.97 -15.85 40.89
C GLU K 59 -52.52 -16.27 39.50
N GLY K 60 -51.39 -16.96 39.41
CA GLY K 60 -50.89 -17.41 38.14
C GLY K 60 -49.39 -17.65 38.10
N PRO K 61 -48.85 -17.83 36.90
CA PRO K 61 -47.41 -18.05 36.77
C PRO K 61 -46.61 -16.79 37.07
N LYS K 62 -45.31 -16.98 37.27
CA LYS K 62 -44.41 -15.90 37.63
C LYS K 62 -43.81 -15.30 36.37
N VAL K 63 -44.20 -14.07 36.06
CA VAL K 63 -43.73 -13.36 34.88
C VAL K 63 -42.70 -12.33 35.31
N MET K 64 -41.62 -12.23 34.53
CA MET K 64 -40.49 -11.37 34.82
C MET K 64 -40.34 -10.35 33.70
N ILE K 65 -40.36 -9.07 34.07
CA ILE K 65 -40.31 -7.96 33.13
C ILE K 65 -39.02 -7.20 33.35
N ALA K 66 -38.13 -7.22 32.36
CA ALA K 66 -36.76 -6.75 32.54
C ALA K 66 -36.49 -5.54 31.66
N ALA K 67 -36.05 -4.48 32.31
CA ALA K 67 -35.49 -3.32 31.65
C ALA K 67 -34.14 -2.98 32.27
N HIS K 68 -33.28 -2.34 31.50
CA HIS K 68 -31.98 -1.91 31.99
C HIS K 68 -31.96 -0.41 32.25
N MET K 69 -31.21 -0.01 33.26
CA MET K 69 -31.10 1.37 33.69
C MET K 69 -29.63 1.76 33.80
N ASP K 70 -28.76 1.02 33.10
CA ASP K 70 -27.33 1.32 33.10
C ASP K 70 -26.92 2.13 31.88
N GLN K 71 -27.37 3.37 31.79
CA GLN K 71 -27.03 4.24 30.67
C GLN K 71 -25.50 4.34 30.59
N ILE K 72 -24.99 4.43 29.36
CA ILE K 72 -23.56 4.48 29.08
C ILE K 72 -22.97 5.68 29.79
N GLY K 73 -21.71 5.54 30.19
CA GLY K 73 -20.98 6.66 30.74
C GLY K 73 -19.49 6.45 30.55
N LEU K 74 -18.71 7.38 31.12
CA LEU K 74 -17.27 7.31 31.06
C LEU K 74 -16.69 7.38 32.46
N MET K 75 -15.44 6.95 32.58
CA MET K 75 -14.73 6.82 33.84
C MET K 75 -13.40 7.55 33.77
N VAL K 76 -13.12 8.35 34.77
CA VAL K 76 -11.78 8.90 34.93
C VAL K 76 -10.86 7.82 35.46
N THR K 77 -9.65 7.74 34.91
CA THR K 77 -8.66 6.77 35.33
C THR K 77 -7.45 7.41 35.98
N HIS K 78 -7.10 8.64 35.59
CA HIS K 78 -5.96 9.33 36.19
C HIS K 78 -6.11 10.82 35.91
N ILE K 79 -5.22 11.59 36.48
CA ILE K 79 -5.24 13.05 36.40
C ILE K 79 -3.88 13.53 35.91
N GLU K 80 -3.83 14.01 34.67
CA GLU K 80 -2.62 14.62 34.18
C GLU K 80 -2.28 15.86 35.00
N LYS K 81 -1.04 16.34 34.83
CA LYS K 81 -0.54 17.37 35.72
C LYS K 81 -1.16 18.73 35.46
N ASN K 82 -1.58 19.00 34.23
CA ASN K 82 -2.13 20.30 33.89
C ASN K 82 -3.57 20.49 34.36
N GLY K 83 -4.12 19.57 35.15
CA GLY K 83 -5.48 19.67 35.60
C GLY K 83 -6.50 19.17 34.60
N PHE K 84 -6.08 18.48 33.55
CA PHE K 84 -6.99 17.93 32.55
C PHE K 84 -7.08 16.42 32.69
N LEU K 85 -8.27 15.89 32.42
CA LEU K 85 -8.60 14.49 32.66
C LEU K 85 -8.43 13.64 31.42
N ARG K 86 -7.95 12.42 31.63
CA ARG K 86 -8.14 11.33 30.70
C ARG K 86 -9.31 10.50 31.18
N VAL K 87 -9.70 9.51 30.38
CA VAL K 87 -10.92 8.76 30.61
C VAL K 87 -10.76 7.35 30.09
N ALA K 88 -11.67 6.49 30.53
CA ALA K 88 -11.81 5.14 30.01
C ALA K 88 -13.28 4.79 29.87
N PRO K 89 -13.72 4.31 28.71
CA PRO K 89 -15.15 4.15 28.50
C PRO K 89 -15.71 2.92 29.15
N ILE K 90 -17.03 2.97 29.34
CA ILE K 90 -17.83 1.81 29.67
C ILE K 90 -18.27 1.18 28.36
N GLY K 91 -18.46 -0.13 28.40
CA GLY K 91 -18.65 -0.94 27.20
C GLY K 91 -19.84 -0.49 26.38
N GLY K 92 -19.66 -0.52 25.07
CA GLY K 92 -20.70 -0.20 24.13
C GLY K 92 -20.53 1.11 23.39
N VAL K 93 -19.79 2.05 23.95
CA VAL K 93 -19.74 3.41 23.43
C VAL K 93 -18.83 3.46 22.22
N ASP K 94 -19.10 4.41 21.32
CA ASP K 94 -18.27 4.69 20.17
C ASP K 94 -17.59 6.03 20.39
N PRO K 95 -16.28 6.16 20.20
CA PRO K 95 -15.61 7.40 20.61
C PRO K 95 -15.74 8.55 19.63
N LYS K 96 -16.28 8.32 18.42
CA LYS K 96 -16.52 9.43 17.50
C LYS K 96 -17.55 10.41 18.06
N THR K 97 -18.29 10.01 19.08
CA THR K 97 -19.28 10.85 19.72
C THR K 97 -18.70 11.66 20.87
N LEU K 98 -17.45 12.10 20.72
CA LEU K 98 -16.68 12.77 21.76
C LEU K 98 -17.47 13.79 22.54
N ILE K 99 -17.88 14.88 21.90
CA ILE K 99 -18.75 15.88 22.50
C ILE K 99 -19.16 16.89 21.43
N ALA K 100 -20.29 17.53 21.68
CA ALA K 100 -20.65 18.81 21.10
C ALA K 100 -20.97 19.83 22.18
N GLN K 101 -21.26 19.36 23.40
CA GLN K 101 -21.51 20.23 24.54
C GLN K 101 -21.53 19.38 25.80
N ARG K 102 -20.97 19.95 26.86
CA ARG K 102 -21.39 19.67 28.23
C ARG K 102 -21.35 18.19 28.63
N PHE K 103 -20.18 17.61 28.87
CA PHE K 103 -20.10 16.38 29.64
C PHE K 103 -20.19 16.71 31.12
N LYS K 104 -21.02 15.94 31.83
CA LYS K 104 -21.34 16.19 33.22
C LYS K 104 -20.56 15.22 34.10
N VAL K 105 -20.07 15.72 35.23
CA VAL K 105 -19.28 14.94 36.19
C VAL K 105 -20.04 14.90 37.50
N TRP K 106 -20.54 13.72 37.86
CA TRP K 106 -21.27 13.52 39.10
C TRP K 106 -20.32 13.16 40.23
N ILE K 107 -19.69 14.16 40.84
CA ILE K 107 -18.92 13.92 42.05
C ILE K 107 -19.75 13.18 43.08
N ASP K 108 -20.92 13.72 43.40
CA ASP K 108 -21.82 13.07 44.34
C ASP K 108 -23.24 13.49 44.01
N LYS K 109 -24.17 12.92 44.76
CA LYS K 109 -25.59 13.17 44.54
C LYS K 109 -25.90 14.65 44.67
N GLY K 110 -26.54 15.21 43.65
CA GLY K 110 -26.89 16.62 43.64
C GLY K 110 -25.74 17.56 43.46
N LYS K 111 -24.56 17.07 43.09
CA LYS K 111 -23.38 17.90 42.83
C LYS K 111 -22.80 17.51 41.48
N PHE K 112 -22.87 18.43 40.53
CA PHE K 112 -22.39 18.21 39.18
C PHE K 112 -21.68 19.44 38.69
N ILE K 113 -20.59 19.21 37.95
CA ILE K 113 -19.89 20.27 37.25
C ILE K 113 -19.69 19.86 35.81
N TYR K 114 -19.80 20.85 34.94
CA TYR K 114 -19.80 20.60 33.51
C TYR K 114 -18.39 20.38 33.01
N GLY K 115 -18.26 19.58 31.98
CA GLY K 115 -16.97 19.23 31.44
C GLY K 115 -17.07 19.00 29.95
N VAL K 116 -15.93 19.14 29.28
CA VAL K 116 -15.83 18.99 27.84
C VAL K 116 -14.72 18.02 27.51
N GLY K 117 -14.84 17.39 26.35
CA GLY K 117 -14.02 16.25 26.00
C GLY K 117 -13.61 16.19 24.56
N ALA K 118 -13.39 17.33 23.93
CA ALA K 118 -13.50 17.38 22.47
C ALA K 118 -12.43 16.57 21.75
N SER K 119 -11.15 16.72 22.09
CA SER K 119 -10.08 16.44 21.14
C SER K 119 -8.88 15.80 21.80
N VAL K 120 -8.53 14.60 21.33
CA VAL K 120 -7.19 14.06 21.53
C VAL K 120 -6.43 14.64 20.34
N PRO K 121 -5.21 15.14 20.48
CA PRO K 121 -4.52 15.71 19.33
C PRO K 121 -4.16 14.62 18.33
N PRO K 122 -4.59 14.73 17.07
CA PRO K 122 -4.20 13.71 16.10
C PRO K 122 -2.69 13.71 15.89
N HIS K 123 -2.15 12.53 15.58
CA HIS K 123 -0.72 12.39 15.38
C HIS K 123 -0.28 13.24 14.19
N ILE K 124 1.03 13.44 14.09
CA ILE K 124 1.62 14.29 13.08
C ILE K 124 1.90 13.45 11.84
N GLN K 125 0.94 13.40 10.92
CA GLN K 125 1.18 12.81 9.62
C GLN K 125 0.09 13.20 8.63
N LYS K 126 0.39 13.06 7.34
CA LYS K 126 -0.44 13.57 6.25
C LYS K 126 -1.64 12.66 5.94
N PRO K 127 -1.49 11.32 5.87
CA PRO K 127 -2.70 10.49 5.77
C PRO K 127 -3.56 10.59 7.02
N GLU K 128 -2.94 10.93 8.16
CA GLU K 128 -3.66 11.01 9.42
C GLU K 128 -4.36 12.35 9.60
N ASP K 129 -3.85 13.41 8.96
CA ASP K 129 -4.62 14.65 8.89
C ASP K 129 -5.96 14.40 8.21
N ARG K 130 -5.98 13.45 7.26
CA ARG K 130 -7.24 13.02 6.66
C ARG K 130 -8.04 12.13 7.62
N LYS K 131 -7.36 11.27 8.40
CA LYS K 131 -8.06 10.48 9.41
C LYS K 131 -8.35 11.35 10.61
N LYS K 132 -9.50 11.99 10.62
CA LYS K 132 -9.91 12.76 11.77
C LYS K 132 -10.64 11.91 12.80
N ALA K 133 -10.57 10.58 12.69
CA ALA K 133 -11.10 9.72 13.73
C ALA K 133 -10.20 9.83 14.94
N PRO K 134 -10.74 9.81 16.16
CA PRO K 134 -9.87 9.87 17.33
C PRO K 134 -9.04 8.62 17.48
N ASP K 135 -7.90 8.79 18.13
CA ASP K 135 -7.02 7.68 18.42
C ASP K 135 -7.72 6.76 19.41
N TRP K 136 -7.35 5.47 19.37
CA TRP K 136 -8.03 4.47 20.20
C TRP K 136 -7.58 4.52 21.66
N ASP K 137 -6.49 5.26 21.96
CA ASP K 137 -5.95 5.25 23.32
C ASP K 137 -7.01 5.66 24.33
N GLN K 138 -7.48 6.91 24.29
CA GLN K 138 -8.88 7.30 24.35
C GLN K 138 -8.80 8.83 24.39
N ILE K 139 -9.94 9.50 24.33
CA ILE K 139 -10.04 10.95 24.35
C ILE K 139 -9.78 11.45 25.77
N PHE K 140 -9.58 12.76 25.89
CA PHE K 140 -9.38 13.43 27.16
C PHE K 140 -10.52 14.38 27.45
N ILE K 141 -10.65 14.76 28.73
CA ILE K 141 -11.71 15.61 29.23
C ILE K 141 -11.09 16.80 29.93
N ASP K 142 -11.77 17.94 29.85
CA ASP K 142 -11.38 19.16 30.55
C ASP K 142 -12.49 19.57 31.51
N ILE K 143 -12.09 19.94 32.74
CA ILE K 143 -12.97 20.62 33.67
C ILE K 143 -12.43 21.99 34.06
N GLY K 144 -11.37 22.44 33.41
CA GLY K 144 -10.87 23.79 33.58
C GLY K 144 -9.91 23.98 34.72
N ALA K 145 -9.68 22.96 35.54
CA ALA K 145 -8.71 23.08 36.60
C ALA K 145 -7.30 23.14 36.02
N GLU K 146 -6.46 23.94 36.66
CA GLU K 146 -5.08 24.10 36.22
C GLU K 146 -4.15 23.00 36.71
N SER K 147 -4.51 22.30 37.78
CA SER K 147 -3.60 21.34 38.38
C SER K 147 -4.36 20.19 39.03
N LYS K 148 -3.62 19.12 39.27
CA LYS K 148 -4.15 17.95 39.94
C LYS K 148 -4.69 18.31 41.32
N GLU K 149 -3.98 19.17 42.05
CA GLU K 149 -4.41 19.55 43.38
C GLU K 149 -5.77 20.23 43.33
N GLU K 150 -5.95 21.17 42.41
CA GLU K 150 -7.22 21.87 42.30
C GLU K 150 -8.34 20.90 41.97
N ALA K 151 -8.04 19.87 41.18
CA ALA K 151 -9.08 18.95 40.74
C ALA K 151 -9.61 18.13 41.91
N GLU K 152 -8.71 17.70 42.79
CA GLU K 152 -9.17 16.88 43.90
C GLU K 152 -9.87 17.71 44.96
N ASP K 153 -9.58 19.02 45.00
CA ASP K 153 -10.27 19.88 45.94
C ASP K 153 -11.72 20.07 45.53
N MET K 154 -12.00 20.02 44.23
CA MET K 154 -13.38 20.01 43.76
C MET K 154 -14.13 18.81 44.29
N GLY K 155 -13.48 17.64 44.32
CA GLY K 155 -14.10 16.39 44.63
C GLY K 155 -13.87 15.29 43.63
N VAL K 156 -13.28 15.60 42.48
CA VAL K 156 -12.99 14.59 41.48
C VAL K 156 -11.99 13.61 42.06
N LYS K 157 -12.26 12.33 41.88
CA LYS K 157 -11.36 11.27 42.26
C LYS K 157 -11.44 10.19 41.20
N ILE K 158 -10.61 9.17 41.36
CA ILE K 158 -10.70 8.05 40.44
C ILE K 158 -11.98 7.30 40.77
N GLY K 159 -12.58 6.73 39.73
CA GLY K 159 -13.85 6.05 39.87
C GLY K 159 -14.61 6.18 38.57
N THR K 160 -15.69 5.42 38.47
CA THR K 160 -16.68 5.66 37.44
C THR K 160 -17.55 6.82 37.89
N VAL K 161 -17.49 7.96 37.18
CA VAL K 161 -18.05 9.20 37.71
C VAL K 161 -18.93 9.95 36.71
N ILE K 162 -18.77 9.70 35.41
CA ILE K 162 -19.21 10.65 34.37
C ILE K 162 -20.39 10.11 33.57
N THR K 163 -21.16 11.03 32.98
CA THR K 163 -22.24 10.72 32.04
C THR K 163 -22.33 11.81 30.97
N TRP K 164 -23.45 11.80 30.22
CA TRP K 164 -23.48 12.47 28.92
C TRP K 164 -24.15 13.83 28.97
N ASP K 165 -24.94 14.11 30.01
CA ASP K 165 -25.69 15.36 30.11
C ASP K 165 -26.71 15.52 29.01
N GLY K 166 -27.67 14.61 28.96
CA GLY K 166 -28.79 14.78 28.05
C GLY K 166 -29.88 15.59 28.71
N ARG K 167 -30.71 16.17 27.85
CA ARG K 167 -31.93 16.82 28.28
C ARG K 167 -32.99 16.53 27.24
N LEU K 168 -34.22 16.45 27.70
CA LEU K 168 -35.30 15.92 26.90
C LEU K 168 -36.04 17.06 26.21
N GLU K 169 -36.02 17.06 24.89
CA GLU K 169 -36.72 18.04 24.08
C GLU K 169 -37.57 17.34 23.03
N ARG K 170 -38.54 18.09 22.54
CA ARG K 170 -39.55 17.58 21.63
C ARG K 170 -39.23 18.03 20.21
N LEU K 171 -38.98 17.08 19.32
CA LEU K 171 -38.89 17.34 17.89
C LEU K 171 -40.07 16.70 17.19
N GLY K 172 -40.46 17.30 16.07
CA GLY K 172 -41.68 16.91 15.40
C GLY K 172 -42.83 17.03 16.35
N LYS K 173 -43.18 18.28 16.71
CA LYS K 173 -44.20 18.54 17.72
C LYS K 173 -45.52 17.82 17.44
N HIS K 174 -45.77 17.44 16.18
CA HIS K 174 -46.71 16.36 15.93
C HIS K 174 -46.35 15.12 16.73
N ARG K 175 -45.19 14.51 16.49
CA ARG K 175 -44.73 13.42 17.34
C ARG K 175 -43.29 13.02 17.06
N PHE K 176 -42.45 13.09 18.10
CA PHE K 176 -41.18 12.37 18.28
C PHE K 176 -40.58 12.90 19.58
N VAL K 177 -39.52 12.27 20.10
CA VAL K 177 -38.84 12.74 21.30
C VAL K 177 -37.35 12.46 21.15
N SER K 178 -36.52 13.34 21.71
CA SER K 178 -35.09 13.39 21.41
C SER K 178 -34.22 12.35 22.10
N ILE K 179 -34.11 12.37 23.43
CA ILE K 179 -33.15 11.53 24.16
C ILE K 179 -33.85 10.55 25.09
N ALA K 180 -35.11 10.22 24.83
CA ALA K 180 -35.90 9.45 25.77
C ALA K 180 -35.65 7.95 25.74
N PHE K 181 -34.76 7.48 24.88
CA PHE K 181 -34.73 6.06 24.54
C PHE K 181 -33.92 5.25 25.54
N ASP K 182 -32.61 5.47 25.59
CA ASP K 182 -31.72 4.42 26.04
C ASP K 182 -31.71 4.34 27.54
N ASP K 183 -31.94 3.12 28.02
CA ASP K 183 -31.87 2.73 29.42
C ASP K 183 -33.00 3.34 30.26
N ARG K 184 -33.81 4.22 29.70
CA ARG K 184 -35.14 4.46 30.22
C ARG K 184 -36.06 4.96 29.12
N ILE K 185 -36.60 4.01 28.38
CA ILE K 185 -37.90 4.13 27.75
C ILE K 185 -38.67 2.91 28.23
N ALA K 186 -37.98 1.77 28.26
CA ALA K 186 -38.50 0.54 28.83
C ALA K 186 -39.09 0.77 30.21
N VAL K 187 -38.40 1.54 31.06
CA VAL K 187 -38.91 1.75 32.41
C VAL K 187 -40.22 2.52 32.36
N TYR K 188 -40.33 3.48 31.43
CA TYR K 188 -41.58 4.22 31.31
C TYR K 188 -42.71 3.29 30.92
N THR K 189 -42.43 2.33 30.03
CA THR K 189 -43.43 1.31 29.74
C THR K 189 -43.79 0.55 31.00
N ILE K 190 -42.78 0.11 31.74
CA ILE K 190 -43.01 -0.60 33.00
C ILE K 190 -43.86 0.23 33.93
N LEU K 191 -43.49 1.49 34.14
CA LEU K 191 -44.26 2.33 35.05
C LEU K 191 -45.66 2.56 34.52
N GLU K 192 -45.79 2.81 33.22
CA GLU K 192 -47.11 2.97 32.64
C GLU K 192 -47.90 1.69 32.75
N VAL K 193 -47.22 0.56 32.59
CA VAL K 193 -47.88 -0.74 32.73
C VAL K 193 -48.45 -0.89 34.12
N ALA K 194 -47.67 -0.53 35.14
CA ALA K 194 -48.13 -0.70 36.51
C ALA K 194 -49.36 0.14 36.80
N LYS K 195 -49.45 1.32 36.17
CA LYS K 195 -50.64 2.14 36.33
C LYS K 195 -51.83 1.52 35.60
N GLN K 196 -51.58 0.96 34.42
CA GLN K 196 -52.63 0.42 33.59
C GLN K 196 -53.10 -0.95 34.03
N LEU K 197 -52.25 -1.71 34.70
CA LEU K 197 -52.61 -3.03 35.18
C LEU K 197 -53.40 -2.90 36.47
N LYS K 198 -54.62 -3.45 36.47
CA LYS K 198 -55.47 -3.47 37.66
C LYS K 198 -55.63 -4.90 38.17
N ASP K 199 -56.13 -5.78 37.31
CA ASP K 199 -56.49 -7.14 37.70
C ASP K 199 -55.36 -8.09 37.34
N ALA K 200 -54.63 -8.52 38.35
CA ALA K 200 -53.44 -9.35 38.16
C ALA K 200 -53.85 -10.78 37.88
N LYS K 201 -54.01 -11.12 36.60
CA LYS K 201 -54.32 -12.49 36.24
C LYS K 201 -53.10 -13.39 36.33
N ALA K 202 -51.91 -12.80 36.41
CA ALA K 202 -50.70 -13.54 36.67
C ALA K 202 -49.78 -12.71 37.55
N ASP K 203 -49.10 -13.37 38.47
CA ASP K 203 -48.29 -12.66 39.45
C ASP K 203 -46.99 -12.25 38.78
N VAL K 204 -46.81 -10.94 38.61
CA VAL K 204 -45.73 -10.38 37.83
C VAL K 204 -44.66 -9.86 38.77
N TYR K 205 -43.43 -9.86 38.30
CA TYR K 205 -42.31 -9.28 39.03
C TYR K 205 -41.56 -8.34 38.10
N PHE K 206 -41.72 -7.04 38.31
CA PHE K 206 -41.02 -6.03 37.53
C PHE K 206 -39.63 -5.85 38.11
N VAL K 207 -38.62 -5.99 37.27
CA VAL K 207 -37.23 -5.74 37.65
C VAL K 207 -36.68 -4.64 36.76
N ALA K 208 -35.75 -3.88 37.30
CA ALA K 208 -34.97 -2.90 36.57
C ALA K 208 -33.50 -3.16 36.86
N THR K 209 -32.84 -3.86 35.94
CA THR K 209 -31.54 -4.44 36.21
C THR K 209 -30.43 -3.45 35.96
N VAL K 210 -29.28 -3.73 36.56
CA VAL K 210 -28.09 -2.91 36.43
C VAL K 210 -27.00 -3.75 35.79
N GLN K 211 -25.95 -3.07 35.36
CA GLN K 211 -24.81 -3.70 34.71
C GLN K 211 -25.25 -4.49 33.49
N GLU K 212 -26.19 -3.94 32.71
CA GLU K 212 -26.60 -4.60 31.48
C GLU K 212 -25.59 -4.36 30.37
N GLU K 213 -25.21 -3.11 30.17
CA GLU K 213 -24.34 -2.78 29.05
C GLU K 213 -22.95 -3.36 29.23
N VAL K 214 -22.57 -3.68 30.46
CA VAL K 214 -21.32 -4.38 30.76
C VAL K 214 -21.61 -5.54 31.67
N GLY K 215 -21.28 -6.75 31.23
CA GLY K 215 -21.64 -7.92 32.00
C GLY K 215 -23.13 -8.09 32.08
N LEU K 216 -23.79 -8.27 30.93
CA LEU K 216 -25.24 -8.43 30.82
C LEU K 216 -25.80 -9.43 31.82
N ARG K 217 -24.99 -10.39 32.26
CA ARG K 217 -25.40 -11.30 33.32
C ARG K 217 -25.66 -10.58 34.65
N GLY K 218 -25.40 -9.27 34.72
CA GLY K 218 -25.88 -8.51 35.86
C GLY K 218 -27.35 -8.74 36.12
N ALA K 219 -28.15 -8.81 35.06
CA ALA K 219 -29.58 -9.05 35.19
C ALA K 219 -29.86 -10.42 35.76
N ARG K 220 -29.05 -11.41 35.36
CA ARG K 220 -29.28 -12.80 35.75
C ARG K 220 -29.44 -12.96 37.25
N THR K 221 -28.68 -12.19 38.03
CA THR K 221 -28.68 -12.40 39.47
C THR K 221 -30.08 -12.25 40.04
N SER K 222 -30.77 -11.19 39.62
CA SER K 222 -32.16 -11.01 40.02
C SER K 222 -33.01 -12.20 39.62
N ALA K 223 -32.72 -12.79 38.46
CA ALA K 223 -33.62 -13.78 37.87
C ALA K 223 -33.94 -14.92 38.81
N PHE K 224 -32.92 -15.52 39.42
CA PHE K 224 -33.13 -16.81 40.10
C PHE K 224 -34.09 -16.67 41.27
N GLY K 225 -34.07 -15.54 41.95
CA GLY K 225 -34.97 -15.38 43.07
C GLY K 225 -36.41 -15.23 42.63
N ILE K 226 -36.61 -14.92 41.35
CA ILE K 226 -37.85 -14.32 40.90
C ILE K 226 -38.48 -15.09 39.75
N GLU K 227 -37.68 -15.47 38.75
CA GLU K 227 -38.15 -15.80 37.41
C GLU K 227 -39.21 -16.88 37.25
N PRO K 228 -39.07 -18.04 37.91
CA PRO K 228 -39.31 -19.32 37.23
C PRO K 228 -40.55 -19.38 36.34
N ASP K 229 -40.39 -20.11 35.24
CA ASP K 229 -41.48 -20.63 34.40
C ASP K 229 -41.98 -19.64 33.36
N TYR K 230 -41.45 -18.41 33.36
CA TYR K 230 -41.67 -17.51 32.23
C TYR K 230 -40.74 -16.30 32.29
N GLY K 231 -40.71 -15.50 31.23
CA GLY K 231 -39.78 -14.38 31.15
C GLY K 231 -40.07 -13.48 29.98
N PHE K 232 -39.72 -12.21 30.15
CA PHE K 232 -39.87 -11.18 29.15
C PHE K 232 -38.69 -10.21 29.26
N ALA K 233 -38.58 -9.31 28.29
CA ALA K 233 -37.53 -8.31 28.30
C ALA K 233 -37.94 -7.12 27.46
N ILE K 234 -37.45 -5.95 27.86
CA ILE K 234 -37.59 -4.72 27.09
C ILE K 234 -36.23 -4.05 27.06
N ASP K 235 -35.44 -4.38 26.05
CA ASP K 235 -34.17 -3.74 25.77
C ASP K 235 -34.13 -3.48 24.28
N VAL K 236 -33.09 -2.77 23.83
CA VAL K 236 -33.02 -2.33 22.45
C VAL K 236 -31.57 -2.21 21.98
N THR K 237 -31.39 -2.45 20.69
CA THR K 237 -30.17 -2.06 19.98
C THR K 237 -30.46 -2.16 18.49
N ILE K 238 -30.27 -1.05 17.79
CA ILE K 238 -30.86 -0.82 16.47
C ILE K 238 -29.88 -0.01 15.65
N ALA K 239 -29.93 -0.20 14.33
CA ALA K 239 -29.42 0.77 13.36
C ALA K 239 -30.58 1.13 12.44
N ALA K 240 -31.13 2.32 12.62
CA ALA K 240 -32.51 2.63 12.22
C ALA K 240 -32.60 3.67 11.11
N ASP K 241 -32.98 3.24 9.93
CA ASP K 241 -33.57 4.09 8.87
C ASP K 241 -32.69 5.29 8.54
N ILE K 242 -31.39 5.07 8.59
CA ILE K 242 -30.48 6.18 8.35
C ILE K 242 -30.46 6.37 6.83
N PRO K 243 -30.67 7.56 6.29
CA PRO K 243 -30.67 7.70 4.82
C PRO K 243 -29.33 7.31 4.21
N GLY K 244 -29.35 7.13 2.89
CA GLY K 244 -28.21 6.62 2.18
C GLY K 244 -27.98 5.14 2.32
N THR K 245 -28.75 4.45 3.16
CA THR K 245 -28.63 3.00 3.33
C THR K 245 -29.58 2.28 2.38
N PRO K 246 -29.38 0.98 2.17
CA PRO K 246 -30.37 0.21 1.43
C PRO K 246 -31.65 0.00 2.22
N GLU K 247 -32.53 -0.83 1.66
CA GLU K 247 -33.80 -1.13 2.31
C GLU K 247 -33.64 -2.20 3.39
N HIS K 248 -32.49 -2.87 3.45
CA HIS K 248 -32.36 -4.01 4.34
C HIS K 248 -32.35 -3.63 5.81
N LYS K 249 -32.07 -2.37 6.13
CA LYS K 249 -32.23 -1.85 7.47
C LYS K 249 -33.53 -1.09 7.67
N GLN K 250 -34.20 -0.71 6.59
CA GLN K 250 -35.36 0.17 6.71
C GLN K 250 -36.49 -0.51 7.49
N VAL K 251 -36.68 -1.82 7.30
CA VAL K 251 -37.78 -2.48 8.02
C VAL K 251 -37.50 -2.56 9.52
N THR K 252 -36.24 -2.46 9.94
CA THR K 252 -35.93 -2.40 11.38
C THR K 252 -36.66 -1.23 12.05
N HIS K 253 -36.87 -0.14 11.32
CA HIS K 253 -37.62 1.00 11.82
C HIS K 253 -38.07 1.88 10.67
N LEU K 254 -39.34 2.24 10.70
CA LEU K 254 -39.93 3.16 9.74
C LEU K 254 -40.74 4.25 10.42
N GLY K 255 -40.85 4.23 11.74
CA GLY K 255 -41.62 5.15 12.55
C GLY K 255 -43.00 4.62 12.84
N LYS K 256 -43.10 3.31 13.03
CA LYS K 256 -44.37 2.63 13.06
C LYS K 256 -44.23 1.38 13.90
N GLY K 257 -45.15 1.23 14.84
CA GLY K 257 -45.29 0.01 15.57
C GLY K 257 -44.08 -0.34 16.42
N THR K 258 -44.23 -1.40 17.19
CA THR K 258 -43.20 -1.86 18.11
C THR K 258 -42.46 -3.00 17.46
N ALA K 259 -41.41 -3.46 18.14
CA ALA K 259 -40.45 -4.38 17.58
C ALA K 259 -40.32 -5.58 18.48
N ILE K 260 -40.62 -6.75 17.92
CA ILE K 260 -40.44 -8.02 18.61
C ILE K 260 -39.13 -8.62 18.15
N LYS K 261 -38.41 -9.21 19.09
CA LYS K 261 -37.10 -9.78 18.81
C LYS K 261 -37.24 -11.28 18.60
N ILE K 262 -36.82 -11.75 17.44
CA ILE K 262 -36.78 -13.18 17.16
C ILE K 262 -35.39 -13.72 17.45
N MET K 263 -34.38 -12.95 17.08
CA MET K 263 -32.99 -13.38 17.16
C MET K 263 -32.13 -12.19 17.55
N ASP K 264 -31.08 -12.50 18.28
CA ASP K 264 -29.97 -11.60 18.50
C ASP K 264 -28.69 -12.40 18.45
N ARG K 265 -27.59 -11.76 18.84
CA ARG K 265 -26.38 -12.49 19.17
C ARG K 265 -26.68 -13.54 20.24
N SER K 266 -27.22 -13.09 21.37
CA SER K 266 -27.27 -13.90 22.57
C SER K 266 -28.47 -14.82 22.62
N VAL K 267 -29.66 -14.33 22.32
CA VAL K 267 -30.90 -15.00 22.66
C VAL K 267 -31.63 -15.41 21.38
N ILE K 268 -32.27 -16.56 21.44
CA ILE K 268 -33.16 -17.03 20.40
C ILE K 268 -34.51 -17.24 21.06
N CYS K 269 -35.43 -16.33 20.83
CA CYS K 269 -36.69 -16.34 21.56
C CYS K 269 -37.52 -17.56 21.23
N HIS K 270 -38.09 -18.15 22.26
CA HIS K 270 -38.97 -19.30 22.11
C HIS K 270 -40.12 -18.91 21.20
N PRO K 271 -40.19 -19.45 19.97
CA PRO K 271 -41.00 -18.79 18.94
C PRO K 271 -42.49 -18.83 19.19
N THR K 272 -42.98 -19.75 20.03
CA THR K 272 -44.39 -19.78 20.36
C THR K 272 -44.84 -18.42 20.89
N ILE K 273 -44.02 -17.82 21.77
CA ILE K 273 -44.30 -16.48 22.27
C ILE K 273 -44.45 -15.51 21.11
N VAL K 274 -43.50 -15.55 20.17
CA VAL K 274 -43.52 -14.62 19.05
C VAL K 274 -44.81 -14.75 18.25
N ARG K 275 -45.14 -15.98 17.83
CA ARG K 275 -46.36 -16.18 17.07
C ARG K 275 -47.57 -15.75 17.87
N TRP K 276 -47.50 -15.90 19.19
CA TRP K 276 -48.62 -15.49 20.03
C TRP K 276 -48.76 -13.98 20.03
N LEU K 277 -47.66 -13.26 20.24
CA LEU K 277 -47.73 -11.81 20.21
C LEU K 277 -48.16 -11.32 18.84
N GLU K 278 -47.68 -11.98 17.79
CA GLU K 278 -48.14 -11.67 16.45
C GLU K 278 -49.64 -11.82 16.36
N GLU K 279 -50.17 -12.93 16.88
CA GLU K 279 -51.61 -13.12 16.94
C GLU K 279 -52.27 -12.04 17.76
N LEU K 280 -51.64 -11.66 18.88
CA LEU K 280 -52.27 -10.74 19.81
C LEU K 280 -52.42 -9.36 19.19
N ALA K 281 -51.36 -8.87 18.54
CA ALA K 281 -51.40 -7.52 18.01
C ALA K 281 -52.46 -7.38 16.94
N LYS K 282 -52.71 -8.45 16.19
CA LYS K 282 -53.73 -8.40 15.17
C LYS K 282 -55.13 -8.38 15.78
N LYS K 283 -55.30 -9.03 16.93
CA LYS K 283 -56.63 -9.12 17.50
C LYS K 283 -57.09 -7.78 18.05
N HIS K 284 -56.19 -7.01 18.63
CA HIS K 284 -56.49 -5.69 19.15
C HIS K 284 -56.04 -4.55 18.26
N GLU K 285 -55.70 -4.83 17.00
CA GLU K 285 -55.39 -3.80 16.00
C GLU K 285 -54.13 -3.01 16.38
N ILE K 286 -53.21 -3.68 17.04
CA ILE K 286 -51.96 -3.06 17.49
C ILE K 286 -50.93 -3.15 16.36
N PRO K 287 -50.09 -2.13 16.17
CA PRO K 287 -49.04 -2.26 15.16
C PRO K 287 -47.83 -3.01 15.70
N TYR K 288 -47.15 -3.71 14.81
CA TYR K 288 -45.98 -4.48 15.19
C TYR K 288 -45.08 -4.69 14.00
N GLN K 289 -43.78 -4.75 14.28
CA GLN K 289 -42.78 -5.18 13.32
C GLN K 289 -42.20 -6.48 13.84
N LEU K 290 -41.33 -7.07 13.03
CA LEU K 290 -40.49 -8.18 13.46
C LEU K 290 -39.05 -7.82 13.13
N GLU K 291 -38.25 -7.64 14.18
CA GLU K 291 -36.88 -7.13 14.05
C GLU K 291 -35.91 -8.21 14.50
N ILE K 292 -34.78 -8.25 13.83
CA ILE K 292 -33.66 -9.10 14.21
C ILE K 292 -32.39 -8.31 14.01
N LEU K 293 -31.34 -8.71 14.71
CA LEU K 293 -30.02 -8.11 14.57
C LEU K 293 -28.99 -9.17 14.21
N LEU K 294 -27.82 -8.71 13.83
CA LEU K 294 -26.63 -9.54 13.75
C LEU K 294 -25.79 -9.46 15.03
N GLY K 295 -26.00 -8.42 15.84
CA GLY K 295 -25.20 -8.21 17.03
C GLY K 295 -26.03 -7.58 18.13
N GLY K 296 -25.34 -7.27 19.22
CA GLY K 296 -25.97 -6.67 20.38
C GLY K 296 -26.22 -7.68 21.49
N GLY K 297 -26.10 -7.25 22.74
CA GLY K 297 -26.33 -8.11 23.89
C GLY K 297 -27.42 -7.53 24.76
N THR K 298 -28.49 -8.29 24.93
CA THR K 298 -29.67 -7.85 25.64
C THR K 298 -29.83 -8.59 26.96
N ASP K 299 -30.82 -8.13 27.73
CA ASP K 299 -31.14 -8.78 29.00
C ASP K 299 -31.66 -10.19 28.78
N ALA K 300 -32.37 -10.41 27.67
CA ALA K 300 -33.06 -11.68 27.47
C ALA K 300 -32.09 -12.85 27.46
N GLY K 301 -30.89 -12.64 26.93
CA GLY K 301 -29.92 -13.72 26.86
C GLY K 301 -29.59 -14.27 28.23
N ALA K 302 -29.44 -13.39 29.20
CA ALA K 302 -29.13 -13.85 30.56
C ALA K 302 -30.31 -14.60 31.17
N ILE K 303 -31.53 -14.29 30.73
CA ILE K 303 -32.69 -14.94 31.30
C ILE K 303 -32.75 -16.39 30.86
N HIS K 304 -32.31 -16.67 29.63
CA HIS K 304 -32.43 -18.01 29.05
C HIS K 304 -31.59 -19.05 29.78
N LEU K 305 -30.67 -18.63 30.63
CA LEU K 305 -29.65 -19.52 31.17
C LEU K 305 -29.89 -19.94 32.60
N THR K 306 -30.88 -19.34 33.27
CA THR K 306 -31.29 -19.82 34.58
C THR K 306 -31.72 -21.28 34.50
N LYS K 307 -31.67 -21.95 35.65
CA LYS K 307 -31.65 -23.41 35.69
C LYS K 307 -32.89 -24.04 35.10
N ALA K 308 -34.04 -23.37 35.16
CA ALA K 308 -35.26 -23.97 34.64
C ALA K 308 -35.20 -24.11 33.13
N GLY K 309 -34.40 -23.28 32.47
CA GLY K 309 -34.41 -23.22 31.02
C GLY K 309 -35.59 -22.45 30.47
N VAL K 310 -35.65 -21.15 30.73
CA VAL K 310 -36.88 -20.39 30.56
C VAL K 310 -37.10 -20.02 29.11
N PRO K 311 -38.33 -20.09 28.59
CA PRO K 311 -38.61 -19.51 27.28
C PRO K 311 -38.89 -18.03 27.42
N THR K 312 -38.40 -17.26 26.46
CA THR K 312 -38.39 -15.81 26.56
C THR K 312 -38.72 -15.16 25.24
N GLY K 313 -39.58 -14.16 25.31
CA GLY K 313 -39.79 -13.21 24.24
C GLY K 313 -39.30 -11.84 24.69
N ALA K 314 -39.09 -10.97 23.71
CA ALA K 314 -38.56 -9.66 23.99
C ALA K 314 -39.20 -8.63 23.06
N LEU K 315 -39.55 -7.51 23.66
CA LEU K 315 -40.07 -6.36 22.95
C LEU K 315 -38.99 -5.29 22.86
N SER K 316 -39.09 -4.48 21.83
CA SER K 316 -38.13 -3.44 21.57
C SER K 316 -38.85 -2.17 21.14
N VAL K 317 -38.45 -1.05 21.74
CA VAL K 317 -38.98 0.27 21.42
C VAL K 317 -37.99 0.93 20.47
N PRO K 318 -38.30 1.11 19.20
CA PRO K 318 -37.26 1.23 18.19
C PRO K 318 -36.70 2.63 18.05
N ALA K 319 -35.92 2.80 16.98
CA ALA K 319 -35.57 4.07 16.37
C ALA K 319 -34.45 4.83 17.07
N ARG K 320 -33.49 4.10 17.59
CA ARG K 320 -32.34 4.72 18.22
C ARG K 320 -31.38 5.27 17.15
N TYR K 321 -30.56 6.23 17.57
CA TYR K 321 -29.32 6.61 16.88
C TYR K 321 -28.19 6.22 17.80
N ILE K 322 -26.96 6.22 17.24
CA ILE K 322 -25.79 5.56 17.83
C ILE K 322 -25.69 5.99 19.30
N HIS K 323 -25.89 5.01 20.20
CA HIS K 323 -26.64 5.24 21.44
C HIS K 323 -26.02 6.27 22.36
N SER K 324 -24.83 6.76 22.06
CA SER K 324 -24.18 7.75 22.91
C SER K 324 -25.01 9.03 23.04
N ASN K 325 -25.29 9.71 21.94
CA ASN K 325 -25.52 11.14 21.98
C ASN K 325 -26.96 11.57 21.92
N THR K 326 -27.70 11.16 20.90
CA THR K 326 -29.12 11.43 20.83
C THR K 326 -29.80 10.14 20.40
N GLU K 327 -31.03 10.03 20.84
CA GLU K 327 -31.64 8.73 21.04
C GLU K 327 -33.11 8.79 20.65
N VAL K 328 -33.38 9.27 19.44
CA VAL K 328 -34.74 9.54 18.98
C VAL K 328 -35.67 8.36 19.21
N VAL K 329 -36.95 8.66 19.43
CA VAL K 329 -38.01 7.66 19.59
C VAL K 329 -39.25 8.15 18.87
N ASP K 330 -40.27 7.30 18.93
CA ASP K 330 -41.57 7.56 18.34
C ASP K 330 -42.64 7.40 19.42
N GLU K 331 -43.37 8.49 19.67
CA GLU K 331 -44.44 8.49 20.66
C GLU K 331 -45.44 7.38 20.39
N ARG K 332 -45.66 7.04 19.12
CA ARG K 332 -46.67 6.05 18.80
C ARG K 332 -46.24 4.68 19.29
N ASP K 333 -44.98 4.33 19.06
CA ASP K 333 -44.52 2.98 19.33
C ASP K 333 -44.54 2.69 20.82
N VAL K 334 -44.07 3.64 21.63
CA VAL K 334 -43.93 3.39 23.05
C VAL K 334 -45.30 3.15 23.68
N ASP K 335 -46.31 3.93 23.29
CA ASP K 335 -47.64 3.71 23.86
C ASP K 335 -48.22 2.41 23.33
N ALA K 336 -47.92 2.08 22.07
CA ALA K 336 -48.38 0.82 21.51
C ALA K 336 -47.72 -0.34 22.23
N THR K 337 -46.43 -0.21 22.52
CA THR K 337 -45.72 -1.23 23.27
C THR K 337 -46.40 -1.51 24.59
N VAL K 338 -46.80 -0.46 25.29
CA VAL K 338 -47.45 -0.61 26.58
C VAL K 338 -48.74 -1.41 26.42
N GLU K 339 -49.56 -1.03 25.44
CA GLU K 339 -50.82 -1.73 25.20
C GLU K 339 -50.57 -3.21 24.99
N LEU K 340 -49.59 -3.53 24.15
CA LEU K 340 -49.30 -4.91 23.82
C LEU K 340 -48.95 -5.72 25.05
N MET K 341 -47.95 -5.28 25.81
CA MET K 341 -47.54 -6.02 26.99
C MET K 341 -48.70 -6.12 27.98
N THR K 342 -49.46 -5.04 28.13
CA THR K 342 -50.55 -5.03 29.09
C THR K 342 -51.51 -6.16 28.81
N LYS K 343 -51.86 -6.35 27.54
CA LYS K 343 -52.81 -7.39 27.18
C LYS K 343 -52.15 -8.76 27.27
N ALA K 344 -50.87 -8.85 26.88
CA ALA K 344 -50.17 -10.13 26.92
C ALA K 344 -50.11 -10.68 28.33
N LEU K 345 -49.82 -9.80 29.30
CA LEU K 345 -49.72 -10.25 30.68
C LEU K 345 -51.02 -10.88 31.15
N GLU K 346 -52.13 -10.19 30.93
CA GLU K 346 -53.40 -10.72 31.37
C GLU K 346 -53.75 -11.99 30.60
N ASN K 347 -53.46 -12.03 29.31
CA ASN K 347 -53.80 -13.21 28.53
C ASN K 347 -52.73 -14.29 28.63
N ILE K 348 -51.69 -14.10 29.45
CA ILE K 348 -50.66 -15.14 29.55
C ILE K 348 -51.23 -16.42 30.15
N HIS K 349 -52.32 -16.32 30.92
CA HIS K 349 -52.84 -17.49 31.59
C HIS K 349 -53.32 -18.55 30.59
N GLU K 350 -53.72 -18.12 29.39
CA GLU K 350 -54.13 -19.05 28.35
C GLU K 350 -52.94 -19.55 27.55
N LEU K 351 -51.82 -18.84 27.60
CA LEU K 351 -50.67 -19.15 26.76
C LEU K 351 -49.99 -20.45 27.19
N LYS K 352 -50.08 -20.81 28.48
CA LYS K 352 -49.31 -21.89 29.09
C LYS K 352 -49.18 -23.19 28.28
N ILE K 353 -50.12 -23.49 27.38
CA ILE K 353 -50.19 -24.74 26.61
C ILE K 353 -50.69 -25.85 27.53
N MET L 1 28.83 -41.03 -28.85
CA MET L 1 28.93 -42.44 -28.36
C MET L 1 27.61 -43.20 -28.36
N GLU L 2 27.10 -43.53 -29.54
CA GLU L 2 25.75 -44.09 -29.65
C GLU L 2 25.83 -45.55 -29.20
N VAL L 3 25.78 -45.72 -27.88
CA VAL L 3 25.82 -47.06 -27.28
C VAL L 3 24.59 -47.86 -27.70
N ARG L 4 23.46 -47.17 -27.87
CA ARG L 4 22.18 -47.80 -28.26
C ARG L 4 21.78 -47.49 -29.70
N ASN L 5 22.25 -46.39 -30.28
CA ASN L 5 21.85 -45.91 -31.60
C ASN L 5 20.35 -45.62 -31.63
N MET L 6 19.77 -45.22 -30.51
CA MET L 6 18.33 -44.92 -30.46
C MET L 6 18.04 -43.53 -31.01
N VAL L 7 18.91 -42.57 -30.72
CA VAL L 7 18.75 -41.19 -31.15
C VAL L 7 20.07 -40.74 -31.77
N ASP L 8 20.04 -40.41 -33.05
CA ASP L 8 21.26 -40.09 -33.77
C ASP L 8 21.74 -38.68 -33.40
N TYR L 9 22.88 -38.63 -32.72
CA TYR L 9 23.43 -37.36 -32.24
C TYR L 9 23.80 -36.44 -33.39
N GLU L 10 24.21 -37.02 -34.53
CA GLU L 10 24.56 -36.19 -35.68
C GLU L 10 23.33 -35.51 -36.27
N LEU L 11 22.24 -36.27 -36.42
CA LEU L 11 21.07 -35.76 -37.12
C LEU L 11 20.46 -34.59 -36.38
N LEU L 12 20.36 -34.69 -35.05
CA LEU L 12 19.74 -33.62 -34.26
C LEU L 12 20.52 -32.32 -34.40
N LYS L 13 21.84 -32.43 -34.61
CA LYS L 13 22.66 -31.23 -34.75
C LYS L 13 22.20 -30.41 -35.94
N LYS L 14 21.98 -31.08 -37.08
CA LYS L 14 21.66 -30.37 -38.32
C LYS L 14 20.39 -29.54 -38.17
N VAL L 15 19.36 -30.10 -37.53
CA VAL L 15 18.07 -29.43 -37.52
C VAL L 15 18.06 -28.28 -36.53
N VAL L 16 18.68 -28.47 -35.36
CA VAL L 16 18.38 -27.57 -34.25
C VAL L 16 19.26 -26.34 -34.31
N GLU L 17 20.49 -26.47 -34.80
CA GLU L 17 21.33 -25.30 -34.98
C GLU L 17 20.75 -24.36 -36.01
N ALA L 18 19.97 -24.88 -36.95
CA ALA L 18 19.46 -24.06 -38.02
C ALA L 18 18.47 -23.03 -37.46
N PRO L 19 18.21 -21.95 -38.19
CA PRO L 19 17.42 -20.85 -37.63
C PRO L 19 15.93 -21.10 -37.77
N GLY L 20 15.19 -20.65 -36.76
CA GLY L 20 13.85 -21.14 -36.50
C GLY L 20 12.70 -20.23 -36.85
N VAL L 21 12.82 -19.52 -37.97
CA VAL L 21 11.66 -18.97 -38.63
C VAL L 21 11.93 -18.99 -40.13
N SER L 22 11.11 -19.70 -40.88
CA SER L 22 11.44 -20.02 -42.26
C SER L 22 10.81 -19.01 -43.21
N GLY L 23 11.20 -19.11 -44.48
CA GLY L 23 10.75 -18.20 -45.51
C GLY L 23 11.52 -16.90 -45.57
N TYR L 24 11.99 -16.42 -44.43
CA TYR L 24 12.89 -15.28 -44.33
C TYR L 24 14.19 -15.60 -45.04
N GLU L 25 15.10 -14.63 -45.00
CA GLU L 25 16.47 -14.89 -45.44
C GLU L 25 17.16 -16.03 -44.68
N PHE L 26 16.60 -16.50 -43.55
CA PHE L 26 17.21 -17.62 -42.82
C PHE L 26 16.76 -18.98 -43.30
N LEU L 27 16.02 -19.10 -44.40
CA LEU L 27 15.12 -20.23 -44.61
C LEU L 27 15.80 -21.60 -44.73
N GLY L 28 17.10 -21.73 -44.41
CA GLY L 28 17.83 -22.97 -44.64
C GLY L 28 17.22 -24.23 -44.07
N ILE L 29 16.44 -24.11 -42.99
CA ILE L 29 15.83 -25.30 -42.38
C ILE L 29 14.95 -26.03 -43.37
N ARG L 30 14.27 -25.28 -44.23
CA ARG L 30 13.42 -25.89 -45.25
C ARG L 30 14.22 -26.88 -46.07
N ASP L 31 15.36 -26.43 -46.61
CA ASP L 31 16.24 -27.31 -47.36
C ASP L 31 16.64 -28.52 -46.54
N VAL L 32 16.92 -28.31 -45.25
CA VAL L 32 17.43 -29.39 -44.41
C VAL L 32 16.39 -30.50 -44.30
N VAL L 33 15.15 -30.13 -43.98
CA VAL L 33 14.14 -31.15 -43.75
C VAL L 33 13.87 -31.92 -45.03
N ILE L 34 13.84 -31.22 -46.17
CA ILE L 34 13.61 -31.93 -47.41
C ILE L 34 14.85 -32.69 -47.86
N GLU L 35 16.04 -32.20 -47.52
CA GLU L 35 17.27 -32.89 -47.90
C GLU L 35 17.34 -34.27 -47.28
N GLU L 36 16.75 -34.43 -46.10
CA GLU L 36 16.71 -35.73 -45.42
C GLU L 36 15.51 -36.56 -45.85
N ILE L 37 14.31 -36.01 -45.70
CA ILE L 37 13.10 -36.80 -45.77
C ILE L 37 12.90 -37.40 -47.15
N LYS L 38 13.41 -36.75 -48.20
CA LYS L 38 12.95 -37.05 -49.54
C LYS L 38 13.41 -38.42 -50.01
N ASP L 39 14.53 -38.91 -49.49
CA ASP L 39 15.03 -40.20 -49.97
C ASP L 39 14.13 -41.35 -49.53
N TYR L 40 13.37 -41.17 -48.45
CA TYR L 40 12.53 -42.23 -47.88
C TYR L 40 11.06 -42.08 -48.24
N VAL L 41 10.66 -40.99 -48.88
CA VAL L 41 9.26 -40.73 -49.19
C VAL L 41 9.11 -40.61 -50.69
N ASP L 42 7.92 -40.94 -51.18
CA ASP L 42 7.67 -40.98 -52.61
C ASP L 42 7.77 -39.59 -53.22
N GLU L 43 7.21 -38.58 -52.56
CA GLU L 43 7.14 -37.25 -53.14
C GLU L 43 7.00 -36.23 -52.01
N VAL L 44 7.37 -35.00 -52.32
CA VAL L 44 7.41 -33.93 -51.34
C VAL L 44 7.12 -32.62 -52.05
N LYS L 45 6.47 -31.69 -51.34
CA LYS L 45 6.10 -30.41 -51.92
C LYS L 45 6.12 -29.33 -50.85
N VAL L 46 6.22 -28.09 -51.32
CA VAL L 46 6.25 -26.90 -50.49
C VAL L 46 5.02 -26.08 -50.83
N ASP L 47 4.27 -25.68 -49.81
CA ASP L 47 3.11 -24.83 -50.03
C ASP L 47 3.58 -23.40 -50.16
N LYS L 48 2.62 -22.49 -50.29
CA LYS L 48 2.96 -21.09 -50.49
C LYS L 48 3.47 -20.46 -49.21
N LEU L 49 2.92 -20.88 -48.08
CA LEU L 49 3.15 -20.26 -46.78
C LEU L 49 4.41 -20.75 -46.09
N GLY L 50 5.27 -21.48 -46.77
CA GLY L 50 6.45 -22.04 -46.15
C GLY L 50 6.25 -23.40 -45.53
N ASN L 51 5.01 -23.90 -45.47
CA ASN L 51 4.77 -25.25 -45.02
C ASN L 51 5.46 -26.25 -45.93
N VAL L 52 5.83 -27.39 -45.36
CA VAL L 52 6.43 -28.49 -46.09
C VAL L 52 5.44 -29.63 -46.09
N ILE L 53 5.33 -30.33 -47.21
CA ILE L 53 4.35 -31.38 -47.42
C ILE L 53 5.09 -32.59 -47.94
N ALA L 54 5.09 -33.67 -47.17
CA ALA L 54 5.65 -34.93 -47.60
C ALA L 54 4.56 -35.99 -47.65
N HIS L 55 4.36 -36.54 -48.85
CA HIS L 55 3.26 -37.46 -49.12
C HIS L 55 3.85 -38.82 -49.44
N LYS L 56 3.82 -39.71 -48.45
CA LYS L 56 4.01 -41.13 -48.69
C LYS L 56 2.67 -41.66 -49.17
N LYS L 57 2.71 -42.64 -50.07
CA LYS L 57 1.52 -43.17 -50.68
C LYS L 57 1.20 -44.54 -50.10
N GLY L 58 -0.07 -44.92 -50.15
CA GLY L 58 -0.47 -46.20 -49.62
C GLY L 58 -1.94 -46.47 -49.90
N GLU L 59 -2.49 -47.41 -49.14
CA GLU L 59 -3.88 -47.82 -49.23
C GLU L 59 -4.53 -47.62 -47.87
N GLY L 60 -5.36 -46.59 -47.74
CA GLY L 60 -6.03 -46.32 -46.49
C GLY L 60 -6.44 -44.89 -46.30
N PRO L 61 -6.86 -44.54 -45.08
CA PRO L 61 -7.26 -43.16 -44.81
C PRO L 61 -6.07 -42.20 -44.81
N LYS L 62 -6.39 -40.92 -44.87
CA LYS L 62 -5.38 -39.87 -44.95
C LYS L 62 -5.03 -39.40 -43.54
N VAL L 63 -3.83 -39.70 -43.11
CA VAL L 63 -3.33 -39.34 -41.79
C VAL L 63 -2.39 -38.15 -41.93
N MET L 64 -2.52 -37.20 -41.01
CA MET L 64 -1.77 -35.96 -41.02
C MET L 64 -0.93 -35.87 -39.75
N ILE L 65 0.37 -35.69 -39.92
CA ILE L 65 1.33 -35.68 -38.82
C ILE L 65 1.96 -34.30 -38.78
N ALA L 66 1.70 -33.56 -37.70
CA ALA L 66 2.02 -32.15 -37.63
C ALA L 66 3.06 -31.88 -36.56
N ALA L 67 4.15 -31.25 -36.96
CA ALA L 67 5.13 -30.68 -36.08
C ALA L 67 5.37 -29.23 -36.47
N HIS L 68 5.81 -28.43 -35.50
CA HIS L 68 6.14 -27.04 -35.76
C HIS L 68 7.64 -26.84 -35.78
N MET L 69 8.07 -25.90 -36.63
CA MET L 69 9.49 -25.59 -36.83
C MET L 69 9.71 -24.09 -36.68
N ASP L 70 8.78 -23.41 -36.01
CA ASP L 70 8.91 -21.98 -35.77
C ASP L 70 9.48 -21.67 -34.40
N GLN L 71 10.75 -21.99 -34.19
CA GLN L 71 11.42 -21.73 -32.91
C GLN L 71 11.32 -20.23 -32.63
N ILE L 72 11.18 -19.90 -31.35
CA ILE L 72 11.03 -18.52 -30.88
C ILE L 72 12.23 -17.71 -31.33
N GLY L 73 12.00 -16.43 -31.57
CA GLY L 73 13.08 -15.51 -31.85
C GLY L 73 12.68 -14.10 -31.51
N LEU L 74 13.57 -13.17 -31.83
CA LEU L 74 13.33 -11.75 -31.60
C LEU L 74 13.51 -10.97 -32.89
N MET L 75 12.95 -9.77 -32.91
CA MET L 75 12.90 -8.91 -34.08
C MET L 75 13.44 -7.53 -33.73
N VAL L 76 14.34 -7.03 -34.55
CA VAL L 76 14.74 -5.63 -34.47
C VAL L 76 13.63 -4.76 -35.02
N THR L 77 13.34 -3.67 -34.33
CA THR L 77 12.33 -2.72 -34.78
C THR L 77 12.90 -1.36 -35.15
N HIS L 78 14.01 -0.96 -34.55
CA HIS L 78 14.63 0.32 -34.89
C HIS L 78 16.08 0.27 -34.41
N ILE L 79 16.82 1.32 -34.75
CA ILE L 79 18.24 1.43 -34.46
C ILE L 79 18.48 2.75 -33.73
N GLU L 80 18.78 2.67 -32.44
CA GLU L 80 19.17 3.85 -31.70
C GLU L 80 20.45 4.43 -32.28
N LYS L 81 20.76 5.66 -31.88
CA LYS L 81 21.83 6.39 -32.56
C LYS L 81 23.20 5.89 -32.17
N ASN L 82 23.36 5.32 -30.98
CA ASN L 82 24.66 4.86 -30.52
C ASN L 82 25.09 3.53 -31.13
N GLY L 83 24.35 3.02 -32.11
CA GLY L 83 24.67 1.75 -32.72
C GLY L 83 24.18 0.54 -31.94
N PHE L 84 23.29 0.73 -30.96
CA PHE L 84 22.74 -0.35 -30.18
C PHE L 84 21.28 -0.57 -30.55
N LEU L 85 20.87 -1.84 -30.52
CA LEU L 85 19.56 -2.27 -31.00
C LEU L 85 18.54 -2.37 -29.89
N ARG L 86 17.30 -1.99 -30.22
CA ARG L 86 16.13 -2.41 -29.49
C ARG L 86 15.52 -3.58 -30.23
N VAL L 87 14.49 -4.18 -29.64
CA VAL L 87 13.93 -5.42 -30.14
C VAL L 87 12.45 -5.49 -29.81
N ALA L 88 11.77 -6.40 -30.49
CA ALA L 88 10.39 -6.75 -30.20
C ALA L 88 10.21 -8.26 -30.29
N PRO L 89 9.63 -8.90 -29.29
CA PRO L 89 9.63 -10.36 -29.28
C PRO L 89 8.56 -10.94 -30.19
N ILE L 90 8.79 -12.20 -30.53
CA ILE L 90 7.80 -13.06 -31.12
C ILE L 90 7.06 -13.74 -29.98
N GLY L 91 5.79 -14.06 -30.24
CA GLY L 91 4.86 -14.49 -29.22
C GLY L 91 5.34 -15.74 -28.50
N GLY L 92 5.10 -15.75 -27.18
CA GLY L 92 5.42 -16.89 -26.35
C GLY L 92 6.59 -16.69 -25.42
N VAL L 93 7.51 -15.78 -25.72
CA VAL L 93 8.77 -15.68 -25.01
C VAL L 93 8.54 -14.95 -23.70
N ASP L 94 9.39 -15.25 -22.72
CA ASP L 94 9.41 -14.57 -21.44
C ASP L 94 10.68 -13.73 -21.36
N PRO L 95 10.63 -12.45 -20.98
CA PRO L 95 11.83 -11.62 -21.12
C PRO L 95 12.84 -11.77 -20.01
N LYS L 96 12.52 -12.49 -18.94
CA LYS L 96 13.52 -12.75 -17.90
C LYS L 96 14.67 -13.58 -18.42
N THR L 97 14.51 -14.20 -19.58
CA THR L 97 15.53 -15.01 -20.22
C THR L 97 16.42 -14.19 -21.14
N LEU L 98 16.68 -12.93 -20.77
CA LEU L 98 17.38 -11.95 -21.60
C LEU L 98 18.59 -12.53 -22.32
N ILE L 99 19.62 -12.91 -21.57
CA ILE L 99 20.79 -13.59 -22.12
C ILE L 99 21.69 -14.03 -20.98
N ALA L 100 22.48 -15.05 -21.28
CA ALA L 100 23.72 -15.37 -20.56
C ALA L 100 24.91 -15.41 -21.52
N GLN L 101 24.64 -15.57 -22.81
CA GLN L 101 25.68 -15.56 -23.84
C GLN L 101 25.01 -15.49 -25.20
N ARG L 102 25.64 -14.73 -26.09
CA ARG L 102 25.59 -14.97 -27.52
C ARG L 102 24.20 -15.03 -28.13
N PHE L 103 23.51 -13.90 -28.30
CA PHE L 103 22.39 -13.83 -29.23
C PHE L 103 22.93 -13.69 -30.64
N LYS L 104 22.36 -14.47 -31.55
CA LYS L 104 22.84 -14.56 -32.93
C LYS L 104 21.90 -13.77 -33.84
N VAL L 105 22.48 -13.07 -34.81
CA VAL L 105 21.75 -12.23 -35.76
C VAL L 105 21.97 -12.80 -37.16
N TRP L 106 20.92 -13.36 -37.74
CA TRP L 106 20.98 -13.92 -39.08
C TRP L 106 20.66 -12.86 -40.11
N ILE L 107 21.65 -12.05 -40.48
CA ILE L 107 21.49 -11.13 -41.62
C ILE L 107 21.00 -11.88 -42.83
N ASP L 108 21.71 -12.93 -43.22
CA ASP L 108 21.31 -13.75 -44.35
C ASP L 108 21.83 -15.16 -44.14
N LYS L 109 21.50 -16.03 -45.09
CA LYS L 109 21.88 -17.42 -45.02
C LYS L 109 23.38 -17.57 -44.96
N GLY L 110 23.88 -18.28 -43.96
CA GLY L 110 25.30 -18.49 -43.79
C GLY L 110 26.08 -17.28 -43.32
N LYS L 111 25.40 -16.22 -42.88
CA LYS L 111 26.03 -15.02 -42.36
C LYS L 111 25.41 -14.68 -41.02
N PHE L 112 26.19 -14.79 -39.96
CA PHE L 112 25.74 -14.55 -38.60
C PHE L 112 26.80 -13.78 -37.84
N ILE L 113 26.34 -12.85 -37.02
CA ILE L 113 27.21 -12.14 -36.09
C ILE L 113 26.60 -12.19 -34.71
N TYR L 114 27.46 -12.33 -33.71
CA TYR L 114 27.02 -12.57 -32.36
C TYR L 114 26.58 -11.26 -31.72
N GLY L 115 25.62 -11.37 -30.81
CA GLY L 115 25.05 -10.20 -30.16
C GLY L 115 24.65 -10.54 -28.75
N VAL L 116 24.56 -9.50 -27.93
CA VAL L 116 24.21 -9.63 -26.52
C VAL L 116 23.08 -8.68 -26.21
N GLY L 117 22.31 -9.02 -25.18
CA GLY L 117 21.06 -8.38 -24.91
C GLY L 117 20.75 -8.19 -23.45
N ALA L 118 21.77 -7.95 -22.63
CA ALA L 118 21.63 -8.25 -21.22
C ALA L 118 20.62 -7.39 -20.48
N SER L 119 20.65 -6.07 -20.63
CA SER L 119 20.12 -5.19 -19.61
C SER L 119 19.43 -3.97 -20.19
N VAL L 120 18.16 -3.81 -19.87
CA VAL L 120 17.48 -2.52 -19.95
C VAL L 120 17.80 -1.88 -18.60
N PRO L 121 18.18 -0.61 -18.53
CA PRO L 121 18.50 -0.05 -17.22
C PRO L 121 17.26 0.05 -16.36
N PRO L 122 17.25 -0.53 -15.16
CA PRO L 122 16.06 -0.39 -14.31
C PRO L 122 15.85 1.07 -13.91
N HIS L 123 14.60 1.43 -13.72
CA HIS L 123 14.26 2.80 -13.36
C HIS L 123 14.87 3.15 -12.01
N ILE L 124 14.90 4.44 -11.72
CA ILE L 124 15.54 4.97 -10.51
C ILE L 124 14.50 4.98 -9.40
N GLN L 125 14.46 3.89 -8.63
CA GLN L 125 13.66 3.89 -7.40
C GLN L 125 14.05 2.71 -6.52
N LYS L 126 13.71 2.80 -5.23
CA LYS L 126 14.17 1.88 -4.20
C LYS L 126 13.38 0.57 -4.18
N PRO L 127 12.03 0.57 -4.29
CA PRO L 127 11.34 -0.72 -4.47
C PRO L 127 11.71 -1.38 -5.79
N GLU L 128 12.12 -0.57 -6.78
CA GLU L 128 12.45 -1.09 -8.10
C GLU L 128 13.88 -1.62 -8.16
N ASP L 129 14.77 -1.10 -7.31
CA ASP L 129 16.07 -1.74 -7.15
C ASP L 129 15.90 -3.18 -6.69
N ARG L 130 14.85 -3.43 -5.91
CA ARG L 130 14.50 -4.80 -5.55
C ARG L 130 13.84 -5.55 -6.71
N LYS L 131 13.02 -4.85 -7.52
CA LYS L 131 12.46 -5.48 -8.71
C LYS L 131 13.50 -5.49 -9.80
N LYS L 132 14.28 -6.57 -9.87
CA LYS L 132 15.24 -6.73 -10.93
C LYS L 132 14.63 -7.39 -12.16
N ALA L 133 13.30 -7.46 -12.24
CA ALA L 133 12.66 -7.92 -13.45
C ALA L 133 12.82 -6.85 -14.53
N PRO L 134 13.02 -7.21 -15.78
CA PRO L 134 13.12 -6.18 -16.81
C PRO L 134 11.81 -5.47 -17.04
N ASP L 135 11.93 -4.23 -17.51
CA ASP L 135 10.77 -3.43 -17.84
C ASP L 135 10.08 -4.08 -19.04
N TRP L 136 8.77 -3.86 -19.15
CA TRP L 136 7.98 -4.50 -20.19
C TRP L 136 8.17 -3.84 -21.55
N ASP L 137 8.79 -2.66 -21.61
CA ASP L 137 8.92 -1.94 -22.88
C ASP L 137 9.58 -2.78 -23.94
N GLN L 138 10.85 -3.13 -23.77
CA GLN L 138 11.42 -4.47 -23.95
C GLN L 138 12.92 -4.23 -23.75
N ILE L 139 13.71 -5.29 -23.74
CA ILE L 139 15.14 -5.23 -23.56
C ILE L 139 15.79 -4.72 -24.83
N PHE L 140 17.08 -4.38 -24.74
CA PHE L 140 17.88 -3.93 -25.85
C PHE L 140 18.99 -4.93 -26.16
N ILE L 141 19.54 -4.82 -27.37
CA ILE L 141 20.58 -5.72 -27.87
C ILE L 141 21.77 -4.88 -28.30
N ASP L 142 22.96 -5.45 -28.14
CA ASP L 142 24.20 -4.84 -28.59
C ASP L 142 24.88 -5.75 -29.62
N ILE L 143 25.34 -5.16 -30.71
CA ILE L 143 26.25 -5.81 -31.65
C ILE L 143 27.58 -5.08 -31.75
N GLY L 144 27.82 -4.09 -30.90
CA GLY L 144 29.10 -3.44 -30.82
C GLY L 144 29.32 -2.30 -31.78
N ALA L 145 28.40 -2.07 -32.70
CA ALA L 145 28.54 -0.94 -33.60
C ALA L 145 28.36 0.36 -32.84
N GLU L 146 29.14 1.37 -33.25
CA GLU L 146 29.07 2.68 -32.61
C GLU L 146 27.94 3.55 -33.14
N SER L 147 27.43 3.28 -34.34
CA SER L 147 26.45 4.16 -34.95
C SER L 147 25.51 3.40 -35.87
N LYS L 148 24.40 4.05 -36.16
CA LYS L 148 23.40 3.51 -37.07
C LYS L 148 24.00 3.21 -38.42
N GLU L 149 24.85 4.10 -38.92
CA GLU L 149 25.46 3.91 -40.23
C GLU L 149 26.28 2.63 -40.26
N GLU L 150 27.11 2.41 -39.23
CA GLU L 150 27.94 1.21 -39.19
C GLU L 150 27.07 -0.03 -39.16
N ALA L 151 25.92 0.04 -38.48
CA ALA L 151 25.08 -1.13 -38.32
C ALA L 151 24.49 -1.57 -39.66
N GLU L 152 24.07 -0.61 -40.47
CA GLU L 152 23.47 -0.97 -41.75
C GLU L 152 24.52 -1.43 -42.74
N ASP L 153 25.76 -1.01 -42.55
CA ASP L 153 26.83 -1.46 -43.44
C ASP L 153 27.14 -2.93 -43.20
N MET L 154 26.95 -3.39 -41.96
CA MET L 154 27.03 -4.82 -41.68
C MET L 154 26.01 -5.60 -42.47
N GLY L 155 24.79 -5.08 -42.59
CA GLY L 155 23.68 -5.78 -43.17
C GLY L 155 22.43 -5.80 -42.31
N VAL L 156 22.53 -5.36 -41.06
CA VAL L 156 21.36 -5.32 -40.19
C VAL L 156 20.35 -4.34 -40.78
N LYS L 157 19.10 -4.77 -40.83
CA LYS L 157 17.99 -3.94 -41.24
C LYS L 157 16.81 -4.27 -40.37
N ILE L 158 15.72 -3.53 -40.57
CA ILE L 158 14.51 -3.86 -39.85
C ILE L 158 13.97 -5.15 -40.45
N GLY L 159 13.34 -5.95 -39.59
CA GLY L 159 12.84 -7.25 -39.98
C GLY L 159 12.89 -8.17 -38.79
N THR L 160 12.26 -9.33 -38.94
CA THR L 160 12.47 -10.43 -38.02
C THR L 160 13.78 -11.11 -38.40
N VAL L 161 14.80 -11.03 -37.54
CA VAL L 161 16.15 -11.38 -37.94
C VAL L 161 16.87 -12.31 -36.97
N ILE L 162 16.43 -12.37 -35.70
CA ILE L 162 17.28 -12.85 -34.60
C ILE L 162 16.79 -14.19 -34.04
N THR L 163 17.70 -14.93 -33.43
CA THR L 163 17.41 -16.16 -32.69
C THR L 163 18.34 -16.31 -31.49
N TRP L 164 18.37 -17.50 -30.91
CA TRP L 164 18.86 -17.65 -29.53
C TRP L 164 20.29 -18.18 -29.46
N ASP L 165 20.79 -18.78 -30.54
CA ASP L 165 22.13 -19.37 -30.55
C ASP L 165 22.26 -20.52 -29.57
N GLY L 166 21.48 -21.56 -29.79
CA GLY L 166 21.65 -22.77 -29.01
C GLY L 166 22.67 -23.67 -29.67
N ARG L 167 23.22 -24.55 -28.86
CA ARG L 167 24.07 -25.64 -29.34
C ARG L 167 23.77 -26.85 -28.50
N LEU L 168 23.90 -28.01 -29.12
CA LEU L 168 23.41 -29.24 -28.56
C LEU L 168 24.51 -29.96 -27.81
N GLU L 169 24.34 -30.12 -26.50
CA GLU L 169 25.28 -30.83 -25.65
C GLU L 169 24.56 -31.88 -24.83
N ARG L 170 25.34 -32.83 -24.36
CA ARG L 170 24.85 -34.01 -23.67
C ARG L 170 25.06 -33.85 -22.18
N LEU L 171 23.96 -33.83 -21.42
CA LEU L 171 24.03 -33.92 -19.97
C LEU L 171 23.45 -35.24 -19.52
N GLY L 172 23.93 -35.73 -18.38
CA GLY L 172 23.60 -37.06 -17.93
C GLY L 172 23.99 -38.06 -18.99
N LYS L 173 25.30 -38.22 -19.22
CA LYS L 173 25.82 -39.05 -20.29
C LYS L 173 25.24 -40.46 -20.28
N HIS L 174 24.72 -40.92 -19.14
CA HIS L 174 23.75 -42.00 -19.18
C HIS L 174 22.59 -41.66 -20.11
N ARG L 175 21.82 -40.61 -19.82
CA ARG L 175 20.80 -40.15 -20.75
C ARG L 175 20.20 -38.81 -20.35
N PHE L 176 20.30 -37.82 -21.25
CA PHE L 176 19.47 -36.62 -21.37
C PHE L 176 20.09 -35.79 -22.49
N VAL L 177 19.41 -34.74 -22.96
CA VAL L 177 19.94 -33.85 -23.98
C VAL L 177 19.48 -32.43 -23.69
N SER L 178 20.33 -31.45 -24.00
CA SER L 178 20.16 -30.07 -23.51
C SER L 178 19.12 -29.22 -24.23
N ILE L 179 19.30 -28.92 -25.52
CA ILE L 179 18.47 -27.95 -26.23
C ILE L 179 17.69 -28.60 -27.38
N ALA L 180 17.50 -29.92 -27.33
CA ALA L 180 16.97 -30.65 -28.47
C ALA L 180 15.45 -30.55 -28.63
N PHE L 181 14.76 -29.85 -27.74
CA PHE L 181 13.32 -30.01 -27.62
C PHE L 181 12.57 -29.15 -28.62
N ASP L 182 12.63 -27.83 -28.47
CA ASP L 182 11.54 -26.99 -28.95
C ASP L 182 11.66 -26.78 -30.43
N ASP L 183 10.55 -27.06 -31.12
CA ASP L 183 10.36 -26.83 -32.54
C ASP L 183 11.19 -27.76 -33.41
N ARG L 184 12.08 -28.55 -32.83
CA ARG L 184 12.55 -29.75 -33.47
C ARG L 184 13.01 -30.77 -32.44
N ILE L 185 12.04 -31.50 -31.93
CA ILE L 185 12.23 -32.87 -31.46
C ILE L 185 11.19 -33.68 -32.21
N ALA L 186 9.98 -33.10 -32.32
CA ALA L 186 8.92 -33.66 -33.13
C ALA L 186 9.40 -34.02 -34.52
N VAL L 187 10.18 -33.14 -35.16
CA VAL L 187 10.62 -33.44 -36.51
C VAL L 187 11.54 -34.64 -36.51
N TYR L 188 12.37 -34.79 -35.47
CA TYR L 188 13.22 -35.96 -35.41
C TYR L 188 12.40 -37.22 -35.30
N THR L 189 11.31 -37.18 -34.54
CA THR L 189 10.38 -38.31 -34.54
C THR L 189 9.85 -38.56 -35.93
N ILE L 190 9.39 -37.51 -36.60
CA ILE L 190 8.89 -37.61 -37.96
C ILE L 190 9.93 -38.25 -38.86
N LEU L 191 11.15 -37.72 -38.83
CA LEU L 191 12.19 -38.25 -39.69
C LEU L 191 12.51 -39.69 -39.32
N GLU L 192 12.60 -39.98 -38.02
CA GLU L 192 12.85 -41.34 -37.60
C GLU L 192 11.69 -42.24 -38.00
N VAL L 193 10.47 -41.70 -37.93
CA VAL L 193 9.29 -42.45 -38.34
C VAL L 193 9.40 -42.84 -39.80
N ALA L 194 9.81 -41.90 -40.64
CA ALA L 194 9.86 -42.18 -42.07
C ALA L 194 10.88 -43.24 -42.38
N LYS L 195 11.97 -43.31 -41.62
CA LYS L 195 12.94 -44.38 -41.80
C LYS L 195 12.38 -45.71 -41.32
N GLN L 196 11.63 -45.69 -40.23
CA GLN L 196 11.12 -46.91 -39.61
C GLN L 196 9.89 -47.43 -40.32
N LEU L 197 9.14 -46.57 -40.98
CA LEU L 197 7.94 -46.99 -41.68
C LEU L 197 8.33 -47.58 -43.04
N LYS L 198 7.93 -48.84 -43.27
CA LYS L 198 8.17 -49.49 -44.55
C LYS L 198 6.86 -49.73 -45.28
N ASP L 199 5.93 -50.43 -44.63
CA ASP L 199 4.70 -50.87 -45.26
C ASP L 199 3.57 -49.91 -44.90
N ALA L 200 3.19 -49.09 -45.86
CA ALA L 200 2.21 -48.02 -45.65
C ALA L 200 0.82 -48.61 -45.64
N LYS L 201 0.34 -48.99 -44.45
CA LYS L 201 -1.03 -49.49 -44.35
C LYS L 201 -2.05 -48.36 -44.41
N ALA L 202 -1.59 -47.12 -44.25
CA ALA L 202 -2.44 -45.95 -44.46
C ALA L 202 -1.61 -44.85 -45.08
N ASP L 203 -2.23 -44.11 -46.00
CA ASP L 203 -1.49 -43.10 -46.74
C ASP L 203 -1.33 -41.88 -45.86
N VAL L 204 -0.09 -41.59 -45.48
CA VAL L 204 0.23 -40.58 -44.49
C VAL L 204 0.74 -39.35 -45.21
N TYR L 205 0.52 -38.20 -44.59
CA TYR L 205 1.07 -36.94 -45.07
C TYR L 205 1.77 -36.24 -43.91
N PHE L 206 3.10 -36.24 -43.95
CA PHE L 206 3.91 -35.56 -42.95
C PHE L 206 4.00 -34.09 -43.32
N VAL L 207 3.62 -33.22 -42.38
CA VAL L 207 3.76 -31.78 -42.55
C VAL L 207 4.65 -31.25 -41.44
N ALA L 208 5.36 -30.17 -41.74
CA ALA L 208 6.13 -29.42 -40.78
C ALA L 208 5.73 -27.96 -40.90
N THR L 209 4.85 -27.51 -40.03
CA THR L 209 4.15 -26.25 -40.21
C THR L 209 4.97 -25.09 -39.68
N VAL L 210 4.63 -23.91 -40.16
CA VAL L 210 5.28 -22.67 -39.76
C VAL L 210 4.23 -21.77 -39.12
N GLN L 211 4.72 -20.73 -38.47
CA GLN L 211 3.88 -19.77 -37.77
C GLN L 211 2.98 -20.45 -36.74
N GLU L 212 3.54 -21.43 -36.03
CA GLU L 212 2.77 -22.08 -34.97
C GLU L 212 2.74 -21.22 -33.72
N GLU L 213 3.90 -20.74 -33.29
CA GLU L 213 3.98 -20.02 -32.03
C GLU L 213 3.26 -18.68 -32.11
N VAL L 214 3.06 -18.16 -33.32
CA VAL L 214 2.27 -16.96 -33.55
C VAL L 214 1.28 -17.23 -34.66
N GLY L 215 -0.01 -17.10 -34.36
CA GLY L 215 -1.01 -17.45 -35.34
C GLY L 215 -1.00 -18.93 -35.64
N LEU L 216 -1.24 -19.76 -34.60
CA LEU L 216 -1.24 -21.22 -34.71
C LEU L 216 -2.03 -21.73 -35.90
N ARG L 217 -3.01 -20.96 -36.38
CA ARG L 217 -3.72 -21.31 -37.61
C ARG L 217 -2.80 -21.30 -38.83
N GLY L 218 -1.53 -20.90 -38.68
CA GLY L 218 -0.57 -21.13 -39.75
C GLY L 218 -0.59 -22.57 -40.23
N ALA L 219 -0.70 -23.52 -39.30
CA ALA L 219 -0.75 -24.93 -39.65
C ALA L 219 -2.00 -25.26 -40.45
N ARG L 220 -3.11 -24.63 -40.10
CA ARG L 220 -4.40 -24.93 -40.71
C ARG L 220 -4.34 -24.89 -42.23
N THR L 221 -3.57 -23.96 -42.78
CA THR L 221 -3.58 -23.77 -44.22
C THR L 221 -3.18 -25.05 -44.94
N SER L 222 -2.12 -25.69 -44.46
CA SER L 222 -1.73 -26.97 -45.01
C SER L 222 -2.85 -28.00 -44.90
N ALA L 223 -3.62 -27.93 -43.80
CA ALA L 223 -4.56 -28.99 -43.48
C ALA L 223 -5.53 -29.29 -44.62
N PHE L 224 -6.16 -28.26 -45.18
CA PHE L 224 -7.30 -28.50 -46.06
C PHE L 224 -6.90 -29.27 -47.31
N GLY L 225 -5.70 -29.03 -47.81
CA GLY L 225 -5.28 -29.75 -49.00
C GLY L 225 -5.02 -31.21 -48.72
N ILE L 226 -4.86 -31.56 -47.45
CA ILE L 226 -4.18 -32.78 -47.08
C ILE L 226 -5.02 -33.65 -46.14
N GLU L 227 -5.62 -33.04 -45.12
CA GLU L 227 -6.07 -33.72 -43.91
C GLU L 227 -7.03 -34.90 -44.06
N PRO L 228 -8.09 -34.79 -44.86
CA PRO L 228 -9.41 -35.26 -44.41
C PRO L 228 -9.45 -36.61 -43.70
N ASP L 229 -10.33 -36.68 -42.70
CA ASP L 229 -10.82 -37.92 -42.11
C ASP L 229 -9.92 -38.46 -41.00
N TYR L 230 -8.78 -37.82 -40.76
CA TYR L 230 -8.02 -38.10 -39.55
C TYR L 230 -6.93 -37.05 -39.29
N GLY L 231 -6.29 -37.10 -38.13
CA GLY L 231 -5.32 -36.09 -37.78
C GLY L 231 -4.54 -36.45 -36.53
N PHE L 232 -3.31 -35.95 -36.48
CA PHE L 232 -2.41 -36.13 -35.35
C PHE L 232 -1.58 -34.87 -35.17
N ALA L 233 -0.85 -34.81 -34.06
CA ALA L 233 0.02 -33.67 -33.79
C ALA L 233 1.13 -34.06 -32.84
N ILE L 234 2.27 -33.42 -33.00
CA ILE L 234 3.39 -33.55 -32.08
C ILE L 234 3.89 -32.14 -31.77
N ASP L 235 3.33 -31.55 -30.73
CA ASP L 235 3.78 -30.27 -30.20
C ASP L 235 3.82 -30.41 -28.70
N VAL L 236 4.35 -29.39 -28.02
CA VAL L 236 4.58 -29.47 -26.60
C VAL L 236 4.47 -28.10 -25.94
N THR L 237 4.03 -28.13 -24.67
CA THR L 237 4.17 -26.99 -23.77
C THR L 237 3.91 -27.50 -22.36
N ILE L 238 4.90 -27.30 -21.48
CA ILE L 238 5.01 -28.04 -20.24
C ILE L 238 5.58 -27.11 -19.17
N ALA L 239 5.23 -27.38 -17.92
CA ALA L 239 5.99 -26.92 -16.76
C ALA L 239 6.37 -28.15 -15.95
N ALA L 240 7.63 -28.56 -16.02
CA ALA L 240 8.04 -29.93 -15.76
C ALA L 240 8.93 -30.07 -14.54
N ASP L 241 8.39 -30.67 -13.48
CA ASP L 241 9.15 -31.31 -12.39
C ASP L 241 10.18 -30.37 -11.79
N ILE L 242 9.83 -29.11 -11.70
CA ILE L 242 10.77 -28.13 -11.18
C ILE L 242 10.75 -28.31 -9.66
N PRO L 243 11.89 -28.47 -8.97
CA PRO L 243 11.83 -28.67 -7.52
C PRO L 243 11.21 -27.49 -6.81
N GLY L 244 10.85 -27.71 -5.55
CA GLY L 244 10.11 -26.74 -4.78
C GLY L 244 8.65 -26.64 -5.11
N THR L 245 8.17 -27.35 -6.13
CA THR L 245 6.76 -27.35 -6.49
C THR L 245 6.03 -28.49 -5.79
N PRO L 246 4.70 -28.46 -5.75
CA PRO L 246 3.97 -29.63 -5.26
C PRO L 246 4.02 -30.79 -6.24
N GLU L 247 3.24 -31.82 -5.92
CA GLU L 247 3.18 -33.01 -6.77
C GLU L 247 2.25 -32.80 -7.96
N HIS L 248 1.46 -31.72 -7.97
CA HIS L 248 0.43 -31.59 -9.00
C HIS L 248 1.01 -31.33 -10.38
N LYS L 249 2.26 -30.89 -10.47
CA LYS L 249 2.97 -30.79 -11.73
C LYS L 249 3.90 -31.96 -11.97
N GLN L 250 4.21 -32.74 -10.95
CA GLN L 250 5.23 -33.78 -11.09
C GLN L 250 4.80 -34.84 -12.09
N VAL L 251 3.51 -35.20 -12.13
CA VAL L 251 3.09 -36.24 -13.08
C VAL L 251 3.18 -35.76 -14.52
N THR L 252 3.18 -34.44 -14.76
CA THR L 252 3.40 -33.93 -16.12
C THR L 252 4.72 -34.43 -16.69
N HIS L 253 5.71 -34.64 -15.84
CA HIS L 253 6.99 -35.18 -16.26
C HIS L 253 7.76 -35.70 -15.06
N LEU L 254 8.27 -36.91 -15.20
CA LEU L 254 9.12 -37.53 -14.20
C LEU L 254 10.38 -38.13 -14.81
N GLY L 255 10.55 -38.05 -16.13
CA GLY L 255 11.67 -38.61 -16.88
C GLY L 255 11.34 -39.96 -17.42
N LYS L 256 10.09 -40.18 -17.81
CA LYS L 256 9.57 -41.49 -18.11
C LYS L 256 8.43 -41.36 -19.10
N GLY L 257 8.53 -42.15 -20.16
CA GLY L 257 7.43 -42.30 -21.07
C GLY L 257 7.07 -41.02 -21.80
N THR L 258 6.14 -41.17 -22.73
CA THR L 258 5.68 -40.07 -23.57
C THR L 258 4.39 -39.54 -23.00
N ALA L 259 3.91 -38.46 -23.61
CA ALA L 259 2.81 -37.68 -23.07
C ALA L 259 1.73 -37.55 -24.12
N ILE L 260 0.54 -38.04 -23.78
CA ILE L 260 -0.64 -37.91 -24.61
C ILE L 260 -1.45 -36.73 -24.10
N LYS L 261 -1.99 -35.94 -25.01
CA LYS L 261 -2.75 -34.76 -24.65
C LYS L 261 -4.23 -35.08 -24.69
N ILE L 262 -4.90 -34.87 -23.56
CA ILE L 262 -6.35 -35.02 -23.51
C ILE L 262 -7.00 -33.67 -23.68
N MET L 263 -6.42 -32.64 -23.07
CA MET L 263 -6.99 -31.32 -23.05
C MET L 263 -5.89 -30.29 -23.13
N ASP L 264 -6.21 -29.18 -23.76
CA ASP L 264 -5.43 -27.97 -23.71
C ASP L 264 -6.38 -26.79 -23.61
N ARG L 265 -5.82 -25.59 -23.76
CA ARG L 265 -6.66 -24.42 -24.05
C ARG L 265 -7.49 -24.67 -25.28
N SER L 266 -6.84 -24.99 -26.38
CA SER L 266 -7.47 -24.95 -27.69
C SER L 266 -8.23 -26.22 -28.03
N VAL L 267 -7.64 -27.39 -27.81
CA VAL L 267 -8.11 -28.63 -28.40
C VAL L 267 -8.59 -29.56 -27.31
N ILE L 268 -9.64 -30.30 -27.61
CA ILE L 268 -10.14 -31.38 -26.77
C ILE L 268 -10.10 -32.64 -27.63
N CYS L 269 -9.12 -33.49 -27.38
CA CYS L 269 -8.87 -34.62 -28.27
C CYS L 269 -10.03 -35.61 -28.22
N HIS L 270 -10.40 -36.08 -29.40
CA HIS L 270 -11.45 -37.08 -29.53
C HIS L 270 -11.06 -38.31 -28.73
N PRO L 271 -11.73 -38.60 -27.62
CA PRO L 271 -11.12 -39.48 -26.61
C PRO L 271 -10.95 -40.92 -27.05
N THR L 272 -11.69 -41.36 -28.07
CA THR L 272 -11.49 -42.72 -28.58
C THR L 272 -10.04 -42.94 -28.96
N ILE L 273 -9.44 -41.96 -29.62
CA ILE L 273 -8.02 -42.02 -29.95
C ILE L 273 -7.19 -42.24 -28.69
N VAL L 274 -7.47 -41.45 -27.65
CA VAL L 274 -6.70 -41.53 -26.41
C VAL L 274 -6.80 -42.93 -25.82
N ARG L 275 -8.01 -43.44 -25.64
CA ARG L 275 -8.15 -44.77 -25.07
C ARG L 275 -7.48 -45.80 -25.95
N TRP L 276 -7.47 -45.56 -27.25
CA TRP L 276 -6.81 -46.49 -28.17
C TRP L 276 -5.31 -46.49 -27.96
N LEU L 277 -4.71 -45.30 -27.92
CA LEU L 277 -3.28 -45.22 -27.68
C LEU L 277 -2.93 -45.80 -26.32
N GLU L 278 -3.77 -45.53 -25.33
CA GLU L 278 -3.59 -46.15 -24.02
C GLU L 278 -3.57 -47.67 -24.16
N GLU L 279 -4.53 -48.22 -24.89
CA GLU L 279 -4.55 -49.65 -25.16
C GLU L 279 -3.28 -50.07 -25.90
N LEU L 280 -2.84 -49.24 -26.86
CA LEU L 280 -1.73 -49.64 -27.71
C LEU L 280 -0.44 -49.74 -26.92
N ALA L 281 -0.17 -48.75 -26.08
CA ALA L 281 1.09 -48.72 -25.36
C ALA L 281 1.22 -49.90 -24.42
N LYS L 282 0.09 -50.37 -23.88
CA LYS L 282 0.13 -51.52 -22.99
C LYS L 282 0.40 -52.80 -23.77
N LYS L 283 -0.07 -52.86 -25.02
CA LYS L 283 0.07 -54.11 -25.78
C LYS L 283 1.51 -54.36 -26.15
N HIS L 284 2.25 -53.30 -26.50
CA HIS L 284 3.65 -53.39 -26.86
C HIS L 284 4.60 -52.95 -25.75
N GLU L 285 4.11 -52.84 -24.52
CA GLU L 285 4.97 -52.57 -23.34
C GLU L 285 5.63 -51.19 -23.44
N ILE L 286 4.95 -50.25 -24.07
CA ILE L 286 5.48 -48.91 -24.26
C ILE L 286 5.12 -48.06 -23.03
N PRO L 287 5.98 -47.15 -22.60
CA PRO L 287 5.61 -46.28 -21.48
C PRO L 287 4.79 -45.09 -21.96
N TYR L 288 3.90 -44.61 -21.11
CA TYR L 288 3.06 -43.48 -21.45
C TYR L 288 2.58 -42.79 -20.19
N GLN L 289 2.41 -41.48 -20.32
CA GLN L 289 1.73 -40.67 -19.32
C GLN L 289 0.45 -40.15 -19.94
N LEU L 290 -0.34 -39.48 -19.12
CA LEU L 290 -1.47 -38.70 -19.59
C LEU L 290 -1.33 -37.29 -19.04
N GLU L 291 -1.11 -36.34 -19.93
CA GLU L 291 -0.80 -34.97 -19.57
C GLU L 291 -1.91 -34.05 -20.04
N ILE L 292 -2.18 -33.02 -19.25
CA ILE L 292 -3.10 -31.97 -19.60
C ILE L 292 -2.50 -30.65 -19.12
N LEU L 293 -2.93 -29.56 -19.72
CA LEU L 293 -2.52 -28.23 -19.33
C LEU L 293 -3.73 -27.38 -19.02
N LEU L 294 -3.47 -26.22 -18.42
CA LEU L 294 -4.44 -25.15 -18.33
C LEU L 294 -4.29 -24.15 -19.44
N GLY L 295 -3.14 -24.12 -20.11
CA GLY L 295 -2.87 -23.14 -21.15
C GLY L 295 -1.99 -23.73 -22.24
N GLY L 296 -1.63 -22.87 -23.18
CA GLY L 296 -0.82 -23.26 -24.32
C GLY L 296 -1.63 -23.46 -25.57
N GLY L 297 -1.05 -23.11 -26.72
CA GLY L 297 -1.72 -23.26 -28.00
C GLY L 297 -0.90 -24.14 -28.92
N THR L 298 -1.50 -25.25 -29.33
CA THR L 298 -0.83 -26.28 -30.12
C THR L 298 -1.37 -26.31 -31.54
N ASP L 299 -0.70 -27.12 -32.36
CA ASP L 299 -1.12 -27.33 -33.73
C ASP L 299 -2.47 -28.01 -33.79
N ALA L 300 -2.75 -28.90 -32.84
CA ALA L 300 -3.94 -29.73 -32.90
C ALA L 300 -5.21 -28.90 -32.94
N GLY L 301 -5.22 -27.76 -32.25
CA GLY L 301 -6.41 -26.93 -32.21
C GLY L 301 -6.82 -26.46 -33.59
N ALA L 302 -5.84 -26.09 -34.41
CA ALA L 302 -6.14 -25.63 -35.75
C ALA L 302 -6.66 -26.79 -36.61
N ILE L 303 -6.26 -28.01 -36.29
CA ILE L 303 -6.70 -29.15 -37.10
C ILE L 303 -8.17 -29.41 -36.89
N HIS L 304 -8.66 -29.18 -35.67
CA HIS L 304 -10.04 -29.51 -35.31
C HIS L 304 -11.07 -28.69 -36.08
N LEU L 305 -10.65 -27.62 -36.73
CA LEU L 305 -11.58 -26.63 -37.25
C LEU L 305 -11.77 -26.71 -38.76
N THR L 306 -10.99 -27.52 -39.45
CA THR L 306 -11.23 -27.78 -40.86
C THR L 306 -12.62 -28.37 -41.05
N LYS L 307 -13.13 -28.22 -42.27
CA LYS L 307 -14.56 -28.33 -42.52
C LYS L 307 -15.12 -29.72 -42.19
N ALA L 308 -14.32 -30.76 -42.31
CA ALA L 308 -14.83 -32.10 -42.04
C ALA L 308 -15.16 -32.27 -40.57
N GLY L 309 -14.53 -31.50 -39.70
CA GLY L 309 -14.67 -31.72 -38.28
C GLY L 309 -13.85 -32.88 -37.77
N VAL L 310 -12.52 -32.76 -37.84
CA VAL L 310 -11.65 -33.92 -37.72
C VAL L 310 -11.45 -34.32 -36.26
N PRO L 311 -11.43 -35.60 -35.93
CA PRO L 311 -11.01 -36.00 -34.59
C PRO L 311 -9.50 -36.11 -34.55
N THR L 312 -8.93 -35.69 -33.42
CA THR L 312 -7.49 -35.52 -33.31
C THR L 312 -6.99 -35.98 -31.96
N GLY L 313 -5.88 -36.71 -31.99
CA GLY L 313 -5.06 -36.97 -30.83
C GLY L 313 -3.73 -36.29 -31.01
N ALA L 314 -3.03 -36.14 -29.89
CA ALA L 314 -1.76 -35.43 -29.89
C ALA L 314 -0.80 -36.09 -28.92
N LEU L 315 0.43 -36.24 -29.38
CA LEU L 315 1.54 -36.75 -28.58
C LEU L 315 2.43 -35.59 -28.19
N SER L 316 3.11 -35.76 -27.08
CA SER L 316 3.99 -34.73 -26.55
C SER L 316 5.26 -35.38 -26.02
N VAL L 317 6.39 -34.79 -26.40
CA VAL L 317 7.71 -35.22 -25.95
C VAL L 317 8.13 -34.31 -24.81
N PRO L 318 8.16 -34.79 -23.57
CA PRO L 318 8.02 -33.90 -22.43
C PRO L 318 9.32 -33.22 -22.02
N ALA L 319 9.24 -32.60 -20.83
CA ALA L 319 10.38 -32.20 -20.01
C ALA L 319 11.08 -30.93 -20.44
N ARG L 320 10.33 -29.98 -20.94
CA ARG L 320 10.87 -28.68 -21.31
C ARG L 320 11.16 -27.85 -20.06
N TYR L 321 12.06 -26.89 -20.22
CA TYR L 321 12.19 -25.73 -19.34
C TYR L 321 11.80 -24.51 -20.15
N ILE L 322 11.57 -23.39 -19.45
CA ILE L 322 10.87 -22.22 -19.98
C ILE L 322 11.47 -21.87 -21.33
N HIS L 323 10.65 -22.03 -22.38
CA HIS L 323 11.13 -22.57 -23.67
C HIS L 323 12.20 -21.72 -24.34
N SER L 324 12.49 -20.54 -23.83
CA SER L 324 13.50 -19.69 -24.42
C SER L 324 14.87 -20.35 -24.47
N ASN L 325 15.43 -20.72 -23.33
CA ASN L 325 16.87 -20.79 -23.18
C ASN L 325 17.45 -22.18 -23.25
N THR L 326 17.01 -23.10 -22.40
CA THR L 326 17.43 -24.47 -22.47
C THR L 326 16.20 -25.34 -22.33
N GLU L 327 16.29 -26.50 -22.94
CA GLU L 327 15.11 -27.20 -23.40
C GLU L 327 15.29 -28.70 -23.19
N VAL L 328 15.64 -29.08 -21.96
CA VAL L 328 16.01 -30.46 -21.65
C VAL L 328 14.99 -31.47 -22.16
N VAL L 329 15.46 -32.67 -22.52
CA VAL L 329 14.63 -33.77 -22.94
C VAL L 329 15.15 -35.06 -22.33
N ASP L 330 14.46 -36.15 -22.64
CA ASP L 330 14.79 -37.49 -22.19
C ASP L 330 14.91 -38.40 -23.41
N GLU L 331 16.10 -38.97 -23.58
CA GLU L 331 16.36 -39.88 -24.70
C GLU L 331 15.36 -41.02 -24.73
N ARG L 332 14.88 -41.44 -23.56
CA ARG L 332 13.98 -42.59 -23.51
C ARG L 332 12.64 -42.23 -24.15
N ASP L 333 12.12 -41.05 -23.80
CA ASP L 333 10.78 -40.70 -24.23
C ASP L 333 10.69 -40.55 -25.73
N VAL L 334 11.67 -39.87 -26.32
CA VAL L 334 11.59 -39.55 -27.74
C VAL L 334 11.61 -40.83 -28.57
N ASP L 335 12.45 -41.80 -28.19
CA ASP L 335 12.46 -43.05 -28.95
C ASP L 335 11.18 -43.83 -28.70
N ALA L 336 10.66 -43.75 -27.47
CA ALA L 336 9.39 -44.41 -27.18
C ALA L 336 8.27 -43.78 -27.96
N THR L 337 8.29 -42.45 -28.07
CA THR L 337 7.30 -41.74 -28.86
C THR L 337 7.27 -42.25 -30.29
N VAL L 338 8.46 -42.44 -30.87
CA VAL L 338 8.56 -42.92 -32.24
C VAL L 338 7.90 -44.28 -32.36
N GLU L 339 8.24 -45.20 -31.45
CA GLU L 339 7.66 -46.54 -31.48
C GLU L 339 6.15 -46.47 -31.45
N LEU L 340 5.61 -45.66 -30.56
CA LEU L 340 4.18 -45.56 -30.39
C LEU L 340 3.50 -45.11 -31.68
N MET L 341 3.92 -43.98 -32.22
CA MET L 341 3.30 -43.48 -33.45
C MET L 341 3.46 -44.49 -34.58
N THR L 342 4.64 -45.11 -34.67
CA THR L 342 4.91 -46.05 -35.75
C THR L 342 3.87 -47.15 -35.76
N LYS L 343 3.56 -47.69 -34.59
CA LYS L 343 2.61 -48.77 -34.52
C LYS L 343 1.19 -48.25 -34.71
N ALA L 344 0.89 -47.06 -34.19
CA ALA L 344 -0.44 -46.50 -34.32
C ALA L 344 -0.80 -46.29 -35.78
N LEU L 345 0.15 -45.78 -36.56
CA LEU L 345 -0.11 -45.53 -37.98
C LEU L 345 -0.52 -46.80 -38.69
N GLU L 346 0.27 -47.85 -38.51
CA GLU L 346 -0.05 -49.10 -39.19
C GLU L 346 -1.35 -49.68 -38.67
N ASN L 347 -1.60 -49.59 -37.37
CA ASN L 347 -2.82 -50.15 -36.82
C ASN L 347 -4.00 -49.19 -36.94
N ILE L 348 -3.84 -48.03 -37.59
CA ILE L 348 -4.96 -47.11 -37.71
C ILE L 348 -6.07 -47.71 -38.56
N HIS L 349 -5.74 -48.67 -39.43
CA HIS L 349 -6.75 -49.21 -40.34
C HIS L 349 -7.86 -49.92 -39.57
N GLU L 350 -7.55 -50.44 -38.38
CA GLU L 350 -8.56 -51.09 -37.56
C GLU L 350 -9.30 -50.07 -36.68
N LEU L 351 -8.71 -48.90 -36.50
CA LEU L 351 -9.28 -47.91 -35.57
C LEU L 351 -10.58 -47.33 -36.09
N LYS L 352 -10.75 -47.26 -37.41
CA LYS L 352 -11.83 -46.52 -38.09
C LYS L 352 -13.23 -46.65 -37.46
N ILE L 353 -13.53 -47.73 -36.75
CA ILE L 353 -14.86 -48.03 -36.19
C ILE L 353 -15.76 -48.51 -37.31
ZN ZN M . 29.65 -16.63 16.83
ZN ZN N . 28.58 -10.88 12.18
ZN ZN O . -8.42 0.23 -36.99
ZN ZN P . -8.25 -4.87 -31.51
ZN ZN Q . -3.54 -13.61 35.22
ZN ZN R . -7.85 -13.18 29.12
ZN ZN S . -17.69 30.02 -15.14
ZN ZN T . -12.47 28.92 -9.89
ZN ZN U . 34.24 12.25 11.13
ZN ZN V . 31.42 6.03 8.08
ZN ZN W . -20.93 -27.66 15.57
ZN ZN X . -18.69 -20.79 17.55
ZN ZN Y . 9.39 36.52 -4.65
ZN ZN Z . 3.17 32.76 -2.85
ZN ZN AA . -22.74 -21.00 -21.91
ZN ZN BA . -15.99 -17.83 -22.59
ZN ZN CA . -13.29 32.63 14.16
ZN ZN DA . -10.71 30.28 7.54
ZN ZN EA . 35.51 -7.78 -10.98
ZN ZN FA . 31.99 -6.41 -4.52
ZN ZN GA . -28.38 -0.57 25.31
ZN ZN HA . -22.39 -4.77 23.76
ZN ZN IA . 6.14 -24.32 -28.54
ZN ZN JA . 1.08 -19.05 -26.89
#